data_6O6B
#
_entry.id   6O6B
#
_cell.length_a   1.00
_cell.length_b   1.00
_cell.length_c   1.00
_cell.angle_alpha   90.00
_cell.angle_beta   90.00
_cell.angle_gamma   90.00
#
_symmetry.space_group_name_H-M   'P 1'
#
loop_
_entity.id
_entity.type
_entity.pdbx_description
1 polymer 'Protein VP3'
2 non-polymer "GUANOSINE-5'-MONOPHOSPHATE"
#
_entity_poly.entity_id   1
_entity_poly.type   'polypeptide(L)'
_entity_poly.pdbx_seq_one_letter_code
;MKVLALRHSVAQVYADTQIYTHDDTKDSYENAFLISNLTTHNILYFNYSARTLEILNKSGIAAIEIQSLEELFTLIRCNF
TYDYENNVVYLHDYSYYTNNEIRTDQHWITKTNIEEYLLPGWKLTYVGYNGNDTRGHYNFSFTCQNAATDDDIIIEYIYS
EALDFQNFMLRKIKERMTTSLPIARLSNRVFRDKLFPLLVKKHKRVVNVGPRNESMFTFLNFPSIRQFSNGPYLVKNTIK
LKQERWLGKRVSQFDIGQYKNMLNVITTIYHYYNLYQEKPIIYMVGSAPSYWIYDVRQYSDFLFETWDPLDTPYSSIHHK
ELFFAKDIGKLKDNSILYIDIRTDRGNADWKEWRKVVELQTISNLNLAYQYLATGKSKVCCVKLTAMDLELPVSAKLLHH
PTTEIRSEFYLLLDIWDVNNIKRFIPKGALYSFINNVITDNVFIQSPFKIRTSVSDYIVALYALSNDFNNREDIINLINN
QKQSLITVRINNTFKDEPKVGFKSIYDWTFLPTDFETTNAIVTSYDGCLGIFGLSISLASKPTGNNHLFILNGTDKYYKL
DQFANHTGISRRSHQVRFSESATSYSGYIFRDLSNSNFNLIGTNVENSVSGHVYNALIYYRYNYSFDLKRWIYLHSVEKA
NIEGGKYYEHAPIELIYACKSAKEFASLQDDLTVLRYANEIENYINKVYSITYADDPNYFIGIKFNNIPYIYDVKVPHLT
FGVLYISDNMIPDVVKIMKSMKQELFGMDVTTSYTYMLSDGVYVANVSGVLATYFKMYNLFYKNQITFGQSRMFIPHITL
SFSNNKTVRIETTKLRIKSIYLRKIRGDTVFDMPE
;
_entity_poly.pdbx_strand_id   A,B,C,D
#
loop_
_chem_comp.id
_chem_comp.type
_chem_comp.name
_chem_comp.formula
5GP non-polymer GUANOSINE-5'-MONOPHOSPHATE 'C10 H14 N5 O8 P'
#
# COMPACT_ATOMS: atom_id res chain seq x y z
N MET A 1 25.47 -22.51 3.64
CA MET A 1 26.37 -22.43 4.77
C MET A 1 27.77 -22.95 4.45
N LYS A 2 27.83 -24.05 3.72
CA LYS A 2 29.05 -24.42 2.99
C LYS A 2 30.24 -24.61 3.93
N VAL A 3 30.14 -25.66 4.73
CA VAL A 3 31.25 -26.04 5.61
C VAL A 3 32.34 -26.66 4.76
N LEU A 4 33.55 -26.13 4.90
CA LEU A 4 34.72 -26.62 4.19
C LEU A 4 35.74 -27.11 5.22
N ALA A 5 35.95 -28.43 5.23
CA ALA A 5 36.79 -29.08 6.22
C ALA A 5 38.20 -29.20 5.68
N LEU A 6 39.16 -28.62 6.40
CA LEU A 6 40.52 -28.47 5.95
C LEU A 6 41.46 -29.41 6.68
N ARG A 7 42.58 -29.71 6.04
CA ARG A 7 43.57 -30.61 6.61
C ARG A 7 44.17 -30.03 7.88
N HIS A 8 44.46 -30.92 8.84
CA HIS A 8 44.98 -30.51 10.14
C HIS A 8 46.26 -29.69 9.99
N SER A 9 47.29 -30.28 9.39
CA SER A 9 48.59 -29.64 9.29
C SER A 9 48.73 -28.75 8.07
N VAL A 10 47.70 -28.65 7.22
CA VAL A 10 47.74 -27.84 6.02
C VAL A 10 46.44 -27.05 5.98
N ALA A 11 46.47 -25.81 6.48
CA ALA A 11 45.25 -25.04 6.63
C ALA A 11 45.61 -23.60 6.97
N GLN A 12 44.95 -22.67 6.28
CA GLN A 12 45.31 -21.26 6.31
C GLN A 12 44.10 -20.38 6.53
N VAL A 13 44.24 -19.38 7.41
CA VAL A 13 43.33 -18.25 7.50
C VAL A 13 44.01 -17.05 6.84
N TYR A 14 43.34 -16.46 5.85
CA TYR A 14 43.84 -15.29 5.15
C TYR A 14 42.80 -14.18 5.23
N ALA A 15 43.11 -13.05 4.61
CA ALA A 15 42.21 -11.90 4.64
C ALA A 15 41.02 -12.12 3.72
N ASP A 16 40.16 -13.05 4.12
CA ASP A 16 39.00 -13.43 3.33
C ASP A 16 37.78 -12.62 3.77
N THR A 17 36.66 -12.81 3.09
CA THR A 17 35.52 -11.89 3.24
C THR A 17 34.40 -12.43 4.12
N GLN A 18 34.15 -13.74 4.14
CA GLN A 18 33.09 -14.32 4.97
C GLN A 18 33.51 -15.60 5.68
N ILE A 19 34.58 -15.54 6.46
CA ILE A 19 35.20 -16.72 7.03
C ILE A 19 35.21 -16.61 8.55
N TYR A 20 34.54 -17.56 9.19
CA TYR A 20 34.81 -17.92 10.57
C TYR A 20 35.68 -19.15 10.57
N THR A 21 36.22 -19.47 11.73
CA THR A 21 36.93 -20.71 11.94
C THR A 21 36.35 -21.41 13.15
N HIS A 22 36.35 -22.73 13.08
CA HIS A 22 35.87 -23.54 14.19
C HIS A 22 36.76 -24.76 14.31
N ASP A 23 37.01 -25.16 15.56
CA ASP A 23 37.90 -26.28 15.83
C ASP A 23 37.66 -26.78 17.25
N ASP A 24 37.20 -28.02 17.40
CA ASP A 24 36.97 -28.57 18.73
C ASP A 24 36.73 -30.06 18.61
N THR A 25 36.85 -30.74 19.76
CA THR A 25 36.62 -32.16 19.88
C THR A 25 35.74 -32.50 21.08
N LYS A 26 34.85 -31.58 21.47
CA LYS A 26 33.98 -31.74 22.67
C LYS A 26 32.96 -32.87 22.46
N ASP A 27 32.26 -32.88 21.32
CA ASP A 27 31.28 -33.93 20.93
C ASP A 27 31.06 -33.85 19.42
N SER A 28 30.70 -34.96 18.77
CA SER A 28 30.42 -34.99 17.31
C SER A 28 29.11 -34.27 16.99
N TYR A 29 28.04 -34.58 17.72
CA TYR A 29 26.68 -33.99 17.54
C TYR A 29 26.63 -32.53 18.01
N GLU A 30 27.20 -32.27 19.19
CA GLU A 30 27.22 -30.95 19.83
C GLU A 30 28.11 -29.99 19.07
N ASN A 31 29.12 -30.49 18.37
CA ASN A 31 29.97 -29.60 17.59
C ASN A 31 29.25 -29.11 16.35
N ALA A 32 28.59 -30.04 15.66
CA ALA A 32 27.83 -29.68 14.47
C ALA A 32 26.73 -28.69 14.80
N PHE A 33 26.12 -28.85 15.97
CA PHE A 33 25.13 -27.90 16.42
C PHE A 33 25.72 -26.51 16.57
N LEU A 34 26.86 -26.42 17.23
CA LEU A 34 27.49 -25.13 17.48
C LEU A 34 27.92 -24.48 16.19
N ILE A 35 28.33 -25.29 15.22
CA ILE A 35 28.60 -24.80 13.87
C ILE A 35 27.33 -24.26 13.27
N SER A 36 26.27 -25.07 13.24
CA SER A 36 25.06 -24.76 12.51
C SER A 36 24.36 -23.51 13.02
N ASN A 37 24.69 -23.03 14.21
CA ASN A 37 24.24 -21.74 14.69
C ASN A 37 25.26 -20.64 14.48
N LEU A 38 26.20 -20.84 13.56
CA LEU A 38 27.12 -19.77 13.21
C LEU A 38 26.53 -18.90 12.13
N THR A 39 26.93 -17.63 12.14
CA THR A 39 26.28 -16.61 11.34
C THR A 39 26.64 -16.71 9.87
N THR A 40 27.91 -16.63 9.54
CA THR A 40 28.37 -16.35 8.19
C THR A 40 28.03 -17.49 7.23
N HIS A 41 28.41 -17.29 5.98
CA HIS A 41 28.05 -18.16 4.86
C HIS A 41 29.14 -19.17 4.52
N ASN A 42 30.38 -18.92 4.94
CA ASN A 42 31.50 -19.79 4.58
C ASN A 42 32.33 -20.02 5.83
N ILE A 43 32.53 -21.29 6.19
CA ILE A 43 33.09 -21.68 7.48
C ILE A 43 34.23 -22.65 7.21
N LEU A 44 35.37 -22.38 7.82
CA LEU A 44 36.51 -23.29 7.78
C LEU A 44 36.52 -24.10 9.06
N TYR A 45 36.58 -25.41 8.91
CA TYR A 45 36.47 -26.36 10.01
C TYR A 45 37.74 -27.19 10.02
N PHE A 46 38.69 -26.82 10.88
CA PHE A 46 40.09 -27.17 10.69
C PHE A 46 40.45 -28.59 11.10
N ASN A 47 39.96 -29.09 12.23
CA ASN A 47 40.20 -30.49 12.56
C ASN A 47 38.88 -31.16 12.94
N TYR A 48 38.64 -32.29 12.30
CA TYR A 48 37.31 -32.81 12.08
C TYR A 48 37.31 -34.32 12.19
N SER A 49 36.11 -34.86 12.29
CA SER A 49 35.89 -36.30 12.15
C SER A 49 34.73 -36.45 11.18
N ALA A 50 34.67 -37.63 10.54
CA ALA A 50 33.69 -37.85 9.48
C ALA A 50 32.26 -37.73 9.99
N ARG A 51 32.03 -38.07 11.26
CA ARG A 51 30.66 -38.10 11.75
C ARG A 51 30.09 -36.69 11.93
N THR A 52 30.93 -35.71 12.23
CA THR A 52 30.45 -34.33 12.27
C THR A 52 30.08 -33.81 10.89
N LEU A 53 30.70 -34.34 9.84
CA LEU A 53 30.31 -33.97 8.48
C LEU A 53 29.06 -34.72 8.06
N GLU A 54 28.93 -35.97 8.51
CA GLU A 54 27.74 -36.76 8.24
C GLU A 54 26.49 -36.06 8.76
N ILE A 55 26.52 -35.60 10.00
CA ILE A 55 25.35 -35.01 10.62
C ILE A 55 24.92 -33.77 9.85
N LEU A 56 25.86 -32.88 9.56
CA LEU A 56 25.56 -31.69 8.77
C LEU A 56 25.01 -32.03 7.40
N ASN A 57 25.66 -32.95 6.68
CA ASN A 57 25.19 -33.30 5.35
C ASN A 57 23.80 -33.92 5.42
N LYS A 58 23.53 -34.63 6.49
CA LYS A 58 22.21 -35.13 6.78
C LYS A 58 21.23 -34.04 7.17
N SER A 59 21.74 -32.93 7.68
CA SER A 59 20.91 -31.79 8.06
C SER A 59 20.68 -30.83 6.91
N GLY A 60 21.05 -31.21 5.70
CA GLY A 60 20.98 -30.33 4.56
C GLY A 60 22.11 -29.33 4.45
N ILE A 61 23.00 -29.26 5.42
CA ILE A 61 24.15 -28.37 5.39
C ILE A 61 25.24 -29.06 4.60
N ALA A 62 25.65 -28.43 3.51
CA ALA A 62 26.73 -28.96 2.71
C ALA A 62 28.04 -28.88 3.47
N ALA A 63 28.64 -30.03 3.71
CA ALA A 63 29.87 -30.13 4.49
C ALA A 63 30.74 -31.19 3.84
N ILE A 64 31.94 -30.80 3.47
CA ILE A 64 32.77 -31.54 2.51
C ILE A 64 34.21 -31.52 2.98
N GLU A 65 34.98 -32.51 2.51
CA GLU A 65 36.39 -32.59 2.82
C GLU A 65 37.20 -31.81 1.80
N ILE A 66 38.20 -31.08 2.30
CA ILE A 66 39.13 -30.33 1.45
C ILE A 66 40.53 -30.83 1.76
N GLN A 67 41.22 -31.30 0.72
CA GLN A 67 42.55 -31.88 0.82
C GLN A 67 43.65 -31.00 0.25
N SER A 68 43.31 -29.89 -0.42
CA SER A 68 44.30 -29.08 -1.11
C SER A 68 43.72 -27.70 -1.35
N LEU A 69 44.62 -26.76 -1.65
CA LEU A 69 44.34 -25.34 -1.52
C LEU A 69 44.28 -24.59 -2.85
N GLU A 70 45.06 -25.03 -3.83
CA GLU A 70 45.25 -24.23 -5.03
C GLU A 70 43.98 -24.12 -5.85
N GLU A 71 43.31 -25.24 -6.08
CA GLU A 71 42.11 -25.30 -6.91
C GLU A 71 40.98 -26.09 -6.25
N LEU A 72 41.31 -27.01 -5.36
CA LEU A 72 40.28 -27.78 -4.68
C LEU A 72 39.54 -26.91 -3.68
N PHE A 73 40.16 -25.79 -3.27
CA PHE A 73 39.59 -24.94 -2.24
C PHE A 73 39.06 -23.63 -2.83
N THR A 74 39.74 -23.13 -3.86
CA THR A 74 39.37 -21.83 -4.42
C THR A 74 38.12 -21.95 -5.29
N LEU A 75 37.96 -23.09 -5.96
CA LEU A 75 36.82 -23.30 -6.85
C LEU A 75 35.61 -23.87 -6.14
N ILE A 76 35.80 -24.51 -4.98
CA ILE A 76 34.69 -24.90 -4.11
C ILE A 76 34.21 -23.73 -3.27
N ARG A 77 34.74 -22.54 -3.51
CA ARG A 77 34.12 -21.34 -2.95
C ARG A 77 32.67 -21.23 -3.37
N CYS A 78 32.42 -21.11 -4.67
CA CYS A 78 31.10 -20.87 -5.24
C CYS A 78 30.08 -21.90 -4.77
N ASN A 79 28.80 -21.56 -4.95
CA ASN A 79 27.72 -22.32 -4.34
C ASN A 79 27.42 -23.59 -5.11
N PHE A 80 26.83 -24.56 -4.43
CA PHE A 80 26.76 -25.89 -4.99
C PHE A 80 25.73 -26.73 -4.26
N THR A 81 25.53 -27.92 -4.80
CA THR A 81 24.69 -28.97 -4.24
C THR A 81 25.53 -30.24 -4.19
N TYR A 82 25.46 -30.94 -3.07
CA TYR A 82 26.36 -32.04 -2.78
C TYR A 82 25.56 -33.30 -2.49
N ASP A 83 25.91 -34.37 -3.21
CA ASP A 83 25.37 -35.70 -2.96
C ASP A 83 26.34 -36.44 -2.06
N TYR A 84 26.03 -36.49 -0.78
CA TYR A 84 26.97 -36.92 0.24
C TYR A 84 27.08 -38.43 0.38
N GLU A 85 26.61 -39.18 -0.60
CA GLU A 85 26.71 -40.64 -0.60
C GLU A 85 27.52 -41.16 -1.78
N ASN A 86 27.54 -40.40 -2.89
CA ASN A 86 28.41 -40.67 -4.02
C ASN A 86 29.52 -39.62 -4.15
N ASN A 87 29.52 -38.62 -3.28
CA ASN A 87 30.55 -37.57 -3.25
C ASN A 87 30.69 -36.88 -4.61
N VAL A 88 29.59 -36.31 -5.07
CA VAL A 88 29.55 -35.53 -6.30
C VAL A 88 29.11 -34.12 -5.95
N VAL A 89 29.79 -33.13 -6.50
CA VAL A 89 29.48 -31.73 -6.29
C VAL A 89 28.86 -31.18 -7.57
N TYR A 90 27.65 -30.66 -7.45
CA TYR A 90 26.95 -29.98 -8.53
C TYR A 90 27.09 -28.49 -8.30
N LEU A 91 28.04 -27.87 -8.98
CA LEU A 91 28.25 -26.45 -8.83
C LEU A 91 27.17 -25.68 -9.59
N HIS A 92 26.93 -24.46 -9.14
CA HIS A 92 25.93 -23.57 -9.72
C HIS A 92 26.52 -22.19 -9.96
N ASP A 93 27.65 -22.17 -10.67
CA ASP A 93 28.44 -20.97 -10.89
C ASP A 93 28.23 -20.52 -12.33
N TYR A 94 27.80 -19.28 -12.51
CA TYR A 94 27.68 -18.66 -13.81
C TYR A 94 28.91 -17.84 -14.20
N SER A 95 30.10 -18.24 -13.74
CA SER A 95 31.32 -17.57 -14.12
C SER A 95 31.88 -18.07 -15.44
N TYR A 96 31.24 -19.07 -16.06
CA TYR A 96 31.62 -19.53 -17.39
C TYR A 96 31.29 -18.53 -18.49
N TYR A 97 30.60 -17.45 -18.17
CA TYR A 97 30.41 -16.39 -19.15
C TYR A 97 31.71 -15.69 -19.50
N THR A 98 32.72 -15.78 -18.63
CA THR A 98 33.95 -15.02 -18.82
C THR A 98 34.73 -15.46 -20.04
N ASN A 99 34.86 -16.77 -20.30
CA ASN A 99 35.45 -17.23 -21.55
C ASN A 99 34.48 -17.13 -22.73
N ASN A 100 33.37 -16.41 -22.56
CA ASN A 100 32.49 -15.96 -23.64
C ASN A 100 31.80 -17.12 -24.34
N GLU A 101 30.97 -17.82 -23.57
CA GLU A 101 30.10 -18.85 -24.08
C GLU A 101 28.83 -18.86 -23.25
N ILE A 102 27.79 -19.43 -23.83
CA ILE A 102 26.68 -19.98 -23.08
C ILE A 102 26.84 -21.49 -23.14
N ARG A 103 26.00 -22.21 -22.42
CA ARG A 103 26.06 -23.66 -22.44
C ARG A 103 24.67 -24.23 -22.23
N THR A 104 24.37 -25.25 -23.04
CA THR A 104 23.10 -25.95 -23.02
C THR A 104 23.35 -27.39 -22.63
N ASP A 105 22.27 -28.13 -22.50
CA ASP A 105 22.33 -29.58 -22.33
C ASP A 105 21.38 -30.29 -23.29
N GLN A 106 21.19 -29.74 -24.49
CA GLN A 106 20.40 -30.36 -25.54
C GLN A 106 21.19 -30.27 -26.84
N HIS A 107 21.47 -31.42 -27.45
CA HIS A 107 22.40 -31.49 -28.57
C HIS A 107 21.85 -30.80 -29.82
N TRP A 108 20.52 -30.72 -29.95
CA TRP A 108 19.94 -30.30 -31.21
C TRP A 108 20.22 -28.83 -31.52
N ILE A 109 20.43 -27.99 -30.51
CA ILE A 109 20.58 -26.57 -30.77
C ILE A 109 21.94 -26.30 -31.43
N THR A 110 22.90 -27.19 -31.25
CA THR A 110 24.21 -27.00 -31.83
C THR A 110 24.22 -27.07 -33.35
N LYS A 111 23.25 -27.73 -33.96
CA LYS A 111 23.20 -27.91 -35.40
C LYS A 111 22.37 -26.85 -36.10
N THR A 112 21.85 -25.88 -35.36
CA THR A 112 21.12 -24.76 -35.92
C THR A 112 22.10 -23.75 -36.48
N ASN A 113 21.56 -22.58 -36.84
CA ASN A 113 22.34 -21.42 -37.27
C ASN A 113 22.56 -20.43 -36.14
N ILE A 114 22.27 -20.83 -34.90
CA ILE A 114 22.15 -19.91 -33.77
C ILE A 114 23.41 -19.08 -33.55
N GLU A 115 24.58 -19.64 -33.85
CA GLU A 115 25.81 -18.91 -33.63
C GLU A 115 25.93 -17.71 -34.57
N GLU A 116 25.15 -17.69 -35.67
CA GLU A 116 24.96 -16.47 -36.42
C GLU A 116 24.20 -15.41 -35.64
N TYR A 117 23.47 -15.82 -34.60
CA TYR A 117 22.50 -14.97 -33.92
C TYR A 117 22.91 -14.66 -32.49
N LEU A 118 23.98 -15.27 -31.99
CA LEU A 118 24.57 -14.86 -30.73
C LEU A 118 25.32 -13.54 -30.92
N LEU A 119 25.60 -12.90 -29.80
CA LEU A 119 26.44 -11.71 -29.80
C LEU A 119 27.80 -12.04 -30.41
N PRO A 120 28.50 -11.07 -31.00
CA PRO A 120 29.74 -11.39 -31.73
C PRO A 120 30.86 -11.88 -30.83
N GLY A 121 31.27 -13.12 -31.05
CA GLY A 121 32.37 -13.73 -30.34
C GLY A 121 31.98 -14.87 -29.44
N TRP A 122 30.69 -15.04 -29.18
CA TRP A 122 30.19 -16.01 -28.24
C TRP A 122 29.94 -17.33 -28.95
N LYS A 123 29.80 -18.38 -28.15
CA LYS A 123 29.55 -19.72 -28.66
C LYS A 123 28.70 -20.48 -27.64
N LEU A 124 28.40 -21.73 -27.99
CA LEU A 124 27.76 -22.66 -27.08
C LEU A 124 28.34 -24.05 -27.26
N THR A 125 28.39 -24.82 -26.18
CA THR A 125 29.26 -25.98 -26.13
C THR A 125 28.83 -26.90 -25.00
N TYR A 126 29.71 -27.86 -24.68
CA TYR A 126 29.75 -28.61 -23.42
C TYR A 126 28.38 -29.15 -23.06
N VAL A 127 27.77 -29.76 -24.06
CA VAL A 127 26.37 -30.16 -23.99
C VAL A 127 26.26 -31.52 -23.32
N GLY A 128 26.03 -31.51 -22.01
CA GLY A 128 25.75 -32.72 -21.28
C GLY A 128 24.69 -32.52 -20.22
N TYR A 129 24.07 -33.61 -19.81
CA TYR A 129 23.01 -33.55 -18.81
C TYR A 129 23.59 -33.24 -17.44
N ASN A 130 23.01 -32.26 -16.77
CA ASN A 130 23.50 -31.71 -15.50
C ASN A 130 24.94 -31.22 -15.62
N GLY A 131 25.41 -30.94 -16.83
CA GLY A 131 26.84 -30.73 -17.00
C GLY A 131 27.67 -31.94 -16.73
N ASN A 132 27.16 -33.15 -16.99
CA ASN A 132 27.94 -34.35 -16.69
C ASN A 132 29.16 -34.48 -17.63
N ASP A 133 29.24 -33.64 -18.66
CA ASP A 133 30.44 -33.52 -19.47
C ASP A 133 31.35 -32.36 -19.04
N THR A 134 31.11 -31.77 -17.87
CA THR A 134 32.03 -30.79 -17.30
C THR A 134 33.15 -31.44 -16.52
N ARG A 135 32.93 -32.62 -15.96
CA ARG A 135 33.84 -33.19 -14.97
C ARG A 135 35.22 -33.48 -15.55
N GLY A 136 35.37 -33.50 -16.87
CA GLY A 136 36.69 -33.64 -17.49
C GLY A 136 37.62 -32.46 -17.26
N HIS A 137 37.14 -31.35 -16.67
CA HIS A 137 37.97 -30.16 -16.49
C HIS A 137 38.65 -30.11 -15.13
N TYR A 138 38.17 -30.87 -14.15
CA TYR A 138 38.62 -30.75 -12.78
C TYR A 138 39.08 -32.11 -12.26
N ASN A 139 40.13 -32.09 -11.42
CA ASN A 139 40.77 -33.29 -10.88
C ASN A 139 40.87 -33.12 -9.36
N PHE A 140 39.85 -33.55 -8.65
CA PHE A 140 39.69 -33.29 -7.22
C PHE A 140 39.59 -34.61 -6.45
N SER A 141 39.63 -34.48 -5.12
CA SER A 141 39.31 -35.56 -4.20
C SER A 141 37.87 -36.05 -4.35
N PHE A 142 37.02 -35.27 -5.02
CA PHE A 142 35.62 -35.61 -5.25
C PHE A 142 35.31 -35.38 -6.71
N THR A 143 34.24 -36.03 -7.19
CA THR A 143 33.75 -35.78 -8.53
C THR A 143 33.02 -34.46 -8.56
N CYS A 144 33.11 -33.74 -9.67
CA CYS A 144 32.55 -32.40 -9.72
C CYS A 144 32.24 -32.00 -11.14
N GLN A 145 31.32 -31.05 -11.26
CA GLN A 145 30.75 -30.65 -12.53
C GLN A 145 29.82 -29.47 -12.31
N ASN A 146 29.83 -28.56 -13.26
CA ASN A 146 29.05 -27.33 -13.20
C ASN A 146 27.77 -27.53 -13.99
N ALA A 147 26.65 -27.68 -13.27
CA ALA A 147 25.37 -27.96 -13.89
C ALA A 147 24.62 -26.71 -14.31
N ALA A 148 25.27 -25.53 -14.24
CA ALA A 148 24.64 -24.30 -14.69
C ALA A 148 24.58 -24.28 -16.22
N THR A 149 23.37 -24.16 -16.75
CA THR A 149 23.15 -24.03 -18.18
C THR A 149 22.19 -22.88 -18.43
N ASP A 150 22.15 -22.41 -19.68
CA ASP A 150 21.29 -21.32 -20.11
C ASP A 150 20.07 -21.82 -20.87
N ASP A 151 19.47 -22.93 -20.45
CA ASP A 151 18.23 -23.38 -21.07
C ASP A 151 17.13 -22.35 -20.92
N ASP A 152 17.16 -21.56 -19.85
CA ASP A 152 16.14 -20.54 -19.64
C ASP A 152 16.05 -19.60 -20.82
N ILE A 153 17.18 -19.02 -21.21
CA ILE A 153 17.22 -17.99 -22.24
C ILE A 153 16.61 -18.54 -23.53
N ILE A 154 17.06 -19.71 -23.95
CA ILE A 154 16.62 -20.23 -25.24
C ILE A 154 15.14 -20.60 -25.20
N ILE A 155 14.73 -21.33 -24.16
CA ILE A 155 13.38 -21.87 -24.14
C ILE A 155 12.36 -20.77 -23.91
N GLU A 156 12.66 -19.84 -23.02
CA GLU A 156 11.77 -18.71 -22.82
C GLU A 156 11.62 -17.90 -24.10
N TYR A 157 12.73 -17.66 -24.81
CA TYR A 157 12.68 -16.97 -26.10
C TYR A 157 11.69 -17.60 -27.06
N ILE A 158 11.62 -18.93 -27.05
CA ILE A 158 10.70 -19.63 -27.92
C ILE A 158 9.27 -19.35 -27.47
N TYR A 159 9.04 -19.29 -26.16
CA TYR A 159 7.75 -18.96 -25.59
C TYR A 159 7.59 -17.46 -25.28
N SER A 160 8.36 -16.59 -25.94
CA SER A 160 8.40 -15.17 -25.58
C SER A 160 7.73 -14.25 -26.58
N GLU A 161 7.47 -14.71 -27.80
CA GLU A 161 6.89 -13.90 -28.86
C GLU A 161 7.76 -12.74 -29.29
N ALA A 162 9.04 -12.74 -28.89
CA ALA A 162 9.99 -11.72 -29.33
C ALA A 162 10.90 -12.30 -30.40
N LEU A 163 11.42 -11.44 -31.26
CA LEU A 163 12.07 -11.87 -32.49
C LEU A 163 13.55 -11.57 -32.53
N ASP A 164 14.02 -10.52 -31.85
CA ASP A 164 15.44 -10.19 -31.84
C ASP A 164 16.10 -10.97 -30.70
N PHE A 165 17.13 -11.74 -31.03
CA PHE A 165 17.73 -12.64 -30.05
C PHE A 165 18.87 -11.98 -29.29
N GLN A 166 19.73 -11.25 -29.98
CA GLN A 166 20.81 -10.53 -29.31
C GLN A 166 20.26 -9.59 -28.25
N ASN A 167 19.17 -8.90 -28.58
CA ASN A 167 18.50 -8.09 -27.60
C ASN A 167 17.99 -8.94 -26.45
N PHE A 168 17.57 -10.17 -26.74
CA PHE A 168 16.98 -11.01 -25.71
C PHE A 168 18.03 -11.48 -24.72
N MET A 169 19.04 -12.20 -25.22
CA MET A 169 20.06 -12.77 -24.34
C MET A 169 20.81 -11.69 -23.57
N LEU A 170 21.11 -10.58 -24.23
CA LEU A 170 21.77 -9.48 -23.54
C LEU A 170 20.92 -8.97 -22.39
N ARG A 171 19.59 -9.05 -22.52
CA ARG A 171 18.72 -8.68 -21.42
C ARG A 171 18.84 -9.67 -20.27
N LYS A 172 18.81 -10.97 -20.58
CA LYS A 172 18.73 -11.98 -19.52
C LYS A 172 20.08 -12.25 -18.89
N ILE A 173 21.15 -12.23 -19.69
CA ILE A 173 22.49 -12.36 -19.15
C ILE A 173 22.77 -11.26 -18.14
N LYS A 174 22.12 -10.11 -18.33
CA LYS A 174 22.26 -9.00 -17.40
C LYS A 174 21.36 -9.17 -16.20
N GLU A 175 20.31 -9.99 -16.32
CA GLU A 175 19.45 -10.23 -15.17
C GLU A 175 20.15 -11.08 -14.12
N ARG A 176 20.98 -12.02 -14.55
CA ARG A 176 21.66 -12.91 -13.62
C ARG A 176 22.81 -12.21 -12.92
N MET A 177 23.51 -11.33 -13.62
CA MET A 177 24.59 -10.56 -13.05
C MET A 177 24.08 -9.35 -12.29
N THR A 178 22.76 -9.26 -12.10
CA THR A 178 22.09 -8.26 -11.29
C THR A 178 21.41 -8.85 -10.08
N THR A 179 20.65 -9.91 -10.25
CA THR A 179 19.72 -10.41 -9.27
C THR A 179 20.27 -11.67 -8.63
N SER A 180 19.48 -12.25 -7.74
CA SER A 180 19.95 -13.32 -6.90
C SER A 180 19.89 -14.65 -7.65
N LEU A 181 20.97 -15.40 -7.50
CA LEU A 181 21.04 -16.79 -7.90
C LEU A 181 19.83 -17.54 -7.36
N PRO A 182 18.96 -18.09 -8.23
CA PRO A 182 17.82 -18.89 -7.79
C PRO A 182 18.35 -20.31 -7.57
N ILE A 183 19.09 -20.51 -6.48
CA ILE A 183 19.75 -21.82 -6.16
C ILE A 183 18.71 -22.91 -5.95
N ALA A 184 17.57 -22.59 -5.30
CA ALA A 184 16.53 -23.59 -5.02
C ALA A 184 15.98 -24.17 -6.33
N ARG A 185 15.75 -23.32 -7.34
CA ARG A 185 15.22 -23.78 -8.64
C ARG A 185 16.22 -24.73 -9.32
N LEU A 186 17.51 -24.36 -9.29
CA LEU A 186 18.60 -25.15 -9.93
C LEU A 186 18.79 -26.52 -9.29
N SER A 187 18.73 -26.60 -7.96
CA SER A 187 18.99 -27.83 -7.24
C SER A 187 17.88 -28.85 -7.41
N ASN A 188 16.73 -28.45 -7.97
CA ASN A 188 15.63 -29.38 -8.10
C ASN A 188 15.87 -30.42 -9.18
N ARG A 189 16.49 -30.05 -10.30
CA ARG A 189 16.72 -31.03 -11.35
C ARG A 189 17.70 -32.11 -10.88
N VAL A 190 18.61 -31.74 -9.98
CA VAL A 190 19.39 -32.73 -9.27
C VAL A 190 18.48 -33.59 -8.41
N PHE A 191 17.65 -32.92 -7.60
CA PHE A 191 16.73 -33.59 -6.69
C PHE A 191 15.79 -34.53 -7.43
N ARG A 192 15.21 -34.04 -8.54
CA ARG A 192 14.27 -34.86 -9.29
C ARG A 192 14.95 -36.08 -9.88
N ASP A 193 16.21 -35.92 -10.31
CA ASP A 193 16.93 -37.04 -10.98
C ASP A 193 17.07 -38.24 -10.04
N LYS A 194 17.47 -38.02 -8.78
CA LYS A 194 17.67 -39.17 -7.85
C LYS A 194 16.41 -39.43 -7.01
N LEU A 195 15.47 -38.47 -6.99
CA LEU A 195 14.24 -38.62 -6.17
C LEU A 195 13.34 -39.77 -6.65
N PHE A 196 13.16 -39.90 -7.97
CA PHE A 196 12.24 -40.91 -8.50
C PHE A 196 12.83 -42.30 -8.62
N PRO A 197 14.01 -42.52 -9.21
CA PRO A 197 14.47 -43.91 -9.43
C PRO A 197 14.60 -44.74 -8.17
N LEU A 198 14.79 -44.11 -7.01
CA LEU A 198 14.81 -44.88 -5.77
C LEU A 198 13.41 -45.06 -5.21
N LEU A 199 12.59 -44.01 -5.35
CA LEU A 199 11.19 -44.01 -4.86
C LEU A 199 10.40 -45.09 -5.60
N VAL A 200 10.64 -45.21 -6.91
CA VAL A 200 9.89 -46.20 -7.73
C VAL A 200 10.19 -47.63 -7.23
N LYS A 201 11.46 -47.93 -6.97
CA LYS A 201 11.85 -49.29 -6.48
C LYS A 201 11.30 -49.56 -5.08
N LYS A 202 11.39 -48.57 -4.19
CA LYS A 202 10.99 -48.73 -2.76
C LYS A 202 9.48 -48.99 -2.59
N HIS A 203 8.61 -48.26 -3.30
CA HIS A 203 7.14 -48.43 -3.08
C HIS A 203 6.47 -49.30 -4.15
N LYS A 204 7.11 -49.45 -5.32
CA LYS A 204 6.66 -50.24 -6.51
C LYS A 204 5.62 -49.49 -7.34
N ARG A 205 5.29 -48.25 -6.97
CA ARG A 205 4.33 -47.39 -7.70
C ARG A 205 4.59 -45.92 -7.32
N VAL A 206 4.02 -44.99 -8.07
CA VAL A 206 4.20 -43.57 -7.78
C VAL A 206 3.29 -42.79 -8.71
N VAL A 207 2.65 -41.76 -8.16
CA VAL A 207 1.89 -40.79 -8.93
C VAL A 207 2.48 -39.42 -8.66
N ASN A 208 2.62 -38.63 -9.72
CA ASN A 208 3.13 -37.27 -9.63
C ASN A 208 2.05 -36.32 -10.10
N VAL A 209 2.01 -35.15 -9.50
CA VAL A 209 0.99 -34.14 -9.78
C VAL A 209 1.69 -32.87 -10.27
N GLY A 210 1.13 -32.26 -11.30
CA GLY A 210 1.68 -31.08 -11.92
C GLY A 210 3.12 -31.19 -12.32
N PRO A 211 3.41 -32.03 -13.32
CA PRO A 211 4.71 -31.95 -13.98
C PRO A 211 4.68 -30.94 -15.12
N ARG A 212 5.76 -30.19 -15.24
CA ARG A 212 5.95 -29.20 -16.29
C ARG A 212 7.14 -29.63 -17.13
N ASN A 213 7.48 -28.84 -18.14
CA ASN A 213 8.56 -29.22 -19.05
C ASN A 213 9.93 -29.04 -18.43
N GLU A 214 10.00 -28.68 -17.15
CA GLU A 214 11.17 -29.01 -16.34
C GLU A 214 11.50 -30.49 -16.42
N SER A 215 10.49 -31.34 -16.58
CA SER A 215 10.61 -32.78 -16.49
C SER A 215 10.22 -33.47 -17.79
N MET A 216 10.48 -32.84 -18.94
CA MET A 216 10.26 -33.50 -20.23
C MET A 216 10.97 -34.83 -20.32
N PHE A 217 12.12 -34.94 -19.65
CA PHE A 217 13.05 -36.04 -19.83
C PHE A 217 13.23 -36.88 -18.58
N THR A 218 12.78 -36.39 -17.42
CA THR A 218 13.00 -37.11 -16.17
C THR A 218 12.38 -38.49 -16.21
N PHE A 219 11.22 -38.64 -16.82
CA PHE A 219 10.36 -39.80 -16.62
C PHE A 219 10.36 -40.76 -17.81
N LEU A 220 11.20 -40.53 -18.81
CA LEU A 220 11.12 -41.32 -20.03
C LEU A 220 11.47 -42.78 -19.80
N ASN A 221 12.19 -43.11 -18.73
CA ASN A 221 12.45 -44.48 -18.34
C ASN A 221 11.62 -44.89 -17.13
N PHE A 222 10.43 -44.33 -16.98
CA PHE A 222 9.51 -44.69 -15.91
C PHE A 222 8.09 -44.78 -16.46
N PRO A 223 7.73 -45.92 -17.03
CA PRO A 223 6.33 -46.15 -17.38
C PRO A 223 5.42 -46.29 -16.19
N SER A 224 5.90 -46.90 -15.11
CA SER A 224 5.02 -47.28 -14.03
C SER A 224 4.61 -46.12 -13.15
N ILE A 225 5.01 -44.90 -13.50
CA ILE A 225 4.51 -43.70 -12.85
C ILE A 225 3.31 -43.22 -13.65
N ARG A 226 2.34 -42.65 -12.95
CA ARG A 226 1.15 -42.08 -13.54
C ARG A 226 1.06 -40.61 -13.21
N GLN A 227 1.38 -39.76 -14.19
CA GLN A 227 1.36 -38.32 -14.01
C GLN A 227 0.01 -37.73 -14.36
N PHE A 228 -0.35 -36.68 -13.62
CA PHE A 228 -1.60 -35.95 -13.81
C PHE A 228 -1.29 -34.47 -13.91
N SER A 229 -2.01 -33.77 -14.77
CA SER A 229 -1.77 -32.36 -15.01
C SER A 229 -3.04 -31.73 -15.54
N ASN A 230 -2.93 -30.52 -16.06
CA ASN A 230 -4.03 -29.91 -16.78
C ASN A 230 -4.41 -30.79 -17.96
N GLY A 231 -5.70 -30.98 -18.16
CA GLY A 231 -6.20 -31.81 -19.22
C GLY A 231 -5.78 -31.30 -20.58
N PRO A 232 -6.05 -32.08 -21.63
CA PRO A 232 -5.67 -31.65 -22.97
C PRO A 232 -6.67 -30.65 -23.55
N TYR A 233 -6.30 -30.13 -24.71
CA TYR A 233 -7.28 -29.48 -25.58
C TYR A 233 -7.81 -30.50 -26.57
N LEU A 234 -9.12 -30.54 -26.71
CA LEU A 234 -9.81 -31.51 -27.55
C LEU A 234 -10.43 -30.85 -28.76
N VAL A 235 -10.63 -31.67 -29.80
CA VAL A 235 -11.42 -31.26 -30.95
C VAL A 235 -12.82 -30.85 -30.50
N LYS A 236 -13.33 -31.52 -29.47
CA LYS A 236 -14.60 -31.23 -28.81
C LYS A 236 -14.78 -29.77 -28.44
N ASN A 237 -13.68 -29.05 -28.23
CA ASN A 237 -13.72 -27.67 -27.77
C ASN A 237 -13.21 -26.69 -28.83
N THR A 238 -13.29 -27.05 -30.11
CA THR A 238 -13.10 -26.08 -31.18
C THR A 238 -14.39 -25.32 -31.49
N ILE A 239 -15.54 -25.89 -31.13
CA ILE A 239 -16.82 -25.26 -31.41
C ILE A 239 -16.96 -23.91 -30.72
N LYS A 240 -16.19 -23.67 -29.66
CA LYS A 240 -16.10 -22.36 -29.03
C LYS A 240 -15.54 -21.30 -29.95
N LEU A 241 -14.56 -21.66 -30.76
CA LEU A 241 -13.60 -20.70 -31.29
C LEU A 241 -14.18 -19.90 -32.43
N LYS A 242 -13.93 -18.60 -32.39
CA LYS A 242 -14.32 -17.76 -33.51
C LYS A 242 -13.47 -18.08 -34.72
N GLN A 243 -14.07 -17.90 -35.89
CA GLN A 243 -13.40 -18.13 -37.14
C GLN A 243 -12.32 -17.08 -37.39
N GLU A 244 -11.24 -17.49 -38.03
CA GLU A 244 -10.08 -16.65 -38.29
C GLU A 244 -9.37 -17.23 -39.52
N ARG A 245 -8.46 -16.41 -40.06
CA ARG A 245 -7.76 -16.66 -41.36
C ARG A 245 -6.24 -16.68 -41.18
N TRP A 246 -5.53 -17.16 -42.21
CA TRP A 246 -4.09 -17.34 -42.17
C TRP A 246 -3.39 -16.13 -41.57
N LEU A 247 -2.51 -16.40 -40.60
CA LEU A 247 -1.73 -15.38 -39.92
C LEU A 247 -0.27 -15.77 -40.00
N GLY A 248 0.48 -15.09 -40.87
CA GLY A 248 1.89 -15.40 -41.06
C GLY A 248 2.73 -14.67 -40.03
N LYS A 249 3.17 -15.42 -39.03
CA LYS A 249 3.80 -14.87 -37.83
C LYS A 249 5.12 -15.57 -37.59
N ARG A 250 6.20 -14.79 -37.48
CA ARG A 250 7.54 -15.31 -37.27
C ARG A 250 8.06 -14.84 -35.92
N VAL A 251 8.47 -15.81 -35.09
CA VAL A 251 8.81 -15.56 -33.70
C VAL A 251 10.13 -16.22 -33.30
N SER A 252 10.95 -16.61 -34.27
CA SER A 252 12.20 -17.28 -34.00
C SER A 252 13.10 -17.09 -35.19
N GLN A 253 14.20 -16.35 -34.99
CA GLN A 253 15.16 -16.17 -36.08
C GLN A 253 15.68 -17.49 -36.56
N PHE A 254 16.06 -18.36 -35.62
CA PHE A 254 16.65 -19.64 -35.93
C PHE A 254 15.62 -20.75 -35.92
N ASP A 255 15.79 -21.68 -36.85
CA ASP A 255 14.84 -22.77 -37.01
C ASP A 255 14.84 -23.72 -35.81
N ILE A 256 13.65 -23.96 -35.28
CA ILE A 256 13.45 -24.82 -34.11
C ILE A 256 12.47 -25.93 -34.45
N GLY A 257 12.50 -26.38 -35.70
CA GLY A 257 11.70 -27.53 -36.07
C GLY A 257 12.03 -28.75 -35.25
N GLN A 258 13.31 -28.93 -34.92
CA GLN A 258 13.72 -30.10 -34.15
C GLN A 258 13.11 -30.10 -32.76
N TYR A 259 12.72 -28.94 -32.25
CA TYR A 259 12.20 -28.85 -30.91
C TYR A 259 10.78 -29.39 -30.85
N LYS A 260 9.91 -28.95 -31.76
CA LYS A 260 8.57 -29.50 -31.82
C LYS A 260 8.57 -30.97 -32.20
N ASN A 261 9.45 -31.36 -33.14
CA ASN A 261 9.57 -32.77 -33.49
C ASN A 261 9.97 -33.61 -32.28
N MET A 262 10.69 -33.01 -31.34
CA MET A 262 11.03 -33.68 -30.11
C MET A 262 9.84 -33.72 -29.17
N LEU A 263 9.14 -32.60 -29.05
CA LEU A 263 8.04 -32.50 -28.08
C LEU A 263 6.84 -33.35 -28.49
N ASN A 264 6.51 -33.37 -29.79
CA ASN A 264 5.33 -34.10 -30.24
C ASN A 264 5.49 -35.60 -30.01
N VAL A 265 6.69 -36.12 -30.23
CA VAL A 265 6.98 -37.50 -29.86
C VAL A 265 6.83 -37.70 -28.37
N ILE A 266 7.45 -36.83 -27.59
CA ILE A 266 7.51 -37.02 -26.15
C ILE A 266 6.11 -36.94 -25.55
N THR A 267 5.30 -36.01 -26.03
CA THR A 267 3.89 -35.99 -25.67
C THR A 267 3.22 -37.31 -26.01
N THR A 268 3.49 -37.81 -27.21
CA THR A 268 2.88 -39.05 -27.66
C THR A 268 3.21 -40.21 -26.74
N ILE A 269 4.38 -40.18 -26.09
CA ILE A 269 4.80 -41.31 -25.28
C ILE A 269 4.14 -41.26 -23.91
N TYR A 270 4.23 -40.11 -23.22
CA TYR A 270 3.62 -39.99 -21.90
C TYR A 270 2.13 -40.27 -21.96
N HIS A 271 1.51 -39.97 -23.10
CA HIS A 271 0.16 -40.44 -23.37
C HIS A 271 0.10 -41.97 -23.35
N TYR A 272 0.97 -42.61 -24.13
CA TYR A 272 1.02 -44.06 -24.18
C TYR A 272 1.32 -44.67 -22.82
N TYR A 273 2.18 -44.01 -22.04
CA TYR A 273 2.39 -44.43 -20.66
C TYR A 273 1.12 -44.28 -19.82
N ASN A 274 0.30 -43.27 -20.13
CA ASN A 274 -0.90 -43.01 -19.35
C ASN A 274 -1.92 -44.11 -19.54
N LEU A 275 -2.07 -44.57 -20.78
CA LEU A 275 -3.03 -45.60 -21.12
C LEU A 275 -2.55 -46.97 -20.68
N TYR A 276 -1.35 -47.37 -21.13
CA TYR A 276 -0.74 -48.67 -20.78
C TYR A 276 0.53 -48.43 -19.99
N GLN A 277 0.77 -49.13 -18.87
CA GLN A 277 2.02 -48.99 -18.07
C GLN A 277 3.08 -49.91 -18.69
N GLU A 278 3.60 -49.50 -19.85
CA GLU A 278 4.58 -50.18 -20.73
C GLU A 278 5.25 -49.09 -21.60
N LYS A 279 6.24 -49.44 -22.41
CA LYS A 279 6.88 -48.39 -23.19
C LYS A 279 7.19 -48.85 -24.61
N PRO A 280 6.94 -48.01 -25.61
CA PRO A 280 6.67 -48.53 -26.95
C PRO A 280 7.91 -48.61 -27.84
N ILE A 281 7.67 -49.20 -29.01
CA ILE A 281 8.49 -48.95 -30.18
C ILE A 281 8.05 -47.61 -30.75
N ILE A 282 8.96 -46.92 -31.41
CA ILE A 282 8.73 -45.55 -31.87
C ILE A 282 9.14 -45.47 -33.32
N TYR A 283 8.18 -45.70 -34.20
CA TYR A 283 8.36 -45.52 -35.64
C TYR A 283 8.27 -44.04 -35.97
N MET A 284 8.83 -43.68 -37.12
CA MET A 284 8.79 -42.30 -37.59
C MET A 284 8.83 -42.25 -39.10
N VAL A 285 8.26 -41.21 -39.67
CA VAL A 285 8.41 -40.93 -41.09
C VAL A 285 8.44 -39.42 -41.28
N GLY A 286 9.26 -38.98 -42.24
CA GLY A 286 9.36 -37.58 -42.60
C GLY A 286 10.31 -36.76 -41.77
N SER A 287 11.09 -37.38 -40.89
CA SER A 287 11.89 -36.67 -39.90
C SER A 287 13.29 -37.26 -39.87
N ALA A 288 14.15 -36.80 -40.77
CA ALA A 288 15.49 -37.36 -40.86
C ALA A 288 16.49 -36.77 -39.87
N PRO A 289 16.74 -35.44 -39.88
CA PRO A 289 17.95 -34.92 -39.22
C PRO A 289 18.08 -35.27 -37.76
N SER A 290 16.99 -35.09 -36.99
CA SER A 290 16.74 -35.78 -35.72
C SER A 290 17.97 -35.81 -34.82
N TYR A 291 18.54 -34.63 -34.62
CA TYR A 291 19.60 -34.46 -33.63
C TYR A 291 19.06 -34.37 -32.21
N TRP A 292 17.75 -34.45 -32.02
CA TRP A 292 17.15 -34.52 -30.70
C TRP A 292 17.10 -35.94 -30.16
N ILE A 293 17.52 -36.93 -30.94
CA ILE A 293 17.50 -38.31 -30.52
C ILE A 293 18.48 -38.53 -29.39
N TYR A 294 19.71 -38.04 -29.57
CA TYR A 294 20.78 -38.26 -28.61
C TYR A 294 20.42 -37.69 -27.24
N ASP A 295 19.65 -36.61 -27.21
CA ASP A 295 19.08 -36.10 -25.97
C ASP A 295 18.21 -37.14 -25.29
N VAL A 296 17.41 -37.87 -26.06
CA VAL A 296 16.49 -38.84 -25.48
C VAL A 296 17.26 -40.02 -24.89
N ARG A 297 18.27 -40.50 -25.63
CA ARG A 297 19.00 -41.69 -25.21
C ARG A 297 19.84 -41.46 -23.97
N GLN A 298 20.06 -40.22 -23.54
CA GLN A 298 20.76 -39.96 -22.30
C GLN A 298 19.94 -40.27 -21.07
N TYR A 299 18.66 -40.55 -21.22
CA TYR A 299 17.73 -40.81 -20.13
C TYR A 299 17.11 -42.19 -20.20
N SER A 300 16.55 -42.54 -21.35
CA SER A 300 15.90 -43.82 -21.57
C SER A 300 16.28 -44.32 -22.95
N ASP A 301 16.33 -45.63 -23.11
CA ASP A 301 16.78 -46.25 -24.36
C ASP A 301 15.58 -46.78 -25.12
N PHE A 302 15.29 -46.17 -26.27
CA PHE A 302 14.17 -46.55 -27.10
C PHE A 302 14.65 -46.99 -28.47
N LEU A 303 13.85 -47.82 -29.13
CA LEU A 303 14.09 -48.25 -30.49
C LEU A 303 13.40 -47.29 -31.44
N PHE A 304 14.18 -46.56 -32.23
CA PHE A 304 13.67 -45.62 -33.20
C PHE A 304 13.89 -46.21 -34.59
N GLU A 305 12.81 -46.29 -35.37
CA GLU A 305 12.85 -46.79 -36.74
C GLU A 305 12.21 -45.76 -37.65
N THR A 306 12.99 -45.29 -38.61
CA THR A 306 12.70 -44.08 -39.35
C THR A 306 12.65 -44.39 -40.85
N TRP A 307 11.74 -43.71 -41.54
CA TRP A 307 11.66 -43.73 -43.00
C TRP A 307 11.77 -42.28 -43.48
N ASP A 308 12.88 -41.95 -44.11
CA ASP A 308 13.04 -40.62 -44.68
C ASP A 308 14.10 -40.63 -45.77
N PRO A 309 13.97 -39.85 -46.84
CA PRO A 309 15.03 -39.85 -47.86
C PRO A 309 16.39 -39.41 -47.35
N LEU A 310 16.44 -38.58 -46.32
CA LEU A 310 17.67 -37.92 -45.91
C LEU A 310 18.28 -38.60 -44.68
N ASP A 311 19.43 -38.06 -44.28
CA ASP A 311 20.27 -38.69 -43.28
C ASP A 311 19.65 -38.60 -41.89
N THR A 312 19.50 -39.76 -41.25
CA THR A 312 19.21 -39.83 -39.82
C THR A 312 20.46 -40.31 -39.11
N PRO A 313 21.26 -39.42 -38.49
CA PRO A 313 22.50 -39.89 -37.85
C PRO A 313 22.25 -40.77 -36.65
N TYR A 314 21.15 -40.54 -35.93
CA TYR A 314 20.93 -41.11 -34.60
C TYR A 314 19.65 -41.93 -34.64
N SER A 315 19.81 -43.25 -34.73
CA SER A 315 18.69 -44.17 -34.74
C SER A 315 19.23 -45.59 -34.67
N SER A 316 18.31 -46.53 -34.45
CA SER A 316 18.66 -47.95 -34.54
C SER A 316 18.65 -48.42 -35.99
N ILE A 317 17.51 -48.27 -36.66
CA ILE A 317 17.33 -48.72 -38.04
C ILE A 317 16.69 -47.58 -38.83
N HIS A 318 17.43 -47.01 -39.76
CA HIS A 318 16.86 -46.17 -40.80
C HIS A 318 16.52 -47.09 -41.97
N HIS A 319 15.27 -47.56 -42.02
CA HIS A 319 14.91 -48.69 -42.86
C HIS A 319 15.10 -48.38 -44.33
N LYS A 320 14.53 -47.26 -44.80
CA LYS A 320 14.56 -46.93 -46.22
C LYS A 320 14.69 -45.44 -46.39
N GLU A 321 15.07 -45.05 -47.60
CA GLU A 321 14.97 -43.67 -48.05
C GLU A 321 13.62 -43.36 -48.67
N LEU A 322 12.78 -44.37 -48.87
CA LEU A 322 11.38 -44.15 -49.20
C LEU A 322 10.61 -43.80 -47.94
N PHE A 323 9.60 -42.94 -48.09
CA PHE A 323 8.82 -42.53 -46.93
C PHE A 323 7.53 -43.33 -46.84
N PHE A 324 7.26 -43.78 -45.63
CA PHE A 324 6.25 -44.79 -45.32
C PHE A 324 4.89 -44.36 -45.84
N ALA A 325 4.41 -45.09 -46.87
CA ALA A 325 3.29 -44.63 -47.69
C ALA A 325 2.02 -45.47 -47.55
N LYS A 326 2.09 -46.78 -47.81
CA LYS A 326 0.94 -47.64 -47.54
C LYS A 326 1.27 -49.06 -47.09
N ASP A 327 2.54 -49.42 -46.92
CA ASP A 327 2.89 -50.75 -46.45
C ASP A 327 2.69 -50.89 -44.95
N ILE A 328 1.43 -50.77 -44.50
CA ILE A 328 1.17 -50.41 -43.12
C ILE A 328 0.94 -51.63 -42.24
N GLY A 329 0.50 -52.74 -42.81
CA GLY A 329 0.35 -53.94 -42.02
C GLY A 329 1.66 -54.52 -41.50
N LYS A 330 2.80 -54.06 -42.01
CA LYS A 330 4.10 -54.56 -41.62
C LYS A 330 4.61 -53.96 -40.31
N LEU A 331 3.79 -53.19 -39.61
CA LEU A 331 4.16 -52.62 -38.33
C LEU A 331 3.73 -53.49 -37.15
N LYS A 332 4.57 -53.50 -36.12
CA LYS A 332 4.22 -54.13 -34.87
C LYS A 332 3.19 -53.30 -34.12
N ASP A 333 2.47 -53.95 -33.21
CA ASP A 333 1.40 -53.25 -32.50
C ASP A 333 1.96 -52.33 -31.42
N ASN A 334 2.81 -52.84 -30.53
CA ASN A 334 3.23 -52.08 -29.36
C ASN A 334 4.13 -50.96 -29.86
N SER A 335 3.53 -49.80 -30.09
CA SER A 335 4.14 -48.80 -30.95
C SER A 335 3.55 -47.43 -30.70
N ILE A 336 4.24 -46.43 -31.24
CA ILE A 336 3.66 -45.16 -31.61
C ILE A 336 4.13 -44.84 -33.02
N LEU A 337 3.30 -44.14 -33.78
CA LEU A 337 3.62 -43.73 -35.14
C LEU A 337 3.55 -42.22 -35.22
N TYR A 338 4.68 -41.61 -35.58
CA TYR A 338 4.79 -40.17 -35.75
C TYR A 338 4.88 -39.85 -37.24
N ILE A 339 3.85 -39.22 -37.76
CA ILE A 339 3.74 -38.88 -39.17
C ILE A 339 4.05 -37.39 -39.31
N ASP A 340 5.04 -37.08 -40.14
CA ASP A 340 5.40 -35.73 -40.52
C ASP A 340 5.70 -35.70 -42.01
N ILE A 341 4.92 -36.45 -42.79
CA ILE A 341 5.08 -36.42 -44.24
C ILE A 341 4.68 -35.04 -44.72
N ARG A 342 5.59 -34.38 -45.42
CA ARG A 342 5.44 -32.98 -45.74
C ARG A 342 6.12 -32.71 -47.07
N THR A 343 6.38 -31.44 -47.32
CA THR A 343 6.96 -30.98 -48.56
C THR A 343 7.59 -29.62 -48.22
N ASP A 344 8.32 -29.04 -49.17
CA ASP A 344 8.71 -27.64 -49.07
C ASP A 344 8.43 -26.96 -50.41
N ARG A 345 7.65 -25.89 -50.35
CA ARG A 345 7.44 -25.06 -51.54
C ARG A 345 8.78 -24.54 -52.04
N GLY A 346 8.89 -24.45 -53.37
CA GLY A 346 10.02 -23.80 -53.99
C GLY A 346 9.70 -22.34 -54.23
N ASN A 347 9.58 -21.98 -55.51
CA ASN A 347 9.01 -20.71 -55.92
C ASN A 347 7.63 -20.89 -56.55
N ALA A 348 6.97 -22.02 -56.28
CA ALA A 348 5.70 -22.30 -56.93
C ALA A 348 4.61 -21.41 -56.36
N ASP A 349 3.51 -21.31 -57.09
CA ASP A 349 2.45 -20.37 -56.75
C ASP A 349 1.70 -20.91 -55.54
N TRP A 350 1.74 -20.14 -54.45
CA TRP A 350 1.13 -20.51 -53.18
C TRP A 350 -0.34 -20.91 -53.31
N LYS A 351 -1.06 -20.32 -54.27
CA LYS A 351 -2.48 -20.62 -54.42
C LYS A 351 -2.71 -22.00 -55.01
N GLU A 352 -1.78 -22.48 -55.83
CA GLU A 352 -1.86 -23.81 -56.43
C GLU A 352 -1.10 -24.85 -55.62
N TRP A 353 -0.01 -24.44 -54.99
CA TRP A 353 0.75 -25.35 -54.13
C TRP A 353 -0.07 -25.75 -52.92
N ARG A 354 -0.95 -24.87 -52.46
CA ARG A 354 -1.86 -25.18 -51.37
C ARG A 354 -2.66 -26.45 -51.62
N LYS A 355 -2.98 -26.77 -52.88
CA LYS A 355 -3.72 -27.98 -53.17
C LYS A 355 -2.93 -29.23 -52.79
N VAL A 356 -1.62 -29.18 -52.94
CA VAL A 356 -0.78 -30.32 -52.57
C VAL A 356 -0.85 -30.54 -51.06
N VAL A 357 -0.81 -29.46 -50.31
CA VAL A 357 -0.80 -29.54 -48.85
C VAL A 357 -2.10 -30.16 -48.36
N GLU A 358 -3.19 -29.92 -49.09
CA GLU A 358 -4.48 -30.46 -48.70
C GLU A 358 -4.54 -31.97 -48.92
N LEU A 359 -3.92 -32.45 -49.99
CA LEU A 359 -4.03 -33.87 -50.33
C LEU A 359 -3.19 -34.73 -49.40
N GLN A 360 -1.99 -34.26 -49.04
CA GLN A 360 -1.17 -34.94 -48.05
C GLN A 360 -1.94 -35.13 -46.76
N THR A 361 -2.66 -34.09 -46.36
CA THR A 361 -3.39 -34.08 -45.10
C THR A 361 -4.47 -35.16 -45.11
N ILE A 362 -5.16 -35.31 -46.23
CA ILE A 362 -6.14 -36.39 -46.36
C ILE A 362 -5.44 -37.73 -46.28
N SER A 363 -4.28 -37.84 -46.94
CA SER A 363 -3.52 -39.08 -46.91
C SER A 363 -3.00 -39.36 -45.50
N ASN A 364 -2.40 -38.35 -44.86
CA ASN A 364 -1.81 -38.54 -43.55
C ASN A 364 -2.84 -39.01 -42.53
N LEU A 365 -4.11 -38.67 -42.73
CA LEU A 365 -5.16 -39.22 -41.88
C LEU A 365 -5.48 -40.66 -42.23
N ASN A 366 -5.53 -40.99 -43.53
CA ASN A 366 -5.77 -42.37 -43.93
C ASN A 366 -4.72 -43.30 -43.34
N LEU A 367 -3.48 -42.84 -43.29
CA LEU A 367 -2.44 -43.61 -42.62
C LEU A 367 -2.74 -43.77 -41.15
N ALA A 368 -3.35 -42.77 -40.54
CA ALA A 368 -3.59 -42.80 -39.10
C ALA A 368 -4.70 -43.80 -38.76
N TYR A 369 -5.76 -43.83 -39.56
CA TYR A 369 -6.86 -44.75 -39.28
C TYR A 369 -6.46 -46.19 -39.60
N GLN A 370 -5.75 -46.39 -40.71
CA GLN A 370 -5.32 -47.74 -41.07
C GLN A 370 -4.37 -48.30 -40.03
N TYR A 371 -3.55 -47.43 -39.45
CA TYR A 371 -2.71 -47.80 -38.32
C TYR A 371 -3.56 -48.30 -37.16
N LEU A 372 -4.47 -47.47 -36.69
CA LEU A 372 -5.26 -47.76 -35.51
C LEU A 372 -6.47 -48.64 -35.80
N ALA A 373 -6.50 -49.34 -36.94
CA ALA A 373 -7.61 -50.21 -37.29
C ALA A 373 -7.43 -51.66 -36.85
N THR A 374 -6.19 -52.09 -36.57
CA THR A 374 -5.89 -53.52 -36.49
C THR A 374 -5.51 -53.97 -35.07
N GLY A 375 -4.46 -53.36 -34.51
CA GLY A 375 -3.90 -53.82 -33.27
C GLY A 375 -4.25 -52.91 -32.10
N LYS A 376 -3.98 -53.42 -30.89
CA LYS A 376 -4.23 -52.67 -29.62
C LYS A 376 -2.94 -51.96 -29.20
N SER A 377 -3.04 -51.03 -28.24
CA SER A 377 -1.88 -50.27 -27.71
C SER A 377 -1.13 -49.55 -28.83
N LYS A 378 -1.86 -48.89 -29.73
CA LYS A 378 -1.24 -48.12 -30.84
C LYS A 378 -1.64 -46.64 -30.73
N VAL A 379 -0.66 -45.73 -30.81
CA VAL A 379 -0.95 -44.30 -30.74
C VAL A 379 -0.37 -43.66 -31.98
N CYS A 380 -0.98 -42.57 -32.43
CA CYS A 380 -0.49 -41.80 -33.57
C CYS A 380 -0.27 -40.35 -33.19
N CYS A 381 0.39 -39.62 -34.08
CA CYS A 381 0.59 -38.18 -33.96
C CYS A 381 0.89 -37.61 -35.34
N VAL A 382 -0.11 -37.02 -35.96
CA VAL A 382 -0.21 -36.83 -37.40
C VAL A 382 -0.16 -35.35 -37.76
N LYS A 383 0.33 -35.07 -38.96
CA LYS A 383 0.48 -33.70 -39.45
C LYS A 383 -0.77 -33.26 -40.18
N LEU A 384 -1.19 -32.01 -39.91
CA LEU A 384 -2.37 -31.44 -40.52
C LEU A 384 -2.12 -29.99 -40.85
N THR A 385 -2.67 -29.56 -41.98
CA THR A 385 -2.83 -28.15 -42.26
C THR A 385 -4.19 -27.74 -41.73
N ALA A 386 -4.51 -26.46 -41.86
CA ALA A 386 -5.81 -25.94 -41.44
C ALA A 386 -6.72 -25.91 -42.65
N MET A 387 -7.63 -26.88 -42.71
CA MET A 387 -8.65 -26.95 -43.74
C MET A 387 -9.84 -27.67 -43.12
N ASP A 388 -10.95 -27.68 -43.85
CA ASP A 388 -12.14 -28.35 -43.35
C ASP A 388 -11.92 -29.85 -43.39
N LEU A 389 -12.03 -30.50 -42.24
CA LEU A 389 -11.76 -31.92 -42.11
C LEU A 389 -12.76 -32.57 -41.18
N GLU A 390 -12.81 -33.90 -41.24
CA GLU A 390 -13.72 -34.71 -40.44
C GLU A 390 -12.89 -35.43 -39.38
N LEU A 391 -12.89 -34.86 -38.17
CA LEU A 391 -12.00 -35.24 -37.09
C LEU A 391 -12.74 -35.92 -35.95
N PRO A 392 -12.11 -36.84 -35.23
CA PRO A 392 -12.74 -37.35 -34.00
C PRO A 392 -12.80 -36.30 -32.90
N VAL A 393 -13.96 -36.25 -32.25
CA VAL A 393 -14.23 -35.31 -31.16
C VAL A 393 -13.20 -35.46 -30.04
N SER A 394 -13.06 -36.68 -29.52
CA SER A 394 -12.26 -36.92 -28.33
C SER A 394 -10.76 -36.85 -28.56
N ALA A 395 -10.31 -36.56 -29.78
CA ALA A 395 -8.88 -36.49 -30.05
C ALA A 395 -8.28 -35.21 -29.48
N LYS A 396 -6.95 -35.18 -29.44
CA LYS A 396 -6.18 -34.16 -28.75
C LYS A 396 -5.29 -33.40 -29.73
N LEU A 397 -5.39 -32.08 -29.71
CA LEU A 397 -4.63 -31.23 -30.61
C LEU A 397 -3.35 -30.75 -29.95
N LEU A 398 -2.32 -30.53 -30.77
CA LEU A 398 -1.03 -30.02 -30.35
C LEU A 398 -0.55 -28.94 -31.29
N HIS A 399 -0.14 -27.82 -30.72
CA HIS A 399 0.56 -26.76 -31.45
C HIS A 399 1.75 -26.28 -30.65
N HIS A 400 2.64 -27.19 -30.27
CA HIS A 400 3.92 -26.79 -29.75
C HIS A 400 4.59 -25.84 -30.73
N PRO A 401 5.35 -24.87 -30.26
CA PRO A 401 5.79 -23.79 -31.15
C PRO A 401 6.75 -24.27 -32.20
N THR A 402 7.02 -23.40 -33.15
CA THR A 402 7.88 -23.68 -34.28
C THR A 402 8.65 -22.44 -34.65
N THR A 403 9.34 -22.52 -35.78
CA THR A 403 9.98 -21.34 -36.35
C THR A 403 8.96 -20.23 -36.55
N GLU A 404 7.91 -20.51 -37.32
CA GLU A 404 6.93 -19.51 -37.70
C GLU A 404 5.60 -20.20 -37.94
N ILE A 405 4.54 -19.50 -37.59
CA ILE A 405 3.18 -20.00 -37.76
C ILE A 405 2.79 -19.81 -39.21
N ARG A 406 2.61 -20.92 -39.93
CA ARG A 406 2.14 -20.90 -41.31
C ARG A 406 1.12 -22.01 -41.57
N SER A 407 0.12 -22.14 -40.70
CA SER A 407 -1.02 -23.03 -40.87
C SER A 407 -0.69 -24.51 -40.83
N GLU A 408 -0.20 -25.00 -39.70
CA GLU A 408 -0.23 -26.43 -39.44
C GLU A 408 -0.19 -26.67 -37.94
N PHE A 409 -0.84 -27.75 -37.55
CA PHE A 409 -1.01 -28.18 -36.18
C PHE A 409 -1.06 -29.69 -36.24
N TYR A 410 -0.69 -30.35 -35.15
CA TYR A 410 -0.66 -31.80 -35.14
C TYR A 410 -1.70 -32.37 -34.19
N LEU A 411 -2.17 -33.55 -34.53
CA LEU A 411 -3.23 -34.25 -33.87
C LEU A 411 -2.72 -35.61 -33.46
N LEU A 412 -3.06 -36.04 -32.25
CA LEU A 412 -2.73 -37.37 -31.79
C LEU A 412 -4.00 -38.14 -31.48
N LEU A 413 -3.92 -39.45 -31.66
CA LEU A 413 -5.07 -40.33 -31.57
C LEU A 413 -4.73 -41.53 -30.72
N ASP A 414 -5.80 -42.08 -30.14
CA ASP A 414 -5.82 -43.31 -29.29
C ASP A 414 -6.77 -44.31 -29.95
N ILE A 415 -6.77 -45.57 -29.47
CA ILE A 415 -7.61 -46.64 -30.09
C ILE A 415 -9.10 -46.28 -30.04
N TRP A 416 -9.57 -45.67 -28.95
CA TRP A 416 -11.02 -45.34 -28.81
C TRP A 416 -11.41 -44.01 -29.48
N ASP A 417 -10.45 -43.33 -30.12
CA ASP A 417 -10.74 -42.04 -30.81
C ASP A 417 -11.29 -42.32 -32.22
N VAL A 418 -11.43 -43.60 -32.56
CA VAL A 418 -11.90 -44.05 -33.87
C VAL A 418 -13.26 -44.73 -33.76
N ASN A 419 -13.66 -45.16 -32.57
CA ASN A 419 -14.80 -46.05 -32.43
C ASN A 419 -16.10 -45.23 -32.45
N ASN A 420 -16.47 -44.84 -33.67
CA ASN A 420 -17.75 -44.18 -33.94
C ASN A 420 -17.84 -42.81 -33.24
N ILE A 421 -16.80 -42.01 -33.40
CA ILE A 421 -16.77 -40.63 -32.95
C ILE A 421 -16.14 -39.78 -34.05
N LYS A 422 -16.95 -38.95 -34.72
CA LYS A 422 -16.43 -38.08 -35.77
C LYS A 422 -17.26 -36.81 -35.86
N ARG A 423 -16.57 -35.69 -36.07
CA ARG A 423 -17.19 -34.37 -36.27
C ARG A 423 -16.53 -33.66 -37.45
N PHE A 424 -17.29 -32.76 -38.05
CA PHE A 424 -16.79 -31.87 -39.09
C PHE A 424 -16.33 -30.55 -38.46
N ILE A 425 -15.15 -30.10 -38.82
CA ILE A 425 -14.53 -28.90 -38.27
C ILE A 425 -14.32 -27.92 -39.42
N PRO A 426 -14.69 -26.64 -39.28
CA PRO A 426 -14.41 -25.71 -40.36
C PRO A 426 -12.97 -25.23 -40.35
N LYS A 427 -12.61 -24.57 -41.45
CA LYS A 427 -11.26 -24.09 -41.68
C LYS A 427 -10.79 -23.13 -40.59
N GLY A 428 -11.47 -21.99 -40.48
CA GLY A 428 -11.02 -20.96 -39.56
C GLY A 428 -11.14 -21.31 -38.10
N ALA A 429 -11.81 -22.42 -37.78
CA ALA A 429 -11.82 -22.88 -36.40
C ALA A 429 -10.49 -23.48 -35.98
N LEU A 430 -9.63 -23.81 -36.96
CA LEU A 430 -8.30 -24.34 -36.70
C LEU A 430 -7.27 -23.23 -36.63
N TYR A 431 -7.33 -22.26 -37.55
CA TYR A 431 -6.45 -21.10 -37.48
C TYR A 431 -6.60 -20.38 -36.16
N SER A 432 -7.81 -20.31 -35.63
CA SER A 432 -8.04 -19.72 -34.33
C SER A 432 -7.39 -20.51 -33.22
N PHE A 433 -7.17 -21.81 -33.42
CA PHE A 433 -6.41 -22.61 -32.46
C PHE A 433 -4.92 -22.41 -32.66
N ILE A 434 -4.49 -22.42 -33.92
CA ILE A 434 -3.09 -22.24 -34.25
C ILE A 434 -2.58 -20.92 -33.69
N ASN A 435 -3.25 -19.83 -34.02
CA ASN A 435 -2.62 -18.51 -33.95
C ASN A 435 -2.57 -17.98 -32.54
N ASN A 436 -3.45 -18.44 -31.65
CA ASN A 436 -3.56 -17.89 -30.31
C ASN A 436 -3.21 -18.87 -29.21
N VAL A 437 -3.36 -20.18 -29.46
CA VAL A 437 -3.14 -21.20 -28.44
C VAL A 437 -1.80 -21.87 -28.70
N ILE A 438 -0.82 -21.54 -27.85
CA ILE A 438 0.45 -22.24 -27.79
C ILE A 438 0.30 -23.34 -26.75
N THR A 439 0.64 -24.57 -27.12
CA THR A 439 0.66 -25.64 -26.16
C THR A 439 1.80 -25.40 -25.19
N ASP A 440 1.55 -25.67 -23.91
CA ASP A 440 2.47 -25.32 -22.84
C ASP A 440 3.25 -26.52 -22.32
N ASN A 441 2.74 -27.73 -22.53
CA ASN A 441 3.18 -28.86 -21.72
C ASN A 441 2.91 -30.15 -22.46
N VAL A 442 3.92 -31.02 -22.54
CA VAL A 442 3.75 -32.35 -23.08
C VAL A 442 2.91 -33.23 -22.18
N PHE A 443 2.80 -32.88 -20.91
CA PHE A 443 2.03 -33.66 -19.93
C PHE A 443 0.59 -33.19 -19.98
N ILE A 444 -0.20 -33.83 -20.83
CA ILE A 444 -1.58 -33.45 -21.09
C ILE A 444 -2.54 -34.42 -20.43
N GLN A 445 -2.12 -35.09 -19.37
CA GLN A 445 -2.94 -36.11 -18.76
C GLN A 445 -3.89 -35.48 -17.76
N SER A 446 -4.94 -36.23 -17.42
CA SER A 446 -6.08 -35.66 -16.72
C SER A 446 -5.69 -35.14 -15.34
N PRO A 447 -6.46 -34.22 -14.76
CA PRO A 447 -6.09 -33.69 -13.44
C PRO A 447 -6.13 -34.72 -12.34
N PHE A 448 -5.45 -34.39 -11.24
CA PHE A 448 -5.44 -35.22 -10.05
C PHE A 448 -6.65 -34.86 -9.19
N LYS A 449 -7.52 -35.83 -8.99
CA LYS A 449 -8.58 -35.69 -8.01
C LYS A 449 -7.94 -35.68 -6.63
N ILE A 450 -8.24 -34.66 -5.84
CA ILE A 450 -7.57 -34.45 -4.57
C ILE A 450 -8.28 -35.29 -3.52
N ARG A 451 -7.86 -36.53 -3.36
CA ARG A 451 -8.36 -37.38 -2.29
C ARG A 451 -7.30 -38.41 -1.94
N THR A 452 -7.40 -38.93 -0.72
CA THR A 452 -6.42 -39.85 -0.15
C THR A 452 -6.47 -41.21 -0.84
N SER A 453 -5.34 -41.92 -0.74
CA SER A 453 -5.26 -43.29 -1.21
C SER A 453 -4.21 -44.02 -0.40
N VAL A 454 -4.29 -45.35 -0.41
CA VAL A 454 -3.47 -46.20 0.46
C VAL A 454 -2.49 -47.05 -0.34
N SER A 455 -2.76 -47.26 -1.63
CA SER A 455 -1.80 -47.86 -2.54
C SER A 455 -0.85 -46.84 -3.15
N ASP A 456 -1.19 -45.57 -3.08
CA ASP A 456 -0.52 -44.52 -3.83
C ASP A 456 0.60 -43.93 -2.99
N TYR A 457 1.80 -43.89 -3.57
CA TYR A 457 2.80 -42.96 -3.13
C TYR A 457 2.69 -41.69 -3.94
N ILE A 458 2.10 -40.66 -3.35
CA ILE A 458 1.78 -39.42 -4.05
C ILE A 458 2.95 -38.46 -3.86
N VAL A 459 3.47 -37.97 -4.96
CA VAL A 459 4.36 -36.82 -4.97
C VAL A 459 3.58 -35.62 -5.47
N ALA A 460 3.83 -34.46 -4.87
CA ALA A 460 3.23 -33.21 -5.28
C ALA A 460 4.16 -32.10 -4.84
N LEU A 461 4.98 -31.60 -5.78
CA LEU A 461 6.11 -30.76 -5.42
C LEU A 461 5.82 -29.28 -5.60
N TYR A 462 5.29 -28.89 -6.75
CA TYR A 462 4.95 -27.49 -6.99
C TYR A 462 3.65 -27.38 -7.76
N ALA A 463 2.75 -28.34 -7.60
CA ALA A 463 1.47 -28.37 -8.29
C ALA A 463 0.33 -27.83 -7.42
N LEU A 464 0.23 -28.29 -6.19
CA LEU A 464 -0.78 -27.80 -5.28
C LEU A 464 -0.35 -26.43 -4.77
N SER A 465 -1.10 -25.90 -3.81
CA SER A 465 -1.06 -24.55 -3.25
C SER A 465 -1.74 -23.53 -4.14
N ASN A 466 -2.18 -23.91 -5.33
CA ASN A 466 -2.85 -22.95 -6.21
C ASN A 466 -4.22 -22.60 -5.65
N ASP A 467 -4.61 -21.35 -5.85
CA ASP A 467 -5.80 -20.82 -5.20
C ASP A 467 -7.08 -21.52 -5.63
N PHE A 468 -7.08 -22.14 -6.81
CA PHE A 468 -8.28 -22.75 -7.34
C PHE A 468 -8.55 -24.14 -6.79
N ASN A 469 -7.61 -24.72 -6.04
CA ASN A 469 -7.82 -26.01 -5.41
C ASN A 469 -8.43 -25.83 -4.04
N ASN A 470 -9.37 -26.72 -3.70
CA ASN A 470 -10.06 -26.65 -2.43
C ASN A 470 -9.05 -26.87 -1.31
N ARG A 471 -8.91 -25.86 -0.45
CA ARG A 471 -7.92 -25.90 0.62
C ARG A 471 -8.10 -27.12 1.51
N GLU A 472 -9.33 -27.38 1.95
CA GLU A 472 -9.53 -28.46 2.90
C GLU A 472 -9.26 -29.82 2.27
N ASP A 473 -9.50 -29.96 0.96
CA ASP A 473 -9.23 -31.25 0.32
C ASP A 473 -7.75 -31.55 0.29
N ILE A 474 -6.89 -30.54 0.10
CA ILE A 474 -5.46 -30.79 0.14
C ILE A 474 -4.99 -30.97 1.57
N ILE A 475 -5.55 -30.21 2.51
CA ILE A 475 -5.26 -30.43 3.92
C ILE A 475 -5.56 -31.86 4.31
N ASN A 476 -6.75 -32.35 3.97
CA ASN A 476 -7.11 -33.72 4.34
C ASN A 476 -6.30 -34.72 3.53
N LEU A 477 -5.87 -34.34 2.33
CA LEU A 477 -4.94 -35.19 1.59
C LEU A 477 -3.62 -35.33 2.32
N ILE A 478 -3.25 -34.32 3.09
CA ILE A 478 -1.98 -34.36 3.81
C ILE A 478 -2.15 -35.03 5.16
N ASN A 479 -3.26 -34.78 5.83
CA ASN A 479 -3.47 -35.31 7.17
C ASN A 479 -3.91 -36.76 7.16
N ASN A 480 -4.88 -37.10 6.33
CA ASN A 480 -5.53 -38.39 6.36
C ASN A 480 -4.89 -39.37 5.39
N GLN A 481 -3.58 -39.29 5.21
CA GLN A 481 -2.91 -39.99 4.14
C GLN A 481 -1.50 -40.35 4.55
N LYS A 482 -1.14 -41.60 4.30
CA LYS A 482 0.20 -42.12 4.42
C LYS A 482 0.75 -42.33 3.02
N GLN A 483 2.04 -42.65 2.90
CA GLN A 483 2.67 -42.88 1.59
C GLN A 483 2.66 -41.63 0.72
N SER A 484 3.43 -40.60 1.04
CA SER A 484 3.49 -39.47 0.12
C SER A 484 4.73 -38.62 0.32
N LEU A 485 4.82 -37.59 -0.52
CA LEU A 485 5.81 -36.53 -0.46
C LEU A 485 5.15 -35.29 -1.03
N ILE A 486 4.62 -34.45 -0.16
CA ILE A 486 3.82 -33.30 -0.55
C ILE A 486 4.59 -32.05 -0.18
N THR A 487 4.43 -31.02 -1.01
CA THR A 487 4.99 -29.71 -0.80
C THR A 487 3.88 -28.69 -0.80
N VAL A 488 3.97 -27.72 0.11
CA VAL A 488 3.05 -26.59 0.15
C VAL A 488 3.84 -25.37 0.58
N ARG A 489 3.29 -24.20 0.31
CA ARG A 489 3.98 -22.96 0.61
C ARG A 489 3.76 -22.56 2.06
N ILE A 490 4.77 -21.94 2.63
CA ILE A 490 4.72 -21.44 4.00
C ILE A 490 4.17 -20.02 3.98
N ASN A 491 3.46 -19.66 5.05
CA ASN A 491 3.03 -18.28 5.24
C ASN A 491 4.22 -17.48 5.72
N ASN A 492 5.04 -17.02 4.78
CA ASN A 492 6.29 -16.35 5.06
C ASN A 492 6.12 -14.87 5.39
N THR A 493 4.88 -14.37 5.43
CA THR A 493 4.61 -12.96 5.67
C THR A 493 4.00 -12.76 7.04
N PHE A 494 3.79 -11.49 7.36
CA PHE A 494 3.21 -11.05 8.61
C PHE A 494 1.78 -10.59 8.37
N LYS A 495 1.02 -10.45 9.46
CA LYS A 495 -0.44 -10.21 9.42
C LYS A 495 -1.21 -11.37 8.82
N ASP A 496 -0.64 -12.58 8.89
CA ASP A 496 -1.34 -13.85 8.62
C ASP A 496 -2.22 -13.81 7.36
N GLU A 497 -1.59 -13.53 6.22
CA GLU A 497 -2.30 -13.51 4.96
C GLU A 497 -2.46 -14.93 4.43
N PRO A 498 -3.68 -15.45 4.27
CA PRO A 498 -3.80 -16.86 3.85
C PRO A 498 -3.43 -17.13 2.40
N LYS A 499 -3.52 -16.14 1.50
CA LYS A 499 -3.20 -16.34 0.09
C LYS A 499 -2.26 -15.25 -0.41
N VAL A 500 -1.19 -15.68 -1.08
CA VAL A 500 -0.05 -14.84 -1.42
C VAL A 500 0.33 -15.17 -2.85
N GLY A 501 0.77 -14.16 -3.59
CA GLY A 501 1.12 -14.38 -4.97
C GLY A 501 2.03 -13.34 -5.59
N PHE A 502 1.93 -13.19 -6.92
CA PHE A 502 2.81 -12.32 -7.70
C PHE A 502 2.05 -11.24 -8.44
N LYS A 503 0.81 -10.95 -8.05
CA LYS A 503 -0.14 -10.12 -8.79
C LYS A 503 -0.57 -10.76 -10.10
N SER A 504 -0.28 -12.03 -10.31
CA SER A 504 -0.77 -12.81 -11.43
C SER A 504 -1.71 -13.88 -10.91
N ILE A 505 -1.20 -14.71 -10.01
CA ILE A 505 -1.95 -15.75 -9.36
C ILE A 505 -1.61 -15.72 -7.88
N TYR A 506 -2.58 -16.10 -7.06
CA TYR A 506 -2.37 -16.25 -5.63
C TYR A 506 -2.30 -17.73 -5.32
N ASP A 507 -1.61 -18.07 -4.23
CA ASP A 507 -1.45 -19.44 -3.79
C ASP A 507 -1.74 -19.56 -2.30
N TRP A 508 -2.33 -20.68 -1.93
CA TRP A 508 -2.69 -20.91 -0.53
C TRP A 508 -1.43 -21.06 0.32
N THR A 509 -1.41 -20.41 1.47
CA THR A 509 -0.26 -20.38 2.34
C THR A 509 -0.58 -21.01 3.68
N PHE A 510 0.39 -21.78 4.18
CA PHE A 510 0.23 -22.61 5.35
C PHE A 510 1.22 -22.25 6.45
N LEU A 511 0.90 -22.69 7.65
CA LEU A 511 1.88 -22.91 8.69
C LEU A 511 2.09 -24.40 8.90
N PRO A 512 3.10 -24.78 9.66
CA PRO A 512 3.28 -26.21 9.98
C PRO A 512 2.13 -26.81 10.76
N THR A 513 1.40 -25.97 11.50
CA THR A 513 0.43 -26.44 12.49
C THR A 513 -0.96 -26.57 11.92
N ASP A 514 -1.08 -26.58 10.60
CA ASP A 514 -2.36 -26.82 9.96
C ASP A 514 -2.71 -28.30 9.93
N PHE A 515 -1.79 -29.16 10.33
CA PHE A 515 -1.81 -30.57 9.97
C PHE A 515 -1.61 -31.40 11.22
N GLU A 516 -2.58 -32.25 11.55
CA GLU A 516 -2.39 -33.30 12.56
C GLU A 516 -2.10 -34.64 11.87
N THR A 517 -0.88 -34.72 11.35
CA THR A 517 -0.34 -35.96 10.85
C THR A 517 -0.13 -36.93 11.99
N THR A 518 0.27 -38.16 11.64
CA THR A 518 0.43 -39.22 12.62
C THR A 518 1.90 -39.53 12.69
N ASN A 519 2.58 -39.81 11.58
CA ASN A 519 4.02 -40.05 11.56
C ASN A 519 4.58 -39.43 10.30
N ALA A 520 4.97 -38.17 10.43
CA ALA A 520 5.40 -37.39 9.29
C ALA A 520 6.31 -36.25 9.70
N ILE A 521 7.25 -35.95 8.81
CA ILE A 521 8.14 -34.81 8.94
C ILE A 521 7.50 -33.66 8.21
N VAL A 522 7.65 -32.46 8.75
CA VAL A 522 7.25 -31.22 8.10
C VAL A 522 8.42 -30.26 8.21
N THR A 523 9.22 -30.19 7.15
CA THR A 523 10.48 -29.48 7.19
C THR A 523 10.61 -28.59 5.96
N SER A 524 11.81 -28.10 5.74
CA SER A 524 12.13 -27.17 4.65
C SER A 524 12.67 -27.91 3.44
N TYR A 525 13.19 -27.14 2.48
CA TYR A 525 13.81 -27.72 1.30
C TYR A 525 15.12 -28.38 1.65
N ASP A 526 15.94 -27.70 2.44
CA ASP A 526 17.27 -28.21 2.73
C ASP A 526 17.20 -29.45 3.59
N GLY A 527 16.19 -29.54 4.46
CA GLY A 527 16.05 -30.69 5.32
C GLY A 527 15.77 -31.96 4.55
N CYS A 528 14.97 -31.86 3.49
CA CYS A 528 14.59 -33.04 2.73
C CYS A 528 15.66 -33.45 1.74
N LEU A 529 16.53 -32.51 1.36
CA LEU A 529 17.72 -32.88 0.63
C LEU A 529 18.54 -33.86 1.45
N GLY A 530 18.66 -33.61 2.75
CA GLY A 530 19.38 -34.52 3.62
C GLY A 530 18.73 -35.88 3.70
N ILE A 531 17.40 -35.90 3.73
CA ILE A 531 16.67 -37.16 3.90
C ILE A 531 16.90 -38.08 2.71
N PHE A 532 17.04 -37.50 1.52
CA PHE A 532 17.12 -38.24 0.27
C PHE A 532 18.53 -38.37 -0.26
N GLY A 533 19.53 -37.87 0.46
CA GLY A 533 20.91 -38.03 0.06
C GLY A 533 21.54 -36.82 -0.55
N LEU A 534 21.16 -35.62 -0.13
CA LEU A 534 21.68 -34.39 -0.70
C LEU A 534 21.93 -33.35 0.39
N SER A 535 22.65 -32.31 0.00
CA SER A 535 22.92 -31.19 0.88
C SER A 535 23.31 -30.01 0.01
N ILE A 536 22.93 -28.83 0.48
CA ILE A 536 23.00 -27.62 -0.31
C ILE A 536 23.77 -26.56 0.46
N SER A 537 24.47 -25.71 -0.29
CA SER A 537 25.40 -24.78 0.31
C SER A 537 24.80 -23.43 0.64
N LEU A 538 23.62 -23.10 0.12
CA LEU A 538 22.99 -21.81 0.37
C LEU A 538 21.79 -22.03 1.27
N ALA A 539 21.64 -21.15 2.26
CA ALA A 539 20.53 -21.21 3.19
C ALA A 539 19.30 -20.58 2.57
N SER A 540 18.14 -20.88 3.15
CA SER A 540 16.91 -20.27 2.68
C SER A 540 16.76 -18.87 3.26
N LYS A 541 16.01 -18.06 2.57
CA LYS A 541 15.77 -16.69 2.96
C LYS A 541 14.50 -16.58 3.80
N PRO A 542 14.41 -15.59 4.69
CA PRO A 542 13.20 -15.48 5.52
C PRO A 542 11.96 -15.16 4.72
N THR A 543 12.09 -14.47 3.58
CA THR A 543 10.99 -14.21 2.68
C THR A 543 11.42 -14.53 1.26
N GLY A 544 10.43 -14.70 0.41
CA GLY A 544 10.59 -15.39 -0.85
C GLY A 544 9.81 -16.68 -0.83
N ASN A 545 9.88 -17.39 -1.96
CA ASN A 545 9.00 -18.54 -2.17
C ASN A 545 9.59 -19.78 -1.50
N ASN A 546 9.49 -19.77 -0.18
CA ASN A 546 9.81 -20.91 0.64
C ASN A 546 8.63 -21.87 0.66
N HIS A 547 8.92 -23.16 0.84
CA HIS A 547 7.89 -24.18 0.78
C HIS A 547 8.12 -25.24 1.84
N LEU A 548 7.07 -25.51 2.61
CA LEU A 548 7.00 -26.67 3.48
C LEU A 548 7.11 -27.92 2.64
N PHE A 549 7.85 -28.91 3.13
CA PHE A 549 7.84 -30.26 2.59
C PHE A 549 7.30 -31.18 3.64
N ILE A 550 6.59 -32.21 3.19
CA ILE A 550 5.82 -33.08 4.06
C ILE A 550 6.04 -34.51 3.60
N LEU A 551 6.71 -35.28 4.44
CA LEU A 551 6.99 -36.69 4.21
C LEU A 551 6.12 -37.50 5.15
N ASN A 552 5.18 -38.24 4.60
CA ASN A 552 4.27 -39.05 5.39
C ASN A 552 4.70 -40.51 5.36
N GLY A 553 4.53 -41.19 6.49
CA GLY A 553 4.66 -42.63 6.53
C GLY A 553 6.05 -43.17 6.29
N THR A 554 7.09 -42.38 6.57
CA THR A 554 8.46 -42.75 6.24
C THR A 554 9.20 -43.34 7.44
N ASP A 555 10.23 -44.12 7.14
CA ASP A 555 11.06 -44.78 8.15
C ASP A 555 11.75 -43.83 9.13
N LYS A 556 11.76 -42.53 8.85
CA LYS A 556 12.63 -41.59 9.55
C LYS A 556 11.89 -40.68 10.51
N TYR A 557 10.71 -41.09 11.01
CA TYR A 557 9.99 -40.22 11.93
C TYR A 557 10.58 -40.26 13.32
N TYR A 558 11.08 -41.41 13.76
CA TYR A 558 11.65 -41.57 15.08
C TYR A 558 13.07 -41.06 15.19
N LYS A 559 13.80 -40.97 14.08
CA LYS A 559 15.20 -40.55 14.11
C LYS A 559 15.26 -39.02 14.16
N LEU A 560 15.14 -38.51 15.38
CA LEU A 560 14.91 -37.10 15.56
C LEU A 560 16.18 -36.28 15.42
N ASP A 561 17.24 -36.66 16.13
CA ASP A 561 18.47 -35.89 16.14
C ASP A 561 19.33 -36.08 14.89
N GLN A 562 18.77 -36.65 13.83
CA GLN A 562 19.44 -36.94 12.57
C GLN A 562 19.00 -36.04 11.44
N PHE A 563 17.70 -36.01 11.20
CA PHE A 563 17.07 -35.42 10.03
C PHE A 563 15.98 -34.47 10.50
N ALA A 564 15.96 -33.26 9.94
CA ALA A 564 15.00 -32.24 10.37
C ALA A 564 15.13 -32.01 11.87
N ASN A 565 16.37 -31.88 12.32
CA ASN A 565 16.70 -31.84 13.73
C ASN A 565 16.88 -30.39 14.17
N HIS A 566 17.26 -30.20 15.44
CA HIS A 566 17.46 -28.89 16.07
C HIS A 566 18.67 -28.12 15.53
N THR A 567 19.33 -28.67 14.51
CA THR A 567 20.30 -27.93 13.74
C THR A 567 19.72 -26.60 13.25
N GLY A 568 20.54 -25.55 13.30
CA GLY A 568 20.18 -24.27 12.76
C GLY A 568 19.22 -23.44 13.60
N ILE A 569 18.87 -23.92 14.79
CA ILE A 569 17.75 -23.37 15.54
C ILE A 569 18.03 -21.95 16.02
N SER A 570 19.25 -21.66 16.46
CA SER A 570 19.59 -20.41 17.13
C SER A 570 20.45 -19.49 16.27
N ARG A 571 20.54 -19.76 14.96
CA ARG A 571 21.42 -18.99 14.10
C ARG A 571 21.04 -17.51 14.08
N ARG A 572 19.75 -17.22 13.98
CA ARG A 572 19.32 -15.83 13.89
C ARG A 572 19.30 -15.16 15.25
N SER A 573 19.04 -15.91 16.31
CA SER A 573 19.06 -15.33 17.64
C SER A 573 20.44 -14.79 17.99
N HIS A 574 21.48 -15.61 17.80
CA HIS A 574 22.86 -15.18 18.06
C HIS A 574 23.21 -13.89 17.30
N GLN A 575 22.67 -13.72 16.10
CA GLN A 575 22.85 -12.46 15.40
C GLN A 575 22.20 -11.31 16.16
N VAL A 576 21.01 -11.56 16.71
CA VAL A 576 20.27 -10.52 17.41
C VAL A 576 20.86 -10.28 18.79
N ARG A 577 21.26 -11.37 19.46
CA ARG A 577 21.71 -11.25 20.84
C ARG A 577 22.92 -10.35 20.96
N PHE A 578 23.91 -10.56 20.09
CA PHE A 578 25.22 -9.95 20.22
C PHE A 578 25.43 -8.76 19.31
N SER A 579 24.99 -8.85 18.05
CA SER A 579 25.37 -7.91 17.02
C SER A 579 24.32 -6.87 16.70
N GLU A 580 23.13 -7.32 16.29
CA GLU A 580 22.15 -6.44 15.65
C GLU A 580 21.38 -5.70 16.74
N SER A 581 22.09 -4.81 17.42
CA SER A 581 21.48 -3.76 18.21
C SER A 581 20.66 -4.30 19.37
N ALA A 582 21.36 -4.97 20.28
CA ALA A 582 20.75 -5.47 21.51
C ALA A 582 21.81 -6.05 22.42
N THR A 583 21.45 -6.16 23.71
CA THR A 583 22.29 -6.80 24.69
C THR A 583 22.18 -8.32 24.60
N SER A 584 23.27 -8.99 24.94
CA SER A 584 23.31 -10.44 24.85
C SER A 584 22.26 -11.12 25.71
N TYR A 585 21.81 -10.48 26.78
CA TYR A 585 20.81 -11.04 27.68
C TYR A 585 19.39 -10.65 27.30
N SER A 586 19.18 -10.12 26.09
CA SER A 586 17.85 -9.64 25.72
C SER A 586 16.82 -10.74 25.75
N GLY A 587 17.12 -11.90 25.18
CA GLY A 587 16.20 -13.00 25.26
C GLY A 587 16.08 -13.60 26.63
N TYR A 588 17.13 -13.49 27.43
CA TYR A 588 17.15 -13.99 28.79
C TYR A 588 16.38 -13.08 29.74
N ILE A 589 16.13 -11.83 29.35
CA ILE A 589 15.37 -10.91 30.17
C ILE A 589 13.90 -10.94 29.78
N PHE A 590 13.61 -10.98 28.47
CA PHE A 590 12.24 -10.82 28.01
C PHE A 590 11.36 -11.95 28.51
N ARG A 591 11.83 -13.18 28.41
CA ARG A 591 10.95 -14.31 28.66
C ARG A 591 10.63 -14.45 30.14
N ASP A 592 11.49 -13.94 31.01
CA ASP A 592 11.17 -13.93 32.43
C ASP A 592 10.17 -12.82 32.76
N LEU A 593 10.30 -11.66 32.11
CA LEU A 593 9.32 -10.61 32.30
C LEU A 593 7.95 -11.04 31.83
N SER A 594 7.90 -11.72 30.69
CA SER A 594 6.63 -12.14 30.12
C SER A 594 6.03 -13.36 30.79
N ASN A 595 6.73 -13.97 31.75
CA ASN A 595 6.20 -15.07 32.54
C ASN A 595 6.21 -14.75 34.03
N SER A 596 6.17 -13.47 34.39
CA SER A 596 5.95 -13.01 35.76
C SER A 596 7.05 -13.49 36.70
N ASN A 597 8.28 -13.44 36.22
CA ASN A 597 9.48 -13.46 37.05
C ASN A 597 10.22 -12.17 36.82
N PHE A 598 9.48 -11.09 36.81
CA PHE A 598 10.01 -9.80 36.40
C PHE A 598 10.77 -9.12 37.51
N ASN A 599 10.50 -9.47 38.76
CA ASN A 599 11.32 -8.96 39.84
C ASN A 599 12.77 -9.40 39.69
N LEU A 600 13.00 -10.62 39.18
CA LEU A 600 14.33 -11.22 39.15
C LEU A 600 14.71 -11.56 37.72
N ILE A 601 15.73 -10.87 37.23
CA ILE A 601 16.38 -11.24 35.97
C ILE A 601 17.88 -11.29 36.19
N GLY A 602 18.31 -11.58 37.42
CA GLY A 602 19.71 -11.80 37.70
C GLY A 602 20.14 -13.18 37.30
N THR A 603 19.31 -14.17 37.65
CA THR A 603 19.63 -15.58 37.41
C THR A 603 19.03 -16.04 36.09
N ASN A 604 19.31 -15.24 35.06
CA ASN A 604 18.90 -15.54 33.70
C ASN A 604 20.10 -15.87 32.82
N VAL A 605 21.30 -15.91 33.40
CA VAL A 605 22.45 -16.52 32.77
C VAL A 605 22.21 -18.01 32.55
N GLU A 606 21.90 -18.71 33.64
CA GLU A 606 21.59 -20.13 33.61
C GLU A 606 20.31 -20.31 34.42
N ASN A 607 19.71 -21.49 34.28
CA ASN A 607 18.46 -21.87 34.93
C ASN A 607 17.25 -21.13 34.37
N SER A 608 17.38 -20.55 33.18
CA SER A 608 16.21 -20.05 32.47
C SER A 608 15.54 -21.21 31.74
N VAL A 609 14.38 -20.89 31.15
CA VAL A 609 13.51 -21.89 30.55
C VAL A 609 13.24 -21.49 29.09
N SER A 610 12.42 -22.28 28.41
CA SER A 610 11.90 -21.95 27.10
C SER A 610 12.99 -21.83 26.05
N GLY A 611 13.84 -22.84 25.93
CA GLY A 611 15.00 -22.74 25.06
C GLY A 611 14.73 -22.92 23.58
N HIS A 612 14.35 -24.13 23.18
CA HIS A 612 14.25 -24.45 21.77
C HIS A 612 13.05 -23.78 21.14
N VAL A 613 11.95 -23.71 21.87
CA VAL A 613 10.66 -23.43 21.26
C VAL A 613 10.52 -21.95 20.99
N TYR A 614 10.89 -21.12 21.96
CA TYR A 614 10.79 -19.67 21.80
C TYR A 614 11.52 -19.21 20.56
N ASN A 615 12.61 -19.89 20.23
CA ASN A 615 13.34 -19.58 19.02
C ASN A 615 12.64 -20.15 17.80
N ALA A 616 11.96 -21.28 17.97
CA ALA A 616 11.25 -21.89 16.87
C ALA A 616 10.01 -21.10 16.50
N LEU A 617 9.51 -20.28 17.44
CA LEU A 617 8.23 -19.59 17.24
C LEU A 617 8.42 -18.21 16.63
N ILE A 618 9.37 -17.42 17.14
CA ILE A 618 9.48 -16.04 16.68
C ILE A 618 10.33 -15.95 15.43
N TYR A 619 11.26 -16.88 15.23
CA TYR A 619 12.06 -16.94 14.01
C TYR A 619 11.72 -18.16 13.16
N TYR A 620 10.45 -18.58 13.14
CA TYR A 620 10.04 -19.69 12.28
C TYR A 620 10.38 -19.43 10.82
N ARG A 621 10.42 -18.16 10.40
CA ARG A 621 10.66 -17.86 9.00
C ARG A 621 12.05 -18.31 8.58
N TYR A 622 12.99 -18.38 9.53
CA TYR A 622 14.34 -18.82 9.28
C TYR A 622 14.53 -20.30 9.50
N ASN A 623 13.93 -20.86 10.55
CA ASN A 623 14.25 -22.20 11.04
C ASN A 623 13.05 -23.12 11.05
N TYR A 624 12.11 -22.95 10.13
CA TYR A 624 11.03 -23.91 9.98
C TYR A 624 11.53 -25.27 9.48
N SER A 625 12.80 -25.36 9.09
CA SER A 625 13.44 -26.65 8.85
C SER A 625 13.37 -27.56 10.06
N PHE A 626 13.29 -26.98 11.25
CA PHE A 626 13.07 -27.74 12.47
C PHE A 626 11.59 -27.95 12.68
N ASP A 627 11.12 -29.18 12.47
CA ASP A 627 9.71 -29.47 12.74
C ASP A 627 9.52 -29.52 14.25
N LEU A 628 9.00 -28.40 14.75
CA LEU A 628 8.72 -28.26 16.16
C LEU A 628 7.77 -29.32 16.67
N LYS A 629 6.78 -29.66 15.87
CA LYS A 629 5.72 -30.54 16.31
C LYS A 629 6.22 -31.96 16.50
N ARG A 630 7.05 -32.43 15.56
CA ARG A 630 7.68 -33.74 15.69
C ARG A 630 8.58 -33.81 16.90
N TRP A 631 9.21 -32.69 17.25
CA TRP A 631 10.09 -32.66 18.41
C TRP A 631 9.31 -32.89 19.70
N ILE A 632 8.06 -32.44 19.76
CA ILE A 632 7.32 -32.43 21.01
C ILE A 632 6.67 -33.78 21.24
N TYR A 633 6.08 -34.35 20.20
CA TYR A 633 5.37 -35.61 20.34
C TYR A 633 6.30 -36.73 20.77
N LEU A 634 7.54 -36.71 20.28
CA LEU A 634 8.49 -37.74 20.62
C LEU A 634 9.13 -37.55 21.99
N HIS A 635 8.74 -36.51 22.72
CA HIS A 635 9.16 -36.31 24.09
C HIS A 635 7.99 -36.44 25.06
N SER A 636 6.76 -36.32 24.54
CA SER A 636 5.60 -36.82 25.27
C SER A 636 5.80 -38.27 25.64
N VAL A 637 6.32 -39.06 24.71
CA VAL A 637 6.53 -40.48 24.87
C VAL A 637 7.96 -40.76 24.42
N GLU A 638 8.75 -41.38 25.30
CA GLU A 638 10.19 -41.46 25.09
C GLU A 638 10.50 -42.43 23.97
N LYS A 639 10.76 -41.89 22.78
CA LYS A 639 11.06 -42.69 21.60
C LYS A 639 12.17 -42.02 20.78
N TYR A 647 19.67 -38.72 25.82
CA TYR A 647 19.74 -37.44 25.10
C TYR A 647 19.18 -36.28 25.93
N TYR A 648 17.92 -35.94 25.71
CA TYR A 648 17.37 -34.65 26.11
C TYR A 648 16.05 -34.88 26.83
N GLU A 649 15.70 -33.93 27.69
CA GLU A 649 14.40 -33.95 28.34
C GLU A 649 14.18 -32.59 28.99
N HIS A 650 13.00 -32.03 28.77
CA HIS A 650 12.54 -30.84 29.45
C HIS A 650 11.17 -31.13 30.03
N ALA A 651 10.75 -30.30 30.97
CA ALA A 651 9.45 -30.51 31.55
C ALA A 651 8.34 -30.03 30.63
N PRO A 652 7.13 -30.56 30.79
CA PRO A 652 5.97 -29.97 30.14
C PRO A 652 5.79 -28.49 30.39
N ILE A 653 6.04 -28.04 31.62
CA ILE A 653 5.77 -26.66 32.00
C ILE A 653 6.54 -25.68 31.13
N GLU A 654 7.75 -26.05 30.72
CA GLU A 654 8.63 -25.10 30.05
C GLU A 654 8.07 -24.70 28.69
N LEU A 655 7.37 -25.62 28.03
CA LEU A 655 6.90 -25.38 26.68
C LEU A 655 5.77 -24.36 26.62
N ILE A 656 4.96 -24.28 27.68
CA ILE A 656 3.88 -23.30 27.73
C ILE A 656 4.45 -21.90 27.86
N TYR A 657 5.43 -21.74 28.74
CA TYR A 657 6.10 -20.46 28.93
C TYR A 657 6.83 -20.02 27.67
N ALA A 658 7.30 -20.98 26.88
CA ALA A 658 7.87 -20.64 25.59
C ALA A 658 6.80 -20.09 24.67
N CYS A 659 5.61 -20.70 24.69
CA CYS A 659 4.51 -20.22 23.87
C CYS A 659 4.00 -18.87 24.36
N LYS A 660 3.80 -18.72 25.67
CA LYS A 660 3.21 -17.50 26.21
C LYS A 660 4.09 -16.30 25.91
N SER A 661 5.41 -16.49 25.90
CA SER A 661 6.31 -15.38 25.70
C SER A 661 6.38 -14.98 24.24
N ALA A 662 6.22 -15.95 23.34
CA ALA A 662 6.19 -15.64 21.92
C ALA A 662 4.95 -14.83 21.56
N LYS A 663 3.84 -15.12 22.22
CA LYS A 663 2.64 -14.30 22.06
C LYS A 663 2.93 -12.85 22.40
N GLU A 664 3.40 -12.62 23.63
CA GLU A 664 3.79 -11.30 24.08
C GLU A 664 4.76 -10.63 23.12
N PHE A 665 5.77 -11.38 22.68
CA PHE A 665 6.75 -10.85 21.74
C PHE A 665 6.08 -10.43 20.44
N ALA A 666 5.15 -11.25 19.96
CA ALA A 666 4.49 -10.98 18.69
C ALA A 666 3.41 -9.92 18.86
N SER A 667 2.99 -9.65 20.09
CA SER A 667 2.01 -8.61 20.34
C SER A 667 2.64 -7.23 20.17
N LEU A 668 3.79 -7.02 20.81
CA LEU A 668 4.48 -5.74 20.69
C LEU A 668 4.86 -5.47 19.24
N GLN A 669 5.54 -6.43 18.63
CA GLN A 669 5.81 -6.45 17.20
C GLN A 669 4.56 -6.39 16.34
N ASP A 670 3.44 -6.90 16.85
CA ASP A 670 2.21 -7.09 16.06
C ASP A 670 2.48 -8.00 14.86
N ASP A 671 3.05 -9.17 15.14
CA ASP A 671 3.24 -10.23 14.14
C ASP A 671 2.14 -11.26 14.39
N LEU A 672 1.00 -11.06 13.74
CA LEU A 672 -0.16 -11.90 13.98
C LEU A 672 0.04 -13.34 13.55
N THR A 673 1.12 -13.65 12.82
CA THR A 673 1.36 -15.02 12.38
C THR A 673 2.04 -15.85 13.46
N VAL A 674 3.05 -15.29 14.13
CA VAL A 674 3.57 -15.93 15.32
C VAL A 674 2.47 -16.07 16.36
N LEU A 675 1.69 -15.01 16.50
CA LEU A 675 0.61 -14.98 17.48
C LEU A 675 -0.38 -16.11 17.23
N ARG A 676 -0.68 -16.40 15.97
CA ARG A 676 -1.48 -17.57 15.66
C ARG A 676 -0.69 -18.83 15.97
N TYR A 677 0.53 -18.90 15.44
CA TYR A 677 1.39 -20.07 15.60
C TYR A 677 1.62 -20.39 17.07
N ALA A 678 1.63 -19.39 17.93
CA ALA A 678 1.71 -19.68 19.36
C ALA A 678 0.43 -20.34 19.86
N ASN A 679 -0.72 -19.82 19.44
CA ASN A 679 -2.00 -20.43 19.80
C ASN A 679 -2.11 -21.83 19.21
N GLU A 680 -1.58 -22.01 18.00
CA GLU A 680 -1.63 -23.30 17.32
C GLU A 680 -0.89 -24.37 18.10
N ILE A 681 0.18 -23.98 18.80
CA ILE A 681 1.06 -24.96 19.44
C ILE A 681 0.54 -25.29 20.83
N GLU A 682 0.22 -24.26 21.62
CA GLU A 682 -0.02 -24.46 23.03
C GLU A 682 -1.22 -25.36 23.29
N ASN A 683 -2.22 -25.32 22.42
CA ASN A 683 -3.35 -26.21 22.59
C ASN A 683 -3.09 -27.56 21.92
N TYR A 684 -2.03 -27.64 21.12
CA TYR A 684 -1.50 -28.94 20.71
C TYR A 684 -0.61 -29.52 21.80
N ILE A 685 0.05 -28.65 22.56
CA ILE A 685 0.77 -29.14 23.74
C ILE A 685 -0.21 -29.73 24.73
N ASN A 686 -1.32 -29.03 24.98
CA ASN A 686 -2.40 -29.55 25.80
C ASN A 686 -3.18 -30.68 25.15
N LYS A 687 -2.85 -31.07 23.92
CA LYS A 687 -3.51 -32.16 23.23
C LYS A 687 -2.81 -33.50 23.46
N VAL A 688 -1.55 -33.60 23.04
CA VAL A 688 -0.83 -34.86 23.13
C VAL A 688 -0.63 -35.25 24.59
N TYR A 689 -0.65 -34.26 25.48
CA TYR A 689 -0.65 -34.55 26.90
C TYR A 689 -1.38 -33.44 27.63
N SER A 690 -2.10 -33.80 28.69
CA SER A 690 -2.73 -32.83 29.56
C SER A 690 -1.72 -32.29 30.57
N ILE A 691 -2.08 -31.14 31.15
CA ILE A 691 -1.38 -30.57 32.28
C ILE A 691 -2.42 -30.25 33.34
N THR A 692 -2.12 -30.62 34.58
CA THR A 692 -2.98 -30.37 35.72
C THR A 692 -2.27 -29.44 36.69
N TYR A 693 -3.06 -28.65 37.40
CA TYR A 693 -2.54 -27.64 38.31
C TYR A 693 -3.23 -27.70 39.66
N ALA A 694 -2.45 -27.94 40.69
CA ALA A 694 -2.93 -27.81 42.07
C ALA A 694 -2.89 -26.34 42.49
N ASP A 695 -3.87 -25.60 41.97
CA ASP A 695 -3.88 -24.16 42.18
C ASP A 695 -4.09 -23.79 43.64
N ASP A 696 -5.02 -24.47 44.33
CA ASP A 696 -5.21 -24.31 45.76
C ASP A 696 -4.90 -25.66 46.41
N PRO A 697 -3.64 -25.98 46.63
CA PRO A 697 -3.26 -27.35 46.99
C PRO A 697 -3.60 -27.71 48.42
N ASN A 698 -3.32 -28.98 48.74
CA ASN A 698 -3.49 -29.50 50.10
C ASN A 698 -2.17 -29.90 50.75
N TYR A 699 -1.23 -30.47 50.00
CA TYR A 699 0.04 -30.93 50.54
C TYR A 699 1.18 -30.14 49.89
N PHE A 700 2.37 -30.31 50.45
CA PHE A 700 3.55 -29.74 49.81
C PHE A 700 4.81 -30.48 50.25
N ILE A 701 5.82 -30.41 49.38
CA ILE A 701 7.12 -31.02 49.62
C ILE A 701 8.02 -29.92 50.17
N GLY A 702 8.60 -30.18 51.33
CA GLY A 702 9.44 -29.22 52.00
C GLY A 702 10.83 -29.77 52.24
N ILE A 703 11.80 -28.86 52.29
CA ILE A 703 13.21 -29.18 52.44
C ILE A 703 13.74 -28.26 53.52
N LYS A 704 14.30 -28.85 54.58
CA LYS A 704 14.91 -28.11 55.67
C LYS A 704 16.43 -28.16 55.53
N PHE A 705 17.09 -27.10 55.97
CA PHE A 705 18.54 -26.96 55.89
C PHE A 705 19.16 -26.77 57.27
N ASN A 706 20.46 -27.09 57.34
CA ASN A 706 21.21 -27.00 58.59
C ASN A 706 21.23 -25.59 59.13
N ASN A 707 21.63 -24.63 58.30
CA ASN A 707 21.76 -23.25 58.73
C ASN A 707 21.67 -22.35 57.52
N ILE A 708 20.92 -21.27 57.67
CA ILE A 708 20.71 -20.29 56.61
C ILE A 708 21.62 -19.12 56.90
N PRO A 709 22.60 -18.74 56.00
CA PRO A 709 23.57 -17.68 56.30
C PRO A 709 23.01 -16.27 56.11
N TYR A 710 21.77 -16.05 56.52
CA TYR A 710 21.07 -14.79 56.35
C TYR A 710 20.38 -14.45 57.66
N ILE A 711 19.77 -13.27 57.69
CA ILE A 711 18.93 -12.83 58.80
C ILE A 711 17.52 -13.27 58.47
N TYR A 712 16.77 -13.69 59.49
CA TYR A 712 15.40 -14.09 59.25
C TYR A 712 14.60 -14.03 60.54
N ASP A 713 13.30 -13.78 60.38
CA ASP A 713 12.36 -13.68 61.48
C ASP A 713 11.29 -14.76 61.45
N VAL A 714 11.04 -15.39 60.29
CA VAL A 714 10.22 -16.59 60.27
C VAL A 714 10.87 -17.64 61.17
N LYS A 715 10.04 -18.35 61.93
CA LYS A 715 10.56 -19.23 62.97
C LYS A 715 11.28 -20.43 62.36
N VAL A 716 10.78 -20.91 61.22
CA VAL A 716 11.36 -22.06 60.53
C VAL A 716 11.51 -21.72 59.05
N PRO A 717 12.67 -21.28 58.58
CA PRO A 717 12.84 -21.10 57.14
C PRO A 717 12.92 -22.45 56.44
N HIS A 718 12.35 -22.51 55.25
CA HIS A 718 12.26 -23.76 54.52
C HIS A 718 12.12 -23.46 53.05
N LEU A 719 12.50 -24.44 52.25
CA LEU A 719 12.21 -24.43 50.83
C LEU A 719 10.96 -25.25 50.58
N THR A 720 9.90 -24.59 50.13
CA THR A 720 8.72 -25.27 49.63
C THR A 720 9.02 -25.72 48.20
N PHE A 721 9.48 -26.95 48.06
CA PHE A 721 10.02 -27.40 46.79
C PHE A 721 8.93 -27.61 45.76
N GLY A 722 7.72 -27.90 46.19
CA GLY A 722 6.61 -28.06 45.27
C GLY A 722 5.35 -28.43 46.02
N VAL A 723 4.22 -28.16 45.38
CA VAL A 723 2.91 -28.35 45.97
C VAL A 723 2.13 -29.32 45.09
N LEU A 724 1.14 -29.96 45.68
CA LEU A 724 0.36 -30.98 45.02
C LEU A 724 -1.00 -31.11 45.66
N TYR A 725 -1.99 -31.45 44.84
CA TYR A 725 -3.36 -31.68 45.26
C TYR A 725 -3.71 -33.13 44.95
N ILE A 726 -3.89 -33.93 46.00
CA ILE A 726 -4.09 -35.36 45.85
C ILE A 726 -5.13 -35.84 46.85
N SER A 727 -5.53 -37.11 46.66
CA SER A 727 -6.35 -37.80 47.64
C SER A 727 -5.47 -38.34 48.75
N ASP A 728 -6.09 -38.64 49.89
CA ASP A 728 -5.33 -38.91 51.10
C ASP A 728 -4.82 -40.34 51.15
N ASN A 729 -5.17 -41.18 50.17
CA ASN A 729 -4.57 -42.51 50.05
C ASN A 729 -3.79 -42.68 48.75
N MET A 730 -3.36 -41.59 48.13
CA MET A 730 -2.25 -41.59 47.19
C MET A 730 -0.96 -41.06 47.80
N ILE A 731 -0.98 -40.75 49.09
CA ILE A 731 0.28 -40.61 49.82
C ILE A 731 1.17 -41.84 49.63
N PRO A 732 0.68 -43.08 49.72
CA PRO A 732 1.60 -44.23 49.67
C PRO A 732 2.33 -44.41 48.36
N ASP A 733 1.87 -43.85 47.23
CA ASP A 733 2.63 -43.89 45.99
C ASP A 733 3.29 -42.57 45.63
N VAL A 734 2.99 -41.49 46.35
CA VAL A 734 3.84 -40.31 46.29
C VAL A 734 5.18 -40.62 46.94
N VAL A 735 5.15 -41.30 48.09
CA VAL A 735 6.38 -41.53 48.84
C VAL A 735 7.37 -42.40 48.09
N LYS A 736 6.91 -43.21 47.13
CA LYS A 736 7.82 -43.90 46.22
C LYS A 736 8.82 -42.92 45.61
N ILE A 737 8.27 -41.86 45.00
CA ILE A 737 9.04 -40.85 44.22
C ILE A 737 10.07 -40.14 45.12
N MET A 738 9.67 -39.75 46.33
CA MET A 738 10.63 -39.08 47.24
C MET A 738 11.76 -40.06 47.56
N LYS A 739 11.39 -41.32 47.83
CA LYS A 739 12.34 -42.43 48.13
C LYS A 739 13.22 -42.75 46.92
N SER A 740 12.65 -42.77 45.71
CA SER A 740 13.42 -43.21 44.56
C SER A 740 14.38 -42.14 44.07
N MET A 741 14.17 -40.88 44.48
CA MET A 741 15.05 -39.77 44.12
C MET A 741 15.53 -39.01 45.35
N LYS A 742 15.74 -39.71 46.46
CA LYS A 742 16.12 -39.02 47.69
C LYS A 742 17.52 -38.42 47.59
N GLN A 743 18.41 -39.03 46.79
CA GLN A 743 19.78 -38.56 46.73
C GLN A 743 20.01 -37.56 45.61
N GLU A 744 19.17 -37.57 44.57
CA GLU A 744 19.21 -36.51 43.58
C GLU A 744 18.74 -35.19 44.15
N LEU A 745 18.06 -35.22 45.29
CA LEU A 745 17.77 -34.05 46.10
C LEU A 745 18.88 -33.79 47.12
N PHE A 746 19.37 -34.83 47.80
CA PHE A 746 20.53 -34.65 48.68
C PHE A 746 21.79 -34.36 47.87
N GLY A 747 21.84 -34.81 46.61
CA GLY A 747 23.03 -34.72 45.81
C GLY A 747 23.09 -33.54 44.86
N MET A 748 22.08 -32.67 44.84
CA MET A 748 22.07 -31.54 43.93
C MET A 748 22.66 -30.31 44.61
N ASP A 749 23.34 -29.50 43.81
CA ASP A 749 24.15 -28.38 44.30
C ASP A 749 23.24 -27.22 44.68
N VAL A 750 22.60 -27.33 45.84
CA VAL A 750 21.85 -26.22 46.40
C VAL A 750 22.84 -25.13 46.75
N THR A 751 22.57 -23.91 46.29
CA THR A 751 23.40 -22.76 46.58
C THR A 751 22.52 -21.53 46.74
N THR A 752 22.95 -20.62 47.61
CA THR A 752 22.31 -19.34 47.79
C THR A 752 23.38 -18.26 47.75
N SER A 753 23.01 -17.13 47.16
CA SER A 753 23.96 -16.04 46.95
C SER A 753 23.38 -14.68 47.27
N TYR A 754 22.06 -14.56 47.43
CA TYR A 754 21.49 -13.25 47.69
C TYR A 754 20.06 -13.35 48.19
N THR A 755 19.54 -12.20 48.61
CA THR A 755 18.15 -12.02 49.00
C THR A 755 17.43 -11.16 47.98
N TYR A 756 16.12 -11.18 48.04
CA TYR A 756 15.33 -10.36 47.13
C TYR A 756 13.93 -10.19 47.68
N MET A 757 13.14 -9.43 46.93
CA MET A 757 11.73 -9.23 47.21
C MET A 757 10.90 -10.04 46.23
N LEU A 758 10.30 -11.11 46.71
CA LEU A 758 9.39 -11.89 45.89
C LEU A 758 8.09 -11.15 45.65
N SER A 759 7.67 -10.39 46.66
CA SER A 759 6.42 -9.65 46.64
C SER A 759 6.43 -8.73 47.85
N ASP A 760 5.36 -7.96 47.99
CA ASP A 760 5.23 -7.10 49.16
C ASP A 760 5.18 -7.95 50.42
N GLY A 761 5.90 -7.50 51.44
CA GLY A 761 5.92 -8.18 52.72
C GLY A 761 6.36 -9.62 52.68
N VAL A 762 7.15 -10.02 51.68
CA VAL A 762 7.70 -11.36 51.59
C VAL A 762 9.16 -11.21 51.17
N TYR A 763 10.07 -11.25 52.14
CA TYR A 763 11.50 -11.10 51.91
C TYR A 763 12.13 -12.47 51.99
N VAL A 764 12.86 -12.85 50.93
CA VAL A 764 13.25 -14.23 50.71
C VAL A 764 14.70 -14.28 50.25
N ALA A 765 15.22 -15.49 50.19
CA ALA A 765 16.49 -15.78 49.54
C ALA A 765 16.22 -16.34 48.15
N ASN A 766 17.30 -16.57 47.40
CA ASN A 766 17.23 -17.34 46.16
C ASN A 766 17.99 -18.64 46.29
N VAL A 767 17.38 -19.71 45.82
CA VAL A 767 17.99 -21.02 45.72
C VAL A 767 18.30 -21.26 44.25
N SER A 768 19.40 -21.96 43.98
CA SER A 768 19.86 -22.20 42.62
C SER A 768 20.27 -23.65 42.45
N GLY A 769 20.40 -24.07 41.19
CA GLY A 769 20.92 -25.38 40.86
C GLY A 769 20.00 -26.54 41.16
N VAL A 770 18.76 -26.30 41.57
CA VAL A 770 17.83 -27.36 41.95
C VAL A 770 16.83 -27.70 40.86
N LEU A 771 16.59 -26.80 39.91
CA LEU A 771 15.40 -26.89 39.07
C LEU A 771 15.37 -28.17 38.24
N ALA A 772 16.52 -28.64 37.77
CA ALA A 772 16.54 -29.81 36.90
C ALA A 772 15.91 -31.00 37.61
N THR A 773 16.26 -31.20 38.88
CA THR A 773 15.58 -32.20 39.68
C THR A 773 14.10 -31.88 39.83
N TYR A 774 13.76 -30.60 39.96
CA TYR A 774 12.36 -30.21 40.07
C TYR A 774 11.60 -30.55 38.79
N PHE A 775 12.26 -30.39 37.64
CA PHE A 775 11.58 -30.69 36.39
C PHE A 775 11.43 -32.19 36.20
N LYS A 776 12.42 -32.99 36.61
CA LYS A 776 12.27 -34.43 36.56
C LYS A 776 11.15 -34.90 37.47
N MET A 777 11.11 -34.33 38.67
CA MET A 777 10.11 -34.72 39.70
C MET A 777 8.70 -34.49 39.12
N TYR A 778 8.51 -33.38 38.41
CA TYR A 778 7.19 -33.06 37.80
C TYR A 778 6.85 -34.17 36.80
N ASN A 779 7.83 -34.59 36.00
CA ASN A 779 7.62 -35.68 35.00
C ASN A 779 7.33 -37.02 35.69
N LEU A 780 8.07 -37.35 36.76
CA LEU A 780 7.87 -38.66 37.46
C LEU A 780 6.46 -38.73 38.05
N PHE A 781 6.03 -37.66 38.72
CA PHE A 781 4.67 -37.60 39.32
C PHE A 781 3.62 -37.64 38.20
N TYR A 782 3.93 -36.96 37.11
CA TYR A 782 3.01 -36.79 35.97
C TYR A 782 2.49 -38.13 35.49
N LYS A 783 3.38 -39.00 35.02
CA LYS A 783 2.95 -40.26 34.43
C LYS A 783 2.29 -41.18 35.45
N ASN A 784 2.54 -40.98 36.74
CA ASN A 784 1.74 -41.60 37.79
C ASN A 784 0.45 -40.83 38.06
N GLN A 785 0.09 -39.85 37.23
CA GLN A 785 -1.20 -39.18 37.27
C GLN A 785 -1.42 -38.49 38.61
N ILE A 786 -0.41 -37.76 39.06
CA ILE A 786 -0.46 -36.99 40.29
C ILE A 786 -0.34 -35.52 39.91
N THR A 787 -1.26 -34.71 40.42
CA THR A 787 -1.17 -33.26 40.22
C THR A 787 0.07 -32.73 40.94
N PHE A 788 0.70 -31.73 40.34
CA PHE A 788 1.89 -31.12 40.94
C PHE A 788 2.19 -29.83 40.21
N GLY A 789 2.39 -28.77 40.98
CA GLY A 789 2.72 -27.47 40.41
C GLY A 789 1.50 -26.61 40.18
N GLN A 790 1.74 -25.30 40.20
CA GLN A 790 0.72 -24.28 39.95
C GLN A 790 0.97 -23.62 38.60
N SER A 791 -0.05 -22.90 38.14
CA SER A 791 0.05 -22.16 36.90
C SER A 791 1.04 -21.01 36.98
N ARG A 792 1.39 -20.57 38.18
CA ARG A 792 2.50 -19.64 38.36
C ARG A 792 3.79 -20.33 37.97
N MET A 793 4.83 -19.52 37.77
CA MET A 793 6.17 -20.08 37.62
C MET A 793 6.79 -20.31 38.98
N PHE A 794 7.18 -21.54 39.24
CA PHE A 794 7.84 -21.89 40.49
C PHE A 794 9.25 -21.34 40.50
N ILE A 795 9.44 -20.24 41.22
CA ILE A 795 10.76 -19.70 41.50
C ILE A 795 11.13 -20.17 42.89
N PRO A 796 12.09 -21.09 43.07
CA PRO A 796 12.37 -21.60 44.41
C PRO A 796 12.92 -20.51 45.31
N HIS A 797 12.41 -20.47 46.54
CA HIS A 797 12.79 -19.41 47.46
C HIS A 797 12.70 -19.92 48.88
N ILE A 798 13.58 -19.40 49.72
CA ILE A 798 13.57 -19.62 51.15
C ILE A 798 13.04 -18.32 51.76
N THR A 799 12.00 -18.43 52.57
CA THR A 799 11.44 -17.26 53.22
C THR A 799 12.28 -16.87 54.43
N LEU A 800 12.46 -15.57 54.60
CA LEU A 800 13.26 -15.00 55.69
C LEU A 800 12.43 -14.12 56.62
N SER A 801 11.67 -13.18 56.07
CA SER A 801 10.97 -12.22 56.90
C SER A 801 9.83 -11.61 56.11
N PHE A 802 8.78 -11.23 56.85
CA PHE A 802 7.64 -10.52 56.29
C PHE A 802 7.82 -9.01 56.50
N SER A 803 8.78 -8.47 55.75
CA SER A 803 9.04 -7.03 55.73
C SER A 803 9.35 -6.63 54.30
N ASN A 804 9.90 -5.42 54.15
CA ASN A 804 10.40 -4.94 52.86
C ASN A 804 11.80 -4.39 53.11
N ASN A 805 12.81 -5.08 52.58
CA ASN A 805 14.20 -4.81 52.91
C ASN A 805 15.02 -4.71 51.62
N LYS A 806 16.34 -4.62 51.76
CA LYS A 806 17.27 -4.46 50.66
C LYS A 806 17.93 -5.77 50.28
N THR A 807 18.06 -5.98 48.98
CA THR A 807 18.86 -7.07 48.45
C THR A 807 20.29 -7.00 48.99
N VAL A 808 20.70 -8.04 49.71
CA VAL A 808 22.05 -8.19 50.22
C VAL A 808 22.72 -9.32 49.46
N ARG A 809 23.93 -9.05 48.96
CA ARG A 809 24.71 -10.03 48.22
C ARG A 809 25.74 -10.66 49.13
N ILE A 810 25.92 -11.97 49.01
CA ILE A 810 27.01 -12.69 49.66
C ILE A 810 27.72 -13.52 48.60
N GLU A 811 28.84 -14.10 49.02
CA GLU A 811 29.51 -15.09 48.18
C GLU A 811 28.59 -16.29 47.99
N THR A 812 28.77 -16.99 46.88
CA THR A 812 27.94 -18.15 46.60
C THR A 812 28.21 -19.24 47.64
N THR A 813 27.28 -19.36 48.58
CA THR A 813 27.44 -20.22 49.75
C THR A 813 26.58 -21.44 49.57
N LYS A 814 27.19 -22.62 49.66
CA LYS A 814 26.48 -23.87 49.47
C LYS A 814 25.68 -24.20 50.71
N LEU A 815 24.44 -24.62 50.50
CA LEU A 815 23.53 -25.06 51.54
C LEU A 815 23.24 -26.52 51.27
N ARG A 816 23.00 -27.29 52.33
CA ARG A 816 22.77 -28.72 52.22
C ARG A 816 21.60 -29.14 53.11
N ILE A 817 21.12 -30.35 52.89
CA ILE A 817 19.78 -30.73 53.34
C ILE A 817 19.87 -31.41 54.70
N LYS A 818 19.20 -30.81 55.67
CA LYS A 818 18.80 -31.50 56.89
C LYS A 818 17.92 -32.69 56.55
N SER A 819 16.78 -32.42 55.93
CA SER A 819 15.77 -33.43 55.67
C SER A 819 14.87 -32.94 54.55
N ILE A 820 14.02 -33.85 54.09
CA ILE A 820 12.94 -33.55 53.16
C ILE A 820 11.67 -33.98 53.88
N TYR A 821 10.54 -33.36 53.55
CA TYR A 821 9.31 -33.75 54.19
C TYR A 821 8.12 -33.40 53.32
N LEU A 822 7.10 -34.24 53.41
CA LEU A 822 5.81 -34.03 52.76
C LEU A 822 4.81 -33.56 53.80
N ARG A 823 4.36 -32.33 53.67
CA ARG A 823 3.57 -31.66 54.68
C ARG A 823 2.16 -31.39 54.19
N LYS A 824 1.21 -31.52 55.10
CA LYS A 824 -0.15 -31.10 54.84
C LYS A 824 -0.31 -29.62 55.14
N ILE A 825 -0.85 -28.89 54.16
CA ILE A 825 -1.08 -27.47 54.32
C ILE A 825 -2.06 -27.25 55.45
N ARG A 826 -1.65 -26.44 56.43
CA ARG A 826 -2.41 -26.19 57.64
C ARG A 826 -2.90 -27.49 58.26
N GLY A 827 -1.92 -28.35 58.56
CA GLY A 827 -2.14 -29.58 59.29
C GLY A 827 -1.04 -29.68 60.33
N ASP A 828 -1.23 -30.61 61.26
CA ASP A 828 -0.35 -30.74 62.42
C ASP A 828 0.57 -31.95 62.35
N THR A 829 0.56 -32.69 61.24
CA THR A 829 1.35 -33.90 61.11
C THR A 829 1.81 -34.08 59.67
N VAL A 830 2.86 -34.89 59.53
CA VAL A 830 3.37 -35.34 58.24
C VAL A 830 3.24 -36.86 58.22
N PHE A 831 3.66 -37.46 57.10
CA PHE A 831 3.71 -38.91 57.00
C PHE A 831 4.96 -39.43 56.27
N ASP A 832 5.80 -38.57 55.71
CA ASP A 832 7.06 -39.01 55.14
C ASP A 832 8.11 -37.93 55.33
N MET A 833 9.33 -38.37 55.63
CA MET A 833 10.49 -37.49 55.56
C MET A 833 11.77 -38.30 55.31
N PRO A 834 12.35 -38.22 54.10
CA PRO A 834 13.67 -38.82 53.90
C PRO A 834 14.74 -38.14 54.74
N GLU A 835 15.85 -38.84 54.94
CA GLU A 835 17.01 -38.29 55.62
C GLU A 835 18.30 -38.97 55.13
N MET B 1 31.27 -1.66 13.73
CA MET B 1 32.27 -2.55 13.18
C MET B 1 33.26 -3.04 14.23
N LYS B 2 33.68 -2.16 15.12
CA LYS B 2 34.27 -2.55 16.39
C LYS B 2 35.53 -3.40 16.20
N VAL B 3 36.56 -2.75 15.69
CA VAL B 3 37.86 -3.40 15.54
C VAL B 3 38.49 -3.52 16.92
N LEU B 4 38.89 -4.74 17.28
CA LEU B 4 39.54 -5.02 18.55
C LEU B 4 40.93 -5.55 18.26
N ALA B 5 41.94 -4.77 18.62
CA ALA B 5 43.33 -5.05 18.31
C ALA B 5 43.96 -5.81 19.47
N LEU B 6 44.46 -7.01 19.20
CA LEU B 6 44.91 -7.94 20.21
C LEU B 6 46.43 -8.04 20.23
N ARG B 7 46.96 -8.44 21.37
CA ARG B 7 48.39 -8.57 21.55
C ARG B 7 48.95 -9.65 20.63
N HIS B 8 50.17 -9.40 20.13
CA HIS B 8 50.82 -10.31 19.19
C HIS B 8 50.93 -11.72 19.75
N SER B 9 51.62 -11.86 20.88
CA SER B 9 51.89 -13.17 21.47
C SER B 9 50.78 -13.65 22.40
N VAL B 10 49.73 -12.86 22.60
CA VAL B 10 48.62 -13.22 23.48
C VAL B 10 47.33 -12.92 22.73
N ALA B 11 46.78 -13.92 22.07
CA ALA B 11 45.64 -13.68 21.20
C ALA B 11 45.04 -15.02 20.78
N GLN B 12 43.71 -15.10 20.85
CA GLN B 12 43.00 -16.37 20.73
C GLN B 12 41.81 -16.23 19.78
N VAL B 13 41.66 -17.22 18.89
CA VAL B 13 40.43 -17.44 18.15
C VAL B 13 39.70 -18.61 18.79
N TYR B 14 38.45 -18.39 19.19
CA TYR B 14 37.62 -19.42 19.78
C TYR B 14 36.32 -19.53 18.99
N ALA B 15 35.44 -20.42 19.44
CA ALA B 15 34.18 -20.65 18.74
C ALA B 15 33.21 -19.50 19.01
N ASP B 16 33.52 -18.35 18.43
CA ASP B 16 32.75 -17.13 18.63
C ASP B 16 31.72 -17.00 17.50
N THR B 17 30.87 -15.96 17.59
CA THR B 17 29.70 -15.89 16.72
C THR B 17 29.83 -14.94 15.55
N GLN B 18 30.59 -13.84 15.68
CA GLN B 18 30.77 -12.88 14.58
C GLN B 18 32.19 -12.40 14.43
N ILE B 19 33.13 -13.32 14.28
CA ILE B 19 34.56 -13.00 14.33
C ILE B 19 35.23 -13.40 13.02
N TYR B 20 35.78 -12.41 12.34
CA TYR B 20 36.83 -12.60 11.36
C TYR B 20 38.15 -12.30 12.04
N THR B 21 39.23 -12.67 11.36
CA THR B 21 40.57 -12.32 11.79
C THR B 21 41.28 -11.67 10.62
N HIS B 22 42.14 -10.70 10.95
CA HIS B 22 42.93 -10.03 9.94
C HIS B 22 44.31 -9.78 10.51
N ASP B 23 45.32 -9.92 9.65
CA ASP B 23 46.70 -9.76 10.07
C ASP B 23 47.58 -9.54 8.85
N ASP B 24 48.22 -8.38 8.76
CA ASP B 24 49.10 -8.10 7.62
C ASP B 24 49.90 -6.85 7.91
N THR B 25 50.97 -6.68 7.13
CA THR B 25 51.86 -5.53 7.20
C THR B 25 52.16 -4.94 5.83
N LYS B 26 51.20 -5.02 4.90
CA LYS B 26 51.40 -4.51 3.54
C LYS B 26 51.70 -3.01 3.52
N ASP B 27 50.75 -2.23 4.05
CA ASP B 27 50.78 -0.77 4.03
C ASP B 27 49.66 -0.32 4.95
N SER B 28 49.91 0.75 5.70
CA SER B 28 49.02 1.10 6.80
C SER B 28 47.61 1.39 6.33
N TYR B 29 47.43 2.33 5.41
CA TYR B 29 46.07 2.70 5.03
C TYR B 29 45.44 1.68 4.10
N GLU B 30 46.24 0.98 3.30
CA GLU B 30 45.68 -0.10 2.49
C GLU B 30 45.17 -1.24 3.36
N ASN B 31 45.74 -1.42 4.55
CA ASN B 31 45.26 -2.46 5.44
C ASN B 31 43.93 -2.06 6.05
N ALA B 32 43.84 -0.82 6.52
CA ALA B 32 42.60 -0.33 7.10
C ALA B 32 41.48 -0.36 6.08
N PHE B 33 41.80 -0.08 4.82
CA PHE B 33 40.80 -0.19 3.76
C PHE B 33 40.29 -1.61 3.64
N LEU B 34 41.20 -2.57 3.61
CA LEU B 34 40.82 -3.96 3.44
C LEU B 34 40.00 -4.46 4.61
N ILE B 35 40.32 -3.96 5.81
CA ILE B 35 39.49 -4.21 6.98
C ILE B 35 38.11 -3.62 6.76
N SER B 36 38.05 -2.33 6.45
CA SER B 36 36.80 -1.60 6.43
C SER B 36 35.81 -2.12 5.39
N ASN B 37 36.25 -2.93 4.45
CA ASN B 37 35.36 -3.65 3.55
C ASN B 37 35.11 -5.08 4.00
N LEU B 38 35.32 -5.38 5.28
CA LEU B 38 34.98 -6.69 5.80
C LEU B 38 33.53 -6.69 6.26
N THR B 39 32.91 -7.87 6.19
CA THR B 39 31.48 -7.99 6.34
C THR B 39 31.05 -7.86 7.79
N THR B 40 31.55 -8.71 8.67
CA THR B 40 30.98 -8.94 9.98
C THR B 40 31.09 -7.70 10.87
N HIS B 41 30.56 -7.84 12.08
CA HIS B 41 30.41 -6.74 13.03
C HIS B 41 31.53 -6.69 14.06
N ASN B 42 32.29 -7.77 14.25
CA ASN B 42 33.33 -7.83 15.26
C ASN B 42 34.56 -8.48 14.65
N ILE B 43 35.68 -7.78 14.70
CA ILE B 43 36.88 -8.14 13.94
C ILE B 43 38.05 -8.14 14.91
N LEU B 44 38.83 -9.22 14.89
CA LEU B 44 40.04 -9.34 15.66
C LEU B 44 41.22 -9.02 14.74
N TYR B 45 42.05 -8.09 15.16
CA TYR B 45 43.15 -7.56 14.37
C TYR B 45 44.44 -7.82 15.15
N PHE B 46 45.14 -8.89 14.79
CA PHE B 46 46.08 -9.55 15.69
C PHE B 46 47.42 -8.85 15.81
N ASN B 47 48.02 -8.41 14.71
CA ASN B 47 49.26 -7.63 14.83
C ASN B 47 49.14 -6.34 14.00
N TYR B 48 49.45 -5.24 14.67
CA TYR B 48 48.93 -3.94 14.32
C TYR B 48 50.00 -2.88 14.54
N SER B 49 49.73 -1.71 13.99
CA SER B 49 50.48 -0.51 14.30
C SER B 49 49.47 0.58 14.60
N ALA B 50 49.91 1.59 15.35
CA ALA B 50 48.99 2.62 15.84
C ALA B 50 48.35 3.38 14.69
N ARG B 51 49.05 3.52 13.57
CA ARG B 51 48.52 4.35 12.49
C ARG B 51 47.35 3.70 11.78
N THR B 52 47.32 2.37 11.72
CA THR B 52 46.14 1.69 11.19
C THR B 52 44.92 1.86 12.07
N LEU B 53 45.12 2.04 13.37
CA LEU B 53 44.00 2.32 14.27
C LEU B 53 43.59 3.77 14.18
N GLU B 54 44.57 4.66 13.99
CA GLU B 54 44.29 6.07 13.81
C GLU B 54 43.36 6.31 12.63
N ILE B 55 43.67 5.70 11.49
CA ILE B 55 42.90 5.93 10.28
C ILE B 55 41.46 5.49 10.47
N LEU B 56 41.26 4.29 10.99
CA LEU B 56 39.92 3.80 11.27
C LEU B 56 39.17 4.69 12.26
N ASN B 57 39.81 5.05 13.37
CA ASN B 57 39.13 5.89 14.35
C ASN B 57 38.80 7.24 13.75
N LYS B 58 39.64 7.71 12.85
CA LYS B 58 39.36 8.91 12.06
C LYS B 58 38.25 8.69 11.05
N SER B 59 38.04 7.45 10.62
CA SER B 59 37.00 7.11 9.68
C SER B 59 35.67 6.82 10.35
N GLY B 60 35.55 7.10 11.64
CA GLY B 60 34.38 6.74 12.39
C GLY B 60 34.31 5.29 12.83
N ILE B 61 35.23 4.46 12.40
CA ILE B 61 35.27 3.05 12.80
C ILE B 61 35.97 2.99 14.15
N ALA B 62 35.26 2.47 15.14
CA ALA B 62 35.84 2.31 16.45
C ALA B 62 36.90 1.20 16.42
N ALA B 63 38.13 1.58 16.73
CA ALA B 63 39.27 0.67 16.68
C ALA B 63 40.16 0.99 17.87
N ILE B 64 40.41 -0.04 18.69
CA ILE B 64 40.90 0.15 20.04
C ILE B 64 41.93 -0.93 20.34
N GLU B 65 42.80 -0.64 21.31
CA GLU B 65 43.83 -1.58 21.74
C GLU B 65 43.27 -2.48 22.84
N ILE B 66 43.58 -3.78 22.74
CA ILE B 66 43.21 -4.75 23.76
C ILE B 66 44.48 -5.40 24.28
N GLN B 67 44.69 -5.30 25.59
CA GLN B 67 45.88 -5.80 26.25
C GLN B 67 45.64 -7.06 27.09
N SER B 68 44.39 -7.47 27.27
CA SER B 68 44.07 -8.58 28.16
C SER B 68 42.71 -9.12 27.81
N LEU B 69 42.45 -10.33 28.30
CA LEU B 69 41.41 -11.19 27.77
C LEU B 69 40.24 -11.42 28.72
N GLU B 70 40.50 -11.43 30.03
CA GLU B 70 39.49 -11.89 30.98
C GLU B 70 38.31 -10.94 31.05
N GLU B 71 38.57 -9.64 31.14
CA GLU B 71 37.52 -8.64 31.29
C GLU B 71 37.72 -7.45 30.35
N LEU B 72 38.96 -7.19 29.94
CA LEU B 72 39.20 -6.09 29.01
C LEU B 72 38.69 -6.43 27.63
N PHE B 73 38.49 -7.72 27.35
CA PHE B 73 38.09 -8.17 26.03
C PHE B 73 36.64 -8.62 26.01
N THR B 74 36.18 -9.22 27.11
CA THR B 74 34.84 -9.79 27.14
C THR B 74 33.80 -8.70 27.31
N LEU B 75 34.15 -7.63 28.02
CA LEU B 75 33.21 -6.54 28.29
C LEU B 75 33.24 -5.47 27.22
N ILE B 76 34.33 -5.37 26.45
CA ILE B 76 34.38 -4.53 25.26
C ILE B 76 33.73 -5.21 24.07
N ARG B 77 33.12 -6.38 24.28
CA ARG B 77 32.25 -6.93 23.27
C ARG B 77 31.13 -5.96 22.90
N CYS B 78 30.29 -5.61 23.87
CA CYS B 78 29.11 -4.79 23.67
C CYS B 78 29.44 -3.46 22.99
N ASN B 79 28.41 -2.82 22.47
CA ASN B 79 28.59 -1.68 21.58
C ASN B 79 28.89 -0.41 22.36
N PHE B 80 29.53 0.53 21.68
CA PHE B 80 30.11 1.66 22.40
C PHE B 80 30.44 2.80 21.46
N THR B 81 30.86 3.89 22.07
CA THR B 81 31.35 5.08 21.40
C THR B 81 32.70 5.43 22.02
N TYR B 82 33.67 5.75 21.18
CA TYR B 82 35.06 5.87 21.58
C TYR B 82 35.59 7.25 21.21
N ASP B 83 36.16 7.92 22.21
CA ASP B 83 36.86 9.19 22.02
C ASP B 83 38.33 8.88 21.86
N TYR B 84 38.81 8.87 20.63
CA TYR B 84 40.11 8.33 20.30
C TYR B 84 41.26 9.31 20.55
N GLU B 85 41.02 10.37 21.31
CA GLU B 85 42.05 11.34 21.65
C GLU B 85 42.29 11.41 23.16
N ASN B 86 41.27 11.09 23.95
CA ASN B 86 41.40 10.92 25.39
C ASN B 86 41.27 9.47 25.82
N ASN B 87 41.01 8.56 24.87
CA ASN B 87 40.91 7.12 25.13
C ASN B 87 39.88 6.82 26.22
N VAL B 88 38.65 7.24 25.96
CA VAL B 88 37.51 6.96 26.84
C VAL B 88 36.49 6.18 26.03
N VAL B 89 35.95 5.12 26.63
CA VAL B 89 34.93 4.28 26.02
C VAL B 89 33.60 4.56 26.70
N TYR B 90 32.63 4.97 25.90
CA TYR B 90 31.26 5.18 26.35
C TYR B 90 30.46 3.97 25.92
N LEU B 91 30.24 3.03 26.84
CA LEU B 91 29.48 1.85 26.51
C LEU B 91 28.01 2.17 26.48
N HIS B 92 27.26 1.37 25.73
CA HIS B 92 25.83 1.51 25.56
C HIS B 92 25.12 0.18 25.78
N ASP B 93 25.41 -0.44 26.92
CA ASP B 93 24.96 -1.78 27.24
C ASP B 93 23.84 -1.67 28.28
N TYR B 94 22.67 -2.23 27.96
CA TYR B 94 21.58 -2.33 28.90
C TYR B 94 21.54 -3.66 29.64
N SER B 95 22.70 -4.25 29.90
CA SER B 95 22.77 -5.48 30.68
C SER B 95 22.78 -5.22 32.18
N TYR B 96 22.79 -3.95 32.60
CA TYR B 96 22.67 -3.60 34.01
C TYR B 96 21.29 -3.88 34.59
N TYR B 97 20.33 -4.25 33.76
CA TYR B 97 19.05 -4.68 34.29
C TYR B 97 19.15 -5.98 35.07
N THR B 98 20.19 -6.77 34.83
CA THR B 98 20.30 -8.09 35.43
C THR B 98 20.44 -8.05 36.94
N ASN B 99 21.26 -7.16 37.49
CA ASN B 99 21.32 -6.96 38.93
C ASN B 99 20.13 -6.14 39.45
N ASN B 100 19.10 -5.95 38.62
CA ASN B 100 17.78 -5.46 39.03
C ASN B 100 17.83 -4.03 39.53
N GLU B 101 18.20 -3.13 38.62
CA GLU B 101 18.15 -1.71 38.86
C GLU B 101 17.84 -1.02 37.53
N ILE B 102 17.33 0.20 37.65
CA ILE B 102 17.43 1.18 36.58
C ILE B 102 18.51 2.17 37.03
N ARG B 103 18.86 3.09 36.15
CA ARG B 103 19.85 4.09 36.49
C ARG B 103 19.54 5.40 35.78
N THR B 104 19.67 6.49 36.52
CA THR B 104 19.42 7.82 36.04
C THR B 104 20.71 8.61 36.13
N ASP B 105 20.65 9.85 35.66
CA ASP B 105 21.73 10.80 35.82
C ASP B 105 21.21 12.14 36.33
N GLN B 106 20.16 12.12 37.15
CA GLN B 106 19.62 13.30 37.80
C GLN B 106 19.39 12.97 39.27
N HIS B 107 20.03 13.73 40.16
CA HIS B 107 20.06 13.39 41.57
C HIS B 107 18.68 13.53 42.23
N TRP B 108 17.82 14.38 41.69
CA TRP B 108 16.59 14.73 42.39
C TRP B 108 15.63 13.55 42.50
N ILE B 109 15.67 12.61 41.56
CA ILE B 109 14.68 11.54 41.58
C ILE B 109 14.95 10.58 42.72
N THR B 110 16.18 10.54 43.22
CA THR B 110 16.53 9.64 44.30
C THR B 110 15.84 9.98 45.61
N LYS B 111 15.44 11.25 45.81
CA LYS B 111 14.84 11.69 47.05
C LYS B 111 13.33 11.64 47.03
N THR B 112 12.74 11.14 45.95
CA THR B 112 11.31 10.94 45.85
C THR B 112 10.91 9.67 46.60
N ASN B 113 9.66 9.27 46.40
CA ASN B 113 9.12 8.02 46.90
C ASN B 113 9.13 6.93 45.85
N ILE B 114 9.82 7.15 44.73
CA ILE B 114 9.68 6.34 43.53
C ILE B 114 9.95 4.87 43.76
N GLU B 115 10.83 4.54 44.70
CA GLU B 115 11.15 3.15 44.95
C GLU B 115 9.97 2.41 45.56
N GLU B 116 9.00 3.13 46.13
CA GLU B 116 7.70 2.54 46.42
C GLU B 116 6.95 2.14 45.17
N TYR B 117 7.30 2.71 44.02
CA TYR B 117 6.50 2.60 42.80
C TYR B 117 7.22 1.82 41.71
N LEU B 118 8.48 1.44 41.92
CA LEU B 118 9.14 0.49 41.06
C LEU B 118 8.60 -0.91 41.30
N LEU B 119 8.87 -1.79 40.35
CA LEU B 119 8.55 -3.20 40.51
C LEU B 119 9.25 -3.74 41.75
N PRO B 120 8.71 -4.78 42.40
CA PRO B 120 9.28 -5.24 43.67
C PRO B 120 10.68 -5.82 43.55
N GLY B 121 11.64 -5.16 44.18
CA GLY B 121 13.00 -5.61 44.23
C GLY B 121 13.98 -4.72 43.51
N TRP B 122 13.48 -3.79 42.72
CA TRP B 122 14.30 -2.95 41.87
C TRP B 122 14.70 -1.69 42.62
N LYS B 123 15.71 -1.01 42.08
CA LYS B 123 16.22 0.22 42.67
C LYS B 123 16.73 1.12 41.56
N LEU B 124 17.23 2.28 41.96
CA LEU B 124 17.92 3.19 41.06
C LEU B 124 19.09 3.84 41.79
N THR B 125 20.15 4.12 41.05
CA THR B 125 21.44 4.38 41.66
C THR B 125 22.36 5.09 40.67
N TYR B 126 23.65 5.12 41.03
CA TYR B 126 24.78 5.37 40.12
C TYR B 126 24.53 6.60 39.26
N VAL B 127 24.12 7.65 39.94
CA VAL B 127 23.63 8.85 39.30
C VAL B 127 24.80 9.76 38.95
N GLY B 128 25.29 9.64 37.72
CA GLY B 128 26.29 10.55 37.22
C GLY B 128 26.05 10.89 35.76
N TYR B 129 26.63 12.01 35.33
CA TYR B 129 26.47 12.46 33.96
C TYR B 129 27.24 11.57 33.01
N ASN B 130 26.58 11.13 31.95
CA ASN B 130 27.11 10.15 31.01
C ASN B 130 27.53 8.86 31.69
N GLY B 131 27.05 8.59 32.89
CA GLY B 131 27.62 7.52 33.67
C GLY B 131 29.05 7.78 34.10
N ASN B 132 29.43 9.04 34.32
CA ASN B 132 30.81 9.31 34.69
C ASN B 132 31.14 8.78 36.09
N ASP B 133 30.14 8.34 36.84
CA ASP B 133 30.36 7.61 38.09
C ASP B 133 30.31 6.09 37.92
N THR B 134 30.32 5.59 36.68
CA THR B 134 30.47 4.16 36.44
C THR B 134 31.92 3.71 36.45
N ARG B 135 32.86 4.59 36.10
CA ARG B 135 34.23 4.19 35.82
C ARG B 135 34.94 3.60 37.03
N GLY B 136 34.40 3.78 38.23
CA GLY B 136 34.93 3.12 39.42
C GLY B 136 34.78 1.60 39.43
N HIS B 137 34.05 1.02 38.47
CA HIS B 137 33.81 -0.42 38.47
C HIS B 137 34.82 -1.20 37.63
N TYR B 138 35.53 -0.54 36.72
CA TYR B 138 36.37 -1.20 35.73
C TYR B 138 37.78 -0.63 35.79
N ASN B 139 38.76 -1.53 35.58
CA ASN B 139 40.19 -1.20 35.66
C ASN B 139 40.86 -1.71 34.39
N PHE B 140 40.91 -0.86 33.37
CA PHE B 140 41.34 -1.23 32.04
C PHE B 140 42.53 -0.39 31.59
N SER B 141 43.10 -0.78 30.45
CA SER B 141 44.08 0.02 29.74
C SER B 141 43.52 1.37 29.27
N PHE B 142 42.20 1.52 29.27
CA PHE B 142 41.53 2.74 28.87
C PHE B 142 40.49 3.08 29.92
N THR B 143 40.09 4.35 29.95
CA THR B 143 39.00 4.79 30.81
C THR B 143 37.68 4.34 30.20
N CYS B 144 36.72 3.99 31.05
CA CYS B 144 35.49 3.41 30.55
C CYS B 144 34.36 3.62 31.54
N GLN B 145 33.15 3.59 30.99
CA GLN B 145 31.95 3.93 31.72
C GLN B 145 30.74 3.66 30.85
N ASN B 146 29.67 3.20 31.48
CA ASN B 146 28.44 2.83 30.80
C ASN B 146 27.47 4.00 30.90
N ALA B 147 27.27 4.70 29.78
CA ALA B 147 26.43 5.89 29.75
C ALA B 147 24.96 5.57 29.49
N ALA B 148 24.59 4.30 29.51
CA ALA B 148 23.19 3.92 29.34
C ALA B 148 22.41 4.26 30.60
N THR B 149 21.39 5.09 30.45
CA THR B 149 20.48 5.43 31.55
C THR B 149 19.05 5.31 31.06
N ASP B 150 18.13 5.25 32.01
CA ASP B 150 16.70 5.13 31.74
C ASP B 150 15.96 6.45 31.91
N ASP B 151 16.57 7.56 31.49
CA ASP B 151 15.88 8.85 31.51
C ASP B 151 14.63 8.82 30.64
N ASP B 152 14.63 8.02 29.58
CA ASP B 152 13.46 7.91 28.70
C ASP B 152 12.22 7.54 29.48
N ILE B 153 12.30 6.45 30.23
CA ILE B 153 11.14 5.91 30.92
C ILE B 153 10.54 6.96 31.84
N ILE B 154 11.37 7.60 32.65
CA ILE B 154 10.84 8.53 33.66
C ILE B 154 10.28 9.77 32.98
N ILE B 155 11.02 10.34 32.05
CA ILE B 155 10.64 11.64 31.50
C ILE B 155 9.43 11.49 30.58
N GLU B 156 9.41 10.43 29.78
CA GLU B 156 8.23 10.18 28.95
C GLU B 156 7.00 9.97 29.81
N TYR B 157 7.12 9.20 30.90
CA TYR B 157 6.02 8.99 31.83
C TYR B 157 5.42 10.31 32.30
N ILE B 158 6.27 11.30 32.53
CA ILE B 158 5.79 12.60 32.96
C ILE B 158 5.00 13.26 31.85
N TYR B 159 5.47 13.10 30.60
CA TYR B 159 4.78 13.61 29.43
C TYR B 159 3.84 12.59 28.79
N SER B 160 3.38 11.58 29.55
CA SER B 160 2.64 10.47 28.97
C SER B 160 1.16 10.46 29.30
N GLU B 161 0.74 11.22 30.31
CA GLU B 161 -0.65 11.25 30.78
C GLU B 161 -1.14 9.91 31.32
N ALA B 162 -0.22 8.97 31.60
CA ALA B 162 -0.56 7.71 32.21
C ALA B 162 -0.17 7.74 33.68
N LEU B 163 -0.87 6.94 34.49
CA LEU B 163 -0.80 7.06 35.94
C LEU B 163 -0.18 5.87 36.62
N ASP B 164 -0.29 4.67 36.06
CA ASP B 164 0.30 3.48 36.67
C ASP B 164 1.74 3.37 36.16
N PHE B 165 2.69 3.29 37.10
CA PHE B 165 4.09 3.33 36.74
C PHE B 165 4.67 1.95 36.50
N GLN B 166 4.34 0.98 37.35
CA GLN B 166 4.80 -0.39 37.15
C GLN B 166 4.36 -0.90 35.80
N ASN B 167 3.12 -0.61 35.42
CA ASN B 167 2.67 -0.93 34.08
C ASN B 167 3.49 -0.21 33.02
N PHE B 168 3.95 0.99 33.33
CA PHE B 168 4.66 1.78 32.34
C PHE B 168 6.06 1.22 32.10
N MET B 169 6.87 1.16 33.15
CA MET B 169 8.25 0.71 33.00
C MET B 169 8.33 -0.72 32.49
N LEU B 170 7.44 -1.59 32.97
CA LEU B 170 7.39 -2.96 32.47
C LEU B 170 7.14 -2.98 30.98
N ARG B 171 6.38 -2.01 30.47
CA ARG B 171 6.16 -1.93 29.04
C ARG B 171 7.44 -1.53 28.32
N LYS B 172 8.15 -0.52 28.83
CA LYS B 172 9.27 0.04 28.10
C LYS B 172 10.53 -0.79 28.27
N ILE B 173 10.73 -1.35 29.45
CA ILE B 173 11.85 -2.27 29.67
C ILE B 173 11.74 -3.45 28.71
N LYS B 174 10.53 -3.80 28.33
CA LYS B 174 10.31 -4.88 27.38
C LYS B 174 10.49 -4.40 25.95
N GLU B 175 10.39 -3.09 25.71
CA GLU B 175 10.61 -2.57 24.37
C GLU B 175 12.08 -2.65 23.98
N ARG B 176 12.97 -2.46 24.96
CA ARG B 176 14.40 -2.46 24.67
C ARG B 176 14.92 -3.87 24.47
N MET B 177 14.40 -4.82 25.23
CA MET B 177 14.77 -6.21 25.10
C MET B 177 14.03 -6.89 23.96
N THR B 178 13.32 -6.11 23.14
CA THR B 178 12.66 -6.55 21.93
C THR B 178 13.24 -5.93 20.69
N THR B 179 13.44 -4.62 20.69
CA THR B 179 13.72 -3.84 19.51
C THR B 179 15.18 -3.43 19.48
N SER B 180 15.54 -2.67 18.46
CA SER B 180 16.93 -2.39 18.19
C SER B 180 17.43 -1.26 19.07
N LEU B 181 18.61 -1.47 19.62
CA LEU B 181 19.39 -0.44 20.28
C LEU B 181 19.46 0.80 19.39
N PRO B 182 18.89 1.94 19.79
CA PRO B 182 19.03 3.17 18.98
C PRO B 182 20.34 3.89 19.27
N ILE B 183 21.41 3.50 18.57
CA ILE B 183 22.72 4.04 18.91
C ILE B 183 22.87 5.47 18.41
N ALA B 184 22.30 5.78 17.24
CA ALA B 184 22.39 7.13 16.67
C ALA B 184 21.79 8.16 17.60
N ARG B 185 21.03 7.67 18.59
CA ARG B 185 20.36 8.51 19.62
C ARG B 185 21.20 8.62 20.90
N LEU B 186 21.92 7.56 21.31
CA LEU B 186 22.65 7.61 22.57
C LEU B 186 24.02 8.25 22.41
N SER B 187 24.61 8.13 21.23
CA SER B 187 25.92 8.69 20.99
C SER B 187 25.88 10.20 20.81
N ASN B 188 24.70 10.80 20.66
CA ASN B 188 24.63 12.22 20.43
C ASN B 188 24.95 13.03 21.68
N ARG B 189 24.51 12.58 22.85
CA ARG B 189 24.80 13.34 24.06
C ARG B 189 26.29 13.36 24.35
N VAL B 190 26.99 12.31 23.94
CA VAL B 190 28.45 12.34 23.92
C VAL B 190 28.91 13.40 22.92
N PHE B 191 28.39 13.30 21.70
CA PHE B 191 28.74 14.21 20.62
C PHE B 191 28.48 15.66 21.00
N ARG B 192 27.30 15.93 21.56
CA ARG B 192 26.94 17.30 21.92
C ARG B 192 27.87 17.83 22.99
N ASP B 193 28.26 16.97 23.93
CA ASP B 193 29.10 17.43 25.07
C ASP B 193 30.44 17.99 24.59
N LYS B 194 31.12 17.31 23.66
CA LYS B 194 32.45 17.81 23.19
C LYS B 194 32.31 18.67 21.92
N LEU B 195 31.14 18.61 21.26
CA LEU B 195 30.94 19.37 20.00
C LEU B 195 30.97 20.89 20.22
N PHE B 196 30.32 21.38 21.28
CA PHE B 196 30.21 22.82 21.49
C PHE B 196 31.43 23.44 22.17
N PRO B 197 31.96 22.93 23.28
CA PRO B 197 33.03 23.66 23.99
C PRO B 197 34.27 23.91 23.14
N LEU B 198 34.52 23.10 22.11
CA LEU B 198 35.64 23.38 21.22
C LEU B 198 35.24 24.34 20.10
N LEU B 199 34.00 24.16 19.62
CA LEU B 199 33.43 24.99 18.53
C LEU B 199 33.35 26.45 18.99
N VAL B 200 32.95 26.65 20.25
CA VAL B 200 32.80 28.03 20.79
C VAL B 200 34.15 28.74 20.77
N LYS B 201 35.21 28.06 21.24
CA LYS B 201 36.57 28.68 21.27
C LYS B 201 37.11 28.92 19.86
N LYS B 202 36.92 27.97 18.95
CA LYS B 202 37.45 28.04 17.56
C LYS B 202 36.86 29.19 16.74
N HIS B 203 35.54 29.41 16.80
CA HIS B 203 34.93 30.47 15.94
C HIS B 203 34.62 31.76 16.69
N LYS B 204 34.54 31.69 18.03
CA LYS B 204 34.25 32.81 18.98
C LYS B 204 32.75 33.14 19.05
N ARG B 205 31.92 32.39 18.32
CA ARG B 205 30.45 32.59 18.28
C ARG B 205 29.78 31.30 17.79
N VAL B 206 28.46 31.14 18.03
CA VAL B 206 27.77 29.95 17.58
C VAL B 206 26.28 30.18 17.76
N VAL B 207 25.50 29.76 16.79
CA VAL B 207 24.05 29.74 16.88
C VAL B 207 23.59 28.31 16.66
N ASN B 208 22.64 27.87 17.46
CA ASN B 208 22.07 26.54 17.36
C ASN B 208 20.58 26.68 17.04
N VAL B 209 20.07 25.73 16.27
CA VAL B 209 18.68 25.75 15.81
C VAL B 209 18.00 24.48 16.29
N GLY B 210 16.78 24.64 16.78
CA GLY B 210 16.01 23.54 17.34
C GLY B 210 16.71 22.74 18.39
N PRO B 211 16.95 23.35 19.55
CA PRO B 211 17.32 22.57 20.74
C PRO B 211 16.08 22.10 21.47
N ARG B 212 16.13 20.86 21.94
CA ARG B 212 15.07 20.24 22.73
C ARG B 212 15.64 19.91 24.10
N ASN B 213 14.81 19.33 24.97
CA ASN B 213 15.24 19.08 26.34
C ASN B 213 16.20 17.91 26.44
N GLU B 214 16.62 17.33 25.31
CA GLU B 214 17.89 16.63 25.24
C GLU B 214 19.03 17.48 25.78
N SER B 215 18.95 18.80 25.59
CA SER B 215 20.01 19.73 25.88
C SER B 215 19.63 20.75 26.94
N MET B 216 18.81 20.36 27.92
CA MET B 216 18.50 21.24 29.04
C MET B 216 19.75 21.74 29.73
N PHE B 217 20.80 20.91 29.73
CA PHE B 217 21.98 21.11 30.55
C PHE B 217 23.24 21.33 29.75
N THR B 218 23.22 21.05 28.45
CA THR B 218 24.42 21.16 27.62
C THR B 218 24.98 22.58 27.66
N PHE B 219 24.13 23.59 27.65
CA PHE B 219 24.50 24.94 27.31
C PHE B 219 24.58 25.87 28.50
N LEU B 220 24.42 25.35 29.71
CA LEU B 220 24.32 26.22 30.88
C LEU B 220 25.60 26.99 31.16
N ASN B 221 26.74 26.51 30.66
CA ASN B 221 28.00 27.24 30.72
C ASN B 221 28.38 27.85 29.39
N PHE B 222 27.39 28.20 28.56
CA PHE B 222 27.63 28.87 27.28
C PHE B 222 26.62 29.99 27.08
N PRO B 223 26.90 31.16 27.65
CA PRO B 223 26.09 32.33 27.32
C PRO B 223 26.24 32.80 25.90
N SER B 224 27.44 32.69 25.33
CA SER B 224 27.72 33.34 24.06
C SER B 224 27.12 32.59 22.87
N ILE B 225 26.37 31.53 23.11
CA ILE B 225 25.59 30.88 22.06
C ILE B 225 24.21 31.49 22.08
N ARG B 226 23.61 31.58 20.91
CA ARG B 226 22.27 32.10 20.72
C ARG B 226 21.38 31.04 20.09
N GLN B 227 20.53 30.42 20.90
CA GLN B 227 19.66 29.36 20.44
C GLN B 227 18.32 29.92 19.97
N PHE B 228 17.77 29.27 18.96
CA PHE B 228 16.49 29.60 18.37
C PHE B 228 15.63 28.36 18.30
N SER B 229 14.33 28.52 18.55
CA SER B 229 13.41 27.39 18.58
C SER B 229 12.02 27.92 18.30
N ASN B 230 11.02 27.08 18.54
CA ASN B 230 9.64 27.52 18.50
C ASN B 230 9.45 28.64 19.51
N GLY B 231 8.74 29.68 19.09
CA GLY B 231 8.51 30.83 19.94
C GLY B 231 7.75 30.46 21.20
N PRO B 232 7.62 31.41 22.12
CA PRO B 232 6.90 31.12 23.35
C PRO B 232 5.39 31.20 23.16
N TYR B 233 4.69 30.81 24.22
CA TYR B 233 3.29 31.18 24.36
C TYR B 233 3.19 32.47 25.15
N LEU B 234 2.40 33.40 24.66
CA LEU B 234 2.27 34.72 25.24
C LEU B 234 0.88 34.92 25.85
N VAL B 235 0.82 35.85 26.79
CA VAL B 235 -0.46 36.32 27.32
C VAL B 235 -1.32 36.87 26.18
N LYS B 236 -0.67 37.47 25.19
CA LYS B 236 -1.26 37.99 23.97
C LYS B 236 -2.16 36.99 23.26
N ASN B 237 -1.91 35.69 23.46
CA ASN B 237 -2.64 34.64 22.78
C ASN B 237 -3.50 33.81 23.71
N THR B 238 -3.93 34.38 24.84
CA THR B 238 -4.99 33.78 25.65
C THR B 238 -6.37 34.15 25.14
N ILE B 239 -6.48 35.26 24.40
CA ILE B 239 -7.75 35.73 23.89
C ILE B 239 -8.41 34.72 22.96
N LYS B 240 -7.62 33.82 22.37
CA LYS B 240 -8.14 32.69 21.60
C LYS B 240 -8.97 31.74 22.45
N LEU B 241 -8.57 31.50 23.69
CA LEU B 241 -8.92 30.29 24.40
C LEU B 241 -10.33 30.33 24.94
N LYS B 242 -11.04 29.24 24.75
CA LYS B 242 -12.36 29.12 25.34
C LYS B 242 -12.24 29.04 26.86
N GLN B 243 -13.26 29.54 27.52
CA GLN B 243 -13.33 29.51 28.97
C GLN B 243 -13.53 28.09 29.47
N GLU B 244 -12.95 27.80 30.64
CA GLU B 244 -12.99 26.48 31.24
C GLU B 244 -12.78 26.66 32.74
N ARG B 245 -13.08 25.58 33.48
CA ARG B 245 -13.13 25.56 34.96
C ARG B 245 -12.15 24.53 35.54
N TRP B 246 -11.94 24.60 36.86
CA TRP B 246 -10.98 23.76 37.56
C TRP B 246 -11.09 22.30 37.13
N LEU B 247 -9.96 21.71 36.78
CA LEU B 247 -9.87 20.32 36.37
C LEU B 247 -8.81 19.63 37.22
N GLY B 248 -9.26 18.83 38.19
CA GLY B 248 -8.36 18.15 39.08
C GLY B 248 -7.86 16.85 38.45
N LYS B 249 -6.62 16.89 37.97
CA LYS B 249 -6.06 15.83 37.14
C LYS B 249 -4.73 15.40 37.72
N ARG B 250 -4.59 14.10 37.97
CA ARG B 250 -3.39 13.54 38.56
C ARG B 250 -2.75 12.58 37.56
N VAL B 251 -1.48 12.82 37.23
CA VAL B 251 -0.77 12.13 36.16
C VAL B 251 0.61 11.64 36.59
N SER B 252 0.87 11.57 37.89
CA SER B 252 2.17 11.16 38.39
C SER B 252 1.97 10.66 39.80
N GLN B 253 2.20 9.35 40.02
CA GLN B 253 2.10 8.81 41.36
C GLN B 253 3.06 9.51 42.30
N PHE B 254 4.29 9.68 41.86
CA PHE B 254 5.35 10.27 42.67
C PHE B 254 5.50 11.75 42.39
N ASP B 255 5.77 12.49 43.45
CA ASP B 255 5.88 13.94 43.36
C ASP B 255 7.09 14.37 42.52
N ILE B 256 6.83 15.23 41.55
CA ILE B 256 7.85 15.73 40.64
C ILE B 256 7.88 17.25 40.69
N GLY B 257 7.59 17.81 41.86
CA GLY B 257 7.73 19.24 42.02
C GLY B 257 9.13 19.73 41.73
N GLN B 258 10.14 18.94 42.11
CA GLN B 258 11.52 19.33 41.88
C GLN B 258 11.84 19.46 40.41
N TYR B 259 11.08 18.79 39.55
CA TYR B 259 11.38 18.81 38.13
C TYR B 259 10.95 20.13 37.50
N LYS B 260 9.73 20.58 37.79
CA LYS B 260 9.31 21.89 37.29
C LYS B 260 10.10 23.01 37.93
N ASN B 261 10.42 22.89 39.22
CA ASN B 261 11.26 23.89 39.87
C ASN B 261 12.63 23.98 39.21
N MET B 262 13.09 22.87 38.63
CA MET B 262 14.33 22.88 37.87
C MET B 262 14.13 23.50 36.51
N LEU B 263 13.03 23.15 35.83
CA LEU B 263 12.80 23.61 34.47
C LEU B 263 12.49 25.10 34.42
N ASN B 264 11.69 25.61 35.36
CA ASN B 264 11.31 27.01 35.33
C ASN B 264 12.50 27.93 35.52
N VAL B 265 13.44 27.55 36.39
CA VAL B 265 14.69 28.27 36.51
C VAL B 265 15.46 28.21 35.20
N ILE B 266 15.60 27.01 34.66
CA ILE B 266 16.45 26.81 33.49
C ILE B 266 15.91 27.56 32.29
N THR B 267 14.58 27.54 32.12
CA THR B 267 13.94 28.39 31.13
C THR B 267 14.27 29.85 31.37
N THR B 268 14.18 30.28 32.62
CA THR B 268 14.45 31.66 32.98
C THR B 268 15.86 32.09 32.58
N ILE B 269 16.81 31.14 32.59
CA ILE B 269 18.20 31.51 32.32
C ILE B 269 18.45 31.63 30.83
N TYR B 270 18.06 30.61 30.05
CA TYR B 270 18.27 30.66 28.61
C TYR B 270 17.58 31.87 28.00
N HIS B 271 16.48 32.31 28.62
CA HIS B 271 15.90 33.60 28.29
C HIS B 271 16.89 34.72 28.56
N TYR B 272 17.44 34.76 29.78
CA TYR B 272 18.42 35.77 30.14
C TYR B 272 19.64 35.73 29.24
N TYR B 273 20.08 34.53 28.86
CA TYR B 273 21.13 34.41 27.86
C TYR B 273 20.71 34.97 26.52
N ASN B 274 19.42 34.86 26.17
CA ASN B 274 18.94 35.32 24.88
C ASN B 274 19.01 36.83 24.77
N LEU B 275 18.63 37.50 25.85
CA LEU B 275 18.61 38.96 25.90
C LEU B 275 20.01 39.52 26.03
N TYR B 276 20.72 39.09 27.06
CA TYR B 276 22.03 39.61 27.41
C TYR B 276 22.98 38.43 27.49
N GLN B 277 23.92 38.37 26.56
CA GLN B 277 24.88 37.28 26.54
C GLN B 277 25.81 37.46 27.74
N GLU B 278 25.44 36.75 28.79
CA GLU B 278 25.71 37.09 30.18
C GLU B 278 25.41 35.82 30.95
N LYS B 279 25.83 35.77 32.23
CA LYS B 279 25.11 34.75 33.00
C LYS B 279 24.92 35.17 34.45
N PRO B 280 23.73 34.94 35.01
CA PRO B 280 23.28 35.76 36.13
C PRO B 280 23.61 35.18 37.49
N ILE B 281 23.31 35.99 38.50
CA ILE B 281 23.05 35.52 39.84
C ILE B 281 21.63 34.97 39.84
N ILE B 282 21.36 33.99 40.71
CA ILE B 282 20.10 33.27 40.69
C ILE B 282 19.58 33.23 42.12
N TYR B 283 18.77 34.22 42.47
CA TYR B 283 18.06 34.27 43.73
C TYR B 283 16.87 33.33 43.68
N MET B 284 16.38 32.93 44.85
CA MET B 284 15.22 32.07 44.95
C MET B 284 14.49 32.31 46.25
N VAL B 285 13.18 32.07 46.24
CA VAL B 285 12.40 32.06 47.46
C VAL B 285 11.32 31.00 47.33
N GLY B 286 11.03 30.32 48.45
CA GLY B 286 9.98 29.34 48.52
C GLY B 286 10.37 27.94 48.11
N SER B 287 11.65 27.68 47.86
CA SER B 287 12.10 26.44 47.25
C SER B 287 13.31 25.93 48.02
N ALA B 288 13.06 25.21 49.11
CA ALA B 288 14.16 24.72 49.94
C ALA B 288 14.80 23.43 49.46
N PRO B 289 14.05 22.32 49.31
CA PRO B 289 14.70 21.00 49.23
C PRO B 289 15.71 20.87 48.10
N SER B 290 15.35 21.30 46.90
CA SER B 290 16.27 21.71 45.84
C SER B 290 17.42 20.73 45.66
N TYR B 291 17.06 19.46 45.52
CA TYR B 291 18.01 18.42 45.15
C TYR B 291 18.35 18.43 43.66
N TRP B 292 17.74 19.33 42.89
CA TRP B 292 18.07 19.51 41.49
C TRP B 292 19.25 20.44 41.29
N ILE B 293 19.77 21.03 42.37
CA ILE B 293 20.90 21.96 42.27
C ILE B 293 22.15 21.21 41.84
N TYR B 294 22.43 20.09 42.48
CA TYR B 294 23.64 19.33 42.21
C TYR B 294 23.71 18.88 40.76
N ASP B 295 22.57 18.62 40.13
CA ASP B 295 22.51 18.39 38.71
C ASP B 295 23.03 19.57 37.92
N VAL B 296 22.69 20.78 38.33
CA VAL B 296 23.09 21.98 37.60
C VAL B 296 24.60 22.18 37.72
N ARG B 297 25.14 22.01 38.92
CA ARG B 297 26.55 22.28 39.15
C ARG B 297 27.48 21.30 38.46
N GLN B 298 26.97 20.18 37.94
CA GLN B 298 27.79 19.27 37.17
C GLN B 298 28.14 19.79 35.79
N TYR B 299 27.51 20.88 35.37
CA TYR B 299 27.68 21.47 34.04
C TYR B 299 28.22 22.88 34.09
N SER B 300 27.58 23.74 34.88
CA SER B 300 27.97 25.13 35.00
C SER B 300 27.85 25.51 36.46
N ASP B 301 28.68 26.46 36.90
CA ASP B 301 28.75 26.85 38.30
C ASP B 301 28.05 28.18 38.48
N PHE B 302 26.93 28.18 39.20
CA PHE B 302 26.15 29.38 39.45
C PHE B 302 26.06 29.64 40.95
N LEU B 303 25.84 30.91 41.28
CA LEU B 303 25.62 31.33 42.66
C LEU B 303 24.12 31.30 42.93
N PHE B 304 23.71 30.42 43.82
CA PHE B 304 22.31 30.29 44.23
C PHE B 304 22.17 30.84 45.64
N GLU B 305 21.23 31.78 45.80
CA GLU B 305 20.94 32.39 47.08
C GLU B 305 19.45 32.28 47.35
N THR B 306 19.11 31.60 48.45
CA THR B 306 17.77 31.09 48.70
C THR B 306 17.24 31.64 50.00
N TRP B 307 15.93 31.91 50.03
CA TRP B 307 15.20 32.27 51.23
C TRP B 307 14.08 31.27 51.40
N ASP B 308 14.17 30.42 52.40
CA ASP B 308 13.10 29.48 52.69
C ASP B 308 13.20 29.00 54.13
N PRO B 309 12.08 28.75 54.82
CA PRO B 309 12.18 28.24 56.19
C PRO B 309 12.91 26.92 56.33
N LEU B 310 12.88 26.08 55.30
CA LEU B 310 13.34 24.71 55.40
C LEU B 310 14.73 24.52 54.80
N ASP B 311 15.22 23.29 54.89
CA ASP B 311 16.59 22.97 54.56
C ASP B 311 16.85 23.03 53.07
N THR B 312 17.85 23.83 52.68
CA THR B 312 18.42 23.80 51.35
C THR B 312 19.79 23.14 51.44
N PRO B 313 19.95 21.86 51.12
CA PRO B 313 21.27 21.24 51.26
C PRO B 313 22.30 21.79 50.29
N TYR B 314 21.87 22.21 49.10
CA TYR B 314 22.76 22.49 47.97
C TYR B 314 22.56 23.94 47.56
N SER B 315 23.48 24.80 47.99
CA SER B 315 23.47 26.21 47.65
C SER B 315 24.75 26.85 48.14
N SER B 316 24.97 28.08 47.71
CA SER B 316 26.07 28.89 48.23
C SER B 316 25.68 29.54 49.56
N ILE B 317 24.61 30.32 49.57
CA ILE B 317 24.14 31.05 50.75
C ILE B 317 22.65 30.82 50.87
N HIS B 318 22.23 30.10 51.90
CA HIS B 318 20.85 30.11 52.34
C HIS B 318 20.70 31.23 53.37
N HIS B 319 20.28 32.40 52.91
CA HIS B 319 20.43 33.62 53.69
C HIS B 319 19.62 33.57 54.98
N LYS B 320 18.34 33.25 54.88
CA LYS B 320 17.44 33.30 56.02
C LYS B 320 16.43 32.17 55.93
N GLU B 321 15.81 31.88 57.07
CA GLU B 321 14.63 31.05 57.11
C GLU B 321 13.35 31.87 56.93
N LEU B 322 13.44 33.19 56.91
CA LEU B 322 12.35 34.04 56.47
C LEU B 322 12.29 34.03 54.96
N PHE B 323 11.07 34.13 54.43
CA PHE B 323 10.90 34.12 52.98
C PHE B 323 10.74 35.54 52.45
N PHE B 324 11.49 35.80 51.37
CA PHE B 324 11.72 37.12 50.83
C PHE B 324 10.41 37.84 50.54
N ALA B 325 10.13 38.89 51.33
CA ALA B 325 8.80 39.48 51.40
C ALA B 325 8.70 40.89 50.84
N LYS B 326 9.49 41.84 51.37
CA LYS B 326 9.55 43.18 50.76
C LYS B 326 10.90 43.87 50.81
N ASP B 327 11.94 43.25 51.36
CA ASP B 327 13.26 43.87 51.40
C ASP B 327 13.95 43.79 50.05
N ILE B 328 13.37 44.46 49.04
CA ILE B 328 13.65 44.10 47.66
C ILE B 328 14.76 44.94 47.05
N GLY B 329 14.97 46.15 47.56
CA GLY B 329 16.07 46.94 47.06
C GLY B 329 17.46 46.37 47.36
N LYS B 330 17.54 45.38 48.25
CA LYS B 330 18.81 44.79 48.64
C LYS B 330 19.32 43.75 47.65
N LEU B 331 18.68 43.61 46.49
CA LEU B 331 19.12 42.69 45.46
C LEU B 331 20.03 43.36 44.44
N LYS B 332 21.00 42.60 43.95
CA LYS B 332 21.83 43.04 42.85
C LYS B 332 21.05 42.96 41.54
N ASP B 333 21.51 43.73 40.55
CA ASP B 333 20.78 43.79 39.29
C ASP B 333 21.00 42.54 38.46
N ASN B 334 22.25 42.16 38.20
CA ASN B 334 22.54 41.09 37.26
C ASN B 334 22.07 39.79 37.89
N SER B 335 20.84 39.41 37.55
CA SER B 335 20.11 38.48 38.37
C SER B 335 18.97 37.83 37.60
N ILE B 336 18.44 36.76 38.18
CA ILE B 336 17.08 36.31 37.96
C ILE B 336 16.46 36.06 39.33
N LEU B 337 15.15 36.27 39.43
CA LEU B 337 14.40 36.04 40.66
C LEU B 337 13.32 35.02 40.40
N TYR B 338 13.38 33.91 41.11
CA TYR B 338 12.40 32.84 41.02
C TYR B 338 11.53 32.86 42.26
N ILE B 339 10.26 33.20 42.08
CA ILE B 339 9.30 33.32 43.17
C ILE B 339 8.42 32.07 43.14
N ASP B 340 8.38 31.37 44.25
CA ASP B 340 7.50 30.23 44.47
C ASP B 340 6.92 30.31 45.88
N ILE B 341 6.60 31.53 46.33
CA ILE B 341 5.98 31.70 47.63
C ILE B 341 4.61 31.08 47.56
N ARG B 342 4.35 30.14 48.48
CA ARG B 342 3.17 29.30 48.37
C ARG B 342 2.73 28.94 49.78
N THR B 343 1.92 27.90 49.87
CA THR B 343 1.34 27.43 51.10
C THR B 343 0.96 25.97 50.84
N ASP B 344 0.52 25.27 51.88
CA ASP B 344 -0.14 23.99 51.71
C ASP B 344 -1.39 23.96 52.56
N ARG B 345 -2.53 23.70 51.93
CA ARG B 345 -3.77 23.50 52.67
C ARG B 345 -3.60 22.33 53.64
N GLY B 346 -4.23 22.46 54.80
CA GLY B 346 -4.32 21.36 55.73
C GLY B 346 -5.59 20.58 55.49
N ASN B 347 -6.52 20.66 56.45
CA ASN B 347 -7.89 20.22 56.26
C ASN B 347 -8.86 21.40 56.19
N ALA B 348 -8.35 22.59 55.87
CA ALA B 348 -9.19 23.78 55.86
C ALA B 348 -10.13 23.76 54.67
N ASP B 349 -11.18 24.56 54.75
CA ASP B 349 -12.24 24.53 53.75
C ASP B 349 -11.73 25.17 52.47
N TRP B 350 -11.69 24.37 51.41
CA TRP B 350 -11.19 24.79 50.10
C TRP B 350 -11.81 26.09 49.60
N LYS B 351 -13.08 26.33 49.95
CA LYS B 351 -13.75 27.53 49.45
C LYS B 351 -13.24 28.79 50.12
N GLU B 352 -12.79 28.69 51.38
CA GLU B 352 -12.23 29.81 52.12
C GLU B 352 -10.72 29.88 52.00
N TRP B 353 -10.07 28.72 51.90
CA TRP B 353 -8.62 28.70 51.72
C TRP B 353 -8.23 29.29 50.38
N ARG B 354 -9.11 29.15 49.39
CA ARG B 354 -8.89 29.76 48.08
C ARG B 354 -8.61 31.26 48.17
N LYS B 355 -9.19 31.94 49.16
CA LYS B 355 -8.95 33.38 49.30
C LYS B 355 -7.48 33.66 49.61
N VAL B 356 -6.83 32.78 50.36
CA VAL B 356 -5.41 32.96 50.67
C VAL B 356 -4.59 32.86 49.41
N VAL B 357 -4.92 31.89 48.55
CA VAL B 357 -4.17 31.66 47.34
C VAL B 357 -4.25 32.87 46.42
N GLU B 358 -5.38 33.57 46.47
CA GLU B 358 -5.57 34.74 45.63
C GLU B 358 -4.70 35.90 46.09
N LEU B 359 -4.55 36.05 47.41
CA LEU B 359 -3.82 37.20 47.93
C LEU B 359 -2.33 37.07 47.72
N GLN B 360 -1.79 35.86 47.89
CA GLN B 360 -0.39 35.60 47.57
C GLN B 360 -0.07 35.98 46.15
N THR B 361 -0.99 35.64 45.25
CA THR B 361 -0.80 35.86 43.83
C THR B 361 -0.71 37.35 43.52
N ILE B 362 -1.54 38.17 44.19
CA ILE B 362 -1.43 39.62 44.06
C ILE B 362 -0.09 40.08 44.60
N SER B 363 0.32 39.53 45.74
CA SER B 363 1.60 39.90 46.32
C SER B 363 2.75 39.47 45.43
N ASN B 364 2.73 38.21 44.97
CA ASN B 364 3.82 37.68 44.17
C ASN B 364 4.05 38.49 42.90
N LEU B 365 2.99 39.15 42.39
CA LEU B 365 3.18 40.06 41.27
C LEU B 365 3.78 41.39 41.72
N ASN B 366 3.35 41.92 42.87
CA ASN B 366 3.94 43.15 43.38
C ASN B 366 5.44 42.99 43.57
N LEU B 367 5.86 41.82 44.03
CA LEU B 367 7.30 41.53 44.12
C LEU B 367 7.94 41.56 42.75
N ALA B 368 7.21 41.12 41.72
CA ALA B 368 7.79 41.01 40.39
C ALA B 368 7.99 42.39 39.77
N TYR B 369 7.03 43.29 39.96
CA TYR B 369 7.15 44.62 39.38
C TYR B 369 8.18 45.45 40.13
N GLN B 370 8.19 45.35 41.46
CA GLN B 370 9.16 46.11 42.25
C GLN B 370 10.57 45.65 41.94
N TYR B 371 10.73 44.36 41.66
CA TYR B 371 12.00 43.84 41.18
C TYR B 371 12.41 44.53 39.88
N LEU B 372 11.57 44.44 38.87
CA LEU B 372 11.88 44.94 37.54
C LEU B 372 11.63 46.44 37.39
N ALA B 373 11.54 47.19 38.48
CA ALA B 373 11.32 48.62 38.43
C ALA B 373 12.61 49.44 38.44
N THR B 374 13.73 48.87 38.89
CA THR B 374 14.90 49.67 39.25
C THR B 374 16.09 49.45 38.33
N GLY B 375 16.56 48.21 38.22
CA GLY B 375 17.78 47.90 37.51
C GLY B 375 17.53 47.25 36.17
N LYS B 376 18.60 47.19 35.38
CA LYS B 376 18.57 46.55 34.03
C LYS B 376 19.00 45.08 34.15
N SER B 377 18.77 44.29 33.10
CA SER B 377 19.16 42.85 33.06
C SER B 377 18.56 42.06 34.23
N LYS B 378 17.27 42.27 34.52
CA LYS B 378 16.57 41.53 35.61
C LYS B 378 15.46 40.67 34.99
N VAL B 379 15.42 39.37 35.31
CA VAL B 379 14.36 38.46 34.76
C VAL B 379 13.66 37.76 35.93
N CYS B 380 12.32 37.74 35.91
CA CYS B 380 11.54 37.10 36.95
C CYS B 380 10.87 35.83 36.45
N CYS B 381 10.33 35.04 37.37
CA CYS B 381 9.55 33.86 37.06
C CYS B 381 8.68 33.53 38.27
N VAL B 382 7.40 33.91 38.20
CA VAL B 382 6.53 34.13 39.34
C VAL B 382 5.41 33.11 39.36
N LYS B 383 4.91 32.83 40.57
CA LYS B 383 3.86 31.84 40.78
C LYS B 383 2.50 32.51 40.71
N LEU B 384 1.56 31.85 40.04
CA LEU B 384 0.21 32.36 39.87
C LEU B 384 -0.78 31.22 39.97
N THR B 385 -1.92 31.52 40.58
CA THR B 385 -3.09 30.67 40.45
C THR B 385 -3.89 31.18 39.25
N ALA B 386 -4.98 30.50 38.96
CA ALA B 386 -5.86 30.91 37.87
C ALA B 386 -6.99 31.75 38.46
N MET B 387 -6.89 33.06 38.28
CA MET B 387 -7.91 34.01 38.68
C MET B 387 -7.81 35.18 37.73
N ASP B 388 -8.78 36.08 37.82
CA ASP B 388 -8.77 37.25 36.96
C ASP B 388 -7.66 38.20 37.41
N LEU B 389 -6.73 38.49 36.49
CA LEU B 389 -5.56 39.29 36.81
C LEU B 389 -5.25 40.24 35.67
N GLU B 390 -4.43 41.24 35.98
CA GLU B 390 -4.02 42.26 35.02
C GLU B 390 -2.56 42.00 34.65
N LEU B 391 -2.35 41.35 33.50
CA LEU B 391 -1.08 40.80 33.10
C LEU B 391 -0.50 41.56 31.90
N PRO B 392 0.83 41.65 31.77
CA PRO B 392 1.40 42.18 30.53
C PRO B 392 1.19 41.24 29.35
N VAL B 393 0.81 41.85 28.23
CA VAL B 393 0.55 41.13 26.98
C VAL B 393 1.77 40.33 26.55
N SER B 394 2.92 41.00 26.43
CA SER B 394 4.11 40.39 25.83
C SER B 394 4.80 39.38 26.74
N ALA B 395 4.28 39.12 27.93
CA ALA B 395 4.91 38.18 28.83
C ALA B 395 4.68 36.74 28.38
N LYS B 396 5.43 35.82 28.99
CA LYS B 396 5.52 34.44 28.55
C LYS B 396 5.04 33.51 29.66
N LEU B 397 4.11 32.62 29.32
CA LEU B 397 3.54 31.68 30.28
C LEU B 397 4.26 30.35 30.23
N LEU B 398 4.31 29.68 31.39
CA LEU B 398 4.91 28.37 31.53
C LEU B 398 4.01 27.46 32.36
N HIS B 399 3.76 26.27 31.84
CA HIS B 399 3.10 25.21 32.57
C HIS B 399 3.85 23.89 32.37
N HIS B 400 5.14 23.88 32.65
CA HIS B 400 5.85 22.62 32.74
C HIS B 400 5.12 21.70 33.71
N PRO B 401 5.14 20.39 33.48
CA PRO B 401 4.23 19.52 34.22
C PRO B 401 4.60 19.43 35.69
N THR B 402 3.71 18.82 36.43
CA THR B 402 3.85 18.69 37.88
C THR B 402 3.28 17.35 38.31
N THR B 403 3.18 17.18 39.62
CA THR B 403 2.48 16.04 40.17
C THR B 403 1.07 15.95 39.62
N GLU B 404 0.29 17.01 39.83
CA GLU B 404 -1.12 17.03 39.49
C GLU B 404 -1.53 18.46 39.19
N ILE B 405 -2.44 18.60 38.23
CA ILE B 405 -2.95 19.90 37.83
C ILE B 405 -4.00 20.33 38.85
N ARG B 406 -3.70 21.39 39.60
CA ARG B 406 -4.65 21.96 40.54
C ARG B 406 -4.61 23.49 40.51
N SER B 407 -4.67 24.07 39.30
CA SER B 407 -4.80 25.51 39.09
C SER B 407 -3.61 26.34 39.53
N GLU B 408 -2.47 26.13 38.88
CA GLU B 408 -1.40 27.11 38.94
C GLU B 408 -0.50 26.95 37.73
N PHE B 409 0.04 28.09 37.31
CA PHE B 409 0.89 28.23 36.14
C PHE B 409 1.84 29.35 36.48
N TYR B 410 3.02 29.35 35.87
CA TYR B 410 4.01 30.37 36.17
C TYR B 410 4.26 31.28 34.98
N LEU B 411 4.62 32.51 35.29
CA LEU B 411 4.79 33.58 34.35
C LEU B 411 6.19 34.13 34.53
N LEU B 412 6.87 34.42 33.42
CA LEU B 412 8.16 35.05 33.46
C LEU B 412 8.10 36.38 32.75
N LEU B 413 8.93 37.31 33.20
CA LEU B 413 8.91 38.69 32.75
C LEU B 413 10.32 39.14 32.43
N ASP B 414 10.36 40.13 31.54
CA ASP B 414 11.57 40.85 31.06
C ASP B 414 11.38 42.34 31.38
N ILE B 415 12.45 43.14 31.22
CA ILE B 415 12.41 44.60 31.55
C ILE B 415 11.33 45.32 30.71
N TRP B 416 11.17 44.97 29.43
CA TRP B 416 10.20 45.67 28.55
C TRP B 416 8.77 45.12 28.67
N ASP B 417 8.55 44.13 29.54
CA ASP B 417 7.19 43.54 29.73
C ASP B 417 6.39 44.40 30.73
N VAL B 418 7.01 45.48 31.22
CA VAL B 418 6.42 46.38 32.20
C VAL B 418 6.14 47.76 31.59
N ASN B 419 6.78 48.09 30.47
CA ASN B 419 6.79 49.47 29.97
C ASN B 419 5.50 49.74 29.22
N ASN B 420 4.44 49.96 29.99
CA ASN B 420 3.14 50.40 29.47
C ASN B 420 2.52 49.34 28.56
N ILE B 421 2.48 48.10 29.03
CA ILE B 421 1.79 47.00 28.36
C ILE B 421 1.07 46.21 29.44
N LYS B 422 -0.27 46.29 29.45
CA LYS B 422 -1.06 45.53 30.42
C LYS B 422 -2.43 45.19 29.85
N ARG B 423 -2.89 43.96 30.13
CA ARG B 423 -4.20 43.48 29.73
C ARG B 423 -4.88 42.79 30.90
N PHE B 424 -6.20 42.76 30.87
CA PHE B 424 -7.02 42.00 31.81
C PHE B 424 -7.33 40.63 31.22
N ILE B 425 -7.13 39.59 32.01
CA ILE B 425 -7.32 38.21 31.59
C ILE B 425 -8.41 37.59 32.46
N PRO B 426 -9.40 36.90 31.90
CA PRO B 426 -10.39 36.26 32.77
C PRO B 426 -9.88 34.97 33.37
N LYS B 427 -10.64 34.47 34.34
CA LYS B 427 -10.31 33.27 35.09
C LYS B 427 -10.17 32.05 34.19
N GLY B 428 -11.25 31.66 33.52
CA GLY B 428 -11.25 30.45 32.74
C GLY B 428 -10.37 30.48 31.51
N ALA B 429 -9.86 31.64 31.14
CA ALA B 429 -8.90 31.71 30.07
C ALA B 429 -7.55 31.16 30.47
N LEU B 430 -7.31 31.02 31.77
CA LEU B 430 -6.08 30.47 32.31
C LEU B 430 -6.19 28.95 32.52
N TYR B 431 -7.32 28.50 33.07
CA TYR B 431 -7.55 27.07 33.20
C TYR B 431 -7.48 26.37 31.85
N SER B 432 -7.98 27.03 30.81
CA SER B 432 -7.88 26.49 29.46
C SER B 432 -6.43 26.41 28.99
N PHE B 433 -5.54 27.22 29.54
CA PHE B 433 -4.13 27.09 29.24
C PHE B 433 -3.51 26.00 30.08
N ILE B 434 -3.86 25.98 31.37
CA ILE B 434 -3.33 24.98 32.28
C ILE B 434 -3.66 23.58 31.78
N ASN B 435 -4.93 23.32 31.52
CA ASN B 435 -5.41 21.93 31.49
C ASN B 435 -5.06 21.22 30.20
N ASN B 436 -4.83 21.96 29.11
CA ASN B 436 -4.62 21.38 27.80
C ASN B 436 -3.23 21.62 27.25
N VAL B 437 -2.56 22.70 27.64
CA VAL B 437 -1.27 23.08 27.10
C VAL B 437 -0.19 22.71 28.09
N ILE B 438 0.56 21.66 27.77
CA ILE B 438 1.78 21.29 28.47
C ILE B 438 2.93 21.96 27.74
N THR B 439 3.76 22.69 28.48
CA THR B 439 4.96 23.24 27.88
C THR B 439 5.91 22.11 27.55
N ASP B 440 6.55 22.22 26.41
CA ASP B 440 7.36 21.13 25.85
C ASP B 440 8.85 21.37 26.02
N ASN B 441 9.27 22.61 26.22
CA ASN B 441 10.66 22.96 25.97
C ASN B 441 11.02 24.22 26.73
N VAL B 442 12.13 24.17 27.46
CA VAL B 442 12.66 25.35 28.12
C VAL B 442 13.23 26.36 27.13
N PHE B 443 13.53 25.93 25.90
CA PHE B 443 14.08 26.78 24.86
C PHE B 443 12.92 27.43 24.12
N ILE B 444 12.49 28.59 24.61
CA ILE B 444 11.33 29.29 24.08
C ILE B 444 11.75 30.50 23.25
N GLN B 445 12.95 30.47 22.69
CA GLN B 445 13.45 31.63 21.98
C GLN B 445 12.97 31.61 20.54
N SER B 446 13.05 32.77 19.90
CA SER B 446 12.35 32.98 18.64
C SER B 446 12.89 32.07 17.55
N PRO B 447 12.12 31.81 16.49
CA PRO B 447 12.60 30.91 15.45
C PRO B 447 13.80 31.46 14.69
N PHE B 448 14.49 30.55 14.02
CA PHE B 448 15.61 30.88 13.16
C PHE B 448 15.10 31.26 11.79
N LYS B 449 15.36 32.49 11.39
CA LYS B 449 15.13 32.90 10.03
C LYS B 449 16.15 32.19 9.15
N ILE B 450 15.67 31.50 8.12
CA ILE B 450 16.52 30.62 7.32
C ILE B 450 17.17 31.49 6.26
N ARG B 451 18.34 32.07 6.58
CA ARG B 451 19.13 32.78 5.60
C ARG B 451 20.60 32.75 6.02
N THR B 452 21.47 32.94 5.03
CA THR B 452 22.91 32.82 5.21
C THR B 452 23.47 33.97 6.04
N SER B 453 24.62 33.71 6.64
CA SER B 453 25.36 34.73 7.38
C SER B 453 26.83 34.37 7.34
N VAL B 454 27.68 35.38 7.58
CA VAL B 454 29.12 35.27 7.40
C VAL B 454 29.86 35.40 8.72
N SER B 455 29.23 35.98 9.74
CA SER B 455 29.74 35.95 11.10
C SER B 455 29.30 34.72 11.87
N ASP B 456 28.29 34.01 11.38
CA ASP B 456 27.62 32.98 12.13
C ASP B 456 28.25 31.63 11.84
N TYR B 457 28.63 30.93 12.89
CA TYR B 457 28.79 29.49 12.81
C TYR B 457 27.49 28.83 13.19
N ILE B 458 26.75 28.37 12.20
CA ILE B 458 25.41 27.83 12.39
C ILE B 458 25.53 26.33 12.59
N VAL B 459 24.96 25.84 13.68
CA VAL B 459 24.70 24.43 13.87
C VAL B 459 23.21 24.20 13.68
N ALA B 460 22.87 23.08 13.05
CA ALA B 460 21.50 22.68 12.85
C ALA B 460 21.49 21.16 12.70
N LEU B 461 21.18 20.46 13.78
CA LEU B 461 21.43 19.02 13.85
C LEU B 461 20.19 18.20 13.57
N TYR B 462 19.07 18.50 14.21
CA TYR B 462 17.83 17.79 13.96
C TYR B 462 16.64 18.73 13.99
N ALA B 463 16.85 19.99 13.60
CA ALA B 463 15.81 21.00 13.58
C ALA B 463 15.23 21.21 12.19
N LEU B 464 16.07 21.35 11.18
CA LEU B 464 15.60 21.48 9.81
C LEU B 464 15.17 20.11 9.32
N SER B 465 14.86 20.04 8.02
CA SER B 465 14.25 18.93 7.29
C SER B 465 12.75 18.84 7.52
N ASN B 466 12.18 19.65 8.41
CA ASN B 466 10.74 19.60 8.63
C ASN B 466 9.99 20.14 7.42
N ASP B 467 8.84 19.54 7.15
CA ASP B 467 8.12 19.83 5.91
C ASP B 467 7.65 21.27 5.82
N PHE B 468 7.50 21.95 6.95
CA PHE B 468 6.97 23.30 6.95
C PHE B 468 8.02 24.36 6.62
N ASN B 469 9.29 24.00 6.56
CA ASN B 469 10.34 24.93 6.19
C ASN B 469 10.54 24.94 4.68
N ASN B 470 10.76 26.13 4.14
CA ASN B 470 10.93 26.27 2.69
C ASN B 470 12.18 25.53 2.27
N ARG B 471 12.00 24.54 1.41
CA ARG B 471 13.11 23.70 0.98
C ARG B 471 14.25 24.51 0.38
N GLU B 472 13.93 25.42 -0.53
CA GLU B 472 14.99 26.13 -1.22
C GLU B 472 15.76 27.05 -0.28
N ASP B 473 15.10 27.58 0.75
CA ASP B 473 15.78 28.45 1.69
C ASP B 473 16.82 27.68 2.50
N ILE B 474 16.54 26.43 2.87
CA ILE B 474 17.54 25.64 3.57
C ILE B 474 18.62 25.17 2.61
N ILE B 475 18.25 24.81 1.38
CA ILE B 475 19.23 24.48 0.35
C ILE B 475 20.21 25.63 0.18
N ASN B 476 19.69 26.84 -0.01
CA ASN B 476 20.58 27.97 -0.20
C ASN B 476 21.33 28.32 1.07
N LEU B 477 20.74 28.01 2.23
CA LEU B 477 21.47 28.15 3.48
C LEU B 477 22.67 27.21 3.53
N ILE B 478 22.57 26.09 2.82
CA ILE B 478 23.66 25.12 2.84
C ILE B 478 24.67 25.44 1.75
N ASN B 479 24.19 25.86 0.58
CA ASN B 479 25.07 26.11 -0.55
C ASN B 479 25.78 27.43 -0.46
N ASN B 480 25.06 28.51 -0.14
CA ASN B 480 25.58 29.86 -0.22
C ASN B 480 26.12 30.33 1.11
N GLN B 481 26.72 29.43 1.88
CA GLN B 481 27.05 29.70 3.26
C GLN B 481 28.31 28.93 3.66
N LYS B 482 29.22 29.64 4.30
CA LYS B 482 30.39 29.08 4.95
C LYS B 482 30.16 29.16 6.45
N GLN B 483 31.06 28.55 7.24
CA GLN B 483 30.93 28.56 8.69
C GLN B 483 29.67 27.86 9.19
N SER B 484 29.58 26.54 9.08
CA SER B 484 28.41 25.88 9.65
C SER B 484 28.65 24.40 9.91
N LEU B 485 27.62 23.77 10.46
CA LEU B 485 27.50 22.33 10.66
C LEU B 485 26.02 22.01 10.57
N ILE B 486 25.57 21.59 9.40
CA ILE B 486 24.16 21.38 9.12
C ILE B 486 23.93 19.90 8.92
N THR B 487 22.77 19.44 9.34
CA THR B 487 22.31 18.07 9.17
C THR B 487 21.00 18.09 8.42
N VAL B 488 20.84 17.15 7.49
CA VAL B 488 19.58 16.95 6.79
C VAL B 488 19.43 15.46 6.54
N ARG B 489 18.19 15.05 6.27
CA ARG B 489 17.90 13.63 6.10
C ARG B 489 18.21 13.20 4.68
N ILE B 490 18.63 11.96 4.54
CA ILE B 490 18.94 11.36 3.24
C ILE B 490 17.67 10.72 2.70
N ASN B 491 17.54 10.72 1.39
CA ASN B 491 16.45 9.99 0.73
C ASN B 491 16.83 8.51 0.72
N ASN B 492 16.53 7.84 1.84
CA ASN B 492 16.93 6.46 2.05
C ASN B 492 16.00 5.45 1.39
N THR B 493 14.99 5.91 0.65
CA THR B 493 14.00 5.04 0.03
C THR B 493 14.19 5.02 -1.48
N PHE B 494 13.37 4.19 -2.10
CA PHE B 494 13.35 4.00 -3.54
C PHE B 494 12.10 4.67 -4.12
N LYS B 495 12.10 4.85 -5.43
CA LYS B 495 11.11 5.66 -6.15
C LYS B 495 11.15 7.15 -5.77
N ASP B 496 12.31 7.61 -5.31
CA ASP B 496 12.64 9.04 -5.16
C ASP B 496 11.51 9.86 -4.52
N GLU B 497 11.13 9.47 -3.30
CA GLU B 497 10.11 10.19 -2.56
C GLU B 497 10.71 11.42 -1.89
N PRO B 498 10.29 12.64 -2.24
CA PRO B 498 10.95 13.81 -1.65
C PRO B 498 10.65 14.04 -0.18
N LYS B 499 9.50 13.58 0.33
CA LYS B 499 9.15 13.81 1.74
C LYS B 499 8.71 12.51 2.38
N VAL B 500 9.28 12.23 3.56
CA VAL B 500 9.22 10.94 4.22
C VAL B 500 8.96 11.20 5.69
N GLY B 501 8.17 10.34 6.33
CA GLY B 501 7.86 10.55 7.72
C GLY B 501 7.39 9.33 8.47
N PHE B 502 6.59 9.56 9.52
CA PHE B 502 6.14 8.51 10.44
C PHE B 502 4.62 8.39 10.49
N LYS B 503 3.92 8.94 9.50
CA LYS B 503 2.47 9.13 9.51
C LYS B 503 2.01 10.14 10.55
N SER B 504 2.95 10.90 11.12
CA SER B 504 2.64 12.01 12.01
C SER B 504 3.07 13.30 11.33
N ILE B 505 4.34 13.37 10.98
CA ILE B 505 4.92 14.48 10.27
C ILE B 505 5.81 13.93 9.18
N TYR B 506 5.91 14.68 8.09
CA TYR B 506 6.81 14.36 7.00
C TYR B 506 8.00 15.31 7.06
N ASP B 507 9.14 14.86 6.54
CA ASP B 507 10.35 15.66 6.52
C ASP B 507 10.98 15.63 5.14
N TRP B 508 11.57 16.74 4.76
CA TRP B 508 12.20 16.87 3.44
C TRP B 508 13.41 15.95 3.36
N THR B 509 13.54 15.23 2.25
CA THR B 509 14.60 14.27 2.05
C THR B 509 15.49 14.66 0.88
N PHE B 510 16.79 14.46 1.07
CA PHE B 510 17.82 14.93 0.17
C PHE B 510 18.66 13.79 -0.35
N LEU B 511 19.35 14.06 -1.43
CA LEU B 511 20.56 13.35 -1.82
C LEU B 511 21.77 14.24 -1.60
N PRO B 512 22.96 13.68 -1.67
CA PRO B 512 24.17 14.51 -1.57
C PRO B 512 24.28 15.55 -2.67
N THR B 513 23.68 15.29 -3.82
CA THR B 513 23.92 16.07 -5.04
C THR B 513 22.93 17.22 -5.19
N ASP B 514 22.23 17.57 -4.12
CA ASP B 514 21.37 18.72 -4.14
C ASP B 514 22.13 20.03 -3.99
N PHE B 515 23.42 19.95 -3.70
CA PHE B 515 24.19 21.04 -3.11
C PHE B 515 25.46 21.24 -3.92
N GLU B 516 25.63 22.43 -4.49
CA GLU B 516 26.92 22.85 -5.04
C GLU B 516 27.66 23.75 -4.05
N THR B 517 28.15 23.10 -3.00
CA THR B 517 29.04 23.74 -2.05
C THR B 517 30.37 24.05 -2.74
N THR B 518 31.24 24.73 -1.99
CA THR B 518 32.51 25.19 -2.52
C THR B 518 33.59 24.41 -1.83
N ASN B 519 33.63 24.38 -0.49
CA ASN B 519 34.61 23.60 0.26
C ASN B 519 33.89 23.04 1.49
N ALA B 520 33.35 21.84 1.31
CA ALA B 520 32.52 21.23 2.32
C ALA B 520 32.47 19.73 2.18
N ILE B 521 32.37 19.07 3.32
CA ILE B 521 32.19 17.63 3.41
C ILE B 521 30.69 17.39 3.49
N VAL B 522 30.25 16.31 2.86
CA VAL B 522 28.87 15.84 2.97
C VAL B 522 28.94 14.35 3.23
N THR B 523 28.85 13.97 4.51
CA THR B 523 29.11 12.61 4.93
C THR B 523 28.00 12.14 5.86
N SER B 524 28.24 11.03 6.54
CA SER B 524 27.29 10.37 7.42
C SER B 524 27.51 10.79 8.86
N TYR B 525 26.82 10.09 9.77
CA TYR B 525 26.99 10.33 11.20
C TYR B 525 28.36 9.86 11.66
N ASP B 526 28.74 8.66 11.24
CA ASP B 526 29.98 8.07 11.74
C ASP B 526 31.19 8.84 11.22
N GLY B 527 31.08 9.40 10.01
CA GLY B 527 32.19 10.14 9.45
C GLY B 527 32.51 11.40 10.23
N CYS B 528 31.47 12.07 10.73
CA CYS B 528 31.68 13.32 11.43
C CYS B 528 32.10 13.10 12.88
N LEU B 529 31.76 11.93 13.43
CA LEU B 529 32.35 11.55 14.70
C LEU B 529 33.86 11.53 14.60
N GLY B 530 34.38 11.01 13.49
CA GLY B 530 35.82 11.00 13.28
C GLY B 530 36.40 12.40 13.19
N ILE B 531 35.67 13.30 12.53
CA ILE B 531 36.19 14.64 12.29
C ILE B 531 36.35 15.38 13.60
N PHE B 532 35.48 15.12 14.56
CA PHE B 532 35.42 15.86 15.81
C PHE B 532 36.05 15.11 16.98
N GLY B 533 36.63 13.94 16.73
CA GLY B 533 37.33 13.21 17.77
C GLY B 533 36.58 12.05 18.35
N LEU B 534 35.76 11.36 17.56
CA LEU B 534 34.97 10.25 18.04
C LEU B 534 34.94 9.13 17.02
N SER B 535 34.46 7.98 17.49
CA SER B 535 34.29 6.81 16.64
C SER B 535 33.31 5.89 17.32
N ILE B 536 32.53 5.20 16.50
CA ILE B 536 31.38 4.44 16.96
C ILE B 536 31.48 3.01 16.46
N SER B 537 30.96 2.09 17.26
CA SER B 537 31.15 0.68 17.01
C SER B 537 30.06 0.05 16.16
N LEU B 538 28.92 0.71 15.97
CA LEU B 538 27.82 0.17 15.19
C LEU B 538 27.71 0.93 13.89
N ALA B 539 27.52 0.20 12.79
CA ALA B 539 27.37 0.80 11.48
C ALA B 539 25.95 1.30 11.28
N SER B 540 25.78 2.17 10.30
CA SER B 540 24.44 2.65 9.98
C SER B 540 23.70 1.63 9.13
N LYS B 541 22.41 1.69 9.20
CA LYS B 541 21.54 0.79 8.47
C LYS B 541 21.15 1.39 7.12
N PRO B 542 20.86 0.56 6.11
CA PRO B 542 20.50 1.12 4.80
C PRO B 542 19.19 1.89 4.83
N THR B 543 18.26 1.54 5.71
CA THR B 543 17.03 2.28 5.89
C THR B 543 16.81 2.50 7.38
N GLY B 544 15.95 3.47 7.68
CA GLY B 544 15.89 4.10 8.97
C GLY B 544 16.34 5.55 8.84
N ASN B 545 16.30 6.24 9.97
CA ASN B 545 16.47 7.69 9.98
C ASN B 545 17.95 8.05 9.93
N ASN B 546 18.52 7.84 8.76
CA ASN B 546 19.86 8.27 8.44
C ASN B 546 19.84 9.74 8.06
N HIS B 547 20.95 10.43 8.32
CA HIS B 547 21.02 11.86 8.07
C HIS B 547 22.37 12.25 7.50
N LEU B 548 22.32 12.98 6.39
CA LEU B 548 23.47 13.68 5.85
C LEU B 548 23.97 14.68 6.88
N PHE B 549 25.28 14.79 7.02
CA PHE B 549 25.93 15.87 7.75
C PHE B 549 26.74 16.68 6.78
N ILE B 550 26.80 17.99 7.03
CA ILE B 550 27.36 18.94 6.10
C ILE B 550 28.22 19.92 6.89
N LEU B 551 29.52 19.85 6.65
CA LEU B 551 30.52 20.71 7.28
C LEU B 551 31.01 21.68 6.22
N ASN B 552 30.71 22.95 6.39
CA ASN B 552 31.11 23.98 5.44
C ASN B 552 32.32 24.74 5.98
N GLY B 553 33.21 25.11 5.08
CA GLY B 553 34.28 26.04 5.40
C GLY B 553 35.31 25.54 6.38
N THR B 554 35.51 24.23 6.48
CA THR B 554 36.38 23.66 7.50
C THR B 554 37.76 23.34 6.94
N ASP B 555 38.73 23.26 7.86
CA ASP B 555 40.13 22.98 7.52
C ASP B 555 40.35 21.64 6.82
N LYS B 556 39.36 20.75 6.81
CA LYS B 556 39.56 19.36 6.44
C LYS B 556 39.00 19.01 5.07
N TYR B 557 38.83 19.98 4.17
CA TYR B 557 38.28 19.67 2.85
C TYR B 557 39.32 19.00 1.96
N TYR B 558 40.58 19.41 2.07
CA TYR B 558 41.64 18.87 1.23
C TYR B 558 42.16 17.53 1.72
N LYS B 559 41.99 17.20 2.99
CA LYS B 559 42.51 15.97 3.56
C LYS B 559 41.55 14.82 3.24
N LEU B 560 41.73 14.29 2.04
CA LEU B 560 40.73 13.39 1.48
C LEU B 560 40.85 11.99 2.04
N ASP B 561 42.04 11.41 2.02
CA ASP B 561 42.23 10.02 2.45
C ASP B 561 42.25 9.85 3.96
N GLN B 562 41.80 10.85 4.72
CA GLN B 562 41.78 10.85 6.17
C GLN B 562 40.38 10.73 6.74
N PHE B 563 39.49 11.64 6.31
CA PHE B 563 38.19 11.88 6.89
C PHE B 563 37.16 11.82 5.77
N ALA B 564 36.06 11.09 5.99
CA ALA B 564 35.05 10.93 4.96
C ALA B 564 35.70 10.36 3.70
N ASN B 565 36.53 9.35 3.88
CA ASN B 565 37.36 8.80 2.82
C ASN B 565 36.71 7.55 2.23
N HIS B 566 37.41 6.90 1.30
CA HIS B 566 36.94 5.71 0.60
C HIS B 566 36.87 4.47 1.48
N THR B 567 37.11 4.62 2.77
CA THR B 567 36.79 3.60 3.75
C THR B 567 35.35 3.14 3.61
N GLY B 568 35.14 1.84 3.75
CA GLY B 568 33.81 1.26 3.77
C GLY B 568 33.13 1.15 2.43
N ILE B 569 33.81 1.47 1.34
CA ILE B 569 33.17 1.67 0.05
C ILE B 569 32.60 0.37 -0.52
N SER B 570 33.31 -0.74 -0.35
CA SER B 570 33.00 -2.00 -1.02
C SER B 570 32.46 -3.05 -0.07
N ARG B 571 32.07 -2.63 1.14
CA ARG B 571 31.63 -3.58 2.19
C ARG B 571 30.40 -4.38 1.75
N ARG B 572 29.45 -3.74 1.08
CA ARG B 572 28.23 -4.43 0.67
C ARG B 572 28.42 -5.18 -0.64
N SER B 573 29.29 -4.68 -1.52
CA SER B 573 29.55 -5.38 -2.76
C SER B 573 30.14 -6.76 -2.49
N HIS B 574 31.20 -6.83 -1.67
CA HIS B 574 31.81 -8.12 -1.32
C HIS B 574 30.79 -9.11 -0.77
N GLN B 575 29.79 -8.63 -0.04
CA GLN B 575 28.70 -9.51 0.38
C GLN B 575 27.93 -10.05 -0.81
N VAL B 576 27.70 -9.19 -1.80
CA VAL B 576 26.91 -9.58 -2.97
C VAL B 576 27.76 -10.43 -3.90
N ARG B 577 29.03 -10.06 -4.07
CA ARG B 577 29.87 -10.71 -5.06
C ARG B 577 30.01 -12.19 -4.75
N PHE B 578 30.30 -12.53 -3.50
CA PHE B 578 30.70 -13.87 -3.10
C PHE B 578 29.59 -14.67 -2.47
N SER B 579 28.80 -14.06 -1.58
CA SER B 579 27.89 -14.78 -0.71
C SER B 579 26.44 -14.74 -1.16
N GLU B 580 25.87 -13.55 -1.29
CA GLU B 580 24.42 -13.39 -1.40
C GLU B 580 24.00 -13.63 -2.85
N SER B 581 24.14 -14.88 -3.26
CA SER B 581 23.46 -15.40 -4.45
C SER B 581 23.92 -14.69 -5.72
N ALA B 582 25.21 -14.86 -6.02
CA ALA B 582 25.78 -14.35 -7.27
C ALA B 582 27.21 -14.84 -7.42
N THR B 583 27.69 -14.79 -8.66
CA THR B 583 29.08 -15.08 -8.97
C THR B 583 29.97 -13.90 -8.63
N SER B 584 31.22 -14.21 -8.26
CA SER B 584 32.16 -13.18 -7.87
C SER B 584 32.43 -12.17 -8.97
N TYR B 585 32.27 -12.55 -10.23
CA TYR B 585 32.50 -11.67 -11.36
C TYR B 585 31.24 -10.92 -11.80
N SER B 586 30.20 -10.91 -10.98
CA SER B 586 28.94 -10.29 -11.40
C SER B 586 29.11 -8.81 -11.69
N GLY B 587 29.77 -8.08 -10.82
CA GLY B 587 30.02 -6.69 -11.10
C GLY B 587 31.01 -6.47 -12.21
N TYR B 588 31.92 -7.41 -12.41
CA TYR B 588 32.92 -7.34 -13.46
C TYR B 588 32.34 -7.67 -14.83
N ILE B 589 31.17 -8.32 -14.86
CA ILE B 589 30.52 -8.64 -16.12
C ILE B 589 29.51 -7.55 -16.48
N PHE B 590 28.75 -7.07 -15.50
CA PHE B 590 27.64 -6.17 -15.79
C PHE B 590 28.12 -4.88 -16.42
N ARG B 591 29.17 -4.28 -15.86
CA ARG B 591 29.55 -2.94 -16.26
C ARG B 591 30.18 -2.93 -17.65
N ASP B 592 30.74 -4.06 -18.07
CA ASP B 592 31.23 -4.13 -19.45
C ASP B 592 30.08 -4.33 -20.44
N LEU B 593 29.07 -5.10 -20.06
CA LEU B 593 27.90 -5.25 -20.91
C LEU B 593 27.18 -3.92 -21.08
N SER B 594 27.07 -3.16 -19.99
CA SER B 594 26.34 -1.90 -20.03
C SER B 594 27.14 -0.77 -20.64
N ASN B 595 28.40 -1.00 -20.99
CA ASN B 595 29.22 -0.02 -21.69
C ASN B 595 29.74 -0.56 -23.03
N SER B 596 29.01 -1.51 -23.61
CA SER B 596 29.24 -1.98 -24.98
C SER B 596 30.64 -2.57 -25.15
N ASN B 597 31.08 -3.33 -24.17
CA ASN B 597 32.18 -4.28 -24.30
C ASN B 597 31.63 -5.66 -24.01
N PHE B 598 30.47 -5.93 -24.58
CA PHE B 598 29.72 -7.12 -24.24
C PHE B 598 30.23 -8.35 -24.96
N ASN B 599 30.91 -8.17 -26.08
CA ASN B 599 31.56 -9.30 -26.72
C ASN B 599 32.61 -9.92 -25.80
N LEU B 600 33.30 -9.10 -25.01
CA LEU B 600 34.44 -9.56 -24.22
C LEU B 600 34.19 -9.27 -22.75
N ILE B 601 34.09 -10.34 -21.97
CA ILE B 601 34.10 -10.25 -20.52
C ILE B 601 35.09 -11.27 -19.97
N GLY B 602 36.11 -11.61 -20.76
CA GLY B 602 37.19 -12.44 -20.28
C GLY B 602 38.17 -11.65 -19.45
N THR B 603 38.53 -10.47 -19.94
CA THR B 603 39.54 -9.63 -19.30
C THR B 603 38.86 -8.63 -18.37
N ASN B 604 38.00 -9.17 -17.52
CA ASN B 604 37.31 -8.41 -16.49
C ASN B 604 37.79 -8.80 -15.09
N VAL B 605 38.78 -9.68 -15.01
CA VAL B 605 39.54 -9.88 -13.80
C VAL B 605 40.28 -8.61 -13.41
N GLU B 606 41.11 -8.13 -14.35
CA GLU B 606 41.86 -6.90 -14.18
C GLU B 606 41.65 -6.08 -15.45
N ASN B 607 42.02 -4.81 -15.38
CA ASN B 607 41.88 -3.83 -16.45
C ASN B 607 40.43 -3.45 -16.71
N SER B 608 39.53 -3.70 -15.75
CA SER B 608 38.20 -3.12 -15.81
C SER B 608 38.24 -1.71 -15.27
N VAL B 609 37.10 -1.03 -15.38
CA VAL B 609 36.98 0.38 -15.09
C VAL B 609 35.85 0.57 -14.06
N SER B 610 35.60 1.83 -13.72
CA SER B 610 34.45 2.21 -12.91
C SER B 610 34.49 1.61 -11.51
N GLY B 611 35.59 1.79 -10.80
CA GLY B 611 35.76 1.13 -9.52
C GLY B 611 35.01 1.72 -8.35
N HIS B 612 35.42 2.93 -7.95
CA HIS B 612 34.89 3.51 -6.72
C HIS B 612 33.45 3.96 -6.89
N VAL B 613 33.14 4.50 -8.06
CA VAL B 613 31.93 5.29 -8.22
C VAL B 613 30.73 4.38 -8.36
N TYR B 614 30.85 3.34 -9.19
CA TYR B 614 29.75 2.41 -9.40
C TYR B 614 29.27 1.84 -8.08
N ASN B 615 30.17 1.65 -7.13
CA ASN B 615 29.80 1.20 -5.80
C ASN B 615 29.20 2.32 -4.98
N ALA B 616 29.65 3.55 -5.22
CA ALA B 616 29.13 4.70 -4.51
C ALA B 616 27.71 5.03 -4.95
N LEU B 617 27.33 4.58 -6.15
CA LEU B 617 26.05 4.99 -6.73
C LEU B 617 24.94 4.00 -6.42
N ILE B 618 25.20 2.69 -6.56
CA ILE B 618 24.12 1.73 -6.40
C ILE B 618 23.94 1.35 -4.93
N TYR B 619 24.99 1.44 -4.13
CA TYR B 619 24.90 1.20 -2.69
C TYR B 619 25.12 2.47 -1.88
N TYR B 620 24.67 3.62 -2.39
CA TYR B 620 24.76 4.86 -1.62
C TYR B 620 24.08 4.75 -0.27
N ARG B 621 23.06 3.91 -0.15
CA ARG B 621 22.31 3.81 1.10
C ARG B 621 23.21 3.28 2.21
N TYR B 622 24.24 2.52 1.87
CA TYR B 622 25.19 1.98 2.82
C TYR B 622 26.40 2.88 3.03
N ASN B 623 26.92 3.45 1.96
CA ASN B 623 28.23 4.09 1.97
C ASN B 623 28.18 5.56 1.57
N TYR B 624 27.08 6.25 1.88
CA TYR B 624 27.04 7.69 1.68
C TYR B 624 27.99 8.43 2.62
N SER B 625 28.59 7.73 3.58
CA SER B 625 29.70 8.27 4.37
C SER B 625 30.85 8.72 3.48
N PHE B 626 30.99 8.12 2.30
CA PHE B 626 31.96 8.55 1.31
C PHE B 626 31.34 9.65 0.48
N ASP B 627 31.81 10.89 0.67
CA ASP B 627 31.33 11.99 -0.17
C ASP B 627 31.97 11.84 -1.53
N LEU B 628 31.17 11.29 -2.45
CA LEU B 628 31.60 11.08 -3.82
C LEU B 628 32.02 12.37 -4.48
N LYS B 629 31.29 13.44 -4.22
CA LYS B 629 31.49 14.68 -4.92
C LYS B 629 32.82 15.32 -4.55
N ARG B 630 33.15 15.30 -3.25
CA ARG B 630 34.44 15.80 -2.79
C ARG B 630 35.59 14.99 -3.38
N TRP B 631 35.36 13.70 -3.61
CA TRP B 631 36.39 12.85 -4.18
C TRP B 631 36.72 13.28 -5.60
N ILE B 632 35.74 13.78 -6.34
CA ILE B 632 35.92 14.00 -7.77
C ILE B 632 36.57 15.36 -8.00
N TYR B 633 36.11 16.38 -7.28
CA TYR B 633 36.61 17.73 -7.48
C TYR B 633 38.10 17.81 -7.17
N LEU B 634 38.55 17.08 -6.17
CA LEU B 634 39.95 17.11 -5.78
C LEU B 634 40.84 16.27 -6.69
N HIS B 635 40.27 15.63 -7.71
CA HIS B 635 41.04 14.93 -8.73
C HIS B 635 40.91 15.60 -10.07
N SER B 636 39.90 16.45 -10.24
CA SER B 636 39.92 17.42 -11.32
C SER B 636 41.19 18.26 -11.25
N VAL B 637 41.57 18.66 -10.05
CA VAL B 637 42.71 19.51 -9.78
C VAL B 637 43.49 18.84 -8.67
N GLU B 638 44.77 18.57 -8.91
CA GLU B 638 45.55 17.72 -8.03
C GLU B 638 45.83 18.45 -6.71
N LYS B 639 45.05 18.12 -5.69
CA LYS B 639 45.18 18.72 -4.37
C LYS B 639 44.98 17.68 -3.28
N TYR B 647 49.44 9.26 -4.66
CA TYR B 647 48.30 8.45 -4.27
C TYR B 647 47.61 7.83 -5.49
N TYR B 648 46.53 8.47 -5.97
CA TYR B 648 45.56 7.84 -6.85
C TYR B 648 45.31 8.73 -8.04
N GLU B 649 44.89 8.12 -9.14
CA GLU B 649 44.47 8.86 -10.32
C GLU B 649 43.77 7.90 -11.26
N HIS B 650 42.61 8.34 -11.74
CA HIS B 650 41.87 7.65 -12.79
C HIS B 650 41.57 8.67 -13.88
N ALA B 651 41.23 8.15 -15.05
CA ALA B 651 40.92 9.06 -16.14
C ALA B 651 39.51 9.64 -15.97
N PRO B 652 39.27 10.80 -16.57
CA PRO B 652 37.89 11.28 -16.71
C PRO B 652 36.92 10.28 -17.31
N ILE B 653 37.35 9.55 -18.33
CA ILE B 653 36.46 8.67 -19.07
C ILE B 653 35.84 7.63 -18.16
N GLU B 654 36.56 7.17 -17.15
CA GLU B 654 36.10 6.05 -16.36
C GLU B 654 34.87 6.41 -15.54
N LEU B 655 34.76 7.66 -15.12
CA LEU B 655 33.68 8.09 -14.25
C LEU B 655 32.34 8.12 -14.96
N ILE B 656 32.33 8.39 -16.26
CA ILE B 656 31.10 8.40 -17.02
C ILE B 656 30.53 7.00 -17.14
N TYR B 657 31.41 6.05 -17.45
CA TYR B 657 31.03 4.65 -17.55
C TYR B 657 30.56 4.11 -16.22
N ALA B 658 31.08 4.64 -15.12
CA ALA B 658 30.55 4.27 -13.82
C ALA B 658 29.13 4.78 -13.67
N CYS B 659 28.88 6.01 -14.12
CA CYS B 659 27.53 6.57 -14.06
C CYS B 659 26.59 5.85 -14.99
N LYS B 660 27.00 5.60 -16.24
CA LYS B 660 26.11 5.01 -17.23
C LYS B 660 25.66 3.62 -16.80
N SER B 661 26.53 2.89 -16.11
CA SER B 661 26.21 1.53 -15.74
C SER B 661 25.28 1.49 -14.54
N ALA B 662 25.39 2.48 -13.65
CA ALA B 662 24.50 2.56 -12.52
C ALA B 662 23.08 2.89 -12.97
N LYS B 663 22.96 3.70 -14.02
CA LYS B 663 21.65 3.94 -14.61
C LYS B 663 21.01 2.65 -15.07
N GLU B 664 21.71 1.92 -15.94
CA GLU B 664 21.27 0.62 -16.41
C GLU B 664 20.92 -0.30 -15.25
N PHE B 665 21.78 -0.36 -14.24
CA PHE B 665 21.53 -1.19 -13.07
C PHE B 665 20.24 -0.78 -12.39
N ALA B 666 20.03 0.53 -12.25
CA ALA B 666 18.87 1.03 -11.54
C ALA B 666 17.63 0.96 -12.41
N SER B 667 17.80 0.80 -13.73
CA SER B 667 16.67 0.65 -14.62
C SER B 667 16.02 -0.72 -14.45
N LEU B 668 16.84 -1.77 -14.49
CA LEU B 668 16.31 -3.12 -14.32
C LEU B 668 15.66 -3.28 -12.96
N GLN B 669 16.39 -2.91 -11.91
CA GLN B 669 15.88 -2.79 -10.56
C GLN B 669 14.71 -1.81 -10.45
N ASP B 670 14.66 -0.81 -11.31
CA ASP B 670 13.71 0.32 -11.18
C ASP B 670 13.90 1.02 -9.85
N ASP B 671 15.13 1.43 -9.57
CA ASP B 671 15.47 2.26 -8.42
C ASP B 671 15.65 3.67 -8.94
N LEU B 672 14.56 4.42 -8.98
CA LEU B 672 14.57 5.76 -9.56
C LEU B 672 15.45 6.75 -8.80
N THR B 673 15.92 6.40 -7.61
CA THR B 673 16.75 7.30 -6.82
C THR B 673 18.22 7.22 -7.26
N VAL B 674 18.74 6.01 -7.46
CA VAL B 674 20.04 5.88 -8.09
C VAL B 674 20.00 6.50 -9.47
N LEU B 675 18.92 6.23 -10.19
CA LEU B 675 18.75 6.74 -11.54
C LEU B 675 18.83 8.25 -11.58
N ARG B 676 18.24 8.90 -10.59
CA ARG B 676 18.42 10.35 -10.47
C ARG B 676 19.85 10.66 -10.09
N TYR B 677 20.35 10.01 -9.04
CA TYR B 677 21.69 10.24 -8.53
C TYR B 677 22.75 10.01 -9.60
N ALA B 678 22.50 9.11 -10.55
CA ALA B 678 23.42 8.97 -11.67
C ALA B 678 23.37 10.19 -12.57
N ASN B 679 22.16 10.68 -12.87
CA ASN B 679 22.03 11.90 -13.67
C ASN B 679 22.61 13.08 -12.93
N GLU B 680 22.46 13.12 -11.60
CA GLU B 680 22.97 14.21 -10.79
C GLU B 680 24.48 14.32 -10.88
N ILE B 681 25.17 13.20 -11.05
CA ILE B 681 26.61 13.17 -10.96
C ILE B 681 27.21 13.47 -12.33
N GLU B 682 26.73 12.78 -13.36
CA GLU B 682 27.40 12.80 -14.65
C GLU B 682 27.45 14.19 -15.27
N ASN B 683 26.42 15.01 -15.02
CA ASN B 683 26.45 16.37 -15.52
C ASN B 683 27.18 17.29 -14.54
N TYR B 684 27.46 16.81 -13.32
CA TYR B 684 28.43 17.47 -12.47
C TYR B 684 29.85 17.06 -12.85
N ILE B 685 30.02 15.84 -13.36
CA ILE B 685 31.31 15.48 -13.91
C ILE B 685 31.62 16.36 -15.11
N ASN B 686 30.65 16.54 -15.99
CA ASN B 686 30.78 17.46 -17.12
C ASN B 686 30.76 18.93 -16.70
N LYS B 687 30.63 19.23 -15.41
CA LYS B 687 30.66 20.60 -14.91
C LYS B 687 32.05 21.04 -14.51
N VAL B 688 32.63 20.36 -13.51
CA VAL B 688 33.93 20.76 -12.99
C VAL B 688 35.00 20.60 -14.05
N TYR B 689 34.76 19.73 -15.03
CA TYR B 689 35.64 19.64 -16.18
C TYR B 689 34.83 19.19 -17.39
N SER B 690 35.18 19.71 -18.55
CA SER B 690 34.59 19.25 -19.80
C SER B 690 35.27 17.99 -20.30
N ILE B 691 34.58 17.30 -21.19
CA ILE B 691 35.15 16.18 -21.94
C ILE B 691 34.85 16.43 -23.41
N THR B 692 35.86 16.24 -24.25
CA THR B 692 35.75 16.41 -25.69
C THR B 692 36.00 15.08 -26.36
N TYR B 693 35.36 14.89 -27.51
CA TYR B 693 35.42 13.63 -28.24
C TYR B 693 35.72 13.87 -29.71
N ALA B 694 36.83 13.30 -30.17
CA ALA B 694 37.13 13.25 -31.60
C ALA B 694 36.36 12.08 -32.24
N ASP B 695 35.06 12.31 -32.42
CA ASP B 695 34.19 11.25 -32.89
C ASP B 695 34.52 10.82 -34.31
N ASP B 696 34.79 11.79 -35.20
CA ASP B 696 35.26 11.52 -36.57
C ASP B 696 36.65 12.15 -36.68
N PRO B 697 37.69 11.48 -36.21
CA PRO B 697 38.99 12.14 -36.04
C PRO B 697 39.72 12.33 -37.36
N ASN B 698 40.89 12.99 -37.24
CA ASN B 698 41.79 13.19 -38.36
C ASN B 698 43.12 12.45 -38.21
N TYR B 699 43.67 12.39 -37.00
CA TYR B 699 44.96 11.76 -36.75
C TYR B 699 44.77 10.57 -35.82
N PHE B 700 45.82 9.77 -35.69
CA PHE B 700 45.81 8.71 -34.69
C PHE B 700 47.23 8.32 -34.31
N ILE B 701 47.34 7.77 -33.11
CA ILE B 701 48.60 7.28 -32.56
C ILE B 701 48.64 5.79 -32.82
N GLY B 702 49.71 5.35 -33.47
CA GLY B 702 49.86 3.96 -33.84
C GLY B 702 51.14 3.37 -33.27
N ILE B 703 51.10 2.07 -33.04
CA ILE B 703 52.19 1.32 -32.42
C ILE B 703 52.40 0.08 -33.27
N LYS B 704 53.62 -0.08 -33.79
CA LYS B 704 54.00 -1.25 -34.57
C LYS B 704 54.83 -2.19 -33.72
N PHE B 705 54.71 -3.49 -33.99
CA PHE B 705 55.40 -4.54 -33.26
C PHE B 705 56.28 -5.37 -34.17
N ASN B 706 57.26 -6.02 -33.55
CA ASN B 706 58.23 -6.84 -34.27
C ASN B 706 57.56 -7.97 -35.01
N ASN B 707 56.74 -8.76 -34.30
CA ASN B 707 56.11 -9.93 -34.89
C ASN B 707 54.87 -10.25 -34.09
N ILE B 708 53.79 -10.56 -34.79
CA ILE B 708 52.51 -10.91 -34.19
C ILE B 708 52.39 -12.40 -34.24
N PRO B 709 52.26 -13.15 -33.08
CA PRO B 709 52.24 -14.60 -33.09
C PRO B 709 50.89 -15.21 -33.49
N TYR B 710 50.23 -14.63 -34.48
CA TYR B 710 48.91 -15.03 -34.92
C TYR B 710 48.92 -15.08 -36.44
N ILE B 711 47.81 -15.52 -37.00
CA ILE B 711 47.57 -15.50 -38.44
C ILE B 711 46.90 -14.17 -38.75
N TYR B 712 47.24 -13.57 -39.89
CA TYR B 712 46.62 -12.32 -40.27
C TYR B 712 46.74 -12.10 -41.77
N ASP B 713 45.75 -11.38 -42.30
CA ASP B 713 45.69 -11.04 -43.71
C ASP B 713 45.79 -9.55 -43.98
N VAL B 714 45.51 -8.70 -42.98
CA VAL B 714 45.85 -7.29 -43.10
C VAL B 714 47.33 -7.15 -43.35
N LYS B 715 47.70 -6.25 -44.25
CA LYS B 715 49.09 -6.18 -44.71
C LYS B 715 50.01 -5.67 -43.60
N VAL B 716 49.50 -4.77 -42.76
CA VAL B 716 50.27 -4.19 -41.66
C VAL B 716 49.41 -4.23 -40.40
N PRO B 717 49.56 -5.23 -39.53
CA PRO B 717 48.84 -5.18 -38.25
C PRO B 717 49.45 -4.12 -37.35
N HIS B 718 48.60 -3.45 -36.59
CA HIS B 718 49.03 -2.35 -35.76
C HIS B 718 48.04 -2.16 -34.63
N LEU B 719 48.51 -1.56 -33.55
CA LEU B 719 47.67 -1.08 -32.48
C LEU B 719 47.39 0.40 -32.71
N THR B 720 46.13 0.72 -32.96
CA THR B 720 45.68 2.10 -32.97
C THR B 720 45.46 2.50 -31.52
N PHE B 721 46.47 3.12 -30.92
CA PHE B 721 46.47 3.34 -29.50
C PHE B 721 45.50 4.43 -29.09
N GLY B 722 45.21 5.35 -29.99
CA GLY B 722 44.24 6.39 -29.70
C GLY B 722 44.14 7.35 -30.87
N VAL B 723 43.00 8.04 -30.92
CA VAL B 723 42.67 8.95 -32.01
C VAL B 723 42.46 10.33 -31.44
N LEU B 724 42.62 11.33 -32.29
CA LEU B 724 42.52 12.71 -31.88
C LEU B 724 42.15 13.59 -33.06
N TYR B 725 41.42 14.66 -32.76
CA TYR B 725 40.99 15.66 -33.73
C TYR B 725 41.62 16.97 -33.34
N ILE B 726 42.56 17.46 -34.16
CA ILE B 726 43.33 18.65 -33.84
C ILE B 726 43.54 19.49 -35.09
N SER B 727 44.06 20.69 -34.86
CA SER B 727 44.52 21.54 -35.94
C SER B 727 45.92 21.11 -36.36
N ASP B 728 46.31 21.51 -37.58
CA ASP B 728 47.51 20.94 -38.19
C ASP B 728 48.78 21.61 -37.69
N ASN B 729 48.66 22.65 -36.85
CA ASN B 729 49.83 23.23 -36.18
C ASN B 729 49.78 23.10 -34.67
N MET B 730 48.98 22.16 -34.15
CA MET B 730 49.18 21.61 -32.82
C MET B 730 49.84 20.24 -32.84
N ILE B 731 50.25 19.76 -34.01
CA ILE B 731 51.22 18.67 -34.05
C ILE B 731 52.45 18.99 -33.22
N PRO B 732 53.05 20.20 -33.27
CA PRO B 732 54.31 20.40 -32.55
C PRO B 732 54.22 20.32 -31.03
N ASP B 733 53.04 20.45 -30.42
CA ASP B 733 52.91 20.23 -28.97
C ASP B 733 52.23 18.92 -28.63
N VAL B 734 51.69 18.20 -29.61
CA VAL B 734 51.35 16.80 -29.39
C VAL B 734 52.63 15.99 -29.23
N VAL B 735 53.62 16.27 -30.09
CA VAL B 735 54.82 15.45 -30.10
C VAL B 735 55.61 15.57 -28.80
N LYS B 736 55.43 16.65 -28.05
CA LYS B 736 55.97 16.71 -26.69
C LYS B 736 55.60 15.48 -25.88
N ILE B 737 54.32 15.12 -25.93
CA ILE B 737 53.81 14.03 -25.10
C ILE B 737 54.22 12.70 -25.71
N MET B 738 54.41 12.70 -27.02
CA MET B 738 54.92 11.50 -27.73
C MET B 738 56.33 11.24 -27.19
N LYS B 739 57.05 12.33 -26.91
CA LYS B 739 58.43 12.28 -26.44
C LYS B 739 58.52 12.06 -24.93
N SER B 740 57.71 12.80 -24.17
CA SER B 740 57.88 12.83 -22.73
C SER B 740 57.49 11.51 -22.07
N MET B 741 56.73 10.68 -22.78
CA MET B 741 56.31 9.37 -22.27
C MET B 741 56.67 8.26 -23.24
N LYS B 742 57.79 8.38 -23.95
CA LYS B 742 58.13 7.39 -24.95
C LYS B 742 58.48 6.04 -24.32
N GLN B 743 59.01 6.05 -23.09
CA GLN B 743 59.45 4.81 -22.47
C GLN B 743 58.37 4.17 -21.61
N GLU B 744 57.40 4.95 -21.13
CA GLU B 744 56.24 4.36 -20.48
C GLU B 744 55.36 3.61 -21.46
N LEU B 745 55.55 3.86 -22.75
CA LEU B 745 54.99 3.04 -23.82
C LEU B 745 55.93 1.92 -24.21
N PHE B 746 57.23 2.19 -24.35
CA PHE B 746 58.20 1.11 -24.57
C PHE B 746 58.33 0.22 -23.34
N GLY B 747 58.06 0.77 -22.15
CA GLY B 747 58.28 0.07 -20.92
C GLY B 747 57.08 -0.61 -20.32
N MET B 748 55.92 -0.55 -20.96
CA MET B 748 54.71 -1.17 -20.42
C MET B 748 54.55 -2.58 -20.97
N ASP B 749 54.01 -3.45 -20.13
CA ASP B 749 53.96 -4.89 -20.39
C ASP B 749 52.85 -5.20 -21.39
N VAL B 750 53.13 -4.93 -22.66
CA VAL B 750 52.21 -5.34 -23.71
C VAL B 750 52.22 -6.85 -23.77
N THR B 751 51.04 -7.45 -23.76
CA THR B 751 50.87 -8.88 -23.84
C THR B 751 49.62 -9.20 -24.65
N THR B 752 49.69 -10.32 -25.38
CA THR B 752 48.55 -10.85 -26.10
C THR B 752 48.42 -12.33 -25.77
N SER B 753 47.17 -12.77 -25.67
CA SER B 753 46.88 -14.14 -25.26
C SER B 753 45.79 -14.79 -26.09
N TYR B 754 45.05 -14.03 -26.89
CA TYR B 754 43.97 -14.64 -27.65
C TYR B 754 43.46 -13.70 -28.74
N THR B 755 42.60 -14.27 -29.58
CA THR B 755 41.88 -13.56 -30.62
C THR B 755 40.41 -13.48 -30.27
N TYR B 756 39.70 -12.59 -30.95
CA TYR B 756 38.28 -12.47 -30.72
C TYR B 756 37.62 -11.77 -31.90
N MET B 757 36.30 -11.63 -31.79
CA MET B 757 35.51 -10.89 -32.75
C MET B 757 35.10 -9.56 -32.13
N LEU B 758 35.70 -8.49 -32.63
CA LEU B 758 35.32 -7.15 -32.19
C LEU B 758 33.98 -6.76 -32.78
N SER B 759 33.72 -7.23 -33.99
CA SER B 759 32.50 -6.92 -34.72
C SER B 759 32.47 -7.83 -35.93
N ASP B 760 31.40 -7.71 -36.72
CA ASP B 760 31.32 -8.47 -37.96
C ASP B 760 32.46 -8.08 -38.89
N GLY B 761 33.08 -9.09 -39.50
CA GLY B 761 34.14 -8.89 -40.45
C GLY B 761 35.34 -8.14 -39.91
N VAL B 762 35.58 -8.18 -38.60
CA VAL B 762 36.75 -7.57 -37.99
C VAL B 762 37.26 -8.56 -36.95
N TYR B 763 38.28 -9.35 -37.33
CA TYR B 763 38.87 -10.36 -36.48
C TYR B 763 40.20 -9.82 -35.96
N VAL B 764 40.35 -9.81 -34.65
CA VAL B 764 41.39 -9.05 -33.98
C VAL B 764 42.02 -9.89 -32.89
N ALA B 765 43.10 -9.35 -32.34
CA ALA B 765 43.70 -9.86 -31.11
C ALA B 765 43.26 -9.00 -29.93
N ASN B 766 43.67 -9.40 -28.72
CA ASN B 766 43.54 -8.55 -27.55
C ASN B 766 44.91 -8.16 -27.04
N VAL B 767 45.05 -6.89 -26.71
CA VAL B 767 46.23 -6.34 -26.05
C VAL B 767 45.86 -6.07 -24.61
N SER B 768 46.82 -6.25 -23.70
CA SER B 768 46.59 -6.11 -22.27
C SER B 768 47.72 -5.31 -21.64
N GLY B 769 47.46 -4.84 -20.41
CA GLY B 769 48.47 -4.18 -19.62
C GLY B 769 48.86 -2.79 -20.07
N VAL B 770 48.19 -2.23 -21.08
CA VAL B 770 48.57 -0.93 -21.63
C VAL B 770 47.70 0.20 -21.10
N LEU B 771 46.50 -0.08 -20.59
CA LEU B 771 45.48 0.95 -20.42
C LEU B 771 45.92 2.05 -19.48
N ALA B 772 46.66 1.71 -18.42
CA ALA B 772 47.03 2.73 -17.44
C ALA B 772 47.83 3.85 -18.09
N THR B 773 48.76 3.50 -18.98
CA THR B 773 49.43 4.50 -19.78
C THR B 773 48.44 5.23 -20.68
N TYR B 774 47.45 4.51 -21.21
CA TYR B 774 46.46 5.16 -22.06
C TYR B 774 45.64 6.17 -21.26
N PHE B 775 45.34 5.85 -20.00
CA PHE B 775 44.57 6.77 -19.18
C PHE B 775 45.39 7.99 -18.79
N LYS B 776 46.68 7.80 -18.52
CA LYS B 776 47.54 8.95 -18.23
C LYS B 776 47.65 9.84 -19.46
N MET B 777 47.85 9.22 -20.63
CA MET B 777 48.06 10.01 -21.88
C MET B 777 46.84 10.89 -22.08
N TYR B 778 45.66 10.34 -21.81
CA TYR B 778 44.43 11.11 -21.95
C TYR B 778 44.50 12.40 -21.14
N ASN B 779 45.13 12.34 -19.96
CA ASN B 779 45.15 13.50 -19.08
C ASN B 779 46.15 14.55 -19.54
N LEU B 780 47.26 14.12 -20.15
CA LEU B 780 48.26 15.09 -20.57
C LEU B 780 47.83 15.80 -21.85
N PHE B 781 47.17 15.07 -22.74
CA PHE B 781 46.48 15.76 -23.83
C PHE B 781 45.36 16.63 -23.31
N TYR B 782 44.75 16.22 -22.19
CA TYR B 782 43.57 16.94 -21.71
C TYR B 782 43.93 18.36 -21.27
N LYS B 783 44.80 18.48 -20.26
CA LYS B 783 45.11 19.79 -19.71
C LYS B 783 45.84 20.68 -20.72
N ASN B 784 46.47 20.10 -21.74
CA ASN B 784 46.94 20.86 -22.89
C ASN B 784 45.82 21.13 -23.90
N GLN B 785 44.56 20.84 -23.55
CA GLN B 785 43.40 21.22 -24.35
C GLN B 785 43.45 20.58 -25.73
N ILE B 786 43.75 19.30 -25.78
CA ILE B 786 43.81 18.53 -27.01
C ILE B 786 42.71 17.48 -26.94
N THR B 787 41.89 17.39 -27.98
CA THR B 787 40.89 16.35 -28.05
C THR B 787 41.57 15.00 -28.18
N PHE B 788 40.97 13.97 -27.58
CA PHE B 788 41.54 12.63 -27.64
C PHE B 788 40.50 11.65 -27.15
N GLY B 789 40.26 10.60 -27.91
CA GLY B 789 39.32 9.57 -27.54
C GLY B 789 37.93 9.82 -28.11
N GLN B 790 37.20 8.72 -28.28
CA GLN B 790 35.83 8.71 -28.76
C GLN B 790 34.87 8.34 -27.63
N SER B 791 33.59 8.61 -27.87
CA SER B 791 32.55 8.27 -26.92
C SER B 791 32.39 6.77 -26.74
N ARG B 792 32.87 5.97 -27.68
CA ARG B 792 32.97 4.54 -27.51
C ARG B 792 33.98 4.24 -26.41
N MET B 793 33.94 3.01 -25.91
CA MET B 793 34.99 2.54 -25.02
C MET B 793 36.16 2.02 -25.84
N PHE B 794 37.33 2.59 -25.61
CA PHE B 794 38.53 2.14 -26.29
C PHE B 794 38.96 0.79 -25.74
N ILE B 795 38.68 -0.26 -26.48
CA ILE B 795 39.20 -1.59 -26.20
C ILE B 795 40.40 -1.79 -27.11
N PRO B 796 41.64 -1.81 -26.61
CA PRO B 796 42.79 -1.90 -27.53
C PRO B 796 42.80 -3.23 -28.25
N HIS B 797 43.08 -3.17 -29.55
CA HIS B 797 43.03 -4.36 -30.36
C HIS B 797 44.00 -4.23 -31.52
N ILE B 798 44.56 -5.37 -31.91
CA ILE B 798 45.38 -5.49 -33.10
C ILE B 798 44.52 -6.19 -34.13
N THR B 799 44.38 -5.58 -35.31
CA THR B 799 43.59 -6.18 -36.37
C THR B 799 44.40 -7.26 -37.07
N LEU B 800 43.71 -8.36 -37.40
CA LEU B 800 44.29 -9.52 -38.07
C LEU B 800 43.69 -9.79 -39.43
N SER B 801 42.37 -9.84 -39.53
CA SER B 801 41.72 -10.24 -40.77
C SER B 801 40.28 -9.74 -40.77
N PHE B 802 39.79 -9.46 -41.98
CA PHE B 802 38.40 -9.09 -42.19
C PHE B 802 37.60 -10.34 -42.59
N SER B 803 37.42 -11.21 -41.61
CA SER B 803 36.60 -12.41 -41.76
C SER B 803 35.81 -12.61 -40.47
N ASN B 804 35.25 -13.80 -40.32
CA ASN B 804 34.60 -14.23 -39.09
C ASN B 804 35.15 -15.61 -38.73
N ASN B 805 35.93 -15.67 -37.65
CA ASN B 805 36.70 -16.87 -37.32
C ASN B 805 36.48 -17.22 -35.85
N LYS B 806 37.24 -18.20 -35.36
CA LYS B 806 37.12 -18.72 -34.01
C LYS B 806 38.20 -18.14 -33.10
N THR B 807 37.78 -17.81 -31.89
CA THR B 807 38.71 -17.46 -30.82
C THR B 807 39.73 -18.57 -30.61
N VAL B 808 41.00 -18.24 -30.83
CA VAL B 808 42.12 -19.15 -30.58
C VAL B 808 42.88 -18.63 -29.38
N ARG B 809 43.16 -19.53 -28.42
CA ARG B 809 43.90 -19.20 -27.21
C ARG B 809 45.35 -19.63 -27.37
N ILE B 810 46.27 -18.78 -26.91
CA ILE B 810 47.67 -19.13 -26.79
C ILE B 810 48.13 -18.80 -25.38
N GLU B 811 49.35 -19.21 -25.08
CA GLU B 811 49.98 -18.78 -23.85
C GLU B 811 50.18 -17.27 -23.88
N THR B 812 50.22 -16.65 -22.70
CA THR B 812 50.39 -15.22 -22.62
C THR B 812 51.76 -14.83 -23.16
N THR B 813 51.78 -14.32 -24.38
CA THR B 813 52.99 -14.05 -25.13
C THR B 813 53.23 -12.56 -25.13
N LYS B 814 54.42 -12.15 -24.67
CA LYS B 814 54.75 -10.74 -24.60
C LYS B 814 55.12 -10.22 -25.97
N LEU B 815 54.59 -9.04 -26.30
CA LEU B 815 54.86 -8.34 -27.54
C LEU B 815 55.56 -7.04 -27.15
N ARG B 816 56.44 -6.55 -28.01
CA ARG B 816 57.20 -5.35 -27.73
C ARG B 816 57.25 -4.45 -28.97
N ILE B 817 57.68 -3.22 -28.77
CA ILE B 817 57.39 -2.15 -29.70
C ILE B 817 58.54 -2.00 -30.68
N LYS B 818 58.23 -2.18 -31.96
CA LYS B 818 59.05 -1.67 -33.05
C LYS B 818 59.18 -0.16 -32.95
N SER B 819 58.06 0.54 -33.02
CA SER B 819 58.04 1.99 -33.08
C SER B 819 56.65 2.47 -32.65
N ILE B 820 56.56 3.78 -32.47
CA ILE B 820 55.30 4.48 -32.27
C ILE B 820 55.22 5.48 -33.40
N TYR B 821 54.00 5.87 -33.79
CA TYR B 821 53.87 6.84 -34.85
C TYR B 821 52.54 7.56 -34.74
N LEU B 822 52.56 8.83 -35.14
CA LEU B 822 51.38 9.67 -35.25
C LEU B 822 51.00 9.79 -36.71
N ARG B 823 49.85 9.24 -37.06
CA ARG B 823 49.45 9.07 -38.45
C ARG B 823 48.23 9.92 -38.76
N LYS B 824 48.21 10.47 -39.97
CA LYS B 824 47.04 11.13 -40.49
C LYS B 824 46.10 10.12 -41.11
N ILE B 825 44.84 10.16 -40.70
CA ILE B 825 43.82 9.25 -41.23
C ILE B 825 43.67 9.53 -42.72
N ARG B 826 43.83 8.48 -43.52
CA ARG B 826 43.81 8.56 -44.97
C ARG B 826 44.70 9.69 -45.47
N GLY B 827 45.97 9.59 -45.08
CA GLY B 827 47.02 10.46 -45.54
C GLY B 827 48.21 9.59 -45.88
N ASP B 828 49.18 10.19 -46.58
CA ASP B 828 50.31 9.44 -47.12
C ASP B 828 51.62 9.73 -46.37
N THR B 829 51.57 10.48 -45.27
CA THR B 829 52.76 10.85 -44.54
C THR B 829 52.46 10.97 -43.06
N VAL B 830 53.52 10.88 -42.26
CA VAL B 830 53.49 11.12 -40.82
C VAL B 830 54.43 12.29 -40.56
N PHE B 831 54.52 12.68 -39.28
CA PHE B 831 55.48 13.70 -38.86
C PHE B 831 56.19 13.38 -37.55
N ASP B 832 55.81 12.32 -36.84
CA ASP B 832 56.56 11.91 -35.65
C ASP B 832 56.53 10.40 -35.54
N MET B 833 57.66 9.83 -35.13
CA MET B 833 57.70 8.44 -34.69
C MET B 833 58.83 8.22 -33.68
N PRO B 834 58.54 8.02 -32.40
CA PRO B 834 59.59 7.61 -31.46
C PRO B 834 60.15 6.23 -31.81
N GLU B 835 61.34 5.96 -31.31
CA GLU B 835 61.97 4.64 -31.44
C GLU B 835 62.91 4.38 -30.27
N MET C 1 -33.69 5.82 -0.05
CA MET C 1 -34.37 6.18 -1.27
C MET C 1 -35.59 7.06 -1.03
N LYS C 2 -36.35 6.75 0.02
CA LYS C 2 -37.27 7.72 0.61
C LYS C 2 -38.32 8.21 -0.39
N VAL C 3 -39.20 7.29 -0.78
CA VAL C 3 -40.31 7.63 -1.65
C VAL C 3 -41.32 8.41 -0.84
N LEU C 4 -41.70 9.58 -1.33
CA LEU C 4 -42.69 10.44 -0.70
C LEU C 4 -43.87 10.60 -1.65
N ALA C 5 -45.00 10.04 -1.26
CA ALA C 5 -46.20 9.98 -2.10
C ALA C 5 -47.08 11.18 -1.79
N LEU C 6 -47.35 11.98 -2.82
CA LEU C 6 -48.01 13.27 -2.67
C LEU C 6 -49.43 13.21 -3.19
N ARG C 7 -50.26 14.13 -2.68
CA ARG C 7 -51.66 14.19 -3.07
C ARG C 7 -51.79 14.54 -4.55
N HIS C 8 -52.81 13.96 -5.18
CA HIS C 8 -53.03 14.15 -6.61
C HIS C 8 -53.19 15.62 -6.97
N SER C 9 -54.18 16.28 -6.38
CA SER C 9 -54.49 17.67 -6.70
C SER C 9 -53.69 18.68 -5.89
N VAL C 10 -52.84 18.22 -4.98
CA VAL C 10 -52.05 19.10 -4.13
C VAL C 10 -50.62 18.56 -4.15
N ALA C 11 -49.78 19.10 -5.03
CA ALA C 11 -48.45 18.55 -5.22
C ALA C 11 -47.63 19.49 -6.08
N GLN C 12 -46.39 19.73 -5.65
CA GLN C 12 -45.55 20.79 -6.20
C GLN C 12 -44.14 20.27 -6.50
N VAL C 13 -43.63 20.64 -7.67
CA VAL C 13 -42.21 20.53 -7.99
C VAL C 13 -41.61 21.93 -7.89
N TYR C 14 -40.58 22.08 -7.06
CA TYR C 14 -39.88 23.35 -6.89
C TYR C 14 -38.39 23.12 -7.15
N ALA C 15 -37.62 24.19 -7.01
CA ALA C 15 -36.19 24.14 -7.27
C ALA C 15 -35.47 23.42 -6.14
N ASP C 16 -35.69 22.11 -6.07
CA ASP C 16 -35.14 21.27 -5.01
C ASP C 16 -33.84 20.64 -5.50
N THR C 17 -33.16 19.90 -4.62
CA THR C 17 -31.78 19.50 -4.87
C THR C 17 -31.63 18.05 -5.32
N GLN C 18 -32.49 17.13 -4.87
CA GLN C 18 -32.40 15.72 -5.27
C GLN C 18 -33.76 15.10 -5.57
N ILE C 19 -34.51 15.70 -6.49
CA ILE C 19 -35.89 15.32 -6.73
C ILE C 19 -36.07 14.88 -8.17
N TYR C 20 -36.47 13.64 -8.34
CA TYR C 20 -37.14 13.17 -9.55
C TYR C 20 -38.63 13.16 -9.27
N THR C 21 -39.40 13.01 -10.33
CA THR C 21 -40.83 12.81 -10.23
C THR C 21 -41.20 11.57 -11.02
N HIS C 22 -42.20 10.86 -10.52
CA HIS C 22 -42.70 9.68 -11.21
C HIS C 22 -44.21 9.64 -11.06
N ASP C 23 -44.87 9.19 -12.12
CA ASP C 23 -46.33 9.16 -12.14
C ASP C 23 -46.79 8.23 -13.26
N ASP C 24 -47.48 7.15 -12.91
CA ASP C 24 -47.98 6.24 -13.92
C ASP C 24 -48.94 5.26 -13.27
N THR C 25 -49.72 4.60 -14.13
CA THR C 25 -50.69 3.59 -13.72
C THR C 25 -50.60 2.33 -14.59
N LYS C 26 -49.40 1.97 -15.05
CA LYS C 26 -49.21 0.80 -15.89
C LYS C 26 -49.62 -0.49 -15.19
N ASP C 27 -48.98 -0.77 -14.07
CA ASP C 27 -49.12 -2.00 -13.31
C ASP C 27 -48.42 -1.78 -11.99
N SER C 28 -48.99 -2.30 -10.90
CA SER C 28 -48.53 -1.90 -9.57
C SER C 28 -47.08 -2.27 -9.35
N TYR C 29 -46.71 -3.54 -9.50
CA TYR C 29 -45.34 -3.92 -9.16
C TYR C 29 -44.35 -3.51 -10.24
N GLU C 30 -44.78 -3.43 -11.50
CA GLU C 30 -43.90 -2.91 -12.54
C GLU C 30 -43.58 -1.44 -12.31
N ASN C 31 -44.48 -0.70 -11.65
CA ASN C 31 -44.21 0.70 -11.37
C ASN C 31 -43.19 0.82 -10.25
N ALA C 32 -43.36 0.04 -9.19
CA ALA C 32 -42.42 0.06 -8.08
C ALA C 32 -41.03 -0.36 -8.54
N PHE C 33 -40.97 -1.30 -9.48
CA PHE C 33 -39.69 -1.68 -10.04
C PHE C 33 -39.02 -0.52 -10.75
N LEU C 34 -39.78 0.19 -11.58
CA LEU C 34 -39.23 1.29 -12.34
C LEU C 34 -38.78 2.42 -11.43
N ILE C 35 -39.51 2.61 -10.33
CA ILE C 35 -39.07 3.53 -9.29
C ILE C 35 -37.76 3.06 -8.71
N SER C 36 -37.72 1.81 -8.24
CA SER C 36 -36.61 1.31 -7.46
C SER C 36 -35.30 1.29 -8.23
N ASN C 37 -35.34 1.41 -9.56
CA ASN C 37 -34.15 1.62 -10.35
C ASN C 37 -33.92 3.08 -10.69
N LEU C 38 -34.50 3.99 -9.93
CA LEU C 38 -34.20 5.41 -10.11
C LEU C 38 -32.98 5.79 -9.30
N THR C 39 -32.27 6.79 -9.80
CA THR C 39 -30.95 7.13 -9.29
C THR C 39 -31.00 7.83 -7.95
N THR C 40 -31.69 8.96 -7.89
CA THR C 40 -31.53 9.91 -6.80
C THR C 40 -32.04 9.35 -5.48
N HIS C 41 -31.91 10.17 -4.44
CA HIS C 41 -32.17 9.79 -3.06
C HIS C 41 -33.56 10.18 -2.58
N ASN C 42 -34.22 11.12 -3.26
CA ASN C 42 -35.53 11.62 -2.83
C ASN C 42 -36.43 11.71 -4.04
N ILE C 43 -37.58 11.05 -3.98
CA ILE C 43 -38.44 10.82 -5.14
C ILE C 43 -39.84 11.24 -4.76
N LEU C 44 -40.46 12.06 -5.60
CA LEU C 44 -41.85 12.45 -5.45
C LEU C 44 -42.68 11.58 -6.36
N TYR C 45 -43.70 10.96 -5.79
CA TYR C 45 -44.54 9.98 -6.48
C TYR C 45 -45.97 10.49 -6.41
N PHE C 46 -46.42 11.12 -7.49
CA PHE C 46 -47.53 12.07 -7.43
C PHE C 46 -48.90 11.43 -7.41
N ASN C 47 -49.16 10.40 -8.21
CA ASN C 47 -50.45 9.70 -8.09
C ASN C 47 -50.19 8.19 -7.99
N TYR C 48 -50.80 7.60 -6.99
CA TYR C 48 -50.33 6.37 -6.38
C TYR C 48 -51.50 5.50 -5.99
N SER C 49 -51.19 4.24 -5.69
CA SER C 49 -52.11 3.34 -5.04
C SER C 49 -51.35 2.68 -3.91
N ALA C 50 -52.11 2.20 -2.92
CA ALA C 50 -51.50 1.69 -1.70
C ALA C 50 -50.60 0.50 -1.97
N ARG C 51 -50.92 -0.29 -3.00
CA ARG C 51 -50.17 -1.52 -3.22
C ARG C 51 -48.77 -1.24 -3.75
N THR C 52 -48.60 -0.16 -4.51
CA THR C 52 -47.25 0.23 -4.92
C THR C 52 -46.39 0.70 -3.77
N LEU C 53 -47.00 1.21 -2.71
CA LEU C 53 -46.27 1.57 -1.51
C LEU C 53 -45.99 0.35 -0.67
N GLU C 54 -46.93 -0.59 -0.64
CA GLU C 54 -46.75 -1.85 0.06
C GLU C 54 -45.53 -2.59 -0.44
N ILE C 55 -45.39 -2.72 -1.75
CA ILE C 55 -44.30 -3.50 -2.33
C ILE C 55 -42.96 -2.89 -1.96
N LEU C 56 -42.82 -1.58 -2.14
CA LEU C 56 -41.60 -0.89 -1.76
C LEU C 56 -41.29 -1.04 -0.27
N ASN C 57 -42.28 -0.80 0.59
CA ASN C 57 -42.03 -0.92 2.02
C ASN C 57 -41.65 -2.34 2.39
N LYS C 58 -42.22 -3.30 1.67
CA LYS C 58 -41.81 -4.69 1.79
C LYS C 58 -40.44 -4.95 1.23
N SER C 59 -39.98 -4.13 0.29
CA SER C 59 -38.67 -4.26 -0.30
C SER C 59 -37.59 -3.53 0.49
N GLY C 60 -37.91 -3.04 1.69
CA GLY C 60 -37.02 -2.23 2.45
C GLY C 60 -36.94 -0.78 2.04
N ILE C 61 -37.60 -0.39 0.96
CA ILE C 61 -37.63 0.99 0.51
C ILE C 61 -38.70 1.71 1.29
N ALA C 62 -38.30 2.74 2.02
CA ALA C 62 -39.24 3.53 2.77
C ALA C 62 -40.13 4.33 1.82
N ALA C 63 -41.42 4.07 1.88
CA ALA C 63 -42.40 4.69 0.99
C ALA C 63 -43.64 4.99 1.80
N ILE C 64 -44.04 6.26 1.82
CA ILE C 64 -44.95 6.79 2.82
C ILE C 64 -45.92 7.75 2.15
N GLU C 65 -47.07 7.96 2.79
CA GLU C 65 -48.07 8.88 2.30
C GLU C 65 -47.81 10.27 2.83
N ILE C 66 -47.95 11.28 1.97
CA ILE C 66 -47.83 12.67 2.36
C ILE C 66 -49.13 13.38 2.01
N GLN C 67 -49.75 13.98 3.02
CA GLN C 67 -51.04 14.64 2.90
C GLN C 67 -50.95 16.17 2.95
N SER C 68 -49.79 16.73 3.26
CA SER C 68 -49.67 18.17 3.46
C SER C 68 -48.21 18.57 3.33
N LEU C 69 -48.00 19.87 3.14
CA LEU C 69 -46.77 20.41 2.59
C LEU C 69 -45.95 21.21 3.58
N GLU C 70 -46.61 21.90 4.51
CA GLU C 70 -45.91 22.90 5.33
C GLU C 70 -44.91 22.25 6.26
N GLU C 71 -45.31 21.19 6.96
CA GLU C 71 -44.45 20.51 7.94
C GLU C 71 -44.46 19.01 7.79
N LEU C 72 -45.53 18.45 7.22
CA LEU C 72 -45.58 17.01 7.00
C LEU C 72 -44.62 16.59 5.89
N PHE C 73 -44.23 17.54 5.05
CA PHE C 73 -43.38 17.24 3.89
C PHE C 73 -41.96 17.75 4.11
N THR C 74 -41.82 18.89 4.77
CA THR C 74 -40.51 19.50 4.93
C THR C 74 -39.69 18.79 5.98
N LEU C 75 -40.34 18.25 7.00
CA LEU C 75 -39.64 17.57 8.08
C LEU C 75 -39.44 16.08 7.82
N ILE C 76 -40.23 15.48 6.92
CA ILE C 76 -39.99 14.14 6.44
C ILE C 76 -38.94 14.13 5.35
N ARG C 77 -38.31 15.27 5.07
CA ARG C 77 -37.11 15.28 4.25
C ARG C 77 -36.04 14.37 4.85
N CYS C 78 -35.58 14.68 6.06
CA CYS C 78 -34.48 14.00 6.73
C CYS C 78 -34.72 12.49 6.80
N ASN C 79 -33.63 11.77 7.07
CA ASN C 79 -33.63 10.31 6.92
C ASN C 79 -34.29 9.65 8.12
N PHE C 80 -34.77 8.43 7.91
CA PHE C 80 -35.65 7.82 8.88
C PHE C 80 -35.78 6.33 8.65
N THR C 81 -36.47 5.70 9.60
CA THR C 81 -36.84 4.30 9.55
C THR C 81 -38.34 4.22 9.80
N TYR C 82 -39.02 3.40 9.00
CA TYR C 82 -40.46 3.39 8.94
C TYR C 82 -40.98 1.99 9.23
N ASP C 83 -41.90 1.90 10.20
CA ASP C 83 -42.62 0.67 10.50
C ASP C 83 -43.94 0.71 9.75
N TYR C 84 -43.99 0.00 8.63
CA TYR C 84 -45.08 0.15 7.67
C TYR C 84 -46.32 -0.65 8.03
N GLU C 85 -46.45 -1.09 9.28
CA GLU C 85 -47.62 -1.81 9.73
C GLU C 85 -48.32 -1.09 10.88
N ASN C 86 -47.58 -0.30 11.65
CA ASN C 86 -48.14 0.60 12.64
C ASN C 86 -48.00 2.07 12.23
N ASN C 87 -47.38 2.35 11.08
CA ASN C 87 -47.22 3.70 10.54
C ASN C 87 -46.57 4.64 11.55
N VAL C 88 -45.37 4.26 11.98
CA VAL C 88 -44.54 5.08 12.86
C VAL C 88 -43.25 5.39 12.13
N VAL C 89 -42.83 6.65 12.21
CA VAL C 89 -41.60 7.11 11.60
C VAL C 89 -40.58 7.37 12.70
N TYR C 90 -39.45 6.70 12.60
CA TYR C 90 -38.32 6.89 13.50
C TYR C 90 -37.30 7.75 12.77
N LEU C 91 -37.31 9.05 13.04
CA LEU C 91 -36.37 9.93 12.39
C LEU C 91 -34.99 9.79 13.01
N HIS C 92 -33.98 10.13 12.22
CA HIS C 92 -32.59 10.05 12.63
C HIS C 92 -31.86 11.35 12.30
N ASP C 93 -32.43 12.46 12.76
CA ASP C 93 -31.98 13.80 12.44
C ASP C 93 -31.26 14.37 13.66
N TYR C 94 -30.01 14.78 13.47
CA TYR C 94 -29.25 15.47 14.51
C TYR C 94 -29.33 16.99 14.38
N SER C 95 -30.45 17.52 13.90
CA SER C 95 -30.64 18.96 13.83
C SER C 95 -31.16 19.55 15.13
N TYR C 96 -31.41 18.71 16.15
CA TYR C 96 -31.79 19.18 17.47
C TYR C 96 -30.64 19.85 18.21
N TYR C 97 -29.43 19.82 17.66
CA TYR C 97 -28.34 20.58 18.25
C TYR C 97 -28.57 22.08 18.13
N THR C 98 -29.40 22.52 17.18
CA THR C 98 -29.56 23.93 16.90
C THR C 98 -30.18 24.69 18.06
N ASN C 99 -31.21 24.16 18.71
CA ASN C 99 -31.73 24.78 19.92
C ASN C 99 -30.85 24.49 21.15
N ASN C 100 -29.63 23.98 20.93
CA ASN C 100 -28.57 23.91 21.93
C ASN C 100 -28.91 22.98 23.08
N GLU C 101 -29.06 21.71 22.73
CA GLU C 101 -29.21 20.64 23.70
C GLU C 101 -28.57 19.39 23.14
N ILE C 102 -28.25 18.47 24.04
CA ILE C 102 -28.11 17.06 23.71
C ILE C 102 -29.36 16.38 24.25
N ARG C 103 -29.51 15.10 23.96
CA ARG C 103 -30.65 14.34 24.44
C ARG C 103 -30.25 12.90 24.68
N THR C 104 -30.70 12.38 25.81
CA THR C 104 -30.45 11.02 26.23
C THR C 104 -31.77 10.29 26.31
N ASP C 105 -31.69 9.01 26.63
CA ASP C 105 -32.86 8.19 26.94
C ASP C 105 -32.65 7.39 28.22
N GLN C 106 -31.92 7.95 29.18
CA GLN C 106 -31.72 7.36 30.50
C GLN C 106 -31.94 8.45 31.55
N HIS C 107 -32.89 8.24 32.44
CA HIS C 107 -33.33 9.29 33.36
C HIS C 107 -32.27 9.65 34.38
N TRP C 108 -31.35 8.72 34.68
CA TRP C 108 -30.45 8.93 35.81
C TRP C 108 -29.46 10.06 35.57
N ILE C 109 -29.11 10.34 34.30
CA ILE C 109 -28.08 11.34 34.06
C ILE C 109 -28.60 12.74 34.35
N THR C 110 -29.92 12.93 34.33
CA THR C 110 -30.50 14.23 34.59
C THR C 110 -30.30 14.71 36.00
N LYS C 111 -30.10 13.80 36.96
CA LYS C 111 -29.98 14.15 38.36
C LYS C 111 -28.53 14.33 38.80
N THR C 112 -27.58 14.22 37.87
CA THR C 112 -26.19 14.47 38.13
C THR C 112 -25.93 15.98 38.16
N ASN C 113 -24.64 16.31 38.19
CA ASN C 113 -24.17 17.69 38.08
C ASN C 113 -23.73 18.03 36.66
N ILE C 114 -24.06 17.17 35.69
CA ILE C 114 -23.47 17.22 34.36
C ILE C 114 -23.67 18.56 33.66
N GLU C 115 -24.77 19.24 33.95
CA GLU C 115 -25.01 20.52 33.29
C GLU C 115 -24.02 21.59 33.74
N GLU C 116 -23.34 21.37 34.87
CA GLU C 116 -22.16 22.15 35.21
C GLU C 116 -21.00 21.88 34.24
N TYR C 117 -21.03 20.75 33.54
CA TYR C 117 -19.89 20.26 32.79
C TYR C 117 -20.14 20.26 31.28
N LEU C 118 -21.36 20.58 30.85
CA LEU C 118 -21.63 20.84 29.45
C LEU C 118 -21.06 22.20 29.06
N LEU C 119 -20.92 22.39 27.75
CA LEU C 119 -20.53 23.69 27.22
C LEU C 119 -21.54 24.75 27.67
N PRO C 120 -21.14 26.02 27.79
CA PRO C 120 -22.03 27.04 28.37
C PRO C 120 -23.25 27.31 27.50
N GLY C 121 -24.42 27.01 28.06
CA GLY C 121 -25.69 27.29 27.42
C GLY C 121 -26.47 26.06 27.03
N TRP C 122 -25.83 24.90 27.07
CA TRP C 122 -26.42 23.66 26.60
C TRP C 122 -27.15 22.97 27.74
N LYS C 123 -28.00 22.02 27.38
CA LYS C 123 -28.79 21.26 28.32
C LYS C 123 -29.00 19.86 27.79
N LEU C 124 -29.71 19.05 28.56
CA LEU C 124 -30.18 17.75 28.13
C LEU C 124 -31.57 17.50 28.68
N THR C 125 -32.37 16.75 27.92
CA THR C 125 -33.81 16.74 28.13
C THR C 125 -34.43 15.53 27.45
N TYR C 126 -35.76 15.58 27.33
CA TYR C 126 -36.57 14.76 26.40
C TYR C 126 -36.19 13.30 26.48
N VAL C 127 -36.10 12.83 27.70
CA VAL C 127 -35.55 11.52 28.01
C VAL C 127 -36.63 10.46 27.85
N GLY C 128 -36.69 9.85 26.67
CA GLY C 128 -37.56 8.73 26.45
C GLY C 128 -36.92 7.68 25.58
N TYR C 129 -37.44 6.45 25.65
CA TYR C 129 -36.90 5.35 24.88
C TYR C 129 -37.25 5.51 23.41
N ASN C 130 -36.24 5.37 22.56
CA ASN C 130 -36.34 5.64 21.12
C ASN C 130 -36.84 7.04 20.82
N GLY C 131 -36.73 7.96 21.77
CA GLY C 131 -37.43 9.22 21.64
C GLY C 131 -38.92 9.10 21.66
N ASN C 132 -39.47 8.13 22.38
CA ASN C 132 -40.93 7.97 22.38
C ASN C 132 -41.63 9.13 23.09
N ASP C 133 -40.87 10.01 23.75
CA ASP C 133 -41.40 11.27 24.26
C ASP C 133 -41.16 12.44 23.33
N THR C 134 -40.74 12.21 22.09
CA THR C 134 -40.66 13.26 21.07
C THR C 134 -41.98 13.50 20.38
N ARG C 135 -42.84 12.48 20.30
CA ARG C 135 -44.01 12.54 19.43
C ARG C 135 -45.00 13.63 19.82
N GLY C 136 -44.89 14.17 21.03
CA GLY C 136 -45.70 15.31 21.44
C GLY C 136 -45.42 16.59 20.68
N HIS C 137 -44.37 16.65 19.85
CA HIS C 137 -44.01 17.86 19.14
C HIS C 137 -44.64 17.97 17.76
N TYR C 138 -45.07 16.86 17.18
CA TYR C 138 -45.49 16.81 15.78
C TYR C 138 -46.89 16.23 15.68
N ASN C 139 -47.67 16.77 14.73
CA ASN C 139 -49.07 16.40 14.52
C ASN C 139 -49.26 16.08 13.04
N PHE C 140 -49.07 14.82 12.68
CA PHE C 140 -49.01 14.37 11.30
C PHE C 140 -50.08 13.31 11.04
N SER C 141 -50.22 12.97 9.76
CA SER C 141 -51.00 11.82 9.32
C SER C 141 -50.45 10.50 9.86
N PHE C 142 -49.22 10.50 10.36
CA PHE C 142 -48.57 9.32 10.90
C PHE C 142 -47.96 9.69 12.24
N THR C 143 -47.70 8.69 13.08
CA THR C 143 -46.99 8.89 14.32
C THR C 143 -45.52 9.07 14.02
N CYS C 144 -44.84 9.90 14.80
CA CYS C 144 -43.47 10.24 14.50
C CYS C 144 -42.72 10.69 15.73
N GLN C 145 -41.41 10.56 15.67
CA GLN C 145 -40.54 10.77 16.80
C GLN C 145 -39.09 10.63 16.36
N ASN C 146 -38.25 11.47 16.95
CA ASN C 146 -36.83 11.52 16.60
C ASN C 146 -36.05 10.69 17.61
N ALA C 147 -35.60 9.52 17.19
CA ALA C 147 -34.89 8.59 18.06
C ALA C 147 -33.41 8.85 18.15
N ALA C 148 -32.93 9.96 17.60
CA ALA C 148 -31.52 10.32 17.70
C ALA C 148 -31.22 10.79 19.12
N THR C 149 -30.29 10.11 19.78
CA THR C 149 -29.81 10.50 21.10
C THR C 149 -28.28 10.49 21.10
N ASP C 150 -27.71 11.13 22.11
CA ASP C 150 -26.27 11.21 22.28
C ASP C 150 -25.75 10.27 23.36
N ASP C 151 -26.30 9.06 23.44
CA ASP C 151 -25.78 8.06 24.36
C ASP C 151 -24.32 7.73 24.06
N ASP C 152 -23.91 7.84 22.80
CA ASP C 152 -22.53 7.56 22.43
C ASP C 152 -21.56 8.40 23.23
N ILE C 153 -21.76 9.72 23.21
CA ILE C 153 -20.83 10.65 23.82
C ILE C 153 -20.66 10.32 25.30
N ILE C 154 -21.76 10.15 26.01
CA ILE C 154 -21.67 9.96 27.46
C ILE C 154 -21.04 8.61 27.78
N ILE C 155 -21.51 7.55 27.13
CA ILE C 155 -21.10 6.21 27.51
C ILE C 155 -19.65 5.96 27.10
N GLU C 156 -19.27 6.42 25.91
CA GLU C 156 -17.88 6.29 25.49
C GLU C 156 -16.96 7.05 26.44
N TYR C 157 -17.35 8.26 26.85
CA TYR C 157 -16.59 9.05 27.80
C TYR C 157 -16.30 8.25 29.07
N ILE C 158 -17.27 7.47 29.52
CA ILE C 158 -17.07 6.66 30.71
C ILE C 158 -16.04 5.57 30.43
N TYR C 159 -16.07 5.00 29.23
CA TYR C 159 -15.10 4.00 28.81
C TYR C 159 -13.91 4.60 28.05
N SER C 160 -13.62 5.90 28.24
CA SER C 160 -12.63 6.59 27.43
C SER C 160 -11.34 6.91 28.16
N GLU C 161 -11.33 6.87 29.49
CA GLU C 161 -10.17 7.22 30.31
C GLU C 161 -9.76 8.68 30.16
N ALA C 162 -10.61 9.53 29.58
CA ALA C 162 -10.36 10.95 29.49
C ALA C 162 -11.20 11.68 30.54
N LEU C 163 -10.71 12.85 30.96
CA LEU C 163 -11.25 13.52 32.13
C LEU C 163 -11.94 14.83 31.82
N ASP C 164 -11.54 15.55 30.78
CA ASP C 164 -12.19 16.81 30.42
C ASP C 164 -13.37 16.50 29.51
N PHE C 165 -14.55 16.97 29.90
CA PHE C 165 -15.78 16.61 29.20
C PHE C 165 -16.11 17.58 28.08
N GLN C 166 -15.97 18.88 28.34
CA GLN C 166 -16.21 19.87 27.30
C GLN C 166 -15.32 19.62 26.10
N ASN C 167 -14.06 19.28 26.35
CA ASN C 167 -13.17 18.89 25.27
C ASN C 167 -13.69 17.64 24.57
N PHE C 168 -14.33 16.74 25.32
CA PHE C 168 -14.78 15.49 24.74
C PHE C 168 -15.96 15.70 23.81
N MET C 169 -17.06 16.24 24.35
CA MET C 169 -18.26 16.40 23.55
C MET C 169 -18.04 17.32 22.36
N LEU C 170 -17.28 18.39 22.55
CA LEU C 170 -16.95 19.26 21.44
C LEU C 170 -16.22 18.51 20.34
N ARG C 171 -15.44 17.50 20.70
CA ARG C 171 -14.79 16.67 19.70
C ARG C 171 -15.81 15.83 18.95
N LYS C 172 -16.73 15.19 19.68
CA LYS C 172 -17.62 14.22 19.04
C LYS C 172 -18.79 14.89 18.33
N ILE C 173 -19.29 15.98 18.89
CA ILE C 173 -20.32 16.75 18.21
C ILE C 173 -19.82 17.25 16.87
N LYS C 174 -18.50 17.44 16.76
CA LYS C 174 -17.91 17.85 15.50
C LYS C 174 -17.66 16.66 14.58
N GLU C 175 -17.61 15.45 15.14
CA GLU C 175 -17.45 14.27 14.30
C GLU C 175 -18.71 14.00 13.49
N ARG C 176 -19.88 14.27 14.08
CA ARG C 176 -21.14 13.98 13.40
C ARG C 176 -21.44 15.00 12.32
N MET C 177 -21.09 16.26 12.57
CA MET C 177 -21.27 17.31 11.60
C MET C 177 -20.14 17.34 10.57
N THR C 178 -19.28 16.31 10.58
CA THR C 178 -18.23 16.09 9.61
C THR C 178 -18.45 14.85 8.78
N THR C 179 -18.76 13.73 9.43
CA THR C 179 -18.73 12.42 8.83
C THR C 179 -20.14 11.92 8.57
N SER C 180 -20.23 10.70 8.07
CA SER C 180 -21.49 10.19 7.58
C SER C 180 -22.35 9.67 8.72
N LEU C 181 -23.61 10.03 8.66
CA LEU C 181 -24.66 9.45 9.48
C LEU C 181 -24.56 7.93 9.43
N PRO C 182 -24.26 7.24 10.55
CA PRO C 182 -24.26 5.77 10.53
C PRO C 182 -25.65 5.19 10.73
N ILE C 183 -26.40 5.05 9.63
CA ILE C 183 -27.80 4.65 9.77
C ILE C 183 -27.91 3.17 10.10
N ALA C 184 -27.04 2.33 9.54
CA ALA C 184 -27.08 0.90 9.79
C ALA C 184 -26.91 0.58 11.26
N ARG C 185 -26.46 1.59 12.01
CA ARG C 185 -26.23 1.51 13.47
C ARG C 185 -27.44 2.03 14.27
N LEU C 186 -28.14 3.07 13.80
CA LEU C 186 -29.23 3.63 14.58
C LEU C 186 -30.54 2.88 14.36
N SER C 187 -30.70 2.30 13.19
CA SER C 187 -31.92 1.57 12.89
C SER C 187 -31.97 0.22 13.58
N ASN C 188 -30.86 -0.25 14.15
CA ASN C 188 -30.87 -1.57 14.76
C ASN C 188 -31.64 -1.60 16.07
N ARG C 189 -31.55 -0.55 16.88
CA ARG C 189 -32.28 -0.56 18.15
C ARG C 189 -33.78 -0.56 17.91
N VAL C 190 -34.22 0.03 16.81
CA VAL C 190 -35.59 -0.15 16.35
C VAL C 190 -35.81 -1.61 15.99
N PHE C 191 -34.92 -2.14 15.15
CA PHE C 191 -35.00 -3.52 14.68
C PHE C 191 -35.00 -4.50 15.84
N ARG C 192 -34.10 -4.32 16.80
CA ARG C 192 -34.01 -5.23 17.92
C ARG C 192 -35.27 -5.19 18.76
N ASP C 193 -35.86 -4.00 18.90
CA ASP C 193 -37.06 -3.85 19.77
C ASP C 193 -38.22 -4.71 19.28
N LYS C 194 -38.51 -4.70 17.97
CA LYS C 194 -39.66 -5.50 17.45
C LYS C 194 -39.20 -6.88 16.98
N LEU C 195 -37.90 -7.08 16.79
CA LEU C 195 -37.37 -8.38 16.28
C LEU C 195 -37.61 -9.53 17.27
N PHE C 196 -37.39 -9.31 18.56
CA PHE C 196 -37.50 -10.39 19.54
C PHE C 196 -38.91 -10.67 20.02
N PRO C 197 -39.72 -9.68 20.45
CA PRO C 197 -41.02 -10.03 21.04
C PRO C 197 -41.95 -10.81 20.14
N LEU C 198 -41.78 -10.70 18.81
CA LEU C 198 -42.58 -11.52 17.91
C LEU C 198 -41.94 -12.88 17.68
N LEU C 199 -40.61 -12.88 17.61
CA LEU C 199 -39.78 -14.10 17.35
C LEU C 199 -39.94 -15.11 18.49
N VAL C 200 -40.00 -14.63 19.74
CA VAL C 200 -40.07 -15.55 20.92
C VAL C 200 -41.34 -16.40 20.85
N LYS C 201 -42.48 -15.78 20.54
CA LYS C 201 -43.77 -16.52 20.47
C LYS C 201 -43.77 -17.53 19.32
N LYS C 202 -43.28 -17.12 18.14
CA LYS C 202 -43.29 -17.97 16.92
C LYS C 202 -42.41 -19.22 17.02
N HIS C 203 -41.18 -19.10 17.55
CA HIS C 203 -40.25 -20.27 17.55
C HIS C 203 -40.28 -21.07 18.86
N LYS C 204 -40.78 -20.47 19.94
CA LYS C 204 -40.96 -21.08 21.30
C LYS C 204 -39.65 -21.17 22.08
N ARG C 205 -38.53 -20.72 21.50
CA ARG C 205 -37.27 -20.69 22.26
C ARG C 205 -36.22 -20.07 21.36
N VAL C 206 -35.55 -19.06 21.86
CA VAL C 206 -34.63 -18.24 21.09
C VAL C 206 -33.31 -18.19 21.83
N VAL C 207 -32.22 -18.29 21.08
CA VAL C 207 -30.88 -18.08 21.60
C VAL C 207 -30.24 -16.97 20.80
N ASN C 208 -29.55 -16.07 21.49
CA ASN C 208 -28.84 -14.96 20.88
C ASN C 208 -27.37 -15.10 21.17
N VAL C 209 -26.54 -14.69 20.23
CA VAL C 209 -25.10 -14.81 20.32
C VAL C 209 -24.49 -13.42 20.23
N GLY C 210 -23.50 -13.17 21.07
CA GLY C 210 -22.83 -11.89 21.17
C GLY C 210 -23.76 -10.71 21.34
N PRO C 211 -24.41 -10.62 22.49
CA PRO C 211 -25.05 -9.36 22.88
C PRO C 211 -24.07 -8.45 23.60
N ARG C 212 -24.16 -7.17 23.28
CA ARG C 212 -23.34 -6.13 23.90
C ARG C 212 -24.28 -5.18 24.62
N ASN C 213 -23.72 -4.14 25.24
CA ASN C 213 -24.53 -3.23 26.03
C ASN C 213 -25.35 -2.28 25.17
N GLU C 214 -25.34 -2.46 23.86
CA GLU C 214 -26.45 -2.02 23.02
C GLU C 214 -27.77 -2.55 23.54
N SER C 215 -27.76 -3.75 24.13
CA SER C 215 -28.95 -4.48 24.51
C SER C 215 -29.02 -4.72 26.01
N MET C 216 -28.52 -3.80 26.83
CA MET C 216 -28.66 -3.89 28.28
C MET C 216 -30.11 -4.05 28.69
N PHE C 217 -31.02 -3.46 27.92
CA PHE C 217 -32.41 -3.30 28.30
C PHE C 217 -33.37 -4.03 27.39
N THR C 218 -32.91 -4.50 26.22
CA THR C 218 -33.80 -5.15 25.27
C THR C 218 -34.48 -6.37 25.86
N PHE C 219 -33.76 -7.14 26.68
CA PHE C 219 -34.13 -8.49 27.02
C PHE C 219 -34.68 -8.64 28.44
N LEU C 220 -34.86 -7.53 29.15
CA LEU C 220 -35.22 -7.62 30.56
C LEU C 220 -36.59 -8.24 30.78
N ASN C 221 -37.46 -8.22 29.78
CA ASN C 221 -38.74 -8.91 29.83
C ASN C 221 -38.73 -10.18 28.98
N PHE C 222 -37.57 -10.82 28.85
CA PHE C 222 -37.46 -12.09 28.13
C PHE C 222 -36.56 -13.04 28.90
N PRO C 223 -37.11 -13.75 29.87
CA PRO C 223 -36.35 -14.82 30.50
C PRO C 223 -36.09 -16.00 29.60
N SER C 224 -37.03 -16.33 28.72
CA SER C 224 -36.96 -17.58 27.99
C SER C 224 -35.95 -17.54 26.85
N ILE C 225 -35.21 -16.44 26.70
CA ILE C 225 -34.08 -16.39 25.78
C ILE C 225 -32.84 -16.76 26.56
N ARG C 226 -31.92 -17.41 25.88
CA ARG C 226 -30.65 -17.83 26.44
C ARG C 226 -29.51 -17.20 25.65
N GLN C 227 -28.90 -16.15 26.23
CA GLN C 227 -27.83 -15.43 25.58
C GLN C 227 -26.48 -16.03 25.93
N PHE C 228 -25.57 -15.98 24.96
CA PHE C 228 -24.21 -16.45 25.09
C PHE C 228 -23.25 -15.36 24.64
N SER C 229 -22.12 -15.25 25.33
CA SER C 229 -21.16 -14.20 25.03
C SER C 229 -19.79 -14.66 25.53
N ASN C 230 -18.85 -13.73 25.58
CA ASN C 230 -17.58 -13.99 26.23
C ASN C 230 -17.82 -14.36 27.68
N GLY C 231 -17.12 -15.40 28.13
CA GLY C 231 -17.29 -15.87 29.48
C GLY C 231 -16.93 -14.82 30.51
N PRO C 232 -17.18 -15.11 31.78
CA PRO C 232 -16.86 -14.12 32.82
C PRO C 232 -15.40 -14.15 33.19
N TYR C 233 -15.02 -13.19 34.04
CA TYR C 233 -13.78 -13.30 34.79
C TYR C 233 -14.07 -13.93 36.13
N LEU C 234 -13.25 -14.91 36.49
CA LEU C 234 -13.44 -15.69 37.71
C LEU C 234 -12.34 -15.40 38.72
N VAL C 235 -12.66 -15.66 39.99
CA VAL C 235 -11.66 -15.65 41.04
C VAL C 235 -10.55 -16.64 40.72
N LYS C 236 -10.92 -17.73 40.07
CA LYS C 236 -10.02 -18.77 39.58
C LYS C 236 -8.85 -18.23 38.77
N ASN C 237 -9.02 -17.06 38.15
CA ASN C 237 -8.02 -16.48 37.28
C ASN C 237 -7.41 -15.20 37.83
N THR C 238 -7.42 -15.03 39.16
CA THR C 238 -6.62 -13.99 39.80
C THR C 238 -5.20 -14.45 40.04
N ILE C 239 -4.96 -15.77 40.09
CA ILE C 239 -3.64 -16.30 40.35
C ILE C 239 -2.64 -15.90 39.29
N LYS C 240 -3.11 -15.53 38.10
CA LYS C 240 -2.26 -14.96 37.05
C LYS C 240 -1.65 -13.63 37.46
N LEU C 241 -2.41 -12.80 38.18
CA LEU C 241 -2.19 -11.37 38.19
C LEU C 241 -1.02 -10.99 39.08
N LYS C 242 -0.19 -10.09 38.57
CA LYS C 242 0.87 -9.55 39.38
C LYS C 242 0.30 -8.68 40.48
N GLN C 243 1.00 -8.64 41.59
CA GLN C 243 0.61 -7.84 42.73
C GLN C 243 0.79 -6.36 42.42
N GLU C 244 -0.10 -5.54 42.99
CA GLU C 244 -0.14 -4.10 42.76
C GLU C 244 -0.82 -3.47 43.98
N ARG C 245 -0.67 -2.15 44.06
CA ARG C 245 -1.09 -1.31 45.23
C ARG C 245 -2.09 -0.24 44.82
N TRP C 246 -2.72 0.40 45.82
CA TRP C 246 -3.76 1.39 45.60
C TRP C 246 -3.37 2.39 44.53
N LEU C 247 -4.28 2.58 43.58
CA LEU C 247 -4.10 3.52 42.48
C LEU C 247 -5.31 4.45 42.44
N GLY C 248 -5.10 5.68 42.90
CA GLY C 248 -6.18 6.65 42.94
C GLY C 248 -6.32 7.35 41.60
N LYS C 249 -7.34 6.94 40.86
CA LYS C 249 -7.51 7.32 39.46
C LYS C 249 -8.92 7.87 39.25
N ARG C 250 -9.00 9.08 38.71
CA ARG C 250 -10.27 9.75 38.47
C ARG C 250 -10.46 9.96 36.98
N VAL C 251 -11.58 9.47 36.46
CA VAL C 251 -11.84 9.40 35.02
C VAL C 251 -13.23 9.92 34.66
N SER C 252 -13.88 10.64 35.56
CA SER C 252 -15.23 11.13 35.32
C SER C 252 -15.44 12.34 36.21
N GLN C 253 -15.59 13.52 35.60
CA GLN C 253 -15.87 14.71 36.39
C GLN C 253 -17.14 14.54 37.20
N PHE C 254 -18.18 14.03 36.56
CA PHE C 254 -19.49 13.88 37.18
C PHE C 254 -19.68 12.47 37.70
N ASP C 255 -20.35 12.40 38.85
CA ASP C 255 -20.57 11.13 39.51
C ASP C 255 -21.49 10.21 38.72
N ILE C 256 -21.02 8.99 38.50
CA ILE C 256 -21.74 7.98 37.73
C ILE C 256 -21.93 6.73 38.58
N GLY C 257 -22.08 6.92 39.89
CA GLY C 257 -22.40 5.79 40.75
C GLY C 257 -23.68 5.10 40.34
N GLN C 258 -24.67 5.86 39.88
CA GLN C 258 -25.94 5.28 39.49
C GLN C 258 -25.79 4.35 38.31
N TYR C 259 -24.74 4.52 37.51
CA TYR C 259 -24.58 3.71 36.32
C TYR C 259 -24.10 2.32 36.68
N LYS C 260 -23.08 2.21 37.53
CA LYS C 260 -22.65 0.88 37.98
C LYS C 260 -23.71 0.21 38.82
N ASN C 261 -24.41 0.98 39.68
CA ASN C 261 -25.50 0.41 40.45
C ASN C 261 -26.59 -0.15 39.55
N MET C 262 -26.74 0.42 38.35
CA MET C 262 -27.67 -0.11 37.38
C MET C 262 -27.10 -1.35 36.72
N LEU C 263 -25.83 -1.31 36.34
CA LEU C 263 -25.23 -2.41 35.60
C LEU C 263 -25.06 -3.66 36.46
N ASN C 264 -24.66 -3.50 37.72
CA ASN C 264 -24.41 -4.65 38.58
C ASN C 264 -25.69 -5.43 38.85
N VAL C 265 -26.81 -4.73 39.02
CA VAL C 265 -28.10 -5.40 39.10
C VAL C 265 -28.41 -6.12 37.80
N ILE C 266 -28.25 -5.42 36.68
CA ILE C 266 -28.67 -5.96 35.41
C ILE C 266 -27.85 -7.19 35.05
N THR C 267 -26.54 -7.13 35.32
CA THR C 267 -25.70 -8.31 35.21
C THR C 267 -26.23 -9.44 36.07
N THR C 268 -26.59 -9.12 37.31
CA THR C 268 -27.08 -10.11 38.25
C THR C 268 -28.34 -10.81 37.73
N ILE C 269 -29.14 -10.11 36.93
CA ILE C 269 -30.41 -10.69 36.47
C ILE C 269 -30.18 -11.62 35.29
N TYR C 270 -29.47 -11.15 34.26
CA TYR C 270 -29.21 -11.99 33.10
C TYR C 270 -28.48 -13.27 33.48
N HIS C 271 -27.69 -13.19 34.54
CA HIS C 271 -27.15 -14.40 35.17
C HIS C 271 -28.29 -15.29 35.68
N TYR C 272 -29.19 -14.72 36.47
CA TYR C 272 -30.32 -15.47 36.99
C TYR C 272 -31.20 -16.02 35.87
N TYR C 273 -31.37 -15.26 34.79
CA TYR C 273 -32.05 -15.81 33.63
C TYR C 273 -31.27 -16.96 33.00
N ASN C 274 -29.94 -16.93 33.08
CA ASN C 274 -29.12 -17.96 32.47
C ASN C 274 -29.30 -19.29 33.19
N LEU C 275 -29.34 -19.24 34.51
CA LEU C 275 -29.48 -20.43 35.34
C LEU C 275 -30.89 -20.96 35.30
N TYR C 276 -31.85 -20.11 35.65
CA TYR C 276 -33.25 -20.48 35.80
C TYR C 276 -34.06 -19.55 34.91
N GLN C 277 -34.64 -20.09 33.85
CA GLN C 277 -35.44 -19.28 32.95
C GLN C 277 -36.71 -18.87 33.69
N GLU C 278 -36.62 -17.67 34.24
CA GLU C 278 -37.35 -17.24 35.42
C GLU C 278 -37.19 -15.73 35.45
N LYS C 279 -37.98 -15.03 36.28
CA LYS C 279 -37.46 -13.70 36.56
C LYS C 279 -37.77 -13.25 37.98
N PRO C 280 -36.80 -12.64 38.67
CA PRO C 280 -36.82 -12.68 40.13
C PRO C 280 -37.49 -11.49 40.78
N ILE C 281 -37.62 -11.60 42.10
CA ILE C 281 -37.73 -10.45 42.97
C ILE C 281 -36.35 -9.86 43.13
N ILE C 282 -36.27 -8.56 43.35
CA ILE C 282 -35.01 -7.84 43.35
C ILE C 282 -34.96 -6.98 44.61
N TYR C 283 -34.40 -7.55 45.67
CA TYR C 283 -34.14 -6.84 46.91
C TYR C 283 -32.90 -5.97 46.74
N MET C 284 -32.78 -4.96 47.59
CA MET C 284 -31.62 -4.07 47.57
C MET C 284 -31.37 -3.51 48.96
N VAL C 285 -30.12 -3.19 49.23
CA VAL C 285 -29.76 -2.44 50.42
C VAL C 285 -28.59 -1.52 50.10
N GLY C 286 -28.61 -0.33 50.70
CA GLY C 286 -27.55 0.63 50.55
C GLY C 286 -27.65 1.55 49.36
N SER C 287 -28.75 1.50 48.62
CA SER C 287 -28.86 2.17 47.32
C SER C 287 -30.20 2.90 47.27
N ALA C 288 -30.24 4.11 47.81
CA ALA C 288 -31.49 4.86 47.85
C ALA C 288 -31.82 5.63 46.58
N PRO C 289 -30.96 6.54 46.10
CA PRO C 289 -31.42 7.54 45.12
C PRO C 289 -32.00 6.96 43.86
N SER C 290 -31.33 5.97 43.27
CA SER C 290 -31.90 4.97 42.35
C SER C 290 -32.85 5.60 41.33
N TYR C 291 -32.33 6.62 40.65
CA TYR C 291 -33.01 7.19 39.51
C TYR C 291 -32.86 6.35 38.24
N TRP C 292 -32.13 5.25 38.31
CA TRP C 292 -32.02 4.31 37.20
C TRP C 292 -33.17 3.30 37.19
N ILE C 293 -34.05 3.35 38.18
CA ILE C 293 -35.17 2.41 38.25
C ILE C 293 -36.13 2.68 37.11
N TYR C 294 -36.50 3.94 36.92
CA TYR C 294 -37.49 4.31 35.92
C TYR C 294 -37.05 3.90 34.52
N ASP C 295 -35.75 3.90 34.25
CA ASP C 295 -35.23 3.33 33.03
C ASP C 295 -35.58 1.86 32.88
N VAL C 296 -35.51 1.10 33.97
CA VAL C 296 -35.77 -0.33 33.92
C VAL C 296 -37.25 -0.58 33.63
N ARG C 297 -38.12 0.16 34.31
CA ARG C 297 -39.56 -0.08 34.20
C ARG C 297 -40.12 0.28 32.83
N GLN C 298 -39.37 0.99 31.99
CA GLN C 298 -39.81 1.26 30.63
C GLN C 298 -39.75 0.05 29.73
N TYR C 299 -39.13 -1.04 30.18
CA TYR C 299 -38.92 -2.25 29.40
C TYR C 299 -39.59 -3.46 30.03
N SER C 300 -39.31 -3.70 31.32
CA SER C 300 -39.85 -4.84 32.04
C SER C 300 -40.24 -4.36 33.43
N ASP C 301 -41.25 -4.99 34.00
CA ASP C 301 -41.80 -4.57 35.30
C ASP C 301 -41.33 -5.53 36.38
N PHE C 302 -40.50 -5.02 37.28
CA PHE C 302 -39.95 -5.82 38.38
C PHE C 302 -40.37 -5.22 39.72
N LEU C 303 -40.38 -6.09 40.73
CA LEU C 303 -40.64 -5.68 42.10
C LEU C 303 -39.32 -5.36 42.78
N PHE C 304 -39.13 -4.10 43.13
CA PHE C 304 -37.92 -3.65 43.81
C PHE C 304 -38.29 -3.34 45.25
N GLU C 305 -37.55 -3.95 46.18
CA GLU C 305 -37.73 -3.73 47.61
C GLU C 305 -36.39 -3.35 48.22
N THR C 306 -36.35 -2.17 48.82
CA THR C 306 -35.12 -1.48 49.16
C THR C 306 -35.09 -1.19 50.66
N TRP C 307 -33.89 -1.28 51.23
CA TRP C 307 -33.61 -0.86 52.60
C TRP C 307 -32.50 0.17 52.55
N ASP C 308 -32.83 1.42 52.83
CA ASP C 308 -31.82 2.47 52.90
C ASP C 308 -32.32 3.63 53.74
N PRO C 309 -31.46 4.32 54.49
CA PRO C 309 -31.95 5.48 55.26
C PRO C 309 -32.54 6.59 54.42
N LEU C 310 -32.11 6.73 53.18
CA LEU C 310 -32.44 7.89 52.37
C LEU C 310 -33.54 7.59 51.36
N ASP C 311 -33.92 8.63 50.62
CA ASP C 311 -35.09 8.59 49.75
C ASP C 311 -34.86 7.70 48.54
N THR C 312 -35.76 6.73 48.35
CA THR C 312 -35.87 5.99 47.11
C THR C 312 -37.13 6.45 46.39
N PRO C 313 -37.06 7.35 45.41
CA PRO C 313 -38.29 7.82 44.76
C PRO C 313 -39.00 6.74 43.97
N TYR C 314 -38.26 5.78 43.41
CA TYR C 314 -38.78 4.86 42.40
C TYR C 314 -38.59 3.44 42.92
N SER C 315 -39.69 2.87 43.42
CA SER C 315 -39.70 1.51 43.93
C SER C 315 -41.13 1.11 44.25
N SER C 316 -41.32 -0.18 44.50
CA SER C 316 -42.60 -0.67 45.01
C SER C 316 -42.71 -0.46 46.51
N ILE C 317 -41.78 -1.02 47.28
CA ILE C 317 -41.78 -0.94 48.73
C ILE C 317 -40.39 -0.54 49.18
N HIS C 318 -40.26 0.65 49.74
CA HIS C 318 -39.08 1.02 50.52
C HIS C 318 -39.38 0.65 51.97
N HIS C 319 -38.95 -0.55 52.38
CA HIS C 319 -39.45 -1.16 53.60
C HIS C 319 -39.09 -0.35 54.82
N LYS C 320 -37.82 -0.01 54.98
CA LYS C 320 -37.34 0.65 56.19
C LYS C 320 -36.24 1.64 55.82
N GLU C 321 -35.99 2.56 56.75
CA GLU C 321 -34.80 3.38 56.72
C GLU C 321 -33.62 2.73 57.43
N LEU C 322 -33.83 1.60 58.08
CA LEU C 322 -32.74 0.75 58.54
C LEU C 322 -32.20 -0.05 57.38
N PHE C 323 -30.89 -0.31 57.40
CA PHE C 323 -30.28 -1.06 56.31
C PHE C 323 -30.09 -2.51 56.71
N PHE C 324 -30.49 -3.38 55.78
CA PHE C 324 -30.66 -4.81 55.99
C PHE C 324 -29.40 -5.44 56.57
N ALA C 325 -29.48 -5.86 57.83
CA ALA C 325 -28.31 -6.20 58.63
C ALA C 325 -28.18 -7.67 58.99
N LYS C 326 -29.18 -8.26 59.66
CA LYS C 326 -29.17 -9.71 59.89
C LYS C 326 -30.53 -10.38 59.88
N ASP C 327 -31.62 -9.66 59.64
CA ASP C 327 -32.94 -10.29 59.59
C ASP C 327 -33.16 -11.03 58.28
N ILE C 328 -32.37 -12.06 58.02
CA ILE C 328 -32.15 -12.54 56.67
C ILE C 328 -33.09 -13.67 56.29
N GLY C 329 -33.57 -14.43 57.27
CA GLY C 329 -34.53 -15.46 56.96
C GLY C 329 -35.86 -14.96 56.46
N LYS C 330 -36.13 -13.66 56.59
CA LYS C 330 -37.40 -13.07 56.17
C LYS C 330 -37.47 -12.79 54.68
N LEU C 331 -36.49 -13.24 53.91
CA LEU C 331 -36.50 -13.06 52.46
C LEU C 331 -37.09 -14.26 51.74
N LYS C 332 -37.78 -13.97 50.65
CA LYS C 332 -38.26 -15.02 49.75
C LYS C 332 -37.10 -15.58 48.94
N ASP C 333 -37.29 -16.80 48.44
CA ASP C 333 -36.22 -17.46 47.72
C ASP C 333 -36.03 -16.89 46.32
N ASN C 334 -37.10 -16.82 45.52
CA ASN C 334 -36.98 -16.46 44.11
C ASN C 334 -36.60 -15.00 44.06
N SER C 335 -35.30 -14.75 43.99
CA SER C 335 -34.79 -13.44 44.35
C SER C 335 -33.40 -13.22 43.76
N ILE C 336 -32.98 -11.95 43.81
CA ILE C 336 -31.58 -11.57 43.82
C ILE C 336 -31.41 -10.56 44.94
N LEU C 337 -30.22 -10.56 45.56
CA LEU C 337 -29.89 -9.63 46.63
C LEU C 337 -28.68 -8.82 46.21
N TYR C 338 -28.85 -7.51 46.15
CA TYR C 338 -27.80 -6.58 45.81
C TYR C 338 -27.37 -5.83 47.07
N ILE C 339 -26.15 -6.09 47.52
CA ILE C 339 -25.60 -5.52 48.72
C ILE C 339 -24.63 -4.42 48.31
N ASP C 340 -24.87 -3.22 48.81
CA ASP C 340 -24.01 -2.07 48.66
C ASP C 340 -23.91 -1.33 49.98
N ILE C 341 -23.88 -2.06 51.08
CA ILE C 341 -23.72 -1.45 52.38
C ILE C 341 -22.33 -0.83 52.44
N ARG C 342 -22.29 0.46 52.72
CA ARG C 342 -21.07 1.23 52.57
C ARG C 342 -21.06 2.33 53.62
N THR C 343 -20.21 3.33 53.37
CA THR C 343 -20.01 4.44 54.27
C THR C 343 -19.44 5.55 53.40
N ASP C 344 -19.28 6.74 53.97
CA ASP C 344 -18.48 7.80 53.35
C ASP C 344 -17.57 8.39 54.40
N ARG C 345 -16.27 8.37 54.13
CA ARG C 345 -15.32 9.06 54.98
C ARG C 345 -15.66 10.54 55.07
N GLY C 346 -15.45 11.12 56.23
CA GLY C 346 -15.56 12.56 56.40
C GLY C 346 -14.20 13.19 56.20
N ASN C 347 -13.63 13.73 57.28
CA ASN C 347 -12.24 14.13 57.33
C ASN C 347 -11.42 13.18 58.21
N ALA C 348 -11.91 11.98 58.44
CA ALA C 348 -11.24 11.06 59.35
C ALA C 348 -9.97 10.52 58.70
N ASP C 349 -9.07 9.99 59.53
CA ASP C 349 -7.76 9.58 59.07
C ASP C 349 -7.90 8.31 58.25
N TRP C 350 -7.51 8.40 56.98
CA TRP C 350 -7.62 7.30 56.02
C TRP C 350 -7.00 6.00 56.52
N LYS C 351 -5.94 6.10 57.33
CA LYS C 351 -5.26 4.90 57.80
C LYS C 351 -6.08 4.15 58.85
N GLU C 352 -6.89 4.88 59.62
CA GLU C 352 -7.74 4.28 60.63
C GLU C 352 -9.14 4.02 60.10
N TRP C 353 -9.63 4.87 59.20
CA TRP C 353 -10.93 4.66 58.59
C TRP C 353 -10.93 3.41 57.73
N ARG C 354 -9.78 3.06 57.16
CA ARG C 354 -9.63 1.84 56.40
C ARG C 354 -10.06 0.60 57.18
N LYS C 355 -9.90 0.61 58.51
CA LYS C 355 -10.31 -0.54 59.32
C LYS C 355 -11.82 -0.74 59.24
N VAL C 356 -12.58 0.34 59.14
CA VAL C 356 -14.04 0.23 59.05
C VAL C 356 -14.40 -0.46 57.74
N VAL C 357 -13.73 -0.08 56.66
CA VAL C 357 -14.04 -0.60 55.34
C VAL C 357 -13.78 -2.10 55.31
N GLU C 358 -12.80 -2.55 56.08
CA GLU C 358 -12.46 -3.97 56.11
C GLU C 358 -13.54 -4.78 56.82
N LEU C 359 -14.12 -4.22 57.89
CA LEU C 359 -15.09 -4.97 58.68
C LEU C 359 -16.42 -5.10 57.97
N GLN C 360 -16.87 -4.05 57.29
CA GLN C 360 -18.06 -4.14 56.47
C GLN C 360 -17.94 -5.26 55.45
N THR C 361 -16.76 -5.36 54.85
CA THR C 361 -16.51 -6.34 53.80
C THR C 361 -16.65 -7.76 54.33
N ILE C 362 -16.15 -8.00 55.56
CA ILE C 362 -16.35 -9.29 56.20
C ILE C 362 -17.83 -9.52 56.45
N SER C 363 -18.52 -8.48 56.92
CA SER C 363 -19.95 -8.60 57.16
C SER C 363 -20.72 -8.83 55.88
N ASN C 364 -20.43 -8.02 54.85
CA ASN C 364 -21.16 -8.11 53.59
C ASN C 364 -21.04 -9.49 52.97
N LEU C 365 -19.95 -10.21 53.25
CA LEU C 365 -19.87 -11.60 52.82
C LEU C 365 -20.70 -12.53 53.68
N ASN C 366 -20.71 -12.31 55.00
CA ASN C 366 -21.55 -13.13 55.88
C ASN C 366 -23.01 -13.03 55.46
N LEU C 367 -23.45 -11.85 55.07
CA LEU C 367 -24.79 -11.69 54.53
C LEU C 367 -24.97 -12.51 53.26
N ALA C 368 -23.92 -12.62 52.45
CA ALA C 368 -24.03 -13.32 51.18
C ALA C 368 -24.16 -14.81 51.37
N TYR C 369 -23.40 -15.38 52.31
CA TYR C 369 -23.46 -16.82 52.53
C TYR C 369 -24.75 -17.21 53.24
N GLN C 370 -25.17 -16.40 54.22
CA GLN C 370 -26.40 -16.70 54.94
C GLN C 370 -27.60 -16.63 54.01
N TYR C 371 -27.54 -15.71 53.04
CA TYR C 371 -28.54 -15.66 51.98
C TYR C 371 -28.58 -16.97 51.21
N LEU C 372 -27.44 -17.36 50.64
CA LEU C 372 -27.37 -18.53 49.78
C LEU C 372 -27.24 -19.84 50.54
N ALA C 373 -27.57 -19.87 51.82
CA ALA C 373 -27.49 -21.08 52.63
C ALA C 373 -28.78 -21.87 52.67
N THR C 374 -29.92 -21.26 52.36
CA THR C 374 -31.21 -21.85 52.70
C THR C 374 -32.03 -22.28 51.49
N GLY C 375 -32.32 -21.34 50.59
CA GLY C 375 -33.22 -21.58 49.49
C GLY C 375 -32.50 -21.73 48.17
N LYS C 376 -33.25 -22.21 47.17
CA LYS C 376 -32.73 -22.40 45.78
C LYS C 376 -33.05 -21.14 44.95
N SER C 377 -32.42 -21.02 43.78
CA SER C 377 -32.64 -19.87 42.85
C SER C 377 -32.36 -18.53 43.53
N LYS C 378 -31.25 -18.42 44.27
CA LYS C 378 -30.87 -17.15 44.94
C LYS C 378 -29.54 -16.66 44.35
N VAL C 379 -29.48 -15.40 43.91
CA VAL C 379 -28.22 -14.83 43.34
C VAL C 379 -27.85 -13.55 44.10
N CYS C 380 -26.58 -13.41 44.48
CA CYS C 380 -26.11 -12.24 45.21
C CYS C 380 -25.20 -11.39 44.33
N CYS C 381 -24.91 -10.19 44.80
CA CYS C 381 -23.96 -9.29 44.18
C CYS C 381 -23.49 -8.28 45.22
N VAL C 382 -22.30 -8.51 45.76
CA VAL C 382 -21.85 -8.00 47.05
C VAL C 382 -20.70 -7.03 46.88
N LYS C 383 -20.59 -6.09 47.82
CA LYS C 383 -19.56 -5.06 47.79
C LYS C 383 -18.32 -5.52 48.53
N LEU C 384 -17.16 -5.25 47.93
CA LEU C 384 -15.88 -5.63 48.50
C LEU C 384 -14.88 -4.53 48.28
N THR C 385 -14.02 -4.34 49.27
CA THR C 385 -12.79 -3.59 49.09
C THR C 385 -11.71 -4.58 48.69
N ALA C 386 -10.52 -4.07 48.44
CA ALA C 386 -9.38 -4.92 48.08
C ALA C 386 -8.58 -5.19 49.34
N MET C 387 -8.76 -6.40 49.88
CA MET C 387 -8.00 -6.88 51.02
C MET C 387 -7.91 -8.38 50.88
N ASP C 388 -7.11 -9.00 51.74
CA ASP C 388 -6.96 -10.44 51.70
C ASP C 388 -8.24 -11.09 52.20
N LEU C 389 -8.85 -11.92 51.36
CA LEU C 389 -10.14 -12.53 51.68
C LEU C 389 -10.16 -13.97 51.20
N GLU C 390 -11.13 -14.73 51.71
CA GLU C 390 -11.31 -16.14 51.38
C GLU C 390 -12.55 -16.26 50.49
N LEU C 391 -12.32 -16.34 49.18
CA LEU C 391 -13.34 -16.23 48.17
C LEU C 391 -13.58 -17.56 47.46
N PRO C 392 -14.81 -17.83 46.98
CA PRO C 392 -15.00 -19.00 46.13
C PRO C 392 -14.35 -18.84 44.76
N VAL C 393 -13.68 -19.90 44.34
CA VAL C 393 -12.99 -19.96 43.06
C VAL C 393 -13.93 -19.63 41.90
N SER C 394 -15.03 -20.37 41.80
CA SER C 394 -15.90 -20.29 40.65
C SER C 394 -16.74 -19.02 40.58
N ALA C 395 -16.60 -18.12 41.54
CA ALA C 395 -17.40 -16.89 41.54
C ALA C 395 -16.90 -15.92 40.48
N LYS C 396 -17.70 -14.89 40.22
CA LYS C 396 -17.52 -13.97 39.10
C LYS C 396 -17.33 -12.55 39.62
N LEU C 397 -16.26 -11.91 39.17
CA LEU C 397 -15.93 -10.54 39.60
C LEU C 397 -16.48 -9.52 38.62
N LEU C 398 -16.82 -8.35 39.14
CA LEU C 398 -17.30 -7.23 38.36
C LEU C 398 -16.62 -5.94 38.80
N HIS C 399 -16.11 -5.19 37.82
CA HIS C 399 -15.62 -3.85 38.04
C HIS C 399 -16.13 -2.93 36.93
N HIS C 400 -17.44 -2.89 36.74
CA HIS C 400 -18.02 -1.85 35.91
C HIS C 400 -17.55 -0.49 36.41
N PRO C 401 -17.36 0.47 35.51
CA PRO C 401 -16.66 1.69 35.91
C PRO C 401 -17.47 2.51 36.88
N THR C 402 -16.80 3.53 37.42
CA THR C 402 -17.38 4.39 38.43
C THR C 402 -16.84 5.80 38.24
N THR C 403 -17.15 6.66 39.20
CA THR C 403 -16.55 7.98 39.24
C THR C 403 -15.04 7.89 39.20
N GLU C 404 -14.47 7.20 40.18
CA GLU C 404 -13.03 7.12 40.37
C GLU C 404 -12.68 5.81 41.04
N ILE C 405 -11.54 5.26 40.65
CA ILE C 405 -11.06 4.00 41.20
C ILE C 405 -10.43 4.29 42.55
N ARG C 406 -11.05 3.78 43.61
CA ARG C 406 -10.51 3.89 44.97
C ARG C 406 -10.68 2.59 45.75
N SER C 407 -10.30 1.47 45.15
CA SER C 407 -10.24 0.16 45.80
C SER C 407 -11.59 -0.42 46.20
N GLU C 408 -12.44 -0.70 45.23
CA GLU C 408 -13.56 -1.58 45.47
C GLU C 408 -14.02 -2.20 44.15
N PHE C 409 -14.51 -3.42 44.26
CA PHE C 409 -14.95 -4.25 43.15
C PHE C 409 -16.06 -5.10 43.73
N TYR C 410 -16.97 -5.55 42.87
CA TYR C 410 -18.12 -6.32 43.34
C TYR C 410 -18.06 -7.75 42.82
N LEU C 411 -18.61 -8.63 43.61
CA LEU C 411 -18.58 -10.07 43.41
C LEU C 411 -20.01 -10.56 43.40
N LEU C 412 -20.32 -11.46 42.48
CA LEU C 412 -21.63 -12.10 42.44
C LEU C 412 -21.47 -13.59 42.62
N LEU C 413 -22.48 -14.21 43.20
CA LEU C 413 -22.45 -15.59 43.61
C LEU C 413 -23.72 -16.27 43.16
N ASP C 414 -23.58 -17.59 42.97
CA ASP C 414 -24.64 -18.56 42.60
C ASP C 414 -24.72 -19.62 43.71
N ILE C 415 -25.74 -20.48 43.69
CA ILE C 415 -25.95 -21.51 44.75
C ILE C 415 -24.75 -22.47 44.82
N TRP C 416 -24.16 -22.85 43.69
CA TRP C 416 -23.03 -23.83 43.70
C TRP C 416 -21.67 -23.17 43.94
N ASP C 417 -21.64 -21.84 44.15
CA ASP C 417 -20.36 -21.12 44.40
C ASP C 417 -20.00 -21.22 45.89
N VAL C 418 -20.84 -21.92 46.67
CA VAL C 418 -20.67 -22.09 48.10
C VAL C 418 -20.35 -23.54 48.46
N ASN C 419 -20.63 -24.49 47.55
CA ASN C 419 -20.62 -25.90 47.91
C ASN C 419 -19.18 -26.43 47.87
N ASN C 420 -18.45 -26.09 48.92
CA ASN C 420 -17.10 -26.62 49.17
C ASN C 420 -16.12 -26.16 48.09
N ILE C 421 -16.13 -24.87 47.80
CA ILE C 421 -15.16 -24.25 46.90
C ILE C 421 -14.72 -22.92 47.55
N LYS C 422 -13.48 -22.85 48.02
CA LYS C 422 -12.97 -21.63 48.62
C LYS C 422 -11.47 -21.52 48.42
N ARG C 423 -11.00 -20.31 48.12
CA ARG C 423 -9.58 -19.98 47.97
C ARG C 423 -9.25 -18.71 48.71
N PHE C 424 -7.98 -18.58 49.10
CA PHE C 424 -7.44 -17.37 49.68
C PHE C 424 -6.83 -16.51 48.58
N ILE C 425 -7.17 -15.22 48.58
CA ILE C 425 -6.72 -14.27 47.56
C ILE C 425 -5.91 -13.19 48.26
N PRO C 426 -4.73 -12.81 47.76
CA PRO C 426 -4.01 -11.72 48.41
C PRO C 426 -4.55 -10.36 48.02
N LYS C 427 -4.09 -9.35 48.75
CA LYS C 427 -4.53 -7.98 48.58
C LYS C 427 -4.26 -7.46 47.18
N GLY C 428 -2.99 -7.38 46.80
CA GLY C 428 -2.64 -6.77 45.53
C GLY C 428 -3.07 -7.55 44.31
N ALA C 429 -3.55 -8.78 44.50
CA ALA C 429 -4.12 -9.50 43.37
C ALA C 429 -5.48 -8.96 42.97
N LEU C 430 -6.10 -8.16 43.83
CA LEU C 430 -7.38 -7.52 43.56
C LEU C 430 -7.19 -6.14 42.96
N TYR C 431 -6.26 -5.35 43.49
CA TYR C 431 -5.94 -4.06 42.90
C TYR C 431 -5.51 -4.22 41.45
N SER C 432 -4.79 -5.28 41.14
CA SER C 432 -4.41 -5.56 39.78
C SER C 432 -5.60 -5.88 38.90
N PHE C 433 -6.69 -6.35 39.48
CA PHE C 433 -7.92 -6.54 38.73
C PHE C 433 -8.67 -5.23 38.60
N ILE C 434 -8.75 -4.48 39.71
CA ILE C 434 -9.43 -3.20 39.73
C ILE C 434 -8.84 -2.27 38.68
N ASN C 435 -7.52 -2.07 38.74
CA ASN C 435 -6.93 -0.89 38.13
C ASN C 435 -6.78 -1.02 36.62
N ASN C 436 -6.73 -2.25 36.10
CA ASN C 436 -6.47 -2.48 34.69
C ASN C 436 -7.61 -3.12 33.94
N VAL C 437 -8.47 -3.87 34.63
CA VAL C 437 -9.57 -4.61 34.00
C VAL C 437 -10.86 -3.85 34.24
N ILE C 438 -11.36 -3.22 33.18
CA ILE C 438 -12.70 -2.65 33.14
C ILE C 438 -13.62 -3.72 32.57
N THR C 439 -14.71 -4.01 33.27
CA THR C 439 -15.70 -4.92 32.74
C THR C 439 -16.39 -4.22 31.57
N ASP C 440 -16.65 -5.00 30.51
CA ASP C 440 -17.13 -4.46 29.25
C ASP C 440 -18.61 -4.70 29.04
N ASN C 441 -19.19 -5.68 29.72
CA ASN C 441 -20.46 -6.25 29.27
C ASN C 441 -21.16 -6.92 30.45
N VAL C 442 -22.44 -6.59 30.64
CA VAL C 442 -23.26 -7.28 31.61
C VAL C 442 -23.57 -8.71 31.21
N PHE C 443 -23.43 -9.03 29.93
CA PHE C 443 -23.70 -10.37 29.41
C PHE C 443 -22.44 -11.20 29.53
N ILE C 444 -22.30 -11.86 30.67
CA ILE C 444 -21.10 -12.62 31.00
C ILE C 444 -21.35 -14.13 30.88
N GLN C 445 -22.30 -14.52 30.05
CA GLN C 445 -22.67 -15.91 29.96
C GLN C 445 -21.76 -16.63 28.97
N SER C 446 -21.73 -17.96 29.07
CA SER C 446 -20.71 -18.74 28.43
C SER C 446 -20.79 -18.62 26.91
N PRO C 447 -19.69 -18.90 26.19
CA PRO C 447 -19.74 -18.75 24.73
C PRO C 447 -20.68 -19.74 24.05
N PHE C 448 -21.03 -19.40 22.82
CA PHE C 448 -21.85 -20.24 21.98
C PHE C 448 -20.97 -21.25 21.27
N LYS C 449 -21.21 -22.52 21.54
CA LYS C 449 -20.60 -23.58 20.77
C LYS C 449 -21.22 -23.54 19.38
N ILE C 450 -20.38 -23.47 18.35
CA ILE C 450 -20.85 -23.26 17.00
C ILE C 450 -21.21 -24.63 16.42
N ARG C 451 -22.46 -25.05 16.61
CA ARG C 451 -22.97 -26.25 15.99
C ARG C 451 -24.49 -26.14 15.83
N THR C 452 -25.02 -26.90 14.89
CA THR C 452 -26.41 -26.85 14.51
C THR C 452 -27.31 -27.41 15.60
N SER C 453 -28.58 -26.97 15.57
CA SER C 453 -29.60 -27.51 16.45
C SER C 453 -30.95 -27.38 15.77
N VAL C 454 -31.92 -28.16 16.23
CA VAL C 454 -33.21 -28.30 15.58
C VAL C 454 -34.34 -27.76 16.44
N SER C 455 -34.12 -27.65 17.75
CA SER C 455 -35.03 -26.94 18.64
C SER C 455 -34.74 -25.45 18.71
N ASP C 456 -33.57 -25.03 18.27
CA ASP C 456 -33.07 -23.69 18.51
C ASP C 456 -33.44 -22.78 17.35
N TYR C 457 -34.06 -21.66 17.68
CA TYR C 457 -34.06 -20.52 16.79
C TYR C 457 -32.89 -19.63 17.14
N ILE C 458 -31.83 -19.71 16.35
CA ILE C 458 -30.57 -19.04 16.63
C ILE C 458 -30.59 -17.68 15.94
N VAL C 459 -30.36 -16.63 16.72
CA VAL C 459 -30.04 -15.33 16.20
C VAL C 459 -28.55 -15.10 16.38
N ALA C 460 -27.93 -14.47 15.40
CA ALA C 460 -26.52 -14.11 15.47
C ALA C 460 -26.33 -12.91 14.52
N LEU C 461 -26.31 -11.71 15.10
CA LEU C 461 -26.43 -10.50 14.30
C LEU C 461 -25.08 -9.85 14.02
N TYR C 462 -24.26 -9.65 15.05
CA TYR C 462 -22.95 -9.06 14.86
C TYR C 462 -21.92 -9.73 15.75
N ALA C 463 -22.12 -11.01 16.07
CA ALA C 463 -21.24 -11.77 16.93
C ALA C 463 -20.26 -12.63 16.13
N LEU C 464 -20.75 -13.38 15.16
CA LEU C 464 -19.88 -14.18 14.31
C LEU C 464 -19.18 -13.26 13.31
N SER C 465 -18.47 -13.86 12.37
CA SER C 465 -17.57 -13.27 11.39
C SER C 465 -16.21 -12.93 11.99
N ASN C 466 -16.03 -13.08 13.30
CA ASN C 466 -14.74 -12.78 13.90
C ASN C 466 -13.71 -13.81 13.48
N ASP C 467 -12.47 -13.35 13.32
CA ASP C 467 -11.43 -14.19 12.73
C ASP C 467 -11.10 -15.40 13.58
N PHE C 468 -11.38 -15.35 14.88
CA PHE C 468 -11.00 -16.43 15.77
C PHE C 468 -11.99 -17.59 15.77
N ASN C 469 -13.14 -17.44 15.12
CA ASN C 469 -14.10 -18.52 15.00
C ASN C 469 -13.82 -19.35 13.76
N ASN C 470 -13.97 -20.66 13.90
CA ASN C 470 -13.69 -21.58 12.81
C ASN C 470 -14.67 -21.31 11.68
N ARG C 471 -14.13 -20.93 10.52
CA ARG C 471 -14.95 -20.56 9.38
C ARG C 471 -15.92 -21.67 8.99
N GLU C 472 -15.42 -22.89 8.87
CA GLU C 472 -16.27 -23.96 8.39
C GLU C 472 -17.39 -24.29 9.38
N ASP C 473 -17.13 -24.12 10.68
CA ASP C 473 -18.17 -24.41 11.66
C ASP C 473 -19.33 -23.43 11.54
N ILE C 474 -19.05 -22.15 11.24
CA ILE C 474 -20.15 -21.21 11.05
C ILE C 474 -20.82 -21.43 9.71
N ILE C 475 -20.04 -21.75 8.67
CA ILE C 475 -20.62 -22.12 7.39
C ILE C 475 -21.59 -23.28 7.55
N ASN C 476 -21.16 -24.34 8.23
CA ASN C 476 -22.05 -25.49 8.41
C ASN C 476 -23.19 -25.15 9.35
N LEU C 477 -22.97 -24.21 10.27
CA LEU C 477 -24.07 -23.73 11.10
C LEU C 477 -25.12 -23.03 10.25
N ILE C 478 -24.70 -22.46 9.13
CA ILE C 478 -25.65 -21.74 8.27
C ILE C 478 -26.28 -22.70 7.27
N ASN C 479 -25.50 -23.63 6.75
CA ASN C 479 -25.99 -24.52 5.71
C ASN C 479 -26.83 -25.66 6.28
N ASN C 480 -26.35 -26.32 7.32
CA ASN C 480 -26.94 -27.54 7.82
C ASN C 480 -27.92 -27.27 8.95
N GLN C 481 -28.64 -26.16 8.88
CA GLN C 481 -29.43 -25.68 10.00
C GLN C 481 -30.65 -24.94 9.50
N LYS C 482 -31.79 -25.27 10.09
CA LYS C 482 -33.04 -24.56 9.93
C LYS C 482 -33.31 -23.80 11.22
N GLN C 483 -34.34 -22.95 11.22
CA GLN C 483 -34.69 -22.16 12.41
C GLN C 483 -33.59 -21.19 12.81
N SER C 484 -33.33 -20.13 12.03
CA SER C 484 -32.35 -19.16 12.50
C SER C 484 -32.51 -17.81 11.83
N LEU C 485 -31.65 -16.89 12.25
CA LEU C 485 -31.46 -15.56 11.67
C LEU C 485 -30.01 -15.19 11.89
N ILE C 486 -29.17 -15.44 10.89
CA ILE C 486 -27.74 -15.27 11.00
C ILE C 486 -27.32 -14.12 10.13
N THR C 487 -26.31 -13.40 10.57
CA THR C 487 -25.69 -12.31 9.85
C THR C 487 -24.21 -12.60 9.69
N VAL C 488 -23.67 -12.30 8.51
CA VAL C 488 -22.25 -12.39 8.24
C VAL C 488 -21.88 -11.27 7.30
N ARG C 489 -20.59 -10.95 7.25
CA ARG C 489 -20.13 -9.84 6.45
C ARG C 489 -19.92 -10.26 5.00
N ILE C 490 -20.17 -9.34 4.10
CA ILE C 490 -19.99 -9.56 2.67
C ILE C 490 -18.56 -9.20 2.30
N ASN C 491 -18.02 -9.89 1.32
CA ASN C 491 -16.73 -9.53 0.75
C ASN C 491 -16.93 -8.33 -0.17
N ASN C 492 -16.93 -7.15 0.43
CA ASN C 492 -17.25 -5.91 -0.27
C ASN C 492 -16.07 -5.33 -1.03
N THR C 493 -14.92 -6.02 -1.04
CA THR C 493 -13.71 -5.53 -1.69
C THR C 493 -13.41 -6.35 -2.93
N PHE C 494 -12.36 -5.91 -3.61
CA PHE C 494 -11.86 -6.53 -4.83
C PHE C 494 -10.58 -7.29 -4.52
N LYS C 495 -10.17 -8.15 -5.46
CA LYS C 495 -9.08 -9.11 -5.26
C LYS C 495 -9.39 -10.14 -4.18
N ASP C 496 -10.67 -10.41 -3.94
CA ASP C 496 -11.17 -11.55 -3.16
C ASP C 496 -10.39 -11.78 -1.86
N GLU C 497 -10.38 -10.77 -1.00
CA GLU C 497 -9.70 -10.87 0.29
C GLU C 497 -10.60 -11.60 1.28
N PRO C 498 -10.21 -12.77 1.80
CA PRO C 498 -11.14 -13.50 2.69
C PRO C 498 -11.34 -12.87 4.06
N LYS C 499 -10.39 -12.10 4.58
CA LYS C 499 -10.51 -11.49 5.90
C LYS C 499 -10.17 -10.01 5.85
N VAL C 500 -11.06 -9.21 6.44
CA VAL C 500 -11.08 -7.76 6.28
C VAL C 500 -11.33 -7.17 7.66
N GLY C 501 -10.70 -6.03 7.93
CA GLY C 501 -10.87 -5.42 9.23
C GLY C 501 -10.54 -3.94 9.31
N PHE C 502 -10.14 -3.49 10.51
CA PHE C 502 -9.91 -2.09 10.80
C PHE C 502 -8.48 -1.81 11.25
N LYS C 503 -7.55 -2.73 10.99
CA LYS C 503 -6.20 -2.75 11.57
C LYS C 503 -6.20 -3.00 13.07
N SER C 504 -7.33 -3.42 13.63
CA SER C 504 -7.42 -3.84 15.01
C SER C 504 -7.75 -5.33 15.05
N ILE C 505 -8.85 -5.69 14.40
CA ILE C 505 -9.28 -7.06 14.27
C ILE C 505 -9.71 -7.28 12.83
N TYR C 506 -9.54 -8.50 12.35
CA TYR C 506 -10.01 -8.90 11.04
C TYR C 506 -11.25 -9.77 11.24
N ASP C 507 -12.11 -9.78 10.23
CA ASP C 507 -13.33 -10.57 10.25
C ASP C 507 -13.49 -11.35 8.95
N TRP C 508 -14.03 -12.56 9.08
CA TRP C 508 -14.21 -13.42 7.92
C TRP C 508 -15.25 -12.82 6.99
N THR C 509 -14.95 -12.83 5.69
CA THR C 509 -15.79 -12.23 4.68
C THR C 509 -16.31 -13.27 3.69
N PHE C 510 -17.57 -13.12 3.33
CA PHE C 510 -18.30 -14.10 2.55
C PHE C 510 -18.82 -13.50 1.25
N LEU C 511 -19.16 -14.37 0.34
CA LEU C 511 -20.12 -14.11 -0.72
C LEU C 511 -21.41 -14.85 -0.45
N PRO C 512 -22.47 -14.54 -1.20
CA PRO C 512 -23.70 -15.29 -1.04
C PRO C 512 -23.57 -16.76 -1.38
N THR C 513 -22.62 -17.11 -2.23
CA THR C 513 -22.53 -18.43 -2.83
C THR C 513 -21.67 -19.38 -2.02
N ASP C 514 -21.39 -19.04 -0.78
CA ASP C 514 -20.66 -19.93 0.11
C ASP C 514 -21.56 -21.01 0.69
N PHE C 515 -22.86 -20.92 0.45
CA PHE C 515 -23.87 -21.59 1.25
C PHE C 515 -24.84 -22.31 0.33
N GLU C 516 -24.93 -23.63 0.48
CA GLU C 516 -26.02 -24.40 -0.14
C GLU C 516 -27.11 -24.69 0.90
N THR C 517 -27.85 -23.63 1.21
CA THR C 517 -29.05 -23.73 2.00
C THR C 517 -30.12 -24.49 1.23
N THR C 518 -31.24 -24.74 1.90
CA THR C 518 -32.32 -25.53 1.32
C THR C 518 -33.49 -24.61 1.11
N ASN C 519 -33.93 -23.87 2.12
CA ASN C 519 -35.02 -22.91 1.99
C ASN C 519 -34.68 -21.70 2.86
N ALA C 520 -33.99 -20.76 2.25
CA ALA C 520 -33.47 -19.62 2.98
C ALA C 520 -33.24 -18.43 2.07
N ILE C 521 -33.44 -17.25 2.64
CA ILE C 521 -33.15 -15.98 1.99
C ILE C 521 -31.74 -15.59 2.39
N VAL C 522 -31.02 -14.98 1.47
CA VAL C 522 -29.71 -14.40 1.72
C VAL C 522 -29.72 -13.01 1.11
N THR C 523 -29.99 -12.01 1.93
CA THR C 523 -30.25 -10.66 1.45
C THR C 523 -29.44 -9.66 2.28
N SER C 524 -29.78 -8.39 2.12
CA SER C 524 -29.10 -7.28 2.76
C SER C 524 -29.80 -6.88 4.05
N TYR C 525 -29.37 -5.74 4.60
CA TYR C 525 -30.00 -5.18 5.79
C TYR C 525 -31.39 -4.67 5.46
N ASP C 526 -31.51 -3.92 4.37
CA ASP C 526 -32.77 -3.28 4.05
C ASP C 526 -33.82 -4.32 3.68
N GLY C 527 -33.40 -5.42 3.07
CA GLY C 527 -34.34 -6.45 2.67
C GLY C 527 -35.00 -7.11 3.87
N CYS C 528 -34.25 -7.31 4.94
CA CYS C 528 -34.79 -8.00 6.10
C CYS C 528 -35.61 -7.07 6.98
N LEU C 529 -35.37 -5.77 6.88
CA LEU C 529 -36.29 -4.82 7.48
C LEU C 529 -37.68 -5.00 6.92
N GLY C 530 -37.77 -5.21 5.61
CA GLY C 530 -39.06 -5.46 4.99
C GLY C 530 -39.70 -6.72 5.48
N ILE C 531 -38.90 -7.77 5.68
CA ILE C 531 -39.44 -9.07 6.05
C ILE C 531 -40.08 -9.00 7.43
N PHE C 532 -39.53 -8.18 8.32
CA PHE C 532 -39.95 -8.12 9.71
C PHE C 532 -40.84 -6.93 10.01
N GLY C 533 -41.20 -6.13 9.01
CA GLY C 533 -42.11 -5.03 9.21
C GLY C 533 -41.47 -3.68 9.27
N LEU C 534 -40.39 -3.44 8.54
CA LEU C 534 -39.69 -2.18 8.57
C LEU C 534 -39.22 -1.78 7.18
N SER C 535 -38.82 -0.53 7.07
CA SER C 535 -38.28 0.01 5.84
C SER C 535 -37.47 1.24 6.18
N ILE C 536 -36.41 1.45 5.41
CA ILE C 536 -35.40 2.44 5.73
C ILE C 536 -35.20 3.35 4.53
N SER C 537 -34.86 4.60 4.83
CA SER C 537 -34.83 5.63 3.82
C SER C 537 -33.48 5.81 3.15
N LEU C 538 -32.41 5.27 3.73
CA LEU C 538 -31.07 5.40 3.16
C LEU C 538 -30.63 4.07 2.59
N ALA C 539 -30.03 4.11 1.41
CA ALA C 539 -29.54 2.91 0.75
C ALA C 539 -28.18 2.53 1.31
N SER C 540 -27.79 1.29 1.07
CA SER C 540 -26.48 0.84 1.50
C SER C 540 -25.41 1.30 0.52
N LYS C 541 -24.21 1.40 1.02
CA LYS C 541 -23.08 1.86 0.24
C LYS C 541 -22.34 0.67 -0.37
N PRO C 542 -21.67 0.84 -1.52
CA PRO C 542 -20.97 -0.29 -2.12
C PRO C 542 -19.82 -0.81 -1.27
N THR C 543 -19.19 0.05 -0.48
CA THR C 543 -18.15 -0.34 0.45
C THR C 543 -18.42 0.29 1.80
N GLY C 544 -17.80 -0.29 2.82
CA GLY C 544 -18.23 -0.11 4.19
C GLY C 544 -18.73 -1.44 4.74
N ASN C 545 -19.13 -1.40 6.00
CA ASN C 545 -19.43 -2.63 6.73
C ASN C 545 -20.85 -3.09 6.42
N ASN C 546 -21.00 -3.60 5.21
CA ASN C 546 -22.21 -4.26 4.77
C ASN C 546 -22.21 -5.70 5.27
N HIS C 547 -23.40 -6.24 5.50
CA HIS C 547 -23.53 -7.58 6.05
C HIS C 547 -24.67 -8.34 5.38
N LEU C 548 -24.34 -9.54 4.93
CA LEU C 548 -25.32 -10.52 4.53
C LEU C 548 -26.20 -10.87 5.71
N PHE C 549 -27.50 -11.00 5.46
CA PHE C 549 -28.44 -11.57 6.41
C PHE C 549 -28.98 -12.86 5.84
N ILE C 550 -29.24 -13.81 6.71
CA ILE C 550 -29.57 -15.17 6.33
C ILE C 550 -30.72 -15.63 7.19
N LEU C 551 -31.87 -15.84 6.57
CA LEU C 551 -33.09 -16.32 7.20
C LEU C 551 -33.32 -17.74 6.74
N ASN C 552 -33.21 -18.69 7.66
CA ASN C 552 -33.39 -20.09 7.34
C ASN C 552 -34.76 -20.56 7.79
N GLY C 553 -35.37 -21.44 6.99
CA GLY C 553 -36.55 -22.14 7.41
C GLY C 553 -37.80 -21.30 7.59
N THR C 554 -37.89 -20.16 6.89
CA THR C 554 -38.98 -19.22 7.10
C THR C 554 -40.08 -19.39 6.07
N ASP C 555 -41.27 -18.91 6.43
CA ASP C 555 -42.46 -18.99 5.58
C ASP C 555 -42.32 -18.27 4.24
N LYS C 556 -41.30 -17.44 4.06
CA LYS C 556 -41.23 -16.49 2.95
C LYS C 556 -40.23 -16.88 1.88
N TYR C 557 -39.89 -18.16 1.75
CA TYR C 557 -38.93 -18.56 0.72
C TYR C 557 -39.56 -18.58 -0.65
N TYR C 558 -40.82 -18.98 -0.75
CA TYR C 558 -41.51 -19.09 -2.02
C TYR C 558 -42.03 -17.75 -2.53
N LYS C 559 -42.23 -16.77 -1.66
CA LYS C 559 -42.79 -15.48 -2.05
C LYS C 559 -41.67 -14.61 -2.61
N LEU C 560 -41.40 -14.82 -3.90
CA LEU C 560 -40.21 -14.28 -4.50
C LEU C 560 -40.35 -12.81 -4.85
N ASP C 561 -41.43 -12.44 -5.56
CA ASP C 561 -41.60 -11.07 -6.03
C ASP C 561 -42.08 -10.12 -4.95
N GLN C 562 -41.99 -10.50 -3.68
CA GLN C 562 -42.43 -9.73 -2.53
C GLN C 562 -41.28 -9.19 -1.70
N PHE C 563 -40.39 -10.09 -1.27
CA PHE C 563 -39.36 -9.86 -0.28
C PHE C 563 -38.04 -10.32 -0.86
N ALA C 564 -37.00 -9.48 -0.74
CA ALA C 564 -35.70 -9.80 -1.33
C ALA C 564 -35.86 -10.07 -2.81
N ASN C 565 -36.60 -9.19 -3.47
CA ASN C 565 -37.01 -9.39 -4.86
C ASN C 565 -36.08 -8.60 -5.78
N HIS C 566 -36.38 -8.63 -7.07
CA HIS C 566 -35.60 -7.97 -8.12
C HIS C 566 -35.70 -6.44 -8.08
N THR C 567 -36.35 -5.90 -7.07
CA THR C 567 -36.27 -4.49 -6.75
C THR C 567 -34.81 -4.04 -6.65
N GLY C 568 -34.53 -2.85 -7.17
CA GLY C 568 -33.23 -2.23 -7.05
C GLY C 568 -32.15 -2.80 -7.95
N ILE C 569 -32.48 -3.73 -8.84
CA ILE C 569 -31.48 -4.53 -9.54
C ILE C 569 -30.65 -3.69 -10.50
N SER C 570 -31.27 -2.74 -11.20
CA SER C 570 -30.64 -2.01 -12.29
C SER C 570 -30.33 -0.57 -11.94
N ARG C 571 -30.37 -0.21 -10.66
CA ARG C 571 -30.19 1.18 -10.26
C ARG C 571 -28.82 1.71 -10.68
N ARG C 572 -27.78 0.92 -10.47
CA ARG C 572 -26.43 1.38 -10.78
C ARG C 572 -26.13 1.29 -12.27
N SER C 573 -26.72 0.32 -12.96
CA SER C 573 -26.51 0.21 -14.39
C SER C 573 -27.01 1.45 -15.11
N HIS C 574 -28.27 1.85 -14.84
CA HIS C 574 -28.83 3.06 -15.45
C HIS C 574 -27.94 4.29 -15.23
N GLN C 575 -27.28 4.37 -14.09
CA GLN C 575 -26.31 5.44 -13.88
C GLN C 575 -25.15 5.32 -14.87
N VAL C 576 -24.69 4.09 -15.10
CA VAL C 576 -23.55 3.86 -15.97
C VAL C 576 -23.96 3.99 -17.43
N ARG C 577 -25.15 3.47 -17.76
CA ARG C 577 -25.57 3.41 -19.16
C ARG C 577 -25.66 4.80 -19.76
N PHE C 578 -26.29 5.73 -19.05
CA PHE C 578 -26.66 7.02 -19.59
C PHE C 578 -25.74 8.15 -19.17
N SER C 579 -25.33 8.18 -17.91
CA SER C 579 -24.68 9.34 -17.33
C SER C 579 -23.16 9.21 -17.20
N GLU C 580 -22.70 8.20 -16.47
CA GLU C 580 -21.32 8.14 -16.01
C GLU C 580 -20.44 7.59 -17.14
N SER C 581 -20.32 8.41 -18.19
CA SER C 581 -19.27 8.26 -19.18
C SER C 581 -19.36 6.94 -19.94
N ALA C 582 -20.46 6.80 -20.68
CA ALA C 582 -20.66 5.66 -21.55
C ALA C 582 -21.92 5.84 -22.38
N THR C 583 -21.99 5.08 -23.47
CA THR C 583 -23.16 5.03 -24.32
C THR C 583 -24.24 4.14 -23.69
N SER C 584 -25.49 4.48 -23.97
CA SER C 584 -26.61 3.75 -23.41
C SER C 584 -26.62 2.28 -23.80
N TYR C 585 -26.03 1.94 -24.94
CA TYR C 585 -25.97 0.57 -25.42
C TYR C 585 -24.73 -0.18 -24.96
N SER C 586 -23.99 0.36 -23.99
CA SER C 586 -22.73 -0.27 -23.58
C SER C 586 -22.94 -1.68 -23.07
N GLY C 587 -23.92 -1.90 -22.21
CA GLY C 587 -24.20 -3.24 -21.75
C GLY C 587 -24.81 -4.11 -22.82
N TYR C 588 -25.51 -3.52 -23.77
CA TYR C 588 -26.12 -4.23 -24.87
C TYR C 588 -25.10 -4.63 -25.93
N ILE C 589 -23.93 -4.01 -25.94
CA ILE C 589 -22.89 -4.35 -26.89
C ILE C 589 -21.93 -5.37 -26.26
N PHE C 590 -21.57 -5.16 -25.00
CA PHE C 590 -20.52 -5.97 -24.39
C PHE C 590 -20.90 -7.44 -24.34
N ARG C 591 -22.13 -7.72 -23.91
CA ARG C 591 -22.48 -9.10 -23.62
C ARG C 591 -22.64 -9.92 -24.89
N ASP C 592 -22.92 -9.27 -26.01
CA ASP C 592 -22.94 -9.98 -27.28
C ASP C 592 -21.54 -10.24 -27.80
N LEU C 593 -20.62 -9.29 -27.60
CA LEU C 593 -19.23 -9.52 -27.97
C LEU C 593 -18.63 -10.65 -27.16
N SER C 594 -18.93 -10.69 -25.87
CA SER C 594 -18.36 -11.70 -24.99
C SER C 594 -19.03 -13.05 -25.11
N ASN C 595 -20.09 -13.17 -25.91
CA ASN C 595 -20.74 -14.44 -26.19
C ASN C 595 -20.75 -14.76 -27.68
N SER C 596 -19.79 -14.21 -28.42
CA SER C 596 -19.54 -14.58 -29.82
C SER C 596 -20.74 -14.31 -30.71
N ASN C 597 -21.40 -13.18 -30.49
CA ASN C 597 -22.30 -12.56 -31.45
C ASN C 597 -21.74 -11.21 -31.79
N PHE C 598 -20.44 -11.17 -32.02
CA PHE C 598 -19.72 -9.93 -32.15
C PHE C 598 -19.85 -9.33 -33.54
N ASN C 599 -20.16 -10.16 -34.53
CA ASN C 599 -20.47 -9.60 -35.85
C ASN C 599 -21.68 -8.69 -35.80
N LEU C 600 -22.66 -9.01 -34.95
CA LEU C 600 -23.95 -8.31 -34.95
C LEU C 600 -24.21 -7.74 -33.57
N ILE C 601 -24.25 -6.41 -33.50
CA ILE C 601 -24.72 -5.71 -32.32
C ILE C 601 -25.74 -4.65 -32.76
N GLY C 602 -26.42 -4.90 -33.88
CA GLY C 602 -27.51 -4.04 -34.29
C GLY C 602 -28.78 -4.35 -33.53
N THR C 603 -29.08 -5.63 -33.38
CA THR C 603 -30.30 -6.09 -32.75
C THR C 603 -30.06 -6.36 -31.27
N ASN C 604 -29.47 -5.37 -30.63
CA ASN C 604 -29.20 -5.39 -29.20
C ASN C 604 -30.06 -4.35 -28.47
N VAL C 605 -30.93 -3.67 -29.19
CA VAL C 605 -32.03 -2.91 -28.58
C VAL C 605 -32.97 -3.84 -27.84
N GLU C 606 -33.50 -4.82 -28.56
CA GLU C 606 -34.38 -5.84 -28.02
C GLU C 606 -33.87 -7.18 -28.50
N ASN C 607 -34.35 -8.25 -27.87
CA ASN C 607 -33.98 -9.63 -28.15
C ASN C 607 -32.56 -9.95 -27.68
N SER C 608 -31.99 -9.15 -26.79
CA SER C 608 -30.78 -9.53 -26.10
C SER C 608 -31.12 -10.44 -24.93
N VAL C 609 -30.07 -10.94 -24.29
CA VAL C 609 -30.18 -11.96 -23.26
C VAL C 609 -29.47 -11.46 -22.00
N SER C 610 -29.45 -12.30 -20.97
CA SER C 610 -28.66 -12.08 -19.78
C SER C 610 -29.08 -10.82 -19.02
N GLY C 611 -30.36 -10.69 -18.72
CA GLY C 611 -30.86 -9.46 -18.13
C GLY C 611 -30.59 -9.27 -16.65
N HIS C 612 -31.21 -10.10 -15.81
CA HIS C 612 -31.16 -9.87 -14.38
C HIS C 612 -29.79 -10.21 -13.81
N VAL C 613 -29.17 -11.26 -14.34
CA VAL C 613 -28.05 -11.89 -13.65
C VAL C 613 -26.78 -11.09 -13.87
N TYR C 614 -26.54 -10.68 -15.12
CA TYR C 614 -25.36 -9.90 -15.44
C TYR C 614 -25.26 -8.67 -14.57
N ASN C 615 -26.40 -8.09 -14.21
CA ASN C 615 -26.42 -6.95 -13.30
C ASN C 615 -26.21 -7.40 -11.86
N ALA C 616 -26.69 -8.60 -11.53
CA ALA C 616 -26.52 -9.13 -10.19
C ALA C 616 -25.07 -9.51 -9.91
N LEU C 617 -24.29 -9.76 -10.96
CA LEU C 617 -22.95 -10.28 -10.80
C LEU C 617 -21.91 -9.17 -10.74
N ILE C 618 -21.97 -8.18 -11.63
CA ILE C 618 -20.92 -7.18 -11.68
C ILE C 618 -21.16 -6.06 -10.69
N TYR C 619 -22.42 -5.80 -10.34
CA TYR C 619 -22.77 -4.82 -9.32
C TYR C 619 -23.36 -5.46 -8.07
N TYR C 620 -22.87 -6.65 -7.71
CA TYR C 620 -23.33 -7.29 -6.47
C TYR C 620 -23.10 -6.41 -5.26
N ARG C 621 -22.09 -5.55 -5.30
CA ARG C 621 -21.77 -4.71 -4.14
C ARG C 621 -22.92 -3.77 -3.83
N TYR C 622 -23.71 -3.40 -4.83
CA TYR C 622 -24.85 -2.53 -4.68
C TYR C 622 -26.15 -3.28 -4.42
N ASN C 623 -26.37 -4.40 -5.11
CA ASN C 623 -27.66 -5.05 -5.17
C ASN C 623 -27.63 -6.49 -4.68
N TYR C 624 -26.75 -6.79 -3.72
CA TYR C 624 -26.79 -8.10 -3.09
C TYR C 624 -28.06 -8.30 -2.26
N SER C 625 -28.86 -7.25 -2.07
CA SER C 625 -30.20 -7.39 -1.52
C SER C 625 -31.06 -8.35 -2.33
N PHE C 626 -30.76 -8.50 -3.62
CA PHE C 626 -31.41 -9.49 -4.46
C PHE C 626 -30.67 -10.81 -4.32
N ASP C 627 -31.28 -11.78 -3.65
CA ASP C 627 -30.67 -13.10 -3.57
C ASP C 627 -30.83 -13.77 -4.92
N LEU C 628 -29.74 -13.73 -5.68
CA LEU C 628 -29.69 -14.33 -7.00
C LEU C 628 -30.00 -15.81 -6.95
N LYS C 629 -29.49 -16.49 -5.94
CA LYS C 629 -29.58 -17.93 -5.88
C LYS C 629 -31.02 -18.39 -5.66
N ARG C 630 -31.74 -17.71 -4.77
CA ARG C 630 -33.15 -18.00 -4.55
C ARG C 630 -33.96 -17.75 -5.81
N TRP C 631 -33.56 -16.76 -6.61
CA TRP C 631 -34.27 -16.47 -7.84
C TRP C 631 -34.18 -17.62 -8.83
N ILE C 632 -33.07 -18.34 -8.82
CA ILE C 632 -32.80 -19.32 -9.87
C ILE C 632 -33.47 -20.64 -9.53
N TYR C 633 -33.37 -21.06 -8.27
CA TYR C 633 -33.91 -22.35 -7.86
C TYR C 633 -35.41 -22.40 -8.04
N LEU C 634 -36.09 -21.27 -7.80
CA LEU C 634 -37.53 -21.22 -7.92
C LEU C 634 -38.01 -21.10 -9.37
N HIS C 635 -37.09 -21.06 -10.33
CA HIS C 635 -37.42 -21.09 -11.74
C HIS C 635 -36.95 -22.37 -12.40
N SER C 636 -36.01 -23.07 -11.75
CA SER C 636 -35.79 -24.47 -12.06
C SER C 636 -37.08 -25.26 -11.96
N VAL C 637 -37.86 -24.98 -10.92
CA VAL C 637 -39.10 -25.66 -10.63
C VAL C 637 -40.13 -24.57 -10.36
N GLU C 638 -41.24 -24.60 -11.10
CA GLU C 638 -42.17 -23.48 -11.11
C GLU C 638 -42.91 -23.41 -9.79
N LYS C 639 -42.47 -22.50 -8.92
CA LYS C 639 -43.08 -22.32 -7.61
C LYS C 639 -43.12 -20.84 -7.25
N TYR C 647 -46.10 -14.96 -14.27
CA TYR C 647 -45.05 -13.96 -14.04
C TYR C 647 -43.96 -14.03 -15.10
N TYR C 648 -42.87 -14.72 -14.80
CA TYR C 648 -41.61 -14.58 -15.52
C TYR C 648 -41.08 -15.95 -15.89
N GLU C 649 -40.28 -15.98 -16.95
CA GLU C 649 -39.59 -17.20 -17.33
C GLU C 649 -38.52 -16.83 -18.36
N HIS C 650 -37.32 -17.35 -18.14
CA HIS C 650 -36.23 -17.27 -19.09
C HIS C 650 -35.70 -18.68 -19.31
N ALA C 651 -34.95 -18.85 -20.39
CA ALA C 651 -34.40 -20.16 -20.65
C ALA C 651 -33.19 -20.43 -19.76
N PRO C 652 -32.87 -21.69 -19.53
CA PRO C 652 -31.58 -22.04 -18.94
C PRO C 652 -30.38 -21.44 -19.64
N ILE C 653 -30.40 -21.42 -20.98
CA ILE C 653 -29.23 -21.00 -21.74
C ILE C 653 -28.83 -19.58 -21.39
N GLU C 654 -29.80 -18.71 -21.09
CA GLU C 654 -29.51 -17.30 -20.92
C GLU C 654 -28.63 -17.05 -19.70
N LEU C 655 -28.79 -17.86 -18.67
CA LEU C 655 -28.09 -17.65 -17.42
C LEU C 655 -26.59 -17.93 -17.52
N ILE C 656 -26.20 -18.85 -18.39
CA ILE C 656 -24.79 -19.16 -18.59
C ILE C 656 -24.09 -17.99 -19.26
N TYR C 657 -24.74 -17.45 -20.30
CA TYR C 657 -24.19 -16.29 -21.01
C TYR C 657 -24.12 -15.08 -20.12
N ALA C 658 -25.01 -14.99 -19.14
CA ALA C 658 -24.89 -13.93 -18.15
C ALA C 658 -23.65 -14.13 -17.30
N CYS C 659 -23.39 -15.38 -16.92
CA CYS C 659 -22.19 -15.69 -16.14
C CYS C 659 -20.92 -15.50 -16.96
N LYS C 660 -20.90 -16.01 -18.20
CA LYS C 660 -19.69 -15.95 -19.01
C LYS C 660 -19.27 -14.52 -19.28
N SER C 661 -20.24 -13.63 -19.41
CA SER C 661 -19.92 -12.25 -19.75
C SER C 661 -19.41 -11.48 -18.54
N ALA C 662 -19.90 -11.84 -17.35
CA ALA C 662 -19.41 -11.21 -16.13
C ALA C 662 -17.97 -11.59 -15.87
N LYS C 663 -17.60 -12.84 -16.21
CA LYS C 663 -16.20 -13.24 -16.12
C LYS C 663 -15.33 -12.33 -16.99
N GLU C 664 -15.65 -12.27 -18.27
CA GLU C 664 -14.95 -11.38 -19.20
C GLU C 664 -14.90 -9.96 -18.69
N PHE C 665 -16.03 -9.44 -18.20
CA PHE C 665 -16.08 -8.10 -17.65
C PHE C 665 -15.12 -7.94 -16.49
N ALA C 666 -15.09 -8.94 -15.61
CA ALA C 666 -14.26 -8.87 -14.42
C ALA C 666 -12.81 -9.17 -14.75
N SER C 667 -12.55 -9.75 -15.92
CA SER C 667 -11.18 -10.00 -16.33
C SER C 667 -10.49 -8.71 -16.74
N LEU C 668 -11.15 -7.92 -17.59
CA LEU C 668 -10.58 -6.66 -18.02
C LEU C 668 -10.38 -5.73 -16.83
N GLN C 669 -11.43 -5.54 -16.05
CA GLN C 669 -11.39 -4.87 -14.76
C GLN C 669 -10.42 -5.51 -13.78
N ASP C 670 -10.19 -6.82 -13.90
CA ASP C 670 -9.44 -7.58 -12.90
C ASP C 670 -10.11 -7.48 -11.53
N ASP C 671 -11.41 -7.79 -11.49
CA ASP C 671 -12.17 -7.90 -10.24
C ASP C 671 -12.30 -9.38 -9.95
N LEU C 672 -11.33 -9.93 -9.23
CA LEU C 672 -11.29 -11.36 -8.97
C LEU C 672 -12.46 -11.86 -8.13
N THR C 673 -13.24 -10.97 -7.52
CA THR C 673 -14.35 -11.38 -6.70
C THR C 673 -15.59 -11.68 -7.53
N VAL C 674 -15.90 -10.83 -8.51
CA VAL C 674 -16.93 -11.19 -9.49
C VAL C 674 -16.51 -12.44 -10.21
N LEU C 675 -15.24 -12.51 -10.58
CA LEU C 675 -14.70 -13.63 -11.32
C LEU C 675 -14.91 -14.93 -10.55
N ARG C 676 -14.73 -14.90 -9.24
CA ARG C 676 -15.08 -16.05 -8.42
C ARG C 676 -16.58 -16.25 -8.41
N TYR C 677 -17.32 -15.18 -8.10
CA TYR C 677 -18.77 -15.23 -8.00
C TYR C 677 -19.41 -15.72 -9.30
N ALA C 678 -18.78 -15.44 -10.44
CA ALA C 678 -19.29 -16.02 -11.68
C ALA C 678 -19.07 -17.53 -11.71
N ASN C 679 -17.88 -17.98 -11.30
CA ASN C 679 -17.62 -19.41 -11.22
C ASN C 679 -18.52 -20.07 -10.19
N GLU C 680 -18.79 -19.36 -9.10
CA GLU C 680 -19.64 -19.89 -8.02
C GLU C 680 -21.05 -20.18 -8.52
N ILE C 681 -21.54 -19.38 -9.47
CA ILE C 681 -22.93 -19.47 -9.88
C ILE C 681 -23.09 -20.51 -10.97
N GLU C 682 -22.24 -20.44 -12.00
CA GLU C 682 -22.47 -21.21 -13.20
C GLU C 682 -22.45 -22.70 -12.95
N ASN C 683 -21.65 -23.15 -11.99
CA ASN C 683 -21.66 -24.58 -11.66
C ASN C 683 -22.74 -24.89 -10.63
N TYR C 684 -23.33 -23.86 -10.03
CA TYR C 684 -24.58 -24.04 -9.31
C TYR C 684 -25.76 -24.04 -10.27
N ILE C 685 -25.64 -23.31 -11.38
CA ILE C 685 -26.66 -23.43 -12.43
C ILE C 685 -26.66 -24.84 -12.98
N ASN C 686 -25.47 -25.37 -13.27
CA ASN C 686 -25.33 -26.77 -13.68
C ASN C 686 -25.59 -27.76 -12.57
N LYS C 687 -25.91 -27.31 -11.35
CA LYS C 687 -26.22 -28.19 -10.24
C LYS C 687 -27.70 -28.47 -10.12
N VAL C 688 -28.50 -27.41 -9.90
CA VAL C 688 -29.93 -27.60 -9.69
C VAL C 688 -30.58 -28.15 -10.94
N TYR C 689 -29.97 -27.91 -12.10
CA TYR C 689 -30.43 -28.54 -13.33
C TYR C 689 -29.23 -28.74 -14.24
N SER C 690 -29.25 -29.83 -14.99
CA SER C 690 -28.25 -30.08 -16.03
C SER C 690 -28.62 -29.34 -17.30
N ILE C 691 -27.62 -29.18 -18.17
CA ILE C 691 -27.81 -28.70 -19.52
C ILE C 691 -27.09 -29.67 -20.45
N THR C 692 -27.76 -30.06 -21.52
CA THR C 692 -27.22 -30.97 -22.52
C THR C 692 -27.11 -30.23 -23.84
N TYR C 693 -26.13 -30.64 -24.64
CA TYR C 693 -25.84 -29.99 -25.90
C TYR C 693 -25.68 -31.00 -27.02
N ALA C 694 -26.52 -30.89 -28.04
CA ALA C 694 -26.35 -31.63 -29.28
C ALA C 694 -25.32 -30.93 -30.16
N ASP C 695 -24.06 -31.09 -29.77
CA ASP C 695 -22.98 -30.39 -30.44
C ASP C 695 -22.80 -30.83 -31.88
N ASP C 696 -22.86 -32.14 -32.15
CA ASP C 696 -22.86 -32.69 -33.49
C ASP C 696 -24.19 -33.42 -33.69
N PRO C 697 -25.26 -32.69 -34.00
CA PRO C 697 -26.59 -33.28 -33.94
C PRO C 697 -26.90 -34.21 -35.09
N ASN C 698 -28.10 -34.81 -35.01
CA ASN C 698 -28.62 -35.68 -36.07
C ASN C 698 -29.84 -35.11 -36.75
N TYR C 699 -30.75 -34.45 -36.02
CA TYR C 699 -31.97 -33.91 -36.58
C TYR C 699 -31.98 -32.40 -36.43
N PHE C 700 -32.94 -31.75 -37.09
CA PHE C 700 -33.14 -30.34 -36.88
C PHE C 700 -34.56 -29.93 -37.24
N ILE C 701 -34.99 -28.84 -36.63
CA ILE C 701 -36.31 -28.25 -36.86
C ILE C 701 -36.12 -27.14 -37.88
N GLY C 702 -36.87 -27.22 -38.97
CA GLY C 702 -36.77 -26.28 -40.05
C GLY C 702 -38.11 -25.60 -40.32
N ILE C 703 -38.02 -24.38 -40.83
CA ILE C 703 -39.17 -23.53 -41.09
C ILE C 703 -38.98 -22.96 -42.49
N LYS C 704 -39.95 -23.22 -43.37
CA LYS C 704 -39.95 -22.71 -44.74
C LYS C 704 -40.91 -21.54 -44.84
N PHE C 705 -40.58 -20.58 -45.71
CA PHE C 705 -41.37 -19.38 -45.92
C PHE C 705 -41.83 -19.26 -47.36
N ASN C 706 -42.89 -18.47 -47.54
CA ASN C 706 -43.50 -18.26 -48.84
C ASN C 706 -42.52 -17.65 -49.83
N ASN C 707 -41.91 -16.53 -49.44
CA ASN C 707 -41.00 -15.82 -50.32
C ASN C 707 -40.06 -14.99 -49.48
N ILE C 708 -38.78 -15.01 -49.85
CA ILE C 708 -37.74 -14.27 -49.16
C ILE C 708 -37.46 -13.04 -49.98
N PRO C 709 -37.64 -11.78 -49.42
CA PRO C 709 -37.48 -10.56 -50.21
C PRO C 709 -36.01 -10.13 -50.42
N TYR C 710 -35.14 -11.10 -50.68
CA TYR C 710 -33.72 -10.87 -50.82
C TYR C 710 -33.24 -11.66 -52.04
N ILE C 711 -31.97 -11.48 -52.37
CA ILE C 711 -31.29 -12.25 -53.40
C ILE C 711 -30.69 -13.46 -52.72
N TYR C 712 -30.71 -14.61 -53.39
CA TYR C 712 -30.13 -15.81 -52.82
C TYR C 712 -29.80 -16.81 -53.90
N ASP C 713 -28.76 -17.60 -53.62
CA ASP C 713 -28.28 -18.64 -54.53
C ASP C 713 -28.43 -20.04 -53.96
N VAL C 714 -28.57 -20.19 -52.64
CA VAL C 714 -28.98 -21.48 -52.07
C VAL C 714 -30.33 -21.86 -52.66
N LYS C 715 -30.47 -23.13 -53.00
CA LYS C 715 -31.64 -23.57 -53.76
C LYS C 715 -32.91 -23.49 -52.91
N VAL C 716 -32.78 -23.74 -51.61
CA VAL C 716 -33.91 -23.70 -50.68
C VAL C 716 -33.49 -22.91 -49.44
N PRO C 717 -33.81 -21.62 -49.35
CA PRO C 717 -33.54 -20.92 -48.09
C PRO C 717 -34.51 -21.37 -47.02
N HIS C 718 -34.00 -21.43 -45.79
CA HIS C 718 -34.78 -21.95 -44.69
C HIS C 718 -34.21 -21.40 -43.39
N LEU C 719 -35.07 -21.38 -42.38
CA LEU C 719 -34.65 -21.13 -41.01
C LEU C 719 -34.46 -22.46 -40.30
N THR C 720 -33.21 -22.75 -39.94
CA THR C 720 -32.93 -23.86 -39.05
C THR C 720 -33.21 -23.39 -37.63
N PHE C 721 -34.42 -23.68 -37.15
CA PHE C 721 -34.88 -23.10 -35.92
C PHE C 721 -34.20 -23.70 -34.72
N GLY C 722 -33.73 -24.94 -34.82
CA GLY C 722 -33.01 -25.56 -33.73
C GLY C 722 -32.64 -26.98 -34.09
N VAL C 723 -31.61 -27.47 -33.40
CA VAL C 723 -31.04 -28.78 -33.67
C VAL C 723 -31.15 -29.62 -32.41
N LEU C 724 -31.13 -30.92 -32.58
CA LEU C 724 -31.31 -31.86 -31.48
C LEU C 724 -30.66 -33.19 -31.82
N TYR C 725 -30.18 -33.85 -30.78
CA TYR C 725 -29.56 -35.16 -30.87
C TYR C 725 -30.40 -36.13 -30.05
N ILE C 726 -31.07 -37.05 -30.73
CA ILE C 726 -32.02 -37.95 -30.07
C ILE C 726 -31.90 -39.34 -30.66
N SER C 727 -32.58 -40.29 -30.00
CA SER C 727 -32.76 -41.62 -30.53
C SER C 727 -33.91 -41.62 -31.54
N ASP C 728 -33.94 -42.64 -32.39
CA ASP C 728 -34.81 -42.61 -33.55
C ASP C 728 -36.24 -43.03 -33.20
N ASN C 729 -36.50 -43.44 -31.96
CA ASN C 729 -37.86 -43.67 -31.50
C ASN C 729 -38.27 -42.73 -30.37
N MET C 730 -37.60 -41.60 -30.22
CA MET C 730 -38.14 -40.44 -29.54
C MET C 730 -38.64 -39.37 -30.49
N ILE C 731 -38.61 -39.63 -31.79
CA ILE C 731 -39.41 -38.83 -32.72
C ILE C 731 -40.87 -38.77 -32.28
N PRO C 732 -41.52 -39.87 -31.87
CA PRO C 732 -42.96 -39.77 -31.60
C PRO C 732 -43.35 -38.87 -30.43
N ASP C 733 -42.44 -38.54 -29.49
CA ASP C 733 -42.75 -37.57 -28.45
C ASP C 733 -42.09 -36.22 -28.67
N VAL C 734 -41.19 -36.10 -29.65
CA VAL C 734 -40.82 -34.77 -30.14
C VAL C 734 -42.00 -34.13 -30.85
N VAL C 735 -42.69 -34.92 -31.68
CA VAL C 735 -43.74 -34.36 -32.51
C VAL C 735 -44.90 -33.84 -31.68
N LYS C 736 -45.08 -34.31 -30.45
CA LYS C 736 -46.02 -33.68 -29.52
C LYS C 736 -45.80 -32.18 -29.44
N ILE C 737 -44.55 -31.78 -29.26
CA ILE C 737 -44.23 -30.38 -29.05
C ILE C 737 -44.30 -29.62 -30.37
N MET C 738 -44.05 -30.36 -31.46
CA MET C 738 -44.20 -29.79 -32.81
C MET C 738 -45.67 -29.41 -32.97
N LYS C 739 -46.56 -30.23 -32.40
CA LYS C 739 -48.00 -30.07 -32.49
C LYS C 739 -48.53 -29.09 -31.47
N SER C 740 -48.09 -29.21 -30.21
CA SER C 740 -48.71 -28.47 -29.13
C SER C 740 -48.42 -26.99 -29.19
N MET C 741 -47.40 -26.58 -29.96
CA MET C 741 -47.04 -25.19 -30.13
C MET C 741 -46.96 -24.81 -31.61
N LYS C 742 -47.80 -25.41 -32.44
CA LYS C 742 -47.72 -25.13 -33.87
C LYS C 742 -48.11 -23.71 -34.21
N GLN C 743 -49.01 -23.11 -33.42
CA GLN C 743 -49.49 -21.77 -33.74
C GLN C 743 -48.68 -20.67 -33.06
N GLU C 744 -47.99 -20.97 -31.97
CA GLU C 744 -47.05 -20.02 -31.41
C GLU C 744 -45.84 -19.84 -32.31
N LEU C 745 -45.63 -20.76 -33.23
CA LEU C 745 -44.70 -20.60 -34.33
C LEU C 745 -45.35 -19.95 -35.55
N PHE C 746 -46.56 -20.38 -35.92
CA PHE C 746 -47.29 -19.69 -36.97
C PHE C 746 -47.72 -18.30 -36.53
N GLY C 747 -47.90 -18.10 -35.23
CA GLY C 747 -48.43 -16.86 -34.71
C GLY C 747 -47.41 -15.85 -34.22
N MET C 748 -46.11 -16.14 -34.34
CA MET C 748 -45.09 -15.21 -33.86
C MET C 748 -44.63 -14.31 -35.00
N ASP C 749 -44.31 -13.08 -34.65
CA ASP C 749 -44.04 -12.01 -35.61
C ASP C 749 -42.64 -12.18 -36.19
N VAL C 750 -42.53 -13.12 -37.13
CA VAL C 750 -41.30 -13.27 -37.89
C VAL C 750 -41.13 -12.03 -38.76
N THR C 751 -39.96 -11.41 -38.68
CA THR C 751 -39.65 -10.23 -39.48
C THR C 751 -38.18 -10.28 -39.88
N THR C 752 -37.91 -9.75 -41.07
CA THR C 752 -36.55 -9.58 -41.57
C THR C 752 -36.39 -8.16 -42.06
N SER C 753 -35.20 -7.62 -41.84
CA SER C 753 -34.93 -6.23 -42.15
C SER C 753 -33.58 -6.03 -42.80
N TYR C 754 -32.69 -7.03 -42.78
CA TYR C 754 -31.38 -6.82 -43.37
C TYR C 754 -30.64 -8.13 -43.55
N THR C 755 -29.51 -8.04 -44.24
CA THR C 755 -28.57 -9.13 -44.45
C THR C 755 -27.31 -8.87 -43.66
N TYR C 756 -26.50 -9.91 -43.50
CA TYR C 756 -25.23 -9.75 -42.81
C TYR C 756 -24.32 -10.90 -43.13
N MET C 757 -23.12 -10.84 -42.57
CA MET C 757 -22.14 -11.90 -42.67
C MET C 757 -22.08 -12.64 -41.34
N LEU C 758 -22.60 -13.87 -41.33
CA LEU C 758 -22.50 -14.71 -40.15
C LEU C 758 -21.08 -15.22 -39.98
N SER C 759 -20.41 -15.45 -41.09
CA SER C 759 -19.06 -16.00 -41.11
C SER C 759 -18.56 -15.88 -42.54
N ASP C 760 -17.32 -16.32 -42.76
CA ASP C 760 -16.78 -16.34 -44.10
C ASP C 760 -17.59 -17.27 -44.99
N GLY C 761 -17.89 -16.81 -46.20
CA GLY C 761 -18.62 -17.59 -47.18
C GLY C 761 -19.99 -18.04 -46.72
N VAL C 762 -20.62 -17.33 -45.80
CA VAL C 762 -21.98 -17.62 -45.36
C VAL C 762 -22.70 -16.28 -45.24
N TYR C 763 -23.46 -15.93 -46.28
CA TYR C 763 -24.19 -14.67 -46.36
C TYR C 763 -25.65 -14.97 -46.08
N VAL C 764 -26.21 -14.28 -45.10
CA VAL C 764 -27.48 -14.67 -44.49
C VAL C 764 -28.35 -13.43 -44.29
N ALA C 765 -29.59 -13.67 -43.92
CA ALA C 765 -30.49 -12.66 -43.41
C ALA C 765 -30.53 -12.70 -41.90
N ASN C 766 -31.26 -11.75 -41.30
CA ASN C 766 -31.59 -11.81 -39.87
C ASN C 766 -33.09 -12.00 -39.70
N VAL C 767 -33.44 -12.90 -38.80
CA VAL C 767 -34.81 -13.12 -38.36
C VAL C 767 -34.95 -12.53 -36.97
N SER C 768 -36.12 -11.98 -36.66
CA SER C 768 -36.36 -11.30 -35.41
C SER C 768 -37.70 -11.74 -34.84
N GLY C 769 -37.90 -11.45 -33.55
CA GLY C 769 -39.17 -11.67 -32.89
C GLY C 769 -39.54 -13.11 -32.61
N VAL C 770 -38.63 -14.06 -32.89
CA VAL C 770 -38.93 -15.48 -32.73
C VAL C 770 -38.39 -16.07 -31.44
N LEU C 771 -37.39 -15.44 -30.82
CA LEU C 771 -36.58 -16.11 -29.80
C LEU C 771 -37.40 -16.57 -28.61
N ALA C 772 -38.40 -15.79 -28.20
CA ALA C 772 -39.16 -16.15 -27.01
C ALA C 772 -39.81 -17.52 -27.16
N THR C 773 -40.38 -17.78 -28.34
CA THR C 773 -40.85 -19.12 -28.63
C THR C 773 -39.71 -20.12 -28.64
N TYR C 774 -38.54 -19.71 -29.13
CA TYR C 774 -37.39 -20.62 -29.12
C TYR C 774 -36.96 -20.95 -27.70
N PHE C 775 -37.06 -19.97 -26.80
CA PHE C 775 -36.66 -20.23 -25.42
C PHE C 775 -37.69 -21.12 -24.71
N LYS C 776 -38.98 -20.93 -25.01
CA LYS C 776 -39.98 -21.83 -24.45
C LYS C 776 -39.79 -23.25 -24.95
N MET C 777 -39.55 -23.37 -26.26
CA MET C 777 -39.43 -24.72 -26.88
C MET C 777 -38.30 -25.46 -26.18
N TYR C 778 -37.21 -24.74 -25.90
CA TYR C 778 -36.08 -25.34 -25.21
C TYR C 778 -36.52 -25.99 -23.89
N ASN C 779 -37.49 -25.37 -23.21
CA ASN C 779 -37.89 -25.86 -21.90
C ASN C 779 -38.79 -27.09 -22.00
N LEU C 780 -39.61 -27.16 -23.06
CA LEU C 780 -40.52 -28.30 -23.18
C LEU C 780 -39.79 -29.53 -23.66
N PHE C 781 -38.80 -29.35 -24.54
CA PHE C 781 -37.87 -30.44 -24.82
C PHE C 781 -37.06 -30.78 -23.57
N TYR C 782 -36.80 -29.79 -22.74
CA TYR C 782 -35.92 -30.01 -21.59
C TYR C 782 -36.52 -30.99 -20.61
N LYS C 783 -37.67 -30.63 -20.03
CA LYS C 783 -38.26 -31.47 -18.99
C LYS C 783 -38.72 -32.82 -19.52
N ASN C 784 -38.94 -32.95 -20.83
CA ASN C 784 -39.08 -34.25 -21.46
C ASN C 784 -37.74 -34.91 -21.76
N GLN C 785 -36.64 -34.35 -21.25
CA GLN C 785 -35.33 -35.00 -21.30
C GLN C 785 -34.88 -35.22 -22.73
N ILE C 786 -35.03 -34.19 -23.57
CA ILE C 786 -34.60 -34.22 -24.96
C ILE C 786 -33.50 -33.19 -25.12
N THR C 787 -32.39 -33.61 -25.72
CA THR C 787 -31.31 -32.68 -26.03
C THR C 787 -31.79 -31.68 -27.07
N PHE C 788 -31.32 -30.45 -26.96
CA PHE C 788 -31.70 -29.41 -27.92
C PHE C 788 -30.78 -28.22 -27.72
N GLY C 789 -30.22 -27.73 -28.82
CA GLY C 789 -29.34 -26.58 -28.78
C GLY C 789 -27.88 -26.95 -28.65
N GLN C 790 -27.03 -26.06 -29.15
CA GLN C 790 -25.58 -26.19 -29.09
C GLN C 790 -25.00 -25.19 -28.10
N SER C 791 -23.74 -25.41 -27.74
CA SER C 791 -23.03 -24.51 -26.85
C SER C 791 -22.79 -23.15 -27.48
N ARG C 792 -22.87 -23.04 -28.80
CA ARG C 792 -22.89 -21.75 -29.45
C ARG C 792 -24.15 -21.00 -29.08
N MET C 793 -24.15 -19.70 -29.33
CA MET C 793 -25.38 -18.93 -29.22
C MET C 793 -26.17 -19.04 -30.52
N PHE C 794 -27.40 -19.51 -30.40
CA PHE C 794 -28.28 -19.62 -31.55
C PHE C 794 -28.74 -18.23 -31.98
N ILE C 795 -28.13 -17.72 -33.04
CA ILE C 795 -28.59 -16.50 -33.71
C ILE C 795 -29.41 -16.95 -34.90
N PRO C 796 -30.74 -16.78 -34.91
CA PRO C 796 -31.53 -17.30 -36.04
C PRO C 796 -31.19 -16.58 -37.32
N HIS C 797 -31.04 -17.36 -38.39
CA HIS C 797 -30.62 -16.79 -39.66
C HIS C 797 -31.19 -17.62 -40.80
N ILE C 798 -31.48 -16.93 -41.89
CA ILE C 798 -31.87 -17.54 -43.15
C ILE C 798 -30.66 -17.44 -44.06
N THR C 799 -30.22 -18.56 -44.60
CA THR C 799 -29.09 -18.56 -45.51
C THR C 799 -29.51 -18.11 -46.89
N LEU C 800 -28.66 -17.31 -47.53
CA LEU C 800 -28.90 -16.75 -48.85
C LEU C 800 -27.86 -17.20 -49.88
N SER C 801 -26.58 -17.09 -49.55
CA SER C 801 -25.54 -17.36 -50.53
C SER C 801 -24.24 -17.64 -49.82
N PHE C 802 -23.41 -18.48 -50.46
CA PHE C 802 -22.06 -18.77 -49.98
C PHE C 802 -21.06 -17.86 -50.72
N SER C 803 -21.12 -16.59 -50.36
CA SER C 803 -20.18 -15.59 -50.87
C SER C 803 -19.83 -14.65 -49.72
N ASN C 804 -19.23 -13.52 -50.06
CA ASN C 804 -18.97 -12.43 -49.13
C ASN C 804 -19.46 -11.14 -49.77
N ASN C 805 -20.52 -10.58 -49.20
CA ASN C 805 -21.25 -9.47 -49.83
C ASN C 805 -21.46 -8.36 -48.80
N LYS C 806 -22.25 -7.36 -49.19
CA LYS C 806 -22.51 -6.18 -48.37
C LYS C 806 -23.87 -6.28 -47.69
N THR C 807 -23.89 -5.86 -46.42
CA THR C 807 -25.14 -5.67 -45.71
C THR C 807 -26.06 -4.72 -46.46
N VAL C 808 -27.23 -5.23 -46.86
CA VAL C 808 -28.27 -4.44 -47.51
C VAL C 808 -29.43 -4.30 -46.53
N ARG C 809 -29.90 -3.07 -46.35
CA ARG C 809 -31.01 -2.76 -45.46
C ARG C 809 -32.29 -2.61 -46.27
N ILE C 810 -33.38 -3.17 -45.75
CA ILE C 810 -34.71 -2.95 -46.29
C ILE C 810 -35.62 -2.51 -45.15
N GLU C 811 -36.83 -2.11 -45.52
CA GLU C 811 -37.86 -1.87 -44.52
C GLU C 811 -38.18 -3.17 -43.81
N THR C 812 -38.65 -3.06 -42.57
CA THR C 812 -38.98 -4.24 -41.78
C THR C 812 -40.13 -4.97 -42.42
N THR C 813 -39.81 -6.06 -43.10
CA THR C 813 -40.74 -6.81 -43.93
C THR C 813 -41.11 -8.08 -43.20
N LYS C 814 -42.42 -8.29 -43.01
CA LYS C 814 -42.90 -9.46 -42.29
C LYS C 814 -42.85 -10.67 -43.20
N LEU C 815 -42.37 -11.77 -42.66
CA LEU C 815 -42.31 -13.06 -43.34
C LEU C 815 -43.20 -14.01 -42.55
N ARG C 816 -43.81 -14.96 -43.24
CA ARG C 816 -44.74 -15.89 -42.61
C ARG C 816 -44.48 -17.31 -43.10
N ILE C 817 -45.07 -18.28 -42.42
CA ILE C 817 -44.60 -19.65 -42.49
C ILE C 817 -45.39 -20.42 -43.53
N LYS C 818 -44.68 -20.92 -44.54
CA LYS C 818 -45.15 -22.02 -45.37
C LYS C 818 -45.46 -23.24 -44.51
N SER C 819 -44.44 -23.75 -43.84
CA SER C 819 -44.54 -25.00 -43.10
C SER C 819 -43.42 -25.03 -42.07
N ILE C 820 -43.51 -26.03 -41.21
CA ILE C 820 -42.46 -26.38 -40.27
C ILE C 820 -42.12 -27.83 -40.57
N TYR C 821 -40.89 -28.24 -40.29
CA TYR C 821 -40.52 -29.62 -40.55
C TYR C 821 -39.36 -30.03 -39.67
N LEU C 822 -39.39 -31.31 -39.30
CA LEU C 822 -38.32 -31.96 -38.55
C LEU C 822 -37.51 -32.82 -39.51
N ARG C 823 -36.25 -32.43 -39.73
CA ARG C 823 -35.42 -33.00 -40.77
C ARG C 823 -34.26 -33.77 -40.17
N LYS C 824 -33.91 -34.87 -40.81
CA LYS C 824 -32.70 -35.60 -40.48
C LYS C 824 -31.51 -35.00 -41.23
N ILE C 825 -30.46 -34.69 -40.48
CA ILE C 825 -29.26 -34.12 -41.06
C ILE C 825 -28.67 -35.13 -42.03
N ARG C 826 -28.45 -34.70 -43.27
CA ARG C 826 -27.99 -35.55 -44.36
C ARG C 826 -28.79 -36.85 -44.41
N GLY C 827 -30.10 -36.68 -44.56
CA GLY C 827 -31.03 -37.77 -44.80
C GLY C 827 -31.95 -37.33 -45.91
N ASP C 828 -32.71 -38.29 -46.43
CA ASP C 828 -33.53 -38.07 -47.61
C ASP C 828 -35.03 -38.03 -47.29
N THR C 829 -35.40 -38.07 -46.01
CA THR C 829 -36.80 -38.09 -45.62
C THR C 829 -36.99 -37.35 -44.30
N VAL C 830 -38.24 -36.95 -44.05
CA VAL C 830 -38.69 -36.38 -42.80
C VAL C 830 -39.77 -37.30 -42.26
N PHE C 831 -40.30 -36.96 -41.08
CA PHE C 831 -41.43 -37.67 -40.51
C PHE C 831 -42.48 -36.77 -39.87
N ASP C 832 -42.25 -35.46 -39.77
CA ASP C 832 -43.29 -34.56 -39.31
C ASP C 832 -43.15 -33.22 -40.01
N MET C 833 -44.30 -32.63 -40.35
CA MET C 833 -44.34 -31.23 -40.77
C MET C 833 -45.71 -30.62 -40.47
N PRO C 834 -45.82 -29.73 -39.48
CA PRO C 834 -47.06 -28.98 -39.30
C PRO C 834 -47.34 -28.06 -40.48
N GLU C 835 -48.61 -27.67 -40.62
CA GLU C 835 -49.03 -26.71 -41.63
C GLU C 835 -50.26 -25.94 -41.15
N MET D 1 -23.05 18.35 -17.33
CA MET D 1 -24.27 18.81 -16.69
C MET D 1 -25.43 18.94 -17.65
N LYS D 2 -25.16 19.46 -18.85
CA LYS D 2 -26.03 19.26 -19.99
C LYS D 2 -27.44 19.82 -19.74
N VAL D 3 -27.51 21.14 -19.65
CA VAL D 3 -28.78 21.82 -19.51
C VAL D 3 -29.50 21.77 -20.85
N LEU D 4 -30.73 21.29 -20.85
CA LEU D 4 -31.57 21.21 -22.03
C LEU D 4 -32.79 22.07 -21.82
N ALA D 5 -32.88 23.15 -22.59
CA ALA D 5 -33.92 24.16 -22.43
C ALA D 5 -35.08 23.84 -23.37
N LEU D 6 -36.26 23.65 -22.79
CA LEU D 6 -37.42 23.14 -23.50
C LEU D 6 -38.44 24.24 -23.72
N ARG D 7 -39.27 24.03 -24.74
CA ARG D 7 -40.30 24.99 -25.09
C ARG D 7 -41.32 25.14 -23.97
N HIS D 8 -41.82 26.37 -23.79
CA HIS D 8 -42.75 26.67 -22.72
C HIS D 8 -43.99 25.80 -22.80
N SER D 9 -44.72 25.87 -23.91
CA SER D 9 -45.98 25.15 -24.06
C SER D 9 -45.81 23.73 -24.57
N VAL D 10 -44.58 23.30 -24.86
CA VAL D 10 -44.31 21.96 -25.37
C VAL D 10 -43.15 21.40 -24.57
N ALA D 11 -43.46 20.63 -23.52
CA ALA D 11 -42.43 20.18 -22.60
C ALA D 11 -43.00 19.13 -21.67
N GLN D 12 -42.25 18.04 -21.50
CA GLN D 12 -42.75 16.84 -20.84
C GLN D 12 -41.75 16.33 -19.81
N VAL D 13 -42.26 15.96 -18.63
CA VAL D 13 -41.53 15.15 -17.66
C VAL D 13 -42.08 13.73 -17.75
N TYR D 14 -41.19 12.77 -17.99
CA TYR D 14 -41.56 11.36 -18.05
C TYR D 14 -40.70 10.58 -17.07
N ALA D 15 -40.91 9.26 -17.04
CA ALA D 15 -40.18 8.40 -16.11
C ALA D 15 -38.75 8.20 -16.58
N ASP D 16 -37.97 9.28 -16.49
CA ASP D 16 -36.59 9.30 -16.96
C ASP D 16 -35.65 8.97 -15.78
N THR D 17 -34.35 8.86 -16.06
CA THR D 17 -33.42 8.29 -15.09
C THR D 17 -32.59 9.32 -14.35
N GLN D 18 -32.24 10.45 -14.95
CA GLN D 18 -31.44 11.48 -14.28
C GLN D 18 -31.94 12.89 -14.55
N ILE D 19 -33.21 13.15 -14.25
CA ILE D 19 -33.86 14.39 -14.62
C ILE D 19 -34.35 15.13 -13.40
N TYR D 20 -33.83 16.32 -13.19
CA TYR D 20 -34.49 17.34 -12.38
C TYR D 20 -35.19 18.29 -13.34
N THR D 21 -36.04 19.13 -12.77
CA THR D 21 -36.66 20.21 -13.50
C THR D 21 -36.43 21.51 -12.75
N HIS D 22 -36.28 22.58 -13.50
CA HIS D 22 -36.10 23.90 -12.93
C HIS D 22 -36.86 24.91 -13.77
N ASP D 23 -37.46 25.88 -13.09
CA ASP D 23 -38.28 26.89 -13.76
C ASP D 23 -38.45 28.08 -12.84
N ASP D 24 -37.95 29.24 -13.25
CA ASP D 24 -38.10 30.45 -12.43
C ASP D 24 -37.69 31.66 -13.26
N THR D 25 -38.10 32.83 -12.76
CA THR D 25 -37.78 34.11 -13.36
C THR D 25 -37.30 35.13 -12.33
N LYS D 26 -36.61 34.67 -11.29
CA LYS D 26 -36.12 35.56 -10.23
C LYS D 26 -35.15 36.61 -10.76
N ASP D 27 -34.06 36.15 -11.36
CA ASP D 27 -32.95 36.98 -11.82
C ASP D 27 -32.07 36.07 -12.65
N SER D 28 -31.53 36.61 -13.75
CA SER D 28 -30.89 35.75 -14.74
C SER D 28 -29.71 34.98 -14.16
N TYR D 29 -28.73 35.68 -13.59
CA TYR D 29 -27.53 34.97 -13.15
C TYR D 29 -27.76 34.23 -11.83
N GLU D 30 -28.67 34.73 -10.99
CA GLU D 30 -29.01 33.97 -9.78
C GLU D 30 -29.70 32.67 -10.13
N ASN D 31 -30.39 32.61 -11.27
CA ASN D 31 -31.03 31.37 -11.67
C ASN D 31 -30.00 30.36 -12.15
N ALA D 32 -29.08 30.83 -12.98
CA ALA D 32 -28.02 29.96 -13.48
C ALA D 32 -27.18 29.42 -12.34
N PHE D 33 -26.96 30.24 -11.32
CA PHE D 33 -26.24 29.77 -10.14
C PHE D 33 -26.98 28.64 -9.46
N LEU D 34 -28.29 28.81 -9.26
CA LEU D 34 -29.07 27.80 -8.57
C LEU D 34 -29.13 26.52 -9.37
N ILE D 35 -29.15 26.64 -10.69
CA ILE D 35 -29.01 25.48 -11.56
C ILE D 35 -27.67 24.82 -11.33
N SER D 36 -26.60 25.59 -11.46
CA SER D 36 -25.25 25.05 -11.48
C SER D 36 -24.87 24.35 -10.19
N ASN D 37 -25.61 24.55 -9.10
CA ASN D 37 -25.45 23.78 -7.89
C ASN D 37 -26.46 22.64 -7.79
N LEU D 38 -27.03 22.22 -8.91
CA LEU D 38 -27.90 21.06 -8.91
C LEU D 38 -27.07 19.79 -9.09
N THR D 39 -27.57 18.70 -8.52
CA THR D 39 -26.80 17.48 -8.39
C THR D 39 -26.66 16.74 -9.71
N THR D 40 -27.78 16.37 -10.32
CA THR D 40 -27.81 15.36 -11.36
C THR D 40 -27.08 15.83 -12.62
N HIS D 41 -27.06 14.95 -13.62
CA HIS D 41 -26.28 15.12 -14.84
C HIS D 41 -27.11 15.67 -15.99
N ASN D 42 -28.44 15.59 -15.93
CA ASN D 42 -29.30 16.01 -17.03
C ASN D 42 -30.46 16.79 -16.44
N ILE D 43 -30.63 18.02 -16.91
CA ILE D 43 -31.53 18.98 -16.29
C ILE D 43 -32.42 19.55 -17.37
N LEU D 44 -33.74 19.55 -17.12
CA LEU D 44 -34.71 20.17 -17.99
C LEU D 44 -35.05 21.54 -17.44
N TYR D 45 -34.92 22.55 -18.29
CA TYR D 45 -35.08 23.95 -17.90
C TYR D 45 -36.21 24.52 -18.75
N PHE D 46 -37.41 24.59 -18.17
CA PHE D 46 -38.64 24.65 -18.94
C PHE D 46 -38.97 26.02 -19.50
N ASN D 47 -38.82 27.10 -18.73
CA ASN D 47 -39.02 28.42 -19.31
C ASN D 47 -37.82 29.32 -18.95
N TYR D 48 -37.28 29.94 -19.99
CA TYR D 48 -35.92 30.39 -20.02
C TYR D 48 -35.81 31.71 -20.75
N SER D 49 -34.65 32.33 -20.58
CA SER D 49 -34.25 33.47 -21.40
C SER D 49 -32.84 33.21 -21.87
N ALA D 50 -32.48 33.85 -22.98
CA ALA D 50 -31.20 33.55 -23.63
C ALA D 50 -30.02 33.86 -22.71
N ARG D 51 -30.16 34.85 -21.83
CA ARG D 51 -29.02 35.27 -21.03
C ARG D 51 -28.68 34.24 -19.96
N THR D 52 -29.66 33.50 -19.45
CA THR D 52 -29.36 32.42 -18.53
C THR D 52 -28.62 31.27 -19.20
N LEU D 53 -28.82 31.09 -20.51
CA LEU D 53 -28.05 30.10 -21.25
C LEU D 53 -26.67 30.62 -21.59
N GLU D 54 -26.57 31.92 -21.87
CA GLU D 54 -25.29 32.55 -22.12
C GLU D 54 -24.33 32.36 -20.96
N ILE D 55 -24.81 32.63 -19.74
CA ILE D 55 -23.95 32.58 -18.57
C ILE D 55 -23.41 31.17 -18.37
N LEU D 56 -24.30 30.19 -18.42
CA LEU D 56 -23.88 28.79 -18.29
C LEU D 56 -22.89 28.39 -19.37
N ASN D 57 -23.19 28.70 -20.63
CA ASN D 57 -22.30 28.32 -21.72
C ASN D 57 -20.95 29.02 -21.56
N LYS D 58 -20.97 30.23 -21.02
CA LYS D 58 -19.76 30.93 -20.63
C LYS D 58 -19.07 30.30 -19.44
N SER D 59 -19.80 29.61 -18.60
CA SER D 59 -19.26 28.94 -17.43
C SER D 59 -18.77 27.54 -17.74
N GLY D 60 -18.69 27.17 -19.01
CA GLY D 60 -18.36 25.82 -19.40
C GLY D 60 -19.49 24.82 -19.31
N ILE D 61 -20.64 25.21 -18.78
CA ILE D 61 -21.79 24.32 -18.70
C ILE D 61 -22.50 24.37 -20.03
N ALA D 62 -22.61 23.22 -20.67
CA ALA D 62 -23.33 23.13 -21.93
C ALA D 62 -24.81 23.33 -21.70
N ALA D 63 -25.35 24.38 -22.33
CA ALA D 63 -26.74 24.77 -22.16
C ALA D 63 -27.26 25.22 -23.51
N ILE D 64 -28.32 24.57 -23.98
CA ILE D 64 -28.73 24.60 -25.38
C ILE D 64 -30.24 24.69 -25.47
N GLU D 65 -30.71 25.19 -26.60
CA GLU D 65 -32.14 25.31 -26.86
C GLU D 65 -32.67 24.02 -27.48
N ILE D 66 -33.82 23.57 -27.02
CA ILE D 66 -34.51 22.41 -27.57
C ILE D 66 -35.88 22.86 -28.03
N GLN D 67 -36.15 22.63 -29.32
CA GLN D 67 -37.38 23.04 -29.98
C GLN D 67 -38.33 21.88 -30.29
N SER D 68 -37.90 20.64 -30.12
CA SER D 68 -38.69 19.49 -30.52
C SER D 68 -38.20 18.26 -29.79
N LEU D 69 -39.04 17.23 -29.80
CA LEU D 69 -38.96 16.12 -28.84
C LEU D 69 -38.55 14.80 -29.46
N GLU D 70 -38.94 14.56 -30.71
CA GLU D 70 -38.82 13.22 -31.28
C GLU D 70 -37.37 12.81 -31.46
N GLU D 71 -36.55 13.70 -32.03
CA GLU D 71 -35.15 13.41 -32.32
C GLU D 71 -34.22 14.52 -31.88
N LEU D 72 -34.72 15.75 -31.79
CA LEU D 72 -33.89 16.86 -31.34
C LEU D 72 -33.60 16.74 -29.85
N PHE D 73 -34.42 15.97 -29.13
CA PHE D 73 -34.30 15.86 -27.68
C PHE D 73 -33.73 14.51 -27.29
N THR D 74 -34.09 13.46 -28.02
CA THR D 74 -33.68 12.11 -27.65
C THR D 74 -32.23 11.86 -28.00
N LEU D 75 -31.74 12.48 -29.08
CA LEU D 75 -30.37 12.27 -29.52
C LEU D 75 -29.40 13.26 -28.90
N ILE D 76 -29.88 14.40 -28.40
CA ILE D 76 -29.07 15.29 -27.59
C ILE D 76 -28.99 14.82 -26.15
N ARG D 77 -29.54 13.64 -25.85
CA ARG D 77 -29.25 13.00 -24.58
C ARG D 77 -27.75 12.82 -24.38
N CYS D 78 -27.12 12.03 -25.26
CA CYS D 78 -25.71 11.66 -25.16
C CYS D 78 -24.80 12.87 -25.03
N ASN D 79 -23.57 12.61 -24.58
CA ASN D 79 -22.66 13.67 -24.16
C ASN D 79 -22.02 14.35 -25.37
N PHE D 80 -21.59 15.59 -25.16
CA PHE D 80 -21.21 16.41 -26.29
C PHE D 80 -20.39 17.61 -25.85
N THR D 81 -19.91 18.33 -26.85
CA THR D 81 -19.21 19.58 -26.72
C THR D 81 -19.89 20.60 -27.62
N TYR D 82 -20.11 21.79 -27.11
CA TYR D 82 -20.96 22.79 -27.75
C TYR D 82 -20.18 24.07 -27.96
N ASP D 83 -20.17 24.55 -29.20
CA ASP D 83 -19.61 25.85 -29.55
C ASP D 83 -20.75 26.86 -29.56
N TYR D 84 -20.85 27.63 -28.49
CA TYR D 84 -22.02 28.44 -28.22
C TYR D 84 -22.02 29.76 -28.95
N GLU D 85 -21.20 29.92 -29.98
CA GLU D 85 -21.16 31.12 -30.80
C GLU D 85 -21.50 30.85 -32.25
N ASN D 86 -21.23 29.63 -32.71
CA ASN D 86 -21.68 29.15 -34.01
C ASN D 86 -22.77 28.09 -33.91
N ASN D 87 -23.15 27.71 -32.68
CA ASN D 87 -24.23 26.77 -32.43
C ASN D 87 -24.01 25.44 -33.16
N VAL D 88 -22.87 24.82 -32.87
CA VAL D 88 -22.52 23.50 -33.39
C VAL D 88 -22.34 22.56 -32.22
N VAL D 89 -22.91 21.37 -32.33
CA VAL D 89 -22.81 20.33 -31.31
C VAL D 89 -21.88 19.24 -31.82
N TYR D 90 -20.83 18.99 -31.06
CA TYR D 90 -19.88 17.92 -31.32
C TYR D 90 -20.24 16.77 -30.38
N LEU D 91 -20.97 15.78 -30.89
CA LEU D 91 -21.35 14.66 -30.07
C LEU D 91 -20.17 13.72 -29.90
N HIS D 92 -20.20 12.96 -28.82
CA HIS D 92 -19.17 12.00 -28.48
C HIS D 92 -19.77 10.65 -28.11
N ASP D 93 -20.63 10.15 -29.01
CA ASP D 93 -21.41 8.95 -28.79
C ASP D 93 -20.80 7.81 -29.60
N TYR D 94 -20.45 6.72 -28.93
CA TYR D 94 -19.99 5.51 -29.59
C TYR D 94 -21.10 4.50 -29.82
N SER D 95 -22.33 4.97 -30.07
CA SER D 95 -23.43 4.09 -30.38
C SER D 95 -23.49 3.74 -31.87
N TYR D 96 -22.59 4.30 -32.69
CA TYR D 96 -22.48 3.94 -34.09
C TYR D 96 -21.93 2.55 -34.30
N TYR D 97 -21.49 1.87 -33.26
CA TYR D 97 -21.09 0.49 -33.39
C TYR D 97 -22.28 -0.41 -33.70
N THR D 98 -23.49 0.02 -33.38
CA THR D 98 -24.67 -0.83 -33.52
C THR D 98 -24.97 -1.19 -34.95
N ASN D 99 -24.89 -0.25 -35.89
CA ASN D 99 -25.01 -0.59 -37.30
C ASN D 99 -23.73 -1.23 -37.87
N ASN D 100 -22.80 -1.62 -37.00
CA ASN D 100 -21.68 -2.50 -37.32
C ASN D 100 -20.70 -1.83 -38.27
N GLU D 101 -20.09 -0.76 -37.79
CA GLU D 101 -19.01 -0.09 -38.47
C GLU D 101 -18.08 0.49 -37.43
N ILE D 102 -16.84 0.76 -37.85
CA ILE D 102 -15.99 1.73 -37.22
C ILE D 102 -15.97 2.94 -38.14
N ARG D 103 -15.34 4.01 -37.69
CA ARG D 103 -15.25 5.21 -38.50
C ARG D 103 -13.95 5.94 -38.22
N THR D 104 -13.31 6.38 -39.29
CA THR D 104 -12.06 7.09 -39.25
C THR D 104 -12.29 8.49 -39.81
N ASP D 105 -11.23 9.28 -39.78
CA ASP D 105 -11.20 10.58 -40.43
C ASP D 105 -9.93 10.75 -41.26
N GLN D 106 -9.43 9.67 -41.84
CA GLN D 106 -8.29 9.69 -42.75
C GLN D 106 -8.63 8.84 -43.96
N HIS D 107 -8.61 9.46 -45.15
CA HIS D 107 -9.11 8.81 -46.35
C HIS D 107 -8.26 7.63 -46.78
N TRP D 108 -6.98 7.62 -46.42
CA TRP D 108 -6.07 6.63 -46.99
C TRP D 108 -6.38 5.21 -46.53
N ILE D 109 -6.98 5.04 -45.36
CA ILE D 109 -7.18 3.69 -44.86
C ILE D 109 -8.27 2.98 -45.64
N THR D 110 -9.15 3.73 -46.30
CA THR D 110 -10.23 3.12 -47.06
C THR D 110 -9.75 2.36 -48.27
N LYS D 111 -8.57 2.68 -48.80
CA LYS D 111 -8.05 2.06 -50.01
C LYS D 111 -7.14 0.88 -49.72
N THR D 112 -6.98 0.52 -48.46
CA THR D 112 -6.23 -0.65 -48.06
C THR D 112 -7.07 -1.91 -48.27
N ASN D 113 -6.57 -3.02 -47.74
CA ASN D 113 -7.27 -4.29 -47.71
C ASN D 113 -7.93 -4.53 -46.36
N ILE D 114 -8.01 -3.50 -45.51
CA ILE D 114 -8.34 -3.66 -44.10
C ILE D 114 -9.67 -4.36 -43.88
N GLU D 115 -10.63 -4.16 -44.79
CA GLU D 115 -11.93 -4.77 -44.60
C GLU D 115 -11.86 -6.29 -44.74
N GLU D 116 -10.79 -6.82 -45.33
CA GLU D 116 -10.48 -8.24 -45.20
C GLU D 116 -10.11 -8.62 -43.78
N TYR D 117 -9.71 -7.66 -42.95
CA TYR D 117 -9.09 -7.91 -41.67
C TYR D 117 -9.97 -7.43 -40.50
N LEU D 118 -11.07 -6.75 -40.79
CA LEU D 118 -12.06 -6.48 -39.77
C LEU D 118 -12.83 -7.76 -39.44
N LEU D 119 -13.52 -7.72 -38.30
CA LEU D 119 -14.43 -8.79 -37.93
C LEU D 119 -15.49 -8.97 -39.01
N PRO D 120 -16.06 -10.17 -39.18
CA PRO D 120 -16.96 -10.42 -40.31
C PRO D 120 -18.25 -9.63 -40.23
N GLY D 121 -18.45 -8.73 -41.20
CA GLY D 121 -19.65 -7.96 -41.32
C GLY D 121 -19.47 -6.48 -41.11
N TRP D 122 -18.32 -6.08 -40.59
CA TRP D 122 -18.05 -4.71 -40.23
C TRP D 122 -17.45 -3.97 -41.41
N LYS D 123 -17.48 -2.64 -41.30
CA LYS D 123 -16.96 -1.76 -42.33
C LYS D 123 -16.40 -0.50 -41.70
N LEU D 124 -15.90 0.38 -42.53
CA LEU D 124 -15.49 1.71 -42.12
C LEU D 124 -15.84 2.72 -43.21
N THR D 125 -16.17 3.94 -42.78
CA THR D 125 -16.88 4.86 -43.66
C THR D 125 -16.75 6.28 -43.12
N TYR D 126 -17.59 7.17 -43.68
CA TYR D 126 -17.96 8.48 -43.10
C TYR D 126 -16.73 9.25 -42.67
N VAL D 127 -15.77 9.29 -43.59
CA VAL D 127 -14.44 9.78 -43.31
C VAL D 127 -14.42 11.30 -43.48
N GLY D 128 -14.62 12.01 -42.38
CA GLY D 128 -14.47 13.46 -42.39
C GLY D 128 -13.81 13.95 -41.10
N TYR D 129 -13.25 15.15 -41.18
CA TYR D 129 -12.59 15.74 -40.03
C TYR D 129 -13.59 16.16 -38.98
N ASN D 130 -13.34 15.75 -37.74
CA ASN D 130 -14.27 15.93 -36.61
C ASN D 130 -15.63 15.31 -36.89
N GLY D 131 -15.73 14.39 -37.84
CA GLY D 131 -17.03 13.98 -38.31
C GLY D 131 -17.79 15.07 -39.02
N ASN D 132 -17.11 15.98 -39.71
CA ASN D 132 -17.83 17.07 -40.37
C ASN D 132 -18.66 16.57 -41.55
N ASP D 133 -18.50 15.29 -41.93
CA ASP D 133 -19.40 14.65 -42.88
C ASP D 133 -20.49 13.83 -42.21
N THR D 134 -20.69 13.97 -40.89
CA THR D 134 -21.83 13.37 -40.21
C THR D 134 -23.08 14.23 -40.31
N ARG D 135 -22.94 15.55 -40.44
CA ARG D 135 -24.05 16.46 -40.27
C ARG D 135 -25.14 16.28 -41.31
N GLY D 136 -24.87 15.57 -42.40
CA GLY D 136 -25.90 15.21 -43.36
C GLY D 136 -26.96 14.25 -42.85
N HIS D 137 -26.80 13.69 -41.65
CA HIS D 137 -27.75 12.72 -41.12
C HIS D 137 -28.84 13.34 -40.26
N TYR D 138 -28.62 14.55 -39.75
CA TYR D 138 -29.48 15.15 -38.75
C TYR D 138 -29.96 16.52 -39.21
N ASN D 139 -31.21 16.85 -38.89
CA ASN D 139 -31.86 18.10 -39.31
C ASN D 139 -32.46 18.75 -38.06
N PHE D 140 -31.68 19.60 -37.41
CA PHE D 140 -32.02 20.16 -36.11
C PHE D 140 -32.04 21.68 -36.18
N SER D 141 -32.51 22.28 -35.09
CA SER D 141 -32.39 23.72 -34.86
C SER D 141 -30.94 24.19 -34.78
N PHE D 142 -29.99 23.26 -34.61
CA PHE D 142 -28.58 23.56 -34.53
C PHE D 142 -27.83 22.61 -35.45
N THR D 143 -26.63 22.99 -35.83
CA THR D 143 -25.76 22.11 -36.60
C THR D 143 -25.17 21.06 -35.67
N CYS D 144 -24.98 19.85 -36.18
CA CYS D 144 -24.57 18.76 -35.32
C CYS D 144 -23.87 17.68 -36.12
N GLN D 145 -23.04 16.92 -35.41
CA GLN D 145 -22.16 15.95 -36.00
C GLN D 145 -21.45 15.17 -34.90
N ASN D 146 -21.25 13.89 -35.17
CA ASN D 146 -20.65 12.97 -34.20
C ASN D 146 -19.17 12.84 -34.52
N ALA D 147 -18.32 13.46 -33.69
CA ALA D 147 -16.89 13.49 -33.92
C ALA D 147 -16.17 12.27 -33.33
N ALA D 148 -16.91 11.27 -32.87
CA ALA D 148 -16.30 10.06 -32.35
C ALA D 148 -15.77 9.23 -33.51
N THR D 149 -14.47 8.96 -33.48
CA THR D 149 -13.82 8.09 -34.46
C THR D 149 -12.95 7.08 -33.72
N ASP D 150 -12.56 6.04 -34.44
CA ASP D 150 -11.71 4.97 -33.91
C ASP D 150 -10.27 5.09 -34.39
N ASP D 151 -9.74 6.30 -34.48
CA ASP D 151 -8.32 6.47 -34.81
C ASP D 151 -7.42 5.79 -33.79
N ASP D 152 -7.87 5.70 -32.53
CA ASP D 152 -7.07 5.06 -31.50
C ASP D 152 -6.70 3.64 -31.88
N ILE D 153 -7.71 2.85 -32.24
CA ILE D 153 -7.51 1.43 -32.50
C ILE D 153 -6.48 1.25 -33.61
N ILE D 154 -6.65 1.96 -34.71
CA ILE D 154 -5.78 1.73 -35.87
C ILE D 154 -4.36 2.21 -35.56
N ILE D 155 -4.23 3.41 -35.01
CA ILE D 155 -2.91 4.02 -34.87
C ILE D 155 -2.14 3.32 -33.77
N GLU D 156 -2.79 2.98 -32.66
CA GLU D 156 -2.12 2.23 -31.62
C GLU D 156 -1.64 0.87 -32.14
N TYR D 157 -2.49 0.19 -32.92
CA TYR D 157 -2.11 -1.08 -33.53
C TYR D 157 -0.81 -0.97 -34.31
N ILE D 158 -0.62 0.15 -34.99
CA ILE D 158 0.60 0.36 -35.75
C ILE D 158 1.78 0.50 -34.80
N TYR D 159 1.57 1.17 -33.68
CA TYR D 159 2.58 1.33 -32.64
C TYR D 159 2.49 0.26 -31.55
N SER D 160 1.89 -0.90 -31.84
CA SER D 160 1.60 -1.89 -30.80
C SER D 160 2.46 -3.13 -30.88
N GLU D 161 3.14 -3.38 -32.00
CA GLU D 161 3.95 -4.57 -32.21
C GLU D 161 3.14 -5.86 -32.19
N ALA D 162 1.81 -5.79 -32.29
CA ALA D 162 0.95 -6.95 -32.38
C ALA D 162 0.50 -7.13 -33.82
N LEU D 163 0.19 -8.37 -34.18
CA LEU D 163 0.00 -8.73 -35.59
C LEU D 163 -1.41 -9.15 -35.92
N ASP D 164 -2.17 -9.71 -34.98
CA ASP D 164 -3.55 -10.11 -35.24
C ASP D 164 -4.45 -8.90 -34.97
N PHE D 165 -5.25 -8.54 -35.96
CA PHE D 165 -6.04 -7.32 -35.88
C PHE D 165 -7.41 -7.56 -35.29
N GLN D 166 -8.08 -8.64 -35.71
CA GLN D 166 -9.37 -8.98 -35.14
C GLN D 166 -9.28 -9.13 -33.64
N ASN D 167 -8.22 -9.79 -33.18
CA ASN D 167 -7.97 -9.88 -31.75
C ASN D 167 -7.76 -8.50 -31.15
N PHE D 168 -7.17 -7.58 -31.91
CA PHE D 168 -6.86 -6.27 -31.38
C PHE D 168 -8.12 -5.44 -31.20
N MET D 169 -8.85 -5.20 -32.28
CA MET D 169 -10.03 -4.35 -32.22
C MET D 169 -11.08 -4.91 -31.29
N LEU D 170 -11.27 -6.23 -31.30
CA LEU D 170 -12.20 -6.84 -30.36
C LEU D 170 -11.82 -6.56 -28.93
N ARG D 171 -10.52 -6.44 -28.65
CA ARG D 171 -10.08 -6.07 -27.32
C ARG D 171 -10.46 -4.64 -27.00
N LYS D 172 -10.21 -3.71 -27.93
CA LYS D 172 -10.37 -2.29 -27.61
C LYS D 172 -11.81 -1.85 -27.70
N ILE D 173 -12.57 -2.41 -28.65
CA ILE D 173 -14.00 -2.13 -28.73
C ILE D 173 -14.68 -2.55 -27.43
N LYS D 174 -14.12 -3.54 -26.75
CA LYS D 174 -14.65 -3.98 -25.48
C LYS D 174 -14.16 -3.10 -24.34
N GLU D 175 -13.06 -2.38 -24.53
CA GLU D 175 -12.58 -1.48 -23.50
C GLU D 175 -13.51 -0.27 -23.35
N ARG D 176 -14.06 0.19 -24.47
CA ARG D 176 -14.91 1.38 -24.44
C ARG D 176 -16.28 1.07 -23.88
N MET D 177 -16.80 -0.11 -24.18
CA MET D 177 -18.08 -0.55 -23.65
C MET D 177 -17.95 -1.10 -22.25
N THR D 178 -16.78 -0.95 -21.63
CA THR D 178 -16.50 -1.30 -20.25
C THR D 178 -16.18 -0.09 -19.39
N THR D 179 -15.32 0.78 -19.86
CA THR D 179 -14.70 1.82 -19.07
C THR D 179 -15.30 3.18 -19.43
N SER D 180 -14.77 4.21 -18.79
CA SER D 180 -15.37 5.52 -18.87
C SER D 180 -14.96 6.23 -20.14
N LEU D 181 -15.96 6.82 -20.78
CA LEU D 181 -15.77 7.78 -21.86
C LEU D 181 -14.73 8.80 -21.46
N PRO D 182 -13.55 8.87 -22.12
CA PRO D 182 -12.58 9.92 -21.80
C PRO D 182 -12.89 11.24 -22.53
N ILE D 183 -13.74 12.06 -21.92
CA ILE D 183 -14.20 13.25 -22.63
C ILE D 183 -13.12 14.32 -22.67
N ALA D 184 -12.34 14.45 -21.59
CA ALA D 184 -11.28 15.45 -21.54
C ALA D 184 -10.26 15.26 -22.64
N ARG D 185 -10.32 14.08 -23.27
CA ARG D 185 -9.43 13.68 -24.40
C ARG D 185 -10.08 13.96 -25.76
N LEU D 186 -11.41 13.79 -25.90
CA LEU D 186 -12.04 13.95 -27.22
C LEU D 186 -12.37 15.39 -27.50
N SER D 187 -12.64 16.17 -26.46
CA SER D 187 -12.99 17.56 -26.64
C SER D 187 -11.78 18.43 -26.97
N ASN D 188 -10.57 17.91 -26.84
CA ASN D 188 -9.39 18.73 -27.09
C ASN D 188 -9.19 19.00 -28.57
N ARG D 189 -9.45 18.02 -29.44
CA ARG D 189 -9.24 18.25 -30.86
C ARG D 189 -10.21 19.31 -31.37
N VAL D 190 -11.38 19.40 -30.77
CA VAL D 190 -12.26 20.55 -30.99
C VAL D 190 -11.58 21.80 -30.50
N PHE D 191 -11.12 21.76 -29.25
CA PHE D 191 -10.48 22.90 -28.61
C PHE D 191 -9.27 23.37 -29.40
N ARG D 192 -8.41 22.44 -29.81
CA ARG D 192 -7.21 22.80 -30.54
C ARG D 192 -7.55 23.44 -31.88
N ASP D 193 -8.62 22.96 -32.51
CA ASP D 193 -8.98 23.46 -33.86
C ASP D 193 -9.30 24.96 -33.84
N LYS D 194 -10.10 25.41 -32.86
CA LYS D 194 -10.47 26.85 -32.81
C LYS D 194 -9.52 27.64 -31.90
N LEU D 195 -8.73 26.95 -31.07
CA LEU D 195 -7.81 27.63 -30.12
C LEU D 195 -6.71 28.42 -30.83
N PHE D 196 -6.10 27.85 -31.87
CA PHE D 196 -4.97 28.49 -32.53
C PHE D 196 -5.36 29.54 -33.57
N PRO D 197 -6.27 29.28 -34.52
CA PRO D 197 -6.49 30.27 -35.59
C PRO D 197 -6.94 31.64 -35.10
N LEU D 198 -7.55 31.72 -33.91
CA LEU D 198 -7.89 33.03 -33.35
C LEU D 198 -6.72 33.62 -32.57
N LEU D 199 -5.94 32.78 -31.90
CA LEU D 199 -4.75 33.26 -31.22
C LEU D 199 -3.78 33.90 -32.19
N VAL D 200 -3.66 33.31 -33.38
CA VAL D 200 -2.68 33.77 -34.35
C VAL D 200 -2.98 35.20 -34.78
N LYS D 201 -4.24 35.47 -35.12
CA LYS D 201 -4.61 36.79 -35.60
C LYS D 201 -4.67 37.83 -34.48
N LYS D 202 -4.61 37.41 -33.22
CA LYS D 202 -4.69 38.31 -32.09
C LYS D 202 -3.34 38.63 -31.47
N HIS D 203 -2.50 37.61 -31.37
CA HIS D 203 -1.09 37.74 -30.88
C HIS D 203 -0.17 37.53 -32.10
N LYS D 204 0.76 38.46 -32.33
CA LYS D 204 1.64 38.41 -33.54
C LYS D 204 2.52 37.15 -33.56
N ARG D 205 3.12 36.77 -32.44
CA ARG D 205 4.01 35.57 -32.43
C ARG D 205 3.55 34.58 -31.35
N VAL D 206 3.46 33.29 -31.71
CA VAL D 206 3.01 32.23 -30.77
C VAL D 206 4.01 31.06 -30.79
N VAL D 207 4.05 30.30 -29.70
CA VAL D 207 4.92 29.15 -29.54
C VAL D 207 4.15 28.08 -28.78
N ASN D 208 4.27 26.84 -29.23
CA ASN D 208 3.64 25.70 -28.60
C ASN D 208 4.72 24.75 -28.11
N VAL D 209 4.45 24.09 -26.99
CA VAL D 209 5.40 23.20 -26.34
C VAL D 209 4.78 21.82 -26.26
N GLY D 210 5.58 20.80 -26.56
CA GLY D 210 5.15 19.42 -26.58
C GLY D 210 3.92 19.17 -27.42
N PRO D 211 4.04 19.30 -28.73
CA PRO D 211 3.02 18.75 -29.62
C PRO D 211 3.32 17.29 -29.95
N ARG D 212 2.25 16.50 -29.98
CA ARG D 212 2.31 15.09 -30.33
C ARG D 212 1.49 14.89 -31.59
N ASN D 213 1.42 13.64 -32.06
CA ASN D 213 0.73 13.37 -33.32
C ASN D 213 -0.79 13.42 -33.18
N GLU D 214 -1.29 13.80 -32.00
CA GLU D 214 -2.61 14.40 -31.92
C GLU D 214 -2.77 15.57 -32.89
N SER D 215 -1.67 16.29 -33.13
CA SER D 215 -1.68 17.53 -33.89
C SER D 215 -0.83 17.44 -35.16
N MET D 216 -0.78 16.28 -35.80
CA MET D 216 -0.09 16.15 -37.08
C MET D 216 -0.62 17.16 -38.09
N PHE D 217 -1.90 17.49 -37.99
CA PHE D 217 -2.61 18.23 -39.01
C PHE D 217 -3.11 19.59 -38.56
N THR D 218 -3.10 19.84 -37.25
CA THR D 218 -3.62 21.10 -36.72
C THR D 218 -2.90 22.30 -37.31
N PHE D 219 -1.59 22.20 -37.50
CA PHE D 219 -0.73 23.36 -37.70
C PHE D 219 -0.27 23.53 -39.13
N LEU D 220 -0.77 22.71 -40.06
CA LEU D 220 -0.23 22.72 -41.42
C LEU D 220 -0.49 24.04 -42.14
N ASN D 221 -1.48 24.82 -41.70
CA ASN D 221 -1.72 26.16 -42.21
C ASN D 221 -1.28 27.23 -41.24
N PHE D 222 -0.25 26.95 -40.43
CA PHE D 222 0.31 27.92 -39.50
C PHE D 222 1.83 27.84 -39.52
N PRO D 223 2.46 28.51 -40.48
CA PRO D 223 3.92 28.66 -40.44
C PRO D 223 4.41 29.50 -39.29
N SER D 224 3.67 30.54 -38.94
CA SER D 224 4.19 31.54 -38.01
C SER D 224 4.19 31.07 -36.57
N ILE D 225 3.82 29.82 -36.31
CA ILE D 225 3.97 29.22 -35.00
C ILE D 225 5.31 28.50 -34.99
N ARG D 226 5.94 28.48 -33.82
CA ARG D 226 7.20 27.82 -33.61
C ARG D 226 7.05 26.76 -32.53
N GLN D 227 6.98 25.50 -32.93
CA GLN D 227 6.79 24.39 -32.01
C GLN D 227 8.13 23.83 -31.54
N PHE D 228 8.13 23.40 -30.29
CA PHE D 228 9.30 22.80 -29.64
C PHE D 228 8.89 21.47 -29.02
N SER D 229 9.79 20.50 -29.10
CA SER D 229 9.49 19.16 -28.60
C SER D 229 10.81 18.47 -28.28
N ASN D 230 10.76 17.17 -28.06
CA ASN D 230 11.97 16.37 -27.94
C ASN D 230 12.77 16.51 -29.22
N GLY D 231 14.08 16.69 -29.06
CA GLY D 231 14.95 16.86 -30.19
C GLY D 231 14.94 15.66 -31.11
N PRO D 232 15.60 15.77 -32.27
CA PRO D 232 15.63 14.65 -33.19
C PRO D 232 16.66 13.61 -32.80
N TYR D 233 16.63 12.50 -33.53
CA TYR D 233 17.76 11.60 -33.57
C TYR D 233 18.68 11.97 -34.71
N LEU D 234 19.97 12.05 -34.44
CA LEU D 234 20.97 12.47 -35.39
C LEU D 234 21.88 11.33 -35.80
N VAL D 235 22.48 11.47 -36.97
CA VAL D 235 23.55 10.58 -37.40
C VAL D 235 24.68 10.61 -36.39
N LYS D 236 24.90 11.78 -35.78
CA LYS D 236 25.86 12.02 -34.72
C LYS D 236 25.78 11.01 -33.58
N ASN D 237 24.60 10.42 -33.38
CA ASN D 237 24.37 9.51 -32.26
C ASN D 237 24.12 8.07 -32.72
N THR D 238 24.63 7.69 -33.89
CA THR D 238 24.71 6.28 -34.26
C THR D 238 25.94 5.60 -33.68
N ILE D 239 26.97 6.38 -33.36
CA ILE D 239 28.21 5.83 -32.82
C ILE D 239 27.99 5.08 -31.52
N LYS D 240 26.91 5.38 -30.81
CA LYS D 240 26.50 4.62 -29.63
C LYS D 240 26.16 3.18 -29.96
N LEU D 241 25.53 2.95 -31.10
CA LEU D 241 24.70 1.77 -31.29
C LEU D 241 25.53 0.54 -31.58
N LYS D 242 25.16 -0.56 -30.92
CA LYS D 242 25.80 -1.82 -31.21
C LYS D 242 25.41 -2.28 -32.61
N GLN D 243 26.33 -3.00 -33.23
CA GLN D 243 26.12 -3.56 -34.55
C GLN D 243 25.07 -4.67 -34.50
N GLU D 244 24.29 -4.77 -35.59
CA GLU D 244 23.20 -5.73 -35.70
C GLU D 244 22.98 -5.98 -37.19
N ARG D 245 22.22 -7.05 -37.46
CA ARG D 245 21.98 -7.60 -38.83
C ARG D 245 20.49 -7.61 -39.18
N TRP D 246 20.20 -7.86 -40.46
CA TRP D 246 18.84 -7.81 -40.98
C TRP D 246 17.87 -8.57 -40.09
N LEU D 247 16.76 -7.91 -39.75
CA LEU D 247 15.71 -8.47 -38.92
C LEU D 247 14.40 -8.33 -39.65
N GLY D 248 13.91 -9.42 -40.20
CA GLY D 248 12.66 -9.42 -40.96
C GLY D 248 11.47 -9.55 -40.03
N LYS D 249 10.81 -8.42 -39.80
CA LYS D 249 9.79 -8.30 -38.76
C LYS D 249 8.53 -7.71 -39.37
N ARG D 250 7.41 -8.41 -39.19
CA ARG D 250 6.12 -7.99 -39.75
C ARG D 250 5.16 -7.70 -38.60
N VAL D 251 4.60 -6.49 -38.60
CA VAL D 251 3.82 -5.97 -37.48
C VAL D 251 2.51 -5.35 -37.95
N SER D 252 2.08 -5.62 -39.17
CA SER D 252 0.87 -5.02 -39.71
C SER D 252 0.38 -5.92 -40.83
N GLN D 253 -0.79 -6.53 -40.62
CA GLN D 253 -1.37 -7.36 -41.67
C GLN D 253 -1.58 -6.56 -42.94
N PHE D 254 -2.15 -5.36 -42.79
CA PHE D 254 -2.49 -4.51 -43.91
C PHE D 254 -1.41 -3.48 -44.17
N ASP D 255 -1.19 -3.22 -45.45
CA ASP D 255 -0.14 -2.30 -45.86
C ASP D 255 -0.44 -0.87 -45.43
N ILE D 256 0.54 -0.26 -44.77
CA ILE D 256 0.44 1.10 -44.26
C ILE D 256 1.58 1.94 -44.81
N GLY D 257 2.00 1.65 -46.05
CA GLY D 257 2.98 2.48 -46.70
C GLY D 257 2.51 3.92 -46.82
N GLN D 258 1.22 4.13 -47.06
CA GLN D 258 0.70 5.47 -47.22
C GLN D 258 0.85 6.29 -45.95
N TYR D 259 0.94 5.62 -44.80
CA TYR D 259 1.00 6.34 -43.53
C TYR D 259 2.38 6.95 -43.33
N LYS D 260 3.44 6.17 -43.54
CA LYS D 260 4.79 6.73 -43.45
C LYS D 260 5.04 7.75 -44.55
N ASN D 261 4.54 7.50 -45.76
CA ASN D 261 4.67 8.47 -46.83
C ASN D 261 3.99 9.78 -46.47
N MET D 262 2.95 9.71 -45.64
CA MET D 262 2.31 10.92 -45.14
C MET D 262 3.14 11.57 -44.06
N LEU D 263 3.66 10.76 -43.12
CA LEU D 263 4.39 11.29 -41.98
C LEU D 263 5.73 11.90 -42.38
N ASN D 264 6.45 11.25 -43.30
CA ASN D 264 7.77 11.75 -43.67
C ASN D 264 7.70 13.10 -44.35
N VAL D 265 6.68 13.31 -45.18
CA VAL D 265 6.43 14.63 -45.74
C VAL D 265 6.11 15.62 -44.63
N ILE D 266 5.20 15.25 -43.74
CA ILE D 266 4.70 16.17 -42.74
C ILE D 266 5.82 16.58 -41.79
N THR D 267 6.65 15.61 -41.40
CA THR D 267 7.87 15.91 -40.66
C THR D 267 8.73 16.90 -41.43
N THR D 268 8.92 16.65 -42.71
CA THR D 268 9.75 17.50 -43.55
C THR D 268 9.25 18.94 -43.56
N ILE D 269 7.94 19.14 -43.41
CA ILE D 269 7.39 20.50 -43.51
C ILE D 269 7.57 21.25 -42.21
N TYR D 270 7.16 20.65 -41.08
CA TYR D 270 7.32 21.32 -39.79
C TYR D 270 8.77 21.66 -39.51
N HIS D 271 9.69 20.87 -40.05
CA HIS D 271 11.08 21.24 -40.09
C HIS D 271 11.28 22.53 -40.88
N TYR D 272 10.76 22.57 -42.10
CA TYR D 272 10.87 23.75 -42.94
C TYR D 272 10.22 24.96 -42.30
N TYR D 273 9.10 24.76 -41.61
CA TYR D 273 8.51 25.83 -40.83
C TYR D 273 9.42 26.26 -39.69
N ASN D 274 10.20 25.34 -39.13
CA ASN D 274 11.07 25.66 -38.00
C ASN D 274 12.19 26.57 -38.42
N LEU D 275 12.77 26.30 -39.58
CA LEU D 275 13.87 27.08 -40.11
C LEU D 275 13.41 28.41 -40.65
N TYR D 276 12.47 28.37 -41.57
CA TYR D 276 12.00 29.53 -42.29
C TYR D 276 10.49 29.59 -42.12
N GLN D 277 10.00 30.59 -41.40
CA GLN D 277 8.57 30.73 -41.17
C GLN D 277 7.94 31.13 -42.49
N GLU D 278 7.45 30.10 -43.17
CA GLU D 278 7.32 30.03 -44.61
C GLU D 278 6.42 28.85 -44.87
N LYS D 279 5.90 28.71 -46.10
CA LYS D 279 5.44 27.35 -46.36
C LYS D 279 5.65 26.94 -47.81
N PRO D 280 6.12 25.72 -48.06
CA PRO D 280 6.84 25.46 -49.31
C PRO D 280 5.97 24.93 -50.42
N ILE D 281 6.61 24.82 -51.58
CA ILE D 281 6.19 23.90 -52.63
C ILE D 281 6.66 22.51 -52.21
N ILE D 282 5.93 21.50 -52.64
CA ILE D 282 6.17 20.13 -52.18
C ILE D 282 6.23 19.23 -53.40
N TYR D 283 7.44 19.04 -53.92
CA TYR D 283 7.71 18.11 -54.99
C TYR D 283 7.76 16.69 -54.44
N MET D 284 7.55 15.71 -55.31
CA MET D 284 7.60 14.31 -54.92
C MET D 284 8.04 13.45 -56.09
N VAL D 285 8.67 12.33 -55.79
CA VAL D 285 8.95 11.32 -56.79
C VAL D 285 8.84 9.94 -56.15
N GLY D 286 8.32 8.98 -56.90
CA GLY D 286 8.21 7.60 -56.48
C GLY D 286 6.97 7.27 -55.68
N SER D 287 6.01 8.20 -55.58
CA SER D 287 4.88 8.06 -54.67
C SER D 287 3.61 8.43 -55.41
N ALA D 288 3.03 7.48 -56.14
CA ALA D 288 1.84 7.78 -56.94
C ALA D 288 0.54 7.72 -56.15
N PRO D 289 0.19 6.57 -55.53
CA PRO D 289 -1.22 6.37 -55.11
C PRO D 289 -1.77 7.44 -54.20
N SER D 290 -1.02 7.81 -53.16
CA SER D 290 -1.11 9.10 -52.46
C SER D 290 -2.55 9.49 -52.16
N TYR D 291 -3.27 8.56 -51.55
CA TYR D 291 -4.59 8.84 -51.02
C TYR D 291 -4.54 9.60 -49.70
N TRP D 292 -3.35 9.88 -49.18
CA TRP D 292 -3.19 10.71 -47.99
C TRP D 292 -3.18 12.19 -48.31
N ILE D 293 -3.24 12.55 -49.60
CA ILE D 293 -3.22 13.96 -50.00
C ILE D 293 -4.49 14.65 -49.55
N TYR D 294 -5.64 14.02 -49.82
CA TYR D 294 -6.92 14.61 -49.52
C TYR D 294 -7.07 14.90 -48.03
N ASP D 295 -6.46 14.09 -47.18
CA ASP D 295 -6.37 14.40 -45.76
C ASP D 295 -5.66 15.71 -45.51
N VAL D 296 -4.58 15.98 -46.25
CA VAL D 296 -3.81 17.20 -46.03
C VAL D 296 -4.61 18.42 -46.45
N ARG D 297 -5.28 18.33 -47.61
CA ARG D 297 -5.99 19.49 -48.14
C ARG D 297 -7.21 19.89 -47.32
N GLN D 298 -7.67 19.06 -46.39
CA GLN D 298 -8.75 19.44 -45.50
C GLN D 298 -8.33 20.45 -44.44
N TYR D 299 -7.03 20.71 -44.31
CA TYR D 299 -6.47 21.61 -43.31
C TYR D 299 -5.75 22.79 -43.92
N SER D 300 -4.82 22.51 -44.83
CA SER D 300 -4.02 23.53 -45.47
C SER D 300 -3.89 23.16 -46.93
N ASP D 301 -3.77 24.18 -47.79
CA ASP D 301 -3.74 23.98 -49.23
C ASP D 301 -2.30 24.13 -49.73
N PHE D 302 -1.73 23.02 -50.22
CA PHE D 302 -0.37 23.00 -50.72
C PHE D 302 -0.36 22.58 -52.18
N LEU D 303 0.69 23.00 -52.88
CA LEU D 303 0.93 22.61 -54.26
C LEU D 303 1.80 21.36 -54.26
N PHE D 304 1.24 20.26 -54.73
CA PHE D 304 1.94 18.99 -54.83
C PHE D 304 2.22 18.71 -56.30
N GLU D 305 3.48 18.46 -56.60
CA GLU D 305 3.93 18.15 -57.95
C GLU D 305 4.73 16.85 -57.92
N THR D 306 4.25 15.86 -58.66
CA THR D 306 4.66 14.47 -58.49
C THR D 306 5.20 13.93 -59.80
N TRP D 307 6.22 13.08 -59.70
CA TRP D 307 6.75 12.32 -60.82
C TRP D 307 6.66 10.85 -60.46
N ASP D 308 5.77 10.12 -61.12
CA ASP D 308 5.69 8.68 -60.90
C ASP D 308 5.02 8.00 -62.10
N PRO D 309 5.42 6.78 -62.47
CA PRO D 309 4.74 6.13 -63.60
C PRO D 309 3.25 5.90 -63.39
N LEU D 310 2.80 5.77 -62.16
CA LEU D 310 1.44 5.32 -61.86
C LEU D 310 0.53 6.48 -61.47
N ASP D 311 -0.72 6.14 -61.23
CA ASP D 311 -1.77 7.13 -61.05
C ASP D 311 -1.64 7.86 -59.72
N THR D 312 -1.58 9.18 -59.79
CA THR D 312 -1.75 10.05 -58.63
C THR D 312 -3.13 10.70 -58.72
N PRO D 313 -4.16 10.23 -58.02
CA PRO D 313 -5.47 10.84 -58.17
C PRO D 313 -5.54 12.25 -57.62
N TYR D 314 -4.75 12.56 -56.58
CA TYR D 314 -4.91 13.76 -55.77
C TYR D 314 -3.61 14.56 -55.85
N SER D 315 -3.60 15.59 -56.68
CA SER D 315 -2.46 16.47 -56.83
C SER D 315 -2.85 17.63 -57.71
N SER D 316 -1.97 18.63 -57.76
CA SER D 316 -2.13 19.73 -58.70
C SER D 316 -1.62 19.35 -60.08
N ILE D 317 -0.34 18.98 -60.17
CA ILE D 317 0.30 18.63 -61.44
C ILE D 317 1.05 17.32 -61.23
N HIS D 318 0.58 16.26 -61.88
CA HIS D 318 1.39 15.05 -62.06
C HIS D 318 2.15 15.22 -63.36
N HIS D 319 3.40 15.70 -63.25
CA HIS D 319 4.11 16.23 -64.41
C HIS D 319 4.36 15.16 -65.46
N LYS D 320 4.94 14.03 -65.05
CA LYS D 320 5.34 12.99 -65.98
C LYS D 320 5.13 11.63 -65.35
N GLU D 321 5.10 10.61 -66.21
CA GLU D 321 5.21 9.24 -65.78
C GLU D 321 6.66 8.77 -65.68
N LEU D 322 7.61 9.58 -66.11
CA LEU D 322 9.02 9.36 -65.81
C LEU D 322 9.30 9.82 -64.39
N PHE D 323 10.22 9.12 -63.73
CA PHE D 323 10.55 9.47 -62.36
C PHE D 323 11.83 10.30 -62.31
N PHE D 324 11.74 11.38 -61.52
CA PHE D 324 12.69 12.47 -61.50
C PHE D 324 14.10 11.97 -61.25
N ALA D 325 14.94 12.06 -62.29
CA ALA D 325 16.22 11.35 -62.32
C ALA D 325 17.45 12.25 -62.27
N LYS D 326 17.61 13.20 -63.20
CA LYS D 326 18.68 14.18 -63.11
C LYS D 326 18.36 15.57 -63.61
N ASP D 327 17.15 15.84 -64.07
CA ASP D 327 16.78 17.18 -64.53
C ASP D 327 16.52 18.12 -63.37
N ILE D 328 17.55 18.38 -62.56
CA ILE D 328 17.33 18.86 -61.20
C ILE D 328 17.38 20.38 -61.10
N GLY D 329 18.08 21.03 -62.01
CA GLY D 329 18.08 22.48 -61.99
C GLY D 329 16.75 23.12 -62.31
N LYS D 330 15.78 22.35 -62.81
CA LYS D 330 14.48 22.85 -63.19
C LYS D 330 13.53 23.00 -62.00
N LEU D 331 14.01 22.83 -60.78
CA LEU D 331 13.20 23.00 -59.59
C LEU D 331 13.31 24.40 -59.01
N LYS D 332 12.20 24.88 -58.47
CA LYS D 332 12.20 26.12 -57.73
C LYS D 332 12.85 25.93 -56.36
N ASP D 333 13.31 27.03 -55.78
CA ASP D 333 14.02 26.92 -54.51
C ASP D 333 13.06 26.68 -53.34
N ASN D 334 12.03 27.51 -53.19
CA ASN D 334 11.18 27.46 -52.01
C ASN D 334 10.38 26.17 -52.07
N SER D 335 10.93 25.14 -51.44
CA SER D 335 10.53 23.78 -51.77
C SER D 335 10.87 22.82 -50.65
N ILE D 336 10.29 21.63 -50.75
CA ILE D 336 10.84 20.41 -50.17
C ILE D 336 10.80 19.34 -51.25
N LEU D 337 11.77 18.43 -51.21
CA LEU D 337 11.86 17.32 -52.15
C LEU D 337 11.80 16.02 -51.38
N TYR D 338 10.79 15.21 -51.68
CA TYR D 338 10.61 13.90 -51.08
C TYR D 338 10.96 12.83 -52.09
N ILE D 339 12.04 12.11 -51.83
CA ILE D 339 12.55 11.08 -52.72
C ILE D 339 12.16 9.73 -52.13
N ASP D 340 11.46 8.93 -52.92
CA ASP D 340 11.11 7.56 -52.60
C ASP D 340 11.30 6.70 -53.84
N ILE D 341 12.36 6.98 -54.61
CA ILE D 341 12.66 6.16 -55.77
C ILE D 341 13.05 4.79 -55.27
N ARG D 342 12.35 3.78 -55.77
CA ARG D 342 12.46 2.44 -55.20
C ARG D 342 12.23 1.44 -56.33
N THR D 343 11.93 0.21 -55.91
CA THR D 343 11.73 -0.91 -56.82
C THR D 343 10.90 -1.91 -56.02
N ASP D 344 10.46 -2.98 -56.67
CA ASP D 344 9.92 -4.14 -55.97
C ASP D 344 10.55 -5.39 -56.56
N ARG D 345 11.16 -6.20 -55.69
CA ARG D 345 11.66 -7.50 -56.11
C ARG D 345 10.50 -8.34 -56.64
N GLY D 346 10.80 -9.14 -57.66
CA GLY D 346 9.86 -10.13 -58.15
C GLY D 346 10.10 -11.45 -57.45
N ASN D 347 10.59 -12.43 -58.22
CA ASN D 347 11.14 -13.65 -57.67
C ASN D 347 12.65 -13.72 -57.83
N ALA D 348 13.30 -12.57 -58.02
CA ALA D 348 14.74 -12.55 -58.28
C ALA D 348 15.50 -12.88 -57.01
N ASP D 349 16.76 -13.26 -57.18
CA ASP D 349 17.56 -13.76 -56.07
C ASP D 349 17.94 -12.59 -55.18
N TRP D 350 17.48 -12.64 -53.93
CA TRP D 350 17.70 -11.59 -52.94
C TRP D 350 19.16 -11.18 -52.80
N LYS D 351 20.09 -12.12 -53.00
CA LYS D 351 21.51 -11.82 -52.83
C LYS D 351 22.04 -10.96 -53.96
N GLU D 352 21.47 -11.09 -55.16
CA GLU D 352 21.86 -10.29 -56.31
C GLU D 352 20.99 -9.06 -56.48
N TRP D 353 19.71 -9.17 -56.11
CA TRP D 353 18.82 -8.02 -56.17
C TRP D 353 19.24 -6.94 -55.19
N ARG D 354 19.85 -7.36 -54.07
CA ARG D 354 20.39 -6.42 -53.10
C ARG D 354 21.34 -5.41 -53.73
N LYS D 355 22.07 -5.80 -54.77
CA LYS D 355 22.99 -4.87 -55.43
C LYS D 355 22.24 -3.69 -56.05
N VAL D 356 21.04 -3.94 -56.56
CA VAL D 356 20.24 -2.87 -57.14
C VAL D 356 19.85 -1.86 -56.07
N VAL D 357 19.47 -2.36 -54.91
CA VAL D 357 19.01 -1.51 -53.82
C VAL D 357 20.14 -0.60 -53.36
N GLU D 358 21.38 -1.09 -53.45
CA GLU D 358 22.52 -0.31 -53.04
C GLU D 358 22.78 0.83 -53.99
N LEU D 359 22.60 0.60 -55.29
CA LEU D 359 22.93 1.62 -56.28
C LEU D 359 21.92 2.76 -56.28
N GLN D 360 20.64 2.44 -56.13
CA GLN D 360 19.62 3.47 -55.98
C GLN D 360 19.95 4.40 -54.83
N THR D 361 20.42 3.81 -53.74
CA THR D 361 20.70 4.56 -52.52
C THR D 361 21.83 5.55 -52.75
N ILE D 362 22.86 5.15 -53.50
CA ILE D 362 23.92 6.07 -53.87
C ILE D 362 23.35 7.17 -54.76
N SER D 363 22.48 6.80 -55.70
CA SER D 363 21.87 7.78 -56.58
C SER D 363 20.96 8.72 -55.79
N ASN D 364 20.10 8.16 -54.95
CA ASN D 364 19.13 8.97 -54.20
C ASN D 364 19.83 10.01 -53.33
N LEU D 365 21.07 9.74 -52.91
CA LEU D 365 21.84 10.76 -52.21
C LEU D 365 22.39 11.81 -53.16
N ASN D 366 22.89 11.39 -54.34
CA ASN D 366 23.38 12.35 -55.32
C ASN D 366 22.29 13.35 -55.68
N LEU D 367 21.04 12.87 -55.79
CA LEU D 367 19.93 13.77 -56.01
C LEU D 367 19.76 14.74 -54.85
N ALA D 368 20.05 14.28 -53.64
CA ALA D 368 19.83 15.10 -52.47
C ALA D 368 20.86 16.23 -52.38
N TYR D 369 22.11 15.93 -52.69
CA TYR D 369 23.15 16.95 -52.62
C TYR D 369 23.02 17.94 -53.77
N GLN D 370 22.71 17.46 -54.97
CA GLN D 370 22.55 18.35 -56.11
C GLN D 370 21.37 19.28 -55.90
N TYR D 371 20.34 18.78 -55.24
CA TYR D 371 19.22 19.63 -54.82
C TYR D 371 19.71 20.75 -53.92
N LEU D 372 20.34 20.39 -52.82
CA LEU D 372 20.74 21.36 -51.80
C LEU D 372 22.06 22.05 -52.12
N ALA D 373 22.51 22.02 -53.37
CA ALA D 373 23.75 22.66 -53.77
C ALA D 373 23.58 24.10 -54.26
N THR D 374 22.37 24.49 -54.67
CA THR D 374 22.19 25.70 -55.46
C THR D 374 21.43 26.80 -54.73
N GLY D 375 20.21 26.50 -54.29
CA GLY D 375 19.32 27.50 -53.73
C GLY D 375 19.19 27.41 -52.23
N LYS D 376 18.61 28.45 -51.65
CA LYS D 376 18.36 28.52 -50.18
C LYS D 376 16.96 28.00 -49.89
N SER D 377 16.66 27.74 -48.61
CA SER D 377 15.32 27.25 -48.17
C SER D 377 14.92 25.96 -48.89
N LYS D 378 15.85 25.01 -49.00
CA LYS D 378 15.55 23.69 -49.65
C LYS D 378 15.68 22.57 -48.60
N VAL D 379 14.66 21.72 -48.47
CA VAL D 379 14.69 20.60 -47.48
C VAL D 379 14.42 19.28 -48.21
N CYS D 380 15.23 18.24 -47.96
CA CYS D 380 15.05 16.95 -48.58
C CYS D 380 14.60 15.92 -47.57
N CYS D 381 14.17 14.76 -48.09
CA CYS D 381 13.81 13.61 -47.27
C CYS D 381 13.91 12.36 -48.14
N VAL D 382 15.01 11.62 -48.00
CA VAL D 382 15.53 10.69 -48.98
C VAL D 382 15.45 9.26 -48.48
N LYS D 383 15.35 8.33 -49.42
CA LYS D 383 15.22 6.91 -49.11
C LYS D 383 16.58 6.26 -49.05
N LEU D 384 16.78 5.42 -48.05
CA LEU D 384 18.04 4.72 -47.84
C LEU D 384 17.77 3.29 -47.39
N THR D 385 18.61 2.38 -47.87
CA THR D 385 18.72 1.07 -47.28
C THR D 385 19.79 1.13 -46.20
N ALA D 386 20.01 0.02 -45.53
CA ALA D 386 21.04 -0.06 -44.51
C ALA D 386 22.30 -0.65 -45.14
N MET D 387 23.26 0.21 -45.43
CA MET D 387 24.56 -0.19 -45.95
C MET D 387 25.56 0.87 -45.48
N ASP D 388 26.83 0.59 -45.70
CA ASP D 388 27.86 1.53 -45.30
C ASP D 388 27.81 2.75 -46.21
N LEU D 389 27.61 3.93 -45.62
CA LEU D 389 27.44 5.15 -46.37
C LEU D 389 28.16 6.30 -45.68
N GLU D 390 28.35 7.38 -46.43
CA GLU D 390 29.03 8.58 -45.96
C GLU D 390 27.99 9.67 -45.76
N LEU D 391 27.55 9.85 -44.52
CA LEU D 391 26.40 10.66 -44.16
C LEU D 391 26.81 11.92 -43.40
N PRO D 392 26.07 13.02 -43.53
CA PRO D 392 26.33 14.16 -42.65
C PRO D 392 25.94 13.90 -41.21
N VAL D 393 26.83 14.30 -40.30
CA VAL D 393 26.64 14.13 -38.86
C VAL D 393 25.33 14.76 -38.40
N SER D 394 25.15 16.05 -38.69
CA SER D 394 24.04 16.82 -38.14
C SER D 394 22.69 16.48 -38.76
N ALA D 395 22.62 15.55 -39.70
CA ALA D 395 21.36 15.21 -40.32
C ALA D 395 20.48 14.39 -39.38
N LYS D 396 19.22 14.25 -39.75
CA LYS D 396 18.16 13.69 -38.90
C LYS D 396 17.58 12.44 -39.55
N LEU D 397 17.53 11.36 -38.78
CA LEU D 397 17.02 10.09 -39.26
C LEU D 397 15.55 9.91 -38.90
N LEU D 398 14.83 9.20 -39.75
CA LEU D 398 13.43 8.88 -39.54
C LEU D 398 13.16 7.42 -39.86
N HIS D 399 12.49 6.74 -38.94
CA HIS D 399 11.97 5.40 -39.16
C HIS D 399 10.53 5.31 -38.65
N HIS D 400 9.67 6.20 -39.12
CA HIS D 400 8.25 6.01 -38.90
C HIS D 400 7.84 4.63 -39.37
N PRO D 401 6.87 3.99 -38.72
CA PRO D 401 6.65 2.57 -38.97
C PRO D 401 6.12 2.32 -40.36
N THR D 402 6.08 1.04 -40.71
CA THR D 402 5.66 0.60 -42.02
C THR D 402 4.93 -0.72 -41.88
N THR D 403 4.64 -1.33 -43.04
CA THR D 403 4.10 -2.68 -43.04
C THR D 403 5.02 -3.62 -42.27
N GLU D 404 6.28 -3.70 -42.69
CA GLU D 404 7.22 -4.65 -42.15
C GLU D 404 8.62 -4.08 -42.28
N ILE D 405 9.45 -4.37 -41.29
CA ILE D 405 10.83 -3.91 -41.28
C ILE D 405 11.64 -4.81 -42.18
N ARG D 406 12.14 -4.25 -43.28
CA ARG D 406 13.03 -4.97 -44.20
C ARG D 406 14.18 -4.08 -44.68
N SER D 407 14.85 -3.41 -43.75
CA SER D 407 16.07 -2.65 -44.01
C SER D 407 15.89 -1.42 -44.88
N GLU D 408 15.12 -0.45 -44.41
CA GLU D 408 15.19 0.90 -44.96
C GLU D 408 14.70 1.90 -43.93
N PHE D 409 15.30 3.08 -44.02
CA PHE D 409 15.08 4.20 -43.11
C PHE D 409 15.29 5.42 -43.96
N TYR D 410 14.65 6.53 -43.59
CA TYR D 410 14.76 7.75 -44.37
C TYR D 410 15.49 8.84 -43.60
N LEU D 411 16.16 9.69 -44.37
CA LEU D 411 17.01 10.73 -43.88
C LEU D 411 16.53 12.05 -44.45
N LEU D 412 16.51 13.08 -43.64
CA LEU D 412 16.18 14.42 -44.10
C LEU D 412 17.36 15.34 -43.87
N LEU D 413 17.47 16.34 -44.74
CA LEU D 413 18.62 17.23 -44.78
C LEU D 413 18.13 18.65 -44.87
N ASP D 414 19.00 19.54 -44.37
CA ASP D 414 18.87 21.02 -44.37
C ASP D 414 20.07 21.60 -45.13
N ILE D 415 20.05 22.90 -45.42
CA ILE D 415 21.12 23.56 -46.22
C ILE D 415 22.49 23.43 -45.52
N TRP D 416 22.53 23.53 -44.19
CA TRP D 416 23.82 23.48 -43.44
C TRP D 416 24.27 22.05 -43.12
N ASP D 417 23.52 21.04 -43.56
CA ASP D 417 23.88 19.62 -43.32
C ASP D 417 24.86 19.14 -44.39
N VAL D 418 25.23 20.05 -45.31
CA VAL D 418 26.13 19.77 -46.43
C VAL D 418 27.45 20.52 -46.28
N ASN D 419 27.49 21.56 -45.44
CA ASN D 419 28.61 22.49 -45.45
C ASN D 419 29.76 21.92 -44.62
N ASN D 420 30.46 20.97 -45.25
CA ASN D 420 31.69 20.40 -44.70
C ASN D 420 31.43 19.64 -43.39
N ILE D 421 30.42 18.77 -43.41
CA ILE D 421 30.12 17.87 -42.31
C ILE D 421 29.79 16.51 -42.93
N LYS D 422 30.68 15.52 -42.74
CA LYS D 422 30.44 14.18 -43.26
C LYS D 422 31.13 13.14 -42.40
N ARG D 423 30.44 12.02 -42.16
CA ARG D 423 30.96 10.88 -41.42
C ARG D 423 30.65 9.59 -42.16
N PHE D 424 31.47 8.57 -41.90
CA PHE D 424 31.24 7.22 -42.39
C PHE D 424 30.49 6.42 -41.34
N ILE D 425 29.43 5.72 -41.75
CA ILE D 425 28.56 4.96 -40.87
C ILE D 425 28.63 3.50 -41.30
N PRO D 426 28.81 2.55 -40.39
CA PRO D 426 28.81 1.15 -40.81
C PRO D 426 27.40 0.63 -41.01
N LYS D 427 27.34 -0.55 -41.62
CA LYS D 427 26.10 -1.22 -41.98
C LYS D 427 25.22 -1.48 -40.76
N GLY D 428 25.72 -2.31 -39.84
CA GLY D 428 24.90 -2.72 -38.70
C GLY D 428 24.59 -1.62 -37.72
N ALA D 429 25.22 -0.45 -37.85
CA ALA D 429 24.84 0.67 -37.02
C ALA D 429 23.51 1.27 -37.44
N LEU D 430 23.04 0.94 -38.65
CA LEU D 430 21.76 1.39 -39.16
C LEU D 430 20.65 0.40 -38.83
N TYR D 431 20.91 -0.90 -39.01
CA TYR D 431 19.95 -1.92 -38.61
C TYR D 431 19.59 -1.79 -37.14
N SER D 432 20.57 -1.46 -36.30
CA SER D 432 20.32 -1.22 -34.90
C SER D 432 19.43 -0.02 -34.66
N PHE D 433 19.41 0.94 -35.59
CA PHE D 433 18.47 2.04 -35.50
C PHE D 433 17.11 1.63 -36.02
N ILE D 434 17.10 0.92 -37.15
CA ILE D 434 15.86 0.46 -37.75
C ILE D 434 15.08 -0.40 -36.77
N ASN D 435 15.72 -1.42 -36.23
CA ASN D 435 14.98 -2.54 -35.67
C ASN D 435 14.41 -2.23 -34.28
N ASN D 436 15.02 -1.29 -33.57
CA ASN D 436 14.65 -1.02 -32.19
C ASN D 436 14.06 0.37 -31.97
N VAL D 437 14.40 1.33 -32.82
CA VAL D 437 13.98 2.72 -32.64
C VAL D 437 12.85 3.00 -33.63
N ILE D 438 11.64 3.10 -33.10
CA ILE D 438 10.48 3.59 -33.82
C ILE D 438 10.39 5.09 -33.56
N THR D 439 10.30 5.88 -34.62
CA THR D 439 10.08 7.31 -34.45
C THR D 439 8.68 7.51 -33.93
N ASP D 440 8.54 8.45 -33.00
CA ASP D 440 7.30 8.65 -32.25
C ASP D 440 6.52 9.86 -32.73
N ASN D 441 7.17 10.81 -33.40
CA ASN D 441 6.61 12.15 -33.52
C ASN D 441 7.22 12.86 -34.71
N VAL D 442 6.37 13.44 -35.55
CA VAL D 442 6.85 14.27 -36.64
C VAL D 442 7.43 15.59 -36.15
N PHE D 443 7.10 16.00 -34.92
CA PHE D 443 7.59 17.23 -34.33
C PHE D 443 8.93 16.95 -33.67
N ILE D 444 10.00 17.10 -34.44
CA ILE D 444 11.34 16.78 -33.99
C ILE D 444 12.14 18.05 -33.69
N GLN D 445 11.46 19.13 -33.36
CA GLN D 445 12.14 20.39 -33.18
C GLN D 445 12.67 20.50 -31.75
N SER D 446 13.62 21.41 -31.56
CA SER D 446 14.42 21.41 -30.35
C SER D 446 13.56 21.69 -29.11
N PRO D 447 14.02 21.31 -27.92
CA PRO D 447 13.20 21.53 -26.72
C PRO D 447 12.99 23.01 -26.41
N PHE D 448 11.97 23.25 -25.59
CA PHE D 448 11.67 24.58 -25.10
C PHE D 448 12.50 24.86 -23.86
N LYS D 449 13.35 25.86 -23.95
CA LYS D 449 14.03 26.37 -22.77
C LYS D 449 12.99 27.05 -21.90
N ILE D 450 12.93 26.65 -20.63
CA ILE D 450 11.87 27.08 -19.73
C ILE D 450 12.30 28.43 -19.14
N ARG D 451 11.96 29.51 -19.83
CA ARG D 451 12.17 30.84 -19.28
C ARG D 451 11.17 31.80 -19.90
N THR D 452 10.92 32.90 -19.19
CA THR D 452 9.90 33.88 -19.55
C THR D 452 10.29 34.66 -20.81
N SER D 453 9.28 35.20 -21.47
CA SER D 453 9.48 36.08 -22.61
C SER D 453 8.29 37.02 -22.70
N VAL D 454 8.49 38.15 -23.39
CA VAL D 454 7.54 39.24 -23.43
C VAL D 454 6.95 39.44 -24.82
N SER D 455 7.62 38.93 -25.85
CA SER D 455 7.06 38.86 -27.19
C SER D 455 6.27 37.59 -27.42
N ASP D 456 6.44 36.59 -26.57
CA ASP D 456 5.94 35.25 -26.81
C ASP D 456 4.56 35.09 -26.19
N TYR D 457 3.62 34.64 -27.00
CA TYR D 457 2.43 34.00 -26.47
C TYR D 457 2.68 32.50 -26.39
N ILE D 458 2.95 32.02 -25.19
CA ILE D 458 3.35 30.63 -24.97
C ILE D 458 2.10 29.82 -24.67
N VAL D 459 1.91 28.76 -25.43
CA VAL D 459 0.95 27.71 -25.09
C VAL D 459 1.75 26.52 -24.59
N ALA D 460 1.21 25.84 -23.58
CA ALA D 460 1.78 24.63 -23.03
C ALA D 460 0.66 23.85 -22.39
N LEU D 461 0.14 22.86 -23.10
CA LEU D 461 -1.12 22.24 -22.73
C LEU D 461 -0.93 20.92 -21.98
N TYR D 462 -0.11 20.03 -22.50
CA TYR D 462 0.16 18.77 -21.83
C TYR D 462 1.62 18.37 -21.97
N ALA D 463 2.50 19.36 -22.07
CA ALA D 463 3.93 19.13 -22.21
C ALA D 463 4.68 19.26 -20.90
N LEU D 464 4.44 20.32 -20.15
CA LEU D 464 5.05 20.49 -18.84
C LEU D 464 4.35 19.57 -17.85
N SER D 465 4.71 19.73 -16.57
CA SER D 465 4.36 18.89 -15.43
C SER D 465 5.19 17.63 -15.37
N ASN D 466 6.02 17.34 -16.36
CA ASN D 466 6.84 16.13 -16.32
C ASN D 466 7.92 16.27 -15.26
N ASP D 467 8.24 15.15 -14.61
CA ASP D 467 9.10 15.17 -13.43
C ASP D 467 10.51 15.64 -13.76
N PHE D 468 10.94 15.53 -15.01
CA PHE D 468 12.31 15.87 -15.37
C PHE D 468 12.52 17.37 -15.60
N ASN D 469 11.45 18.16 -15.63
CA ASN D 469 11.57 19.60 -15.78
C ASN D 469 11.70 20.25 -14.40
N ASN D 470 12.56 21.26 -14.33
CA ASN D 470 12.80 21.95 -13.07
C ASN D 470 11.52 22.64 -12.63
N ARG D 471 11.02 22.25 -11.47
CA ARG D 471 9.75 22.77 -10.96
C ARG D 471 9.76 24.28 -10.87
N GLU D 472 10.80 24.85 -10.28
CA GLU D 472 10.79 26.28 -10.06
C GLU D 472 10.87 27.06 -11.36
N ASP D 473 11.51 26.51 -12.39
CA ASP D 473 11.58 27.20 -13.66
C ASP D 473 10.22 27.30 -14.33
N ILE D 474 9.39 26.27 -14.21
CA ILE D 474 8.04 26.36 -14.76
C ILE D 474 7.16 27.24 -13.88
N ILE D 475 7.33 27.17 -12.56
CA ILE D 475 6.63 28.08 -11.66
C ILE D 475 6.93 29.52 -12.03
N ASN D 476 8.20 29.86 -12.19
CA ASN D 476 8.55 31.23 -12.53
C ASN D 476 8.13 31.56 -13.95
N LEU D 477 8.08 30.56 -14.83
CA LEU D 477 7.51 30.77 -16.16
C LEU D 477 6.05 31.15 -16.08
N ILE D 478 5.36 30.70 -15.04
CA ILE D 478 3.94 30.99 -14.91
C ILE D 478 3.74 32.29 -14.17
N ASN D 479 4.55 32.55 -13.15
CA ASN D 479 4.36 33.74 -12.32
C ASN D 479 4.93 34.99 -12.97
N ASN D 480 6.14 34.92 -13.50
CA ASN D 480 6.86 36.09 -13.97
C ASN D 480 6.67 36.32 -15.45
N GLN D 481 5.48 36.02 -15.96
CA GLN D 481 5.25 35.97 -17.39
C GLN D 481 3.82 36.36 -17.71
N LYS D 482 3.68 37.25 -18.69
CA LYS D 482 2.41 37.61 -19.30
C LYS D 482 2.37 36.97 -20.68
N GLN D 483 1.22 37.05 -21.35
CA GLN D 483 1.06 36.48 -22.69
C GLN D 483 1.24 34.97 -22.70
N SER D 484 0.31 34.20 -22.15
CA SER D 484 0.43 32.76 -22.27
C SER D 484 -0.89 32.04 -22.05
N LEU D 485 -0.80 30.72 -22.18
CA LEU D 485 -1.86 29.77 -21.87
C LEU D 485 -1.18 28.48 -21.43
N ILE D 486 -1.03 28.31 -20.13
CA ILE D 486 -0.26 27.20 -19.58
C ILE D 486 -1.22 26.27 -18.85
N THR D 487 -0.91 25.00 -18.90
CA THR D 487 -1.63 23.95 -18.21
C THR D 487 -0.67 23.20 -17.30
N VAL D 488 -1.14 22.86 -16.10
CA VAL D 488 -0.40 22.03 -15.18
C VAL D 488 -1.40 21.18 -14.42
N ARG D 489 -0.90 20.10 -13.83
CA ARG D 489 -1.77 19.16 -13.15
C ARG D 489 -2.05 19.62 -11.73
N ILE D 490 -3.25 19.31 -11.27
CA ILE D 490 -3.68 19.64 -9.92
C ILE D 490 -3.29 18.50 -8.98
N ASN D 491 -2.99 18.83 -7.74
CA ASN D 491 -2.77 17.82 -6.72
C ASN D 491 -4.12 17.30 -6.28
N ASN D 492 -4.64 16.32 -7.03
CA ASN D 492 -5.98 15.80 -6.84
C ASN D 492 -6.06 14.75 -5.73
N THR D 493 -4.96 14.48 -5.04
CA THR D 493 -4.90 13.46 -4.01
C THR D 493 -4.78 14.08 -2.63
N PHE D 494 -4.80 13.21 -1.63
CA PHE D 494 -4.69 13.57 -0.24
C PHE D 494 -3.32 13.19 0.27
N LYS D 495 -2.95 13.73 1.44
CA LYS D 495 -1.59 13.65 1.99
C LYS D 495 -0.56 14.37 1.14
N ASP D 496 -1.00 15.37 0.37
CA ASP D 496 -0.14 16.35 -0.31
C ASP D 496 1.08 15.73 -0.99
N GLU D 497 0.82 14.83 -1.93
CA GLU D 497 1.89 14.19 -2.68
C GLU D 497 2.35 15.10 -3.81
N PRO D 498 3.60 15.58 -3.83
CA PRO D 498 3.99 16.54 -4.88
C PRO D 498 4.11 15.94 -6.27
N LYS D 499 4.38 14.64 -6.41
CA LYS D 499 4.55 14.03 -7.73
C LYS D 499 3.72 12.75 -7.83
N VAL D 500 2.97 12.64 -8.91
CA VAL D 500 1.91 11.66 -9.09
C VAL D 500 2.02 11.12 -10.49
N GLY D 501 1.76 9.83 -10.67
CA GLY D 501 1.89 9.23 -11.98
C GLY D 501 1.12 7.95 -12.19
N PHE D 502 1.63 7.12 -13.11
CA PHE D 502 0.95 5.89 -13.54
C PHE D 502 1.80 4.64 -13.29
N LYS D 503 2.83 4.74 -12.44
CA LYS D 503 3.88 3.74 -12.27
C LYS D 503 4.75 3.60 -13.51
N SER D 504 4.66 4.54 -14.45
CA SER D 504 5.56 4.63 -15.59
C SER D 504 6.39 5.89 -15.46
N ILE D 505 5.69 7.03 -15.37
CA ILE D 505 6.31 8.32 -15.18
C ILE D 505 5.50 9.06 -14.12
N TYR D 506 6.19 9.91 -13.37
CA TYR D 506 5.56 10.79 -12.41
C TYR D 506 5.54 12.19 -12.98
N ASP D 507 4.57 12.99 -12.54
CA ASP D 507 4.42 14.37 -12.98
C ASP D 507 4.23 15.29 -11.79
N TRP D 508 4.78 16.49 -11.91
CA TRP D 508 4.69 17.46 -10.84
C TRP D 508 3.26 17.92 -10.65
N THR D 509 2.82 17.99 -9.39
CA THR D 509 1.44 18.33 -9.06
C THR D 509 1.38 19.63 -8.25
N PHE D 510 0.38 20.43 -8.59
CA PHE D 510 0.25 21.79 -8.07
C PHE D 510 -1.07 21.97 -7.34
N LEU D 511 -1.11 23.01 -6.54
CA LEU D 511 -2.34 23.67 -6.14
C LEU D 511 -2.46 25.01 -6.85
N PRO D 512 -3.62 25.64 -6.78
CA PRO D 512 -3.75 26.99 -7.36
C PRO D 512 -2.86 28.02 -6.70
N THR D 513 -2.48 27.79 -5.45
CA THR D 513 -1.83 28.81 -4.63
C THR D 513 -0.33 28.74 -4.70
N ASP D 514 0.21 28.05 -5.70
CA ASP D 514 1.64 28.03 -5.92
C ASP D 514 2.13 29.28 -6.62
N PHE D 515 1.21 30.13 -7.08
CA PHE D 515 1.47 31.12 -8.11
C PHE D 515 0.97 32.47 -7.64
N GLU D 516 1.86 33.45 -7.53
CA GLU D 516 1.46 34.86 -7.38
C GLU D 516 1.54 35.58 -8.72
N THR D 517 0.56 35.25 -9.56
CA THR D 517 0.33 35.97 -10.79
C THR D 517 -0.15 37.38 -10.48
N THR D 518 -0.30 38.18 -11.55
CA THR D 518 -0.66 39.58 -11.41
C THR D 518 -2.04 39.74 -11.98
N ASN D 519 -2.30 39.30 -13.22
CA ASN D 519 -3.64 39.37 -13.81
C ASN D 519 -3.81 38.11 -14.65
N ALA D 520 -4.36 37.09 -13.99
CA ALA D 520 -4.48 35.78 -14.59
C ALA D 520 -5.57 34.95 -13.94
N ILE D 521 -6.19 34.13 -14.77
CA ILE D 521 -7.19 33.17 -14.35
C ILE D 521 -6.46 31.87 -14.09
N VAL D 522 -6.90 31.13 -13.07
CA VAL D 522 -6.43 29.79 -12.79
C VAL D 522 -7.65 28.93 -12.56
N THR D 523 -8.09 28.23 -13.58
CA THR D 523 -9.36 27.53 -13.58
C THR D 523 -9.17 26.12 -14.09
N SER D 524 -10.29 25.46 -14.39
CA SER D 524 -10.34 24.08 -14.83
C SER D 524 -10.38 23.99 -16.35
N TYR D 525 -10.65 22.77 -16.85
CA TYR D 525 -10.80 22.56 -18.27
C TYR D 525 -12.08 23.19 -18.78
N ASP D 526 -13.18 22.97 -18.05
CA ASP D 526 -14.48 23.42 -18.52
C ASP D 526 -14.57 24.93 -18.49
N GLY D 527 -13.87 25.56 -17.54
CA GLY D 527 -13.91 27.01 -17.45
C GLY D 527 -13.28 27.69 -18.64
N CYS D 528 -12.19 27.10 -19.16
CA CYS D 528 -11.48 27.72 -20.26
C CYS D 528 -12.15 27.43 -21.60
N LEU D 529 -12.92 26.34 -21.67
CA LEU D 529 -13.79 26.16 -22.82
C LEU D 529 -14.73 27.34 -22.96
N GLY D 530 -15.28 27.81 -21.85
CA GLY D 530 -16.15 28.98 -21.90
C GLY D 530 -15.43 30.22 -22.36
N ILE D 531 -14.18 30.38 -21.93
CA ILE D 531 -13.44 31.59 -22.24
C ILE D 531 -13.18 31.70 -23.73
N PHE D 532 -13.00 30.57 -24.40
CA PHE D 532 -12.61 30.51 -25.80
C PHE D 532 -13.76 30.18 -26.73
N GLY D 533 -14.97 30.06 -26.21
CA GLY D 533 -16.14 29.86 -27.03
C GLY D 533 -16.65 28.45 -27.07
N LEU D 534 -16.54 27.71 -25.97
CA LEU D 534 -16.97 26.32 -25.91
C LEU D 534 -17.65 26.02 -24.59
N SER D 535 -18.30 24.87 -24.56
CA SER D 535 -18.95 24.38 -23.36
C SER D 535 -19.15 22.89 -23.52
N ILE D 536 -19.06 22.19 -22.40
CA ILE D 536 -18.98 20.74 -22.38
C ILE D 536 -20.05 20.19 -21.45
N SER D 537 -20.56 19.01 -21.80
CA SER D 537 -21.72 18.46 -21.13
C SER D 537 -21.38 17.57 -19.95
N LEU D 538 -20.14 17.13 -19.81
CA LEU D 538 -19.74 16.24 -18.72
C LEU D 538 -18.86 17.02 -17.75
N ALA D 539 -19.12 16.84 -16.46
CA ALA D 539 -18.36 17.49 -15.42
C ALA D 539 -17.07 16.74 -15.16
N SER D 540 -16.13 17.43 -14.52
CA SER D 540 -14.87 16.78 -14.16
C SER D 540 -15.06 15.94 -12.91
N LYS D 541 -14.21 14.96 -12.78
CA LYS D 541 -14.23 14.04 -11.66
C LYS D 541 -13.32 14.53 -10.54
N PRO D 542 -13.60 14.19 -9.28
CA PRO D 542 -12.73 14.65 -8.19
C PRO D 542 -11.34 14.08 -8.26
N THR D 543 -11.17 12.88 -8.82
CA THR D 543 -9.86 12.28 -9.03
C THR D 543 -9.79 11.74 -10.44
N GLY D 544 -8.57 11.52 -10.89
CA GLY D 544 -8.26 11.40 -12.31
C GLY D 544 -7.41 12.57 -12.74
N ASN D 545 -7.04 12.54 -14.02
CA ASN D 545 -6.05 13.48 -14.52
C ASN D 545 -6.69 14.82 -14.85
N ASN D 546 -7.02 15.53 -13.79
CA ASN D 546 -7.47 16.90 -13.86
C ASN D 546 -6.27 17.82 -13.99
N HIS D 547 -6.49 18.97 -14.64
CA HIS D 547 -5.40 19.90 -14.90
C HIS D 547 -5.85 21.33 -14.73
N LEU D 548 -5.08 22.07 -13.93
CA LEU D 548 -5.17 23.51 -13.87
C LEU D 548 -4.88 24.10 -15.23
N PHE D 549 -5.65 25.12 -15.60
CA PHE D 549 -5.34 25.96 -16.76
C PHE D 549 -5.07 27.36 -16.25
N ILE D 550 -4.16 28.04 -16.93
CA ILE D 550 -3.62 29.32 -16.48
C ILE D 550 -3.55 30.24 -17.68
N LEU D 551 -4.37 31.27 -17.65
CA LEU D 551 -4.43 32.30 -18.68
C LEU D 551 -3.83 33.57 -18.11
N ASN D 552 -2.70 33.98 -18.64
CA ASN D 552 -2.01 35.18 -18.17
C ASN D 552 -2.27 36.34 -19.12
N GLY D 553 -2.41 37.53 -18.55
CA GLY D 553 -2.41 38.75 -19.33
C GLY D 553 -3.59 38.93 -20.25
N THR D 554 -4.74 38.33 -19.94
CA THR D 554 -5.88 38.32 -20.84
C THR D 554 -6.90 39.40 -20.44
N ASP D 555 -7.71 39.79 -21.42
CA ASP D 555 -8.75 40.81 -21.25
C ASP D 555 -9.80 40.47 -20.19
N LYS D 556 -9.85 39.22 -19.71
CA LYS D 556 -10.97 38.74 -18.94
C LYS D 556 -10.66 38.57 -17.46
N TYR D 557 -9.67 39.28 -16.92
CA TYR D 557 -9.36 39.13 -15.51
C TYR D 557 -10.37 39.85 -14.62
N TYR D 558 -10.85 41.00 -15.07
CA TYR D 558 -11.80 41.79 -14.29
C TYR D 558 -13.23 41.29 -14.38
N LYS D 559 -13.57 40.55 -15.42
CA LYS D 559 -14.94 40.08 -15.63
C LYS D 559 -15.17 38.82 -14.79
N LEU D 560 -15.49 39.06 -13.52
CA LEU D 560 -15.46 37.99 -12.53
C LEU D 560 -16.69 37.12 -12.61
N ASP D 561 -17.88 37.72 -12.60
CA ASP D 561 -19.12 36.95 -12.56
C ASP D 561 -19.51 36.35 -13.91
N GLN D 562 -18.59 36.32 -14.87
CA GLN D 562 -18.81 35.82 -16.22
C GLN D 562 -18.12 34.49 -16.47
N PHE D 563 -16.81 34.46 -16.24
CA PHE D 563 -15.90 33.41 -16.63
C PHE D 563 -15.12 32.97 -15.41
N ALA D 564 -15.03 31.66 -15.18
CA ALA D 564 -14.36 31.13 -14.01
C ALA D 564 -14.99 31.73 -12.75
N ASN D 565 -16.31 31.74 -12.72
CA ASN D 565 -17.08 32.43 -11.70
C ASN D 565 -17.52 31.44 -10.62
N HIS D 566 -18.30 31.93 -9.66
CA HIS D 566 -18.81 31.15 -8.53
C HIS D 566 -19.85 30.11 -8.92
N THR D 567 -20.10 29.95 -10.21
CA THR D 567 -20.84 28.82 -10.73
C THR D 567 -20.27 27.51 -10.22
N GLY D 568 -21.15 26.57 -9.87
CA GLY D 568 -20.77 25.23 -9.48
C GLY D 568 -20.21 25.10 -8.08
N ILE D 569 -20.21 26.17 -7.29
CA ILE D 569 -19.43 26.21 -6.05
C ILE D 569 -19.98 25.26 -5.00
N SER D 570 -21.31 25.14 -4.89
CA SER D 570 -21.96 24.42 -3.81
C SER D 570 -22.58 23.11 -4.26
N ARG D 571 -22.19 22.64 -5.44
CA ARG D 571 -22.80 21.43 -6.08
C ARG D 571 -22.60 20.19 -5.19
N ARG D 572 -21.42 20.04 -4.59
CA ARG D 572 -21.11 18.87 -3.78
C ARG D 572 -21.60 19.04 -2.35
N SER D 573 -21.61 20.27 -1.84
CA SER D 573 -22.11 20.49 -0.49
C SER D 573 -23.58 20.10 -0.38
N HIS D 574 -24.42 20.59 -1.29
CA HIS D 574 -25.84 20.23 -1.29
C HIS D 574 -26.06 18.72 -1.30
N GLN D 575 -25.18 17.98 -1.97
CA GLN D 575 -25.25 16.51 -1.90
C GLN D 575 -24.98 16.03 -0.48
N VAL D 576 -24.02 16.65 0.18
CA VAL D 576 -23.64 16.23 1.52
C VAL D 576 -24.66 16.72 2.54
N ARG D 577 -25.14 17.95 2.37
CA ARG D 577 -26.01 18.56 3.36
C ARG D 577 -27.28 17.75 3.55
N PHE D 578 -27.91 17.36 2.46
CA PHE D 578 -29.25 16.79 2.46
C PHE D 578 -29.27 15.28 2.33
N SER D 579 -28.46 14.73 1.44
CA SER D 579 -28.58 13.34 1.02
C SER D 579 -27.58 12.41 1.66
N GLU D 580 -26.29 12.67 1.47
CA GLU D 580 -25.25 11.69 1.75
C GLU D 580 -24.92 11.73 3.25
N SER D 581 -25.90 11.28 4.04
CA SER D 581 -25.68 10.88 5.42
C SER D 581 -25.22 12.05 6.29
N ALA D 582 -26.10 13.03 6.42
CA ALA D 582 -25.86 14.16 7.31
C ALA D 582 -27.10 15.04 7.37
N THR D 583 -27.15 15.85 8.42
CA THR D 583 -28.20 16.85 8.59
C THR D 583 -27.91 18.07 7.72
N SER D 584 -28.99 18.72 7.29
CA SER D 584 -28.86 19.88 6.42
C SER D 584 -28.07 21.01 7.06
N TYR D 585 -28.05 21.10 8.38
CA TYR D 585 -27.35 22.14 9.10
C TYR D 585 -25.92 21.75 9.46
N SER D 586 -25.38 20.67 8.88
CA SER D 586 -24.06 20.20 9.25
C SER D 586 -22.98 21.24 9.01
N GLY D 587 -22.98 21.86 7.85
CA GLY D 587 -22.03 22.91 7.60
C GLY D 587 -22.30 24.17 8.40
N TYR D 588 -23.55 24.40 8.75
CA TYR D 588 -23.95 25.56 9.54
C TYR D 588 -23.62 25.39 11.01
N ILE D 589 -23.37 24.14 11.46
CA ILE D 589 -23.00 23.89 12.84
C ILE D 589 -21.49 23.85 12.97
N PHE D 590 -20.81 23.20 12.03
CA PHE D 590 -19.38 22.96 12.17
C PHE D 590 -18.59 24.25 12.25
N ARG D 591 -18.89 25.18 11.35
CA ARG D 591 -18.03 26.36 11.21
C ARG D 591 -18.18 27.30 12.40
N ASP D 592 -19.33 27.26 13.09
CA ASP D 592 -19.46 28.04 14.30
C ASP D 592 -18.73 27.39 15.47
N LEU D 593 -18.76 26.06 15.54
CA LEU D 593 -18.00 25.36 16.58
C LEU D 593 -16.51 25.60 16.41
N SER D 594 -16.04 25.58 15.16
CA SER D 594 -14.61 25.73 14.89
C SER D 594 -14.15 27.18 14.95
N ASN D 595 -15.05 28.13 15.15
CA ASN D 595 -14.70 29.53 15.34
C ASN D 595 -15.22 30.07 16.67
N SER D 596 -15.40 29.19 17.66
CA SER D 596 -15.67 29.57 19.04
C SER D 596 -16.98 30.37 19.17
N ASN D 597 -17.99 29.94 18.43
CA ASN D 597 -19.37 30.31 18.69
C ASN D 597 -20.13 29.03 18.98
N PHE D 598 -19.52 28.18 19.79
CA PHE D 598 -20.02 26.84 19.99
C PHE D 598 -21.15 26.78 20.99
N ASN D 599 -21.25 27.78 21.86
CA ASN D 599 -22.42 27.87 22.72
C ASN D 599 -23.70 28.02 21.90
N LEU D 600 -23.64 28.73 20.78
CA LEU D 600 -24.83 29.09 20.01
C LEU D 600 -24.70 28.57 18.59
N ILE D 601 -25.58 27.63 18.24
CA ILE D 601 -25.76 27.21 16.87
C ILE D 601 -27.24 27.22 16.54
N GLY D 602 -28.00 28.08 17.21
CA GLY D 602 -29.39 28.28 16.87
C GLY D 602 -29.54 29.19 15.67
N THR D 603 -28.78 30.28 15.67
CA THR D 603 -28.88 31.29 14.63
C THR D 603 -27.84 31.03 13.54
N ASN D 604 -27.86 29.79 13.08
CA ASN D 604 -27.02 29.33 11.98
C ASN D 604 -27.83 29.01 10.74
N VAL D 605 -29.15 29.25 10.79
CA VAL D 605 -29.97 29.32 9.61
C VAL D 605 -29.53 30.46 8.71
N GLU D 606 -29.52 31.67 9.27
CA GLU D 606 -29.08 32.88 8.59
C GLU D 606 -28.12 33.58 9.53
N ASN D 607 -27.38 34.55 8.97
CA ASN D 607 -26.38 35.34 9.68
C ASN D 607 -25.13 34.53 10.01
N SER D 608 -24.93 33.40 9.37
CA SER D 608 -23.65 32.71 9.44
C SER D 608 -22.68 33.34 8.46
N VAL D 609 -21.43 32.88 8.53
CA VAL D 609 -20.32 33.47 7.80
C VAL D 609 -19.64 32.38 6.98
N SER D 610 -18.58 32.76 6.28
CA SER D 610 -17.70 31.83 5.58
C SER D 610 -18.42 31.05 4.48
N GLY D 611 -19.09 31.75 3.58
CA GLY D 611 -19.91 31.09 2.58
C GLY D 611 -19.18 30.46 1.42
N HIS D 612 -18.57 31.30 0.57
CA HIS D 612 -18.00 30.81 -0.67
C HIS D 612 -16.73 30.02 -0.42
N VAL D 613 -15.93 30.47 0.54
CA VAL D 613 -14.55 30.03 0.61
C VAL D 613 -14.47 28.66 1.25
N TYR D 614 -15.21 28.46 2.34
CA TYR D 614 -15.20 27.17 3.03
C TYR D 614 -15.54 26.05 2.07
N ASN D 615 -16.41 26.32 1.11
CA ASN D 615 -16.74 25.34 0.09
C ASN D 615 -15.64 25.23 -0.95
N ALA D 616 -14.95 26.33 -1.20
CA ALA D 616 -13.86 26.32 -2.17
C ALA D 616 -12.65 25.57 -1.63
N LEU D 617 -12.54 25.44 -0.31
CA LEU D 617 -11.35 24.89 0.31
C LEU D 617 -11.47 23.38 0.52
N ILE D 618 -12.60 22.90 1.05
CA ILE D 618 -12.69 21.49 1.39
C ILE D 618 -13.11 20.65 0.19
N TYR D 619 -13.84 21.24 -0.76
CA TYR D 619 -14.20 20.56 -1.99
C TYR D 619 -13.49 21.15 -3.20
N TYR D 620 -12.24 21.62 -3.05
CA TYR D 620 -11.48 22.12 -4.19
C TYR D 620 -11.37 21.09 -5.30
N ARG D 621 -11.38 19.80 -4.95
CA ARG D 621 -11.21 18.77 -5.95
C ARG D 621 -12.34 18.78 -6.96
N TYR D 622 -13.51 19.26 -6.56
CA TYR D 622 -14.68 19.37 -7.42
C TYR D 622 -14.79 20.71 -8.11
N ASN D 623 -14.49 21.80 -7.40
CA ASN D 623 -14.82 23.14 -7.83
C ASN D 623 -13.61 24.05 -7.95
N TYR D 624 -12.44 23.49 -8.27
CA TYR D 624 -11.28 24.32 -8.57
C TYR D 624 -11.47 25.14 -9.85
N SER D 625 -12.54 24.89 -10.61
CA SER D 625 -12.95 25.78 -11.69
C SER D 625 -13.18 27.19 -11.21
N PHE D 626 -13.53 27.36 -9.94
CA PHE D 626 -13.64 28.67 -9.33
C PHE D 626 -12.28 29.10 -8.82
N ASP D 627 -11.66 30.07 -9.49
CA ASP D 627 -10.39 30.59 -9.00
C ASP D 627 -10.67 31.46 -7.78
N LEU D 628 -10.44 30.85 -6.62
CA LEU D 628 -10.65 31.51 -5.35
C LEU D 628 -9.81 32.77 -5.23
N LYS D 629 -8.59 32.71 -5.71
CA LYS D 629 -7.64 33.79 -5.51
C LYS D 629 -8.06 35.03 -6.29
N ARG D 630 -8.48 34.85 -7.54
CA ARG D 630 -8.99 35.95 -8.34
C ARG D 630 -10.22 36.57 -7.71
N TRP D 631 -11.03 35.76 -7.04
CA TRP D 631 -12.23 36.27 -6.39
C TRP D 631 -11.88 37.24 -5.27
N ILE D 632 -10.76 37.00 -4.59
CA ILE D 632 -10.47 37.75 -3.37
C ILE D 632 -9.79 39.07 -3.71
N TYR D 633 -8.85 39.04 -4.64
CA TYR D 633 -8.10 40.24 -4.99
C TYR D 633 -9.01 41.31 -5.55
N LEU D 634 -10.02 40.92 -6.31
CA LEU D 634 -10.93 41.88 -6.91
C LEU D 634 -11.99 42.39 -5.94
N HIS D 635 -11.95 41.95 -4.69
CA HIS D 635 -12.80 42.49 -3.63
C HIS D 635 -11.99 43.22 -2.58
N SER D 636 -10.69 42.96 -2.53
CA SER D 636 -9.76 43.88 -1.87
C SER D 636 -9.93 45.28 -2.42
N VAL D 637 -10.06 45.39 -3.74
CA VAL D 637 -10.17 46.65 -4.45
C VAL D 637 -11.35 46.50 -5.39
N GLU D 638 -12.31 47.41 -5.29
CA GLU D 638 -13.60 47.23 -5.95
C GLU D 638 -13.44 47.41 -7.45
N LYS D 639 -13.36 46.30 -8.17
CA LYS D 639 -13.20 46.30 -9.62
C LYS D 639 -14.05 45.20 -10.25
N TYR D 647 -23.04 44.41 -6.90
CA TYR D 647 -23.00 42.96 -6.79
C TYR D 647 -22.85 42.50 -5.34
N TYR D 648 -21.61 42.20 -4.94
CA TYR D 648 -21.35 41.40 -3.75
C TYR D 648 -20.30 42.10 -2.91
N GLU D 649 -20.34 41.80 -1.60
CA GLU D 649 -19.31 42.29 -0.70
C GLU D 649 -19.44 41.52 0.61
N HIS D 650 -18.31 41.05 1.11
CA HIS D 650 -18.21 40.46 2.43
C HIS D 650 -17.07 41.15 3.16
N ALA D 651 -17.05 41.01 4.48
CA ALA D 651 -15.98 41.62 5.23
C ALA D 651 -14.69 40.82 5.11
N PRO D 652 -13.55 41.47 5.33
CA PRO D 652 -12.30 40.73 5.52
C PRO D 652 -12.35 39.65 6.57
N ILE D 653 -13.02 39.91 7.68
CA ILE D 653 -13.02 38.99 8.81
C ILE D 653 -13.57 37.62 8.43
N GLU D 654 -14.55 37.59 7.51
CA GLU D 654 -15.25 36.35 7.22
C GLU D 654 -14.33 35.35 6.55
N LEU D 655 -13.38 35.82 5.76
CA LEU D 655 -12.52 34.94 4.99
C LEU D 655 -11.54 34.16 5.86
N ILE D 656 -11.11 34.74 6.97
CA ILE D 656 -10.20 34.06 7.88
C ILE D 656 -10.92 32.90 8.56
N TYR D 657 -12.14 33.14 9.02
CA TYR D 657 -12.94 32.11 9.65
C TYR D 657 -13.29 31.00 8.67
N ALA D 658 -13.38 31.33 7.39
CA ALA D 658 -13.54 30.29 6.38
C ALA D 658 -12.30 29.43 6.30
N CYS D 659 -11.13 30.07 6.35
CA CYS D 659 -9.88 29.34 6.33
C CYS D 659 -9.67 28.53 7.60
N LYS D 660 -9.91 29.12 8.76
CA LYS D 660 -9.65 28.45 10.03
C LYS D 660 -10.50 27.19 10.18
N SER D 661 -11.71 27.22 9.64
CA SER D 661 -12.61 26.10 9.79
C SER D 661 -12.26 24.97 8.84
N ALA D 662 -11.73 25.31 7.68
CA ALA D 662 -11.28 24.28 6.74
C ALA D 662 -10.08 23.54 7.29
N LYS D 663 -9.20 24.25 8.00
CA LYS D 663 -8.11 23.58 8.69
C LYS D 663 -8.63 22.53 9.65
N GLU D 664 -9.48 22.95 10.59
CA GLU D 664 -10.10 22.05 11.53
C GLU D 664 -10.79 20.89 10.82
N PHE D 665 -11.54 21.18 9.76
CA PHE D 665 -12.20 20.14 9.00
C PHE D 665 -11.19 19.15 8.43
N ALA D 666 -10.10 19.66 7.91
CA ALA D 666 -9.09 18.81 7.27
C ALA D 666 -8.23 18.12 8.31
N SER D 667 -8.25 18.61 9.55
CA SER D 667 -7.51 17.95 10.61
C SER D 667 -8.17 16.65 11.02
N LEU D 668 -9.48 16.70 11.27
CA LEU D 668 -10.22 15.51 11.65
C LEU D 668 -10.15 14.47 10.55
N GLN D 669 -10.50 14.87 9.34
CA GLN D 669 -10.30 14.10 8.12
C GLN D 669 -8.86 13.71 7.88
N ASP D 670 -7.91 14.51 8.36
CA ASP D 670 -6.49 14.36 8.02
C ASP D 670 -6.27 14.45 6.52
N ASP D 671 -6.79 15.53 5.92
CA ASP D 671 -6.55 15.86 4.51
C ASP D 671 -5.50 16.95 4.50
N LEU D 672 -4.24 16.55 4.46
CA LEU D 672 -3.14 17.49 4.56
C LEU D 672 -3.05 18.46 3.38
N THR D 673 -3.80 18.22 2.31
CA THR D 673 -3.76 19.08 1.15
C THR D 673 -4.67 20.30 1.33
N VAL D 674 -5.88 20.10 1.85
CA VAL D 674 -6.69 21.24 2.26
C VAL D 674 -5.97 22.00 3.34
N LEU D 675 -5.38 21.28 4.27
CA LEU D 675 -4.67 21.88 5.39
C LEU D 675 -3.56 22.79 4.91
N ARG D 676 -2.85 22.37 3.86
CA ARG D 676 -1.88 23.27 3.23
C ARG D 676 -2.60 24.41 2.54
N TYR D 677 -3.58 24.07 1.71
CA TYR D 677 -4.32 25.06 0.94
C TYR D 677 -4.98 26.10 1.83
N ALA D 678 -5.37 25.72 3.04
CA ALA D 678 -5.85 26.73 3.98
C ALA D 678 -4.74 27.66 4.42
N ASN D 679 -3.57 27.11 4.73
CA ASN D 679 -2.43 27.94 5.10
C ASN D 679 -2.00 28.80 3.91
N GLU D 680 -2.10 28.25 2.71
CA GLU D 680 -1.72 28.98 1.50
C GLU D 680 -2.56 30.23 1.30
N ILE D 681 -3.82 30.18 1.70
CA ILE D 681 -4.76 31.25 1.40
C ILE D 681 -4.68 32.33 2.48
N GLU D 682 -4.73 31.92 3.74
CA GLU D 682 -4.93 32.87 4.83
C GLU D 682 -3.80 33.88 4.92
N ASN D 683 -2.58 33.47 4.59
CA ASN D 683 -1.47 34.42 4.59
C ASN D 683 -1.38 35.16 3.26
N TYR D 684 -2.12 34.69 2.25
CA TYR D 684 -2.37 35.51 1.07
C TYR D 684 -3.50 36.50 1.32
N ILE D 685 -4.46 36.13 2.18
CA ILE D 685 -5.45 37.10 2.60
C ILE D 685 -4.77 38.22 3.36
N ASN D 686 -3.89 37.87 4.28
CA ASN D 686 -3.08 38.86 4.99
C ASN D 686 -2.02 39.51 4.12
N LYS D 687 -1.91 39.15 2.84
CA LYS D 687 -0.97 39.76 1.93
C LYS D 687 -1.57 40.93 1.17
N VAL D 688 -2.62 40.66 0.39
CA VAL D 688 -3.21 41.71 -0.45
C VAL D 688 -3.82 42.80 0.42
N TYR D 689 -4.18 42.45 1.66
CA TYR D 689 -4.60 43.46 2.60
C TYR D 689 -4.24 42.99 4.01
N SER D 690 -3.87 43.93 4.86
CA SER D 690 -3.64 43.65 6.26
C SER D 690 -4.95 43.64 7.03
N ILE D 691 -4.91 43.03 8.21
CA ILE D 691 -5.99 43.09 9.19
C ILE D 691 -5.37 43.49 10.51
N THR D 692 -6.01 44.44 11.19
CA THR D 692 -5.57 44.94 12.48
C THR D 692 -6.64 44.61 13.52
N TYR D 693 -6.19 44.40 14.75
CA TYR D 693 -7.07 43.99 15.84
C TYR D 693 -6.84 44.85 17.08
N ALA D 694 -7.89 45.54 17.51
CA ALA D 694 -7.88 46.21 18.81
C ALA D 694 -8.19 45.20 19.91
N ASP D 695 -7.18 44.40 20.22
CA ASP D 695 -7.36 43.29 21.15
C ASP D 695 -7.66 43.79 22.56
N ASP D 696 -6.95 44.82 23.03
CA ASP D 696 -7.22 45.49 24.30
C ASP D 696 -7.59 46.94 23.97
N PRO D 697 -8.83 47.20 23.58
CA PRO D 697 -9.16 48.50 23.00
C PRO D 697 -9.26 49.61 24.02
N ASN D 698 -9.50 50.82 23.51
CA ASN D 698 -9.73 52.00 24.34
C ASN D 698 -11.14 52.55 24.22
N TYR D 699 -11.74 52.54 23.03
CA TYR D 699 -13.06 53.09 22.79
C TYR D 699 -14.01 51.99 22.36
N PHE D 700 -15.30 52.30 22.33
CA PHE D 700 -16.27 51.37 21.76
C PHE D 700 -17.51 52.10 21.31
N ILE D 701 -18.20 51.48 20.36
CA ILE D 701 -19.45 51.99 19.80
C ILE D 701 -20.57 51.28 20.54
N GLY D 702 -21.46 52.07 21.12
CA GLY D 702 -22.57 51.55 21.89
C GLY D 702 -23.90 52.01 21.35
N ILE D 703 -24.91 51.18 21.57
CA ILE D 703 -26.26 51.39 21.07
C ILE D 703 -27.20 51.16 22.24
N LYS D 704 -28.01 52.16 22.58
CA LYS D 704 -29.00 52.07 23.63
C LYS D 704 -30.38 51.90 23.02
N PHE D 705 -31.25 51.18 23.73
CA PHE D 705 -32.60 50.89 23.27
C PHE D 705 -33.64 51.40 24.26
N ASN D 706 -34.85 51.58 23.73
CA ASN D 706 -35.96 52.11 24.52
C ASN D 706 -36.29 51.22 25.70
N ASN D 707 -36.49 49.94 25.44
CA ASN D 707 -36.89 48.99 26.48
C ASN D 707 -36.50 47.60 26.05
N ILE D 708 -35.94 46.85 26.97
CA ILE D 708 -35.51 45.47 26.75
C ILE D 708 -36.57 44.56 27.31
N PRO D 709 -37.25 43.68 26.50
CA PRO D 709 -38.35 42.86 27.00
C PRO D 709 -37.90 41.62 27.80
N TYR D 710 -36.88 41.78 28.63
CA TYR D 710 -36.29 40.69 29.39
C TYR D 710 -36.08 41.18 30.82
N ILE D 711 -35.63 40.26 31.67
CA ILE D 711 -35.23 40.58 33.04
C ILE D 711 -33.75 40.91 32.99
N TYR D 712 -33.33 41.88 33.80
CA TYR D 712 -31.91 42.22 33.83
C TYR D 712 -31.57 42.95 35.12
N ASP D 713 -30.32 42.76 35.54
CA ASP D 713 -29.79 43.36 36.75
C ASP D 713 -28.67 44.35 36.48
N VAL D 714 -28.01 44.28 35.31
CA VAL D 714 -27.11 45.36 34.90
C VAL D 714 -27.91 46.66 34.85
N LYS D 715 -27.30 47.74 35.33
CA LYS D 715 -28.04 48.98 35.49
C LYS D 715 -28.40 49.60 34.14
N VAL D 716 -27.54 49.42 33.14
CA VAL D 716 -27.76 49.97 31.81
C VAL D 716 -27.45 48.87 30.79
N PRO D 717 -28.46 48.14 30.29
CA PRO D 717 -28.17 47.19 29.20
C PRO D 717 -27.90 47.94 27.91
N HIS D 718 -26.98 47.41 27.13
CA HIS D 718 -26.55 48.07 25.92
C HIS D 718 -25.96 47.04 24.97
N LEU D 719 -25.98 47.37 23.70
CA LEU D 719 -25.26 46.64 22.68
C LEU D 719 -23.92 47.31 22.44
N THR D 720 -22.85 46.62 22.77
CA THR D 720 -21.52 47.04 22.40
C THR D 720 -21.30 46.61 20.95
N PHE D 721 -21.56 47.53 20.02
CA PHE D 721 -21.63 47.16 18.62
C PHE D 721 -20.26 46.88 18.05
N GLY D 722 -19.22 47.48 18.61
CA GLY D 722 -17.87 47.22 18.17
C GLY D 722 -16.88 48.06 18.94
N VAL D 723 -15.64 47.59 18.95
CA VAL D 723 -14.56 48.21 19.71
C VAL D 723 -13.47 48.61 18.76
N LEU D 724 -12.66 49.57 19.18
CA LEU D 724 -11.62 50.13 18.35
C LEU D 724 -10.52 50.72 19.23
N TYR D 725 -9.30 50.66 18.71
CA TYR D 725 -8.11 51.21 19.35
C TYR D 725 -7.56 52.28 18.44
N ILE D 726 -7.64 53.54 18.88
CA ILE D 726 -7.26 54.68 18.05
C ILE D 726 -6.55 55.72 18.89
N SER D 727 -5.99 56.71 18.21
CA SER D 727 -5.46 57.89 18.85
C SER D 727 -6.59 58.86 19.15
N ASP D 728 -6.33 59.78 20.08
CA ASP D 728 -7.41 60.60 20.65
C ASP D 728 -7.78 61.77 19.75
N ASN D 729 -7.05 61.98 18.64
CA ASN D 729 -7.45 62.95 17.64
C ASN D 729 -7.76 62.34 16.28
N MET D 730 -8.07 61.04 16.25
CA MET D 730 -8.82 60.44 15.16
C MET D 730 -10.28 60.20 15.52
N ILE D 731 -10.71 60.64 16.71
CA ILE D 731 -12.15 60.79 16.95
C ILE D 731 -12.80 61.63 15.86
N PRO D 732 -12.25 62.76 15.41
CA PRO D 732 -13.00 63.61 14.47
C PRO D 732 -13.25 62.99 13.11
N ASP D 733 -12.51 61.95 12.69
CA ASP D 733 -12.84 61.24 11.44
C ASP D 733 -13.47 59.88 11.67
N VAL D 734 -13.52 59.39 12.91
CA VAL D 734 -14.42 58.30 13.23
C VAL D 734 -15.86 58.77 13.15
N VAL D 735 -16.13 59.96 13.69
CA VAL D 735 -17.50 60.44 13.77
C VAL D 735 -18.11 60.67 12.40
N LYS D 736 -17.30 60.88 11.36
CA LYS D 736 -17.80 60.88 9.99
C LYS D 736 -18.65 59.64 9.71
N ILE D 737 -18.12 58.48 10.08
CA ILE D 737 -18.77 57.22 9.77
C ILE D 737 -19.95 56.99 10.71
N MET D 738 -19.84 57.58 11.90
CA MET D 738 -20.96 57.54 12.87
C MET D 738 -22.12 58.28 12.22
N LYS D 739 -21.80 59.36 11.48
CA LYS D 739 -22.77 60.21 10.83
C LYS D 739 -23.24 59.67 9.50
N SER D 740 -22.31 59.20 8.67
CA SER D 740 -22.62 58.86 7.29
C SER D 740 -23.49 57.62 7.19
N MET D 741 -23.54 56.81 8.25
CA MET D 741 -24.35 55.60 8.28
C MET D 741 -25.28 55.58 9.50
N LYS D 742 -25.75 56.74 9.94
CA LYS D 742 -26.57 56.79 11.13
C LYS D 742 -27.91 56.10 10.94
N GLN D 743 -28.44 56.10 9.72
CA GLN D 743 -29.77 55.54 9.48
C GLN D 743 -29.71 54.07 9.06
N GLU D 744 -28.60 53.60 8.53
CA GLU D 744 -28.43 52.18 8.31
C GLU D 744 -28.29 51.42 9.61
N LEU D 745 -28.01 52.13 10.70
CA LEU D 745 -28.11 51.61 12.05
C LEU D 745 -29.50 51.83 12.63
N PHE D 746 -30.07 53.03 12.46
CA PHE D 746 -31.46 53.23 12.87
C PHE D 746 -32.43 52.44 11.99
N GLY D 747 -32.03 52.14 10.76
CA GLY D 747 -32.91 51.51 9.81
C GLY D 747 -32.77 50.01 9.68
N MET D 748 -31.90 49.38 10.46
CA MET D 748 -31.71 47.93 10.36
C MET D 748 -32.60 47.21 11.36
N ASP D 749 -33.07 46.03 10.97
CA ASP D 749 -34.09 45.29 11.69
C ASP D 749 -33.47 44.60 12.90
N VAL D 750 -33.22 45.38 13.94
CA VAL D 750 -32.80 44.83 15.22
C VAL D 750 -33.94 44.01 15.77
N THR D 751 -33.65 42.77 16.15
CA THR D 751 -34.64 41.87 16.74
C THR D 751 -33.98 41.03 17.80
N THR D 752 -34.74 40.69 18.83
CA THR D 752 -34.32 39.77 19.87
C THR D 752 -35.42 38.75 20.08
N SER D 753 -35.00 37.52 20.34
CA SER D 753 -35.93 36.41 20.46
C SER D 753 -35.60 35.49 21.63
N TYR D 754 -34.43 35.61 22.24
CA TYR D 754 -34.10 34.70 23.33
C TYR D 754 -32.88 35.19 24.11
N THR D 755 -32.64 34.51 25.22
CA THR D 755 -31.48 34.70 26.07
C THR D 755 -30.55 33.50 25.95
N TYR D 756 -29.32 33.68 26.41
CA TYR D 756 -28.39 32.57 26.39
C TYR D 756 -27.24 32.85 27.36
N MET D 757 -26.34 31.89 27.43
CA MET D 757 -25.11 32.01 28.20
C MET D 757 -23.95 32.24 27.26
N LEU D 758 -23.42 33.46 27.25
CA LEU D 758 -22.24 33.75 26.47
C LEU D 758 -21.00 33.13 27.10
N SER D 759 -21.00 33.08 28.43
CA SER D 759 -19.88 32.58 29.20
C SER D 759 -20.35 32.45 30.64
N ASP D 760 -19.47 31.98 31.50
CA ASP D 760 -19.79 31.91 32.92
C ASP D 760 -20.07 33.30 33.47
N GLY D 761 -21.12 33.41 34.27
CA GLY D 761 -21.47 34.66 34.90
C GLY D 761 -21.74 35.80 33.96
N VAL D 762 -22.13 35.52 32.71
CA VAL D 762 -22.49 36.55 31.74
C VAL D 762 -23.74 36.05 31.04
N TYR D 763 -24.91 36.52 31.48
CA TYR D 763 -26.20 36.13 30.94
C TYR D 763 -26.70 37.27 30.06
N VAL D 764 -27.00 36.94 28.80
CA VAL D 764 -27.17 37.94 27.76
C VAL D 764 -28.39 37.60 26.92
N ALA D 765 -28.76 38.53 26.05
CA ALA D 765 -29.71 38.29 24.99
C ALA D 765 -28.97 38.05 23.68
N ASN D 766 -29.73 37.73 22.63
CA ASN D 766 -29.20 37.71 21.27
C ASN D 766 -29.84 38.80 20.44
N VAL D 767 -29.01 39.50 19.68
CA VAL D 767 -29.43 40.48 18.71
C VAL D 767 -29.23 39.86 17.33
N SER D 768 -30.12 40.20 16.39
CA SER D 768 -30.10 39.62 15.06
C SER D 768 -30.30 40.70 14.01
N GLY D 769 -29.98 40.37 12.77
CA GLY D 769 -30.24 41.24 11.64
C GLY D 769 -29.35 42.46 11.53
N VAL D 770 -28.34 42.59 12.38
CA VAL D 770 -27.48 43.77 12.41
C VAL D 770 -26.16 43.57 11.68
N LEU D 771 -25.72 42.32 11.49
CA LEU D 771 -24.33 42.06 11.16
C LEU D 771 -23.91 42.69 9.85
N ALA D 772 -24.80 42.71 8.86
CA ALA D 772 -24.43 43.23 7.55
C ALA D 772 -23.96 44.67 7.64
N THR D 773 -24.66 45.49 8.42
CA THR D 773 -24.18 46.83 8.73
C THR D 773 -22.86 46.77 9.49
N TYR D 774 -22.70 45.80 10.38
CA TYR D 774 -21.45 45.67 11.11
C TYR D 774 -20.30 45.34 10.17
N PHE D 775 -20.57 44.52 9.16
CA PHE D 775 -19.51 44.16 8.22
C PHE D 775 -19.16 45.34 7.32
N LYS D 776 -20.16 46.13 6.91
CA LYS D 776 -19.87 47.32 6.12
C LYS D 776 -19.04 48.31 6.95
N MET D 777 -19.46 48.51 8.20
CA MET D 777 -18.79 49.52 9.06
C MET D 777 -17.31 49.15 9.16
N TYR D 778 -17.03 47.85 9.29
CA TYR D 778 -15.66 47.38 9.36
C TYR D 778 -14.85 47.87 8.17
N ASN D 779 -15.48 47.93 7.00
CA ASN D 779 -14.76 48.29 5.78
C ASN D 779 -14.50 49.79 5.69
N LEU D 780 -15.42 50.60 6.22
CA LEU D 780 -15.23 52.05 6.12
C LEU D 780 -14.23 52.53 7.14
N PHE D 781 -14.21 51.92 8.32
CA PHE D 781 -13.08 52.14 9.23
C PHE D 781 -11.80 51.60 8.62
N TYR D 782 -11.91 50.53 7.83
CA TYR D 782 -10.71 49.87 7.32
C TYR D 782 -9.93 50.78 6.40
N LYS D 783 -10.54 51.17 5.28
CA LYS D 783 -9.82 51.95 4.28
C LYS D 783 -9.43 53.33 4.79
N ASN D 784 -10.10 53.84 5.82
CA ASN D 784 -9.62 55.00 6.56
C ASN D 784 -8.56 54.63 7.59
N GLN D 785 -8.06 53.39 7.58
CA GLN D 785 -6.91 52.98 8.38
C GLN D 785 -7.19 53.14 9.88
N ILE D 786 -8.36 52.67 10.30
CA ILE D 786 -8.78 52.70 11.69
C ILE D 786 -8.91 51.25 12.14
N THR D 787 -8.29 50.93 13.27
CA THR D 787 -8.45 49.61 13.87
C THR D 787 -9.88 49.43 14.32
N PHE D 788 -10.39 48.21 14.20
CA PHE D 788 -11.76 47.92 14.61
C PHE D 788 -11.93 46.41 14.65
N GLY D 789 -12.46 45.91 15.75
CA GLY D 789 -12.73 44.50 15.91
C GLY D 789 -11.58 43.76 16.58
N GLN D 790 -11.93 42.65 17.22
CA GLN D 790 -11.00 41.77 17.90
C GLN D 790 -10.87 40.46 17.13
N SER D 791 -9.82 39.70 17.48
CA SER D 791 -9.60 38.40 16.88
C SER D 791 -10.67 37.39 17.24
N ARG D 792 -11.43 37.64 18.30
CA ARG D 792 -12.61 36.85 18.59
C ARG D 792 -13.64 37.10 17.51
N MET D 793 -14.64 36.21 17.46
CA MET D 793 -15.80 36.46 16.63
C MET D 793 -16.79 37.33 17.36
N PHE D 794 -17.12 38.47 16.77
CA PHE D 794 -18.11 39.36 17.36
C PHE D 794 -19.50 38.77 17.22
N ILE D 795 -20.01 38.23 18.31
CA ILE D 795 -21.40 37.79 18.40
C ILE D 795 -22.15 38.91 19.13
N PRO D 796 -23.02 39.68 18.45
CA PRO D 796 -23.66 40.80 19.15
C PRO D 796 -24.56 40.32 20.26
N HIS D 797 -24.47 40.99 21.40
CA HIS D 797 -25.22 40.57 22.57
C HIS D 797 -25.54 41.77 23.44
N ILE D 798 -26.68 41.70 24.09
CA ILE D 798 -27.11 42.66 25.10
C ILE D 798 -26.93 41.96 26.44
N THR D 799 -26.18 42.58 27.34
CA THR D 799 -25.97 42.00 28.65
C THR D 799 -27.18 42.25 29.55
N LEU D 800 -27.55 41.24 30.32
CA LEU D 800 -28.68 41.27 31.23
C LEU D 800 -28.28 41.10 32.69
N SER D 801 -27.47 40.10 33.01
CA SER D 801 -27.18 39.80 34.40
C SER D 801 -25.90 38.98 34.47
N PHE D 802 -25.18 39.16 35.58
CA PHE D 802 -24.00 38.37 35.88
C PHE D 802 -24.38 37.21 36.80
N SER D 803 -25.10 36.26 36.21
CA SER D 803 -25.47 35.03 36.89
C SER D 803 -25.35 33.89 35.89
N ASN D 804 -25.94 32.74 36.24
CA ASN D 804 -26.06 31.60 35.35
C ASN D 804 -27.51 31.13 35.39
N ASN D 805 -28.22 31.33 34.28
CA ASN D 805 -29.67 31.15 34.25
C ASN D 805 -30.04 30.29 33.03
N LYS D 806 -31.34 30.17 32.78
CA LYS D 806 -31.89 29.34 31.72
C LYS D 806 -32.27 30.18 30.51
N THR D 807 -31.96 29.64 29.33
CA THR D 807 -32.45 30.19 28.08
C THR D 807 -33.97 30.28 28.09
N VAL D 808 -34.47 31.51 27.97
CA VAL D 808 -35.91 31.77 27.86
C VAL D 808 -36.19 32.25 26.44
N ARG D 809 -37.19 31.64 25.81
CA ARG D 809 -37.60 31.98 24.46
C ARG D 809 -38.82 32.90 24.51
N ILE D 810 -38.82 33.93 23.65
CA ILE D 810 -39.98 34.76 23.42
C ILE D 810 -40.24 34.83 21.92
N GLU D 811 -41.37 35.43 21.58
CA GLU D 811 -41.64 35.74 20.19
C GLU D 811 -40.61 36.74 19.68
N THR D 812 -40.35 36.71 18.38
CA THR D 812 -39.37 37.61 17.79
C THR D 812 -39.85 39.04 17.94
N THR D 813 -39.26 39.74 18.90
CA THR D 813 -39.70 41.07 19.30
C THR D 813 -38.71 42.09 18.77
N LYS D 814 -39.21 43.06 18.02
CA LYS D 814 -38.35 44.07 17.42
C LYS D 814 -37.95 45.10 18.47
N LEU D 815 -36.69 45.45 18.46
CA LEU D 815 -36.11 46.47 19.32
C LEU D 815 -35.61 47.58 18.42
N ARG D 816 -35.65 48.81 18.92
CA ARG D 816 -35.25 49.97 18.12
C ARG D 816 -34.40 50.91 18.96
N ILE D 817 -33.76 51.85 18.29
CA ILE D 817 -32.61 52.55 18.86
C ILE D 817 -33.04 53.83 19.53
N LYS D 818 -32.79 53.92 20.83
CA LYS D 818 -32.72 55.18 21.53
C LYS D 818 -31.67 56.09 20.91
N SER D 819 -30.42 55.64 20.92
CA SER D 819 -29.29 56.44 20.50
C SER D 819 -28.14 55.52 20.17
N ILE D 820 -27.11 56.11 19.58
CA ILE D 820 -25.83 55.47 19.37
C ILE D 820 -24.81 56.33 20.09
N TYR D 821 -23.70 55.75 20.52
CA TYR D 821 -22.69 56.54 21.21
C TYR D 821 -21.33 55.89 21.09
N LEU D 822 -20.32 56.74 21.03
CA LEU D 822 -18.92 56.34 21.04
C LEU D 822 -18.35 56.60 22.42
N ARG D 823 -18.00 55.54 23.13
CA ARG D 823 -17.64 55.60 24.53
C ARG D 823 -16.18 55.25 24.74
N LYS D 824 -15.55 55.94 25.68
CA LYS D 824 -14.22 55.57 26.13
C LYS D 824 -14.31 54.51 27.21
N ILE D 825 -13.55 53.43 27.01
CA ILE D 825 -13.53 52.34 27.97
C ILE D 825 -12.99 52.86 29.29
N ARG D 826 -13.75 52.66 30.36
CA ARG D 826 -13.44 53.18 31.69
C ARG D 826 -13.06 54.66 31.61
N GLY D 827 -13.99 55.44 31.08
CA GLY D 827 -13.90 56.90 31.05
C GLY D 827 -15.25 57.42 31.46
N ASP D 828 -15.29 58.73 31.75
CA ASP D 828 -16.47 59.36 32.31
C ASP D 828 -17.19 60.26 31.32
N THR D 829 -16.76 60.28 30.05
CA THR D 829 -17.36 61.15 29.05
C THR D 829 -17.31 60.48 27.68
N VAL D 830 -18.19 60.98 26.80
CA VAL D 830 -18.22 60.61 25.39
C VAL D 830 -17.95 61.89 24.60
N PHE D 831 -17.92 61.75 23.27
CA PHE D 831 -17.81 62.90 22.39
C PHE D 831 -18.71 62.83 21.15
N ASP D 832 -19.40 61.72 20.90
CA ASP D 832 -20.38 61.67 19.82
C ASP D 832 -21.53 60.77 20.22
N MET D 833 -22.74 61.18 19.84
CA MET D 833 -23.90 60.30 19.89
C MET D 833 -24.94 60.71 18.84
N PRO D 834 -25.11 59.94 17.77
CA PRO D 834 -26.24 60.20 16.87
C PRO D 834 -27.57 59.98 17.55
N GLU D 835 -28.62 60.58 16.99
CA GLU D 835 -29.99 60.37 17.44
C GLU D 835 -30.98 60.54 16.28
P 5GP E . 23.96 -20.29 22.29
O1P 5GP E . 22.88 -19.30 22.68
O2P 5GP E . 23.65 -21.10 21.05
O3P 5GP E . 25.37 -19.74 22.37
O5' 5GP E . 23.92 -21.38 23.45
C5' 5GP E . 22.77 -22.16 23.67
C4' 5GP E . 22.73 -22.71 25.07
O4' 5GP E . 21.40 -23.19 25.37
C3' 5GP E . 23.64 -23.90 25.35
O3' 5GP E . 24.98 -23.51 25.64
C2' 5GP E . 22.95 -24.60 26.51
O2' 5GP E . 23.22 -23.94 27.74
C1' 5GP E . 21.47 -24.37 26.16
N9 5GP E . 20.89 -25.49 25.40
C8 5GP E . 21.11 -25.77 24.11
N7 5GP E . 20.40 -26.87 23.78
C5 5GP E . 19.74 -27.28 24.88
C6 5GP E . 18.87 -28.35 25.13
O6 5GP E . 18.56 -29.16 24.23
N1 5GP E . 18.35 -28.49 26.35
C2 5GP E . 18.67 -27.63 27.33
N2 5GP E . 18.13 -27.80 28.57
N3 5GP E . 19.50 -26.58 27.13
C4 5GP E . 20.05 -26.40 25.90
P 5GP F . 37.88 -6.06 -3.36
O1P 5GP F . 36.80 -6.13 -4.41
O2P 5GP F . 37.65 -5.02 -2.28
O3P 5GP F . 38.35 -7.40 -2.86
O5' 5GP F . 39.14 -5.50 -4.14
C5' 5GP F . 39.11 -4.20 -4.73
C4' 5GP F . 40.14 -4.08 -5.83
O4' 5GP F . 39.85 -2.89 -6.62
C3' 5GP F . 41.58 -3.90 -5.38
O3' 5GP F . 42.22 -5.13 -5.06
C2' 5GP F . 42.21 -3.16 -6.56
O2' 5GP F . 42.52 -4.07 -7.61
C1' 5GP F . 41.04 -2.27 -7.02
N9 5GP F . 41.10 -0.92 -6.42
C8 5GP F . 40.80 -0.61 -5.16
N7 5GP F . 40.97 0.72 -4.99
C5 5GP F . 41.40 1.24 -6.16
C6 5GP F . 41.72 2.53 -6.58
O6 5GP F . 41.67 3.51 -5.78
N1 5GP F . 42.11 2.72 -7.84
C2 5GP F . 42.19 1.70 -8.70
N2 5GP F . 42.59 1.93 -9.98
N3 5GP F . 41.88 0.44 -8.32
C4 5GP F . 41.48 0.19 -7.06
P 5GP G . -34.12 -0.33 -17.84
O1P 5GP G . -34.59 1.02 -18.33
O2P 5GP G . -34.34 -0.60 -16.38
O3P 5GP G . -32.76 -0.74 -18.37
O5' 5GP G . -35.12 -1.34 -18.56
C5' 5GP G . -35.02 -2.74 -18.31
C4' 5GP G . -35.65 -3.53 -19.43
O4' 5GP G . -35.25 -4.92 -19.32
C3' 5GP G . -37.17 -3.58 -19.44
O3' 5GP G . -37.77 -2.45 -20.04
C2' 5GP G . -37.47 -4.90 -20.15
O2' 5GP G . -37.35 -4.73 -21.56
C1' 5GP G . -36.31 -5.77 -19.67
N9 5GP G . -36.68 -6.58 -18.49
C8 5GP G . -36.82 -6.14 -17.23
N7 5GP G . -37.18 -7.17 -16.45
C5 5GP G . -37.25 -8.29 -17.21
C6 5GP G . -37.56 -9.63 -16.96
O6 5GP G . -37.85 -10.00 -15.79
N1 5GP G . -37.55 -10.51 -17.96
C2 5GP G . -37.25 -10.12 -19.21
N2 5GP G . -37.25 -11.03 -20.22
N3 5GP G . -36.95 -8.83 -19.50
C4 5GP G . -36.95 -7.90 -18.51
P 5GP H . -27.73 26.69 -1.09
O1P 5GP H . -29.13 26.13 -1.18
O2P 5GP H . -26.97 26.72 -2.39
O3P 5GP H . -26.93 26.17 0.09
O5' 5GP H . -27.96 28.22 -0.75
C5' 5GP H . -26.86 29.10 -0.64
C4' 5GP H . -27.22 30.32 0.17
O4' 5GP H . -26.01 31.02 0.56
C3' 5GP H . -28.06 31.38 -0.54
O3' 5GP H . -29.44 31.09 -0.53
C2' 5GP H . -27.69 32.66 0.21
O2' 5GP H . -28.41 32.74 1.43
C1' 5GP H . -26.22 32.41 0.52
N9 5GP H . -25.31 33.00 -0.49
C8 5GP H . -25.10 32.52 -1.72
N7 5GP H . -24.22 33.34 -2.35
C5 5GP H . -23.89 34.34 -1.50
C6 5GP H . -23.05 35.44 -1.60
O6 5GP H . -22.40 35.67 -2.65
N1 5GP H . -22.94 36.27 -0.55
C2 5GP H . -23.62 36.05 0.58
N2 5GP H . -23.49 36.91 1.62
N3 5GP H . -24.45 34.98 0.71
C4 5GP H . -24.59 34.12 -0.33
#